data_7UAR
#
_entry.id   7UAR
#
_cell.length_a   1.00
_cell.length_b   1.00
_cell.length_c   1.00
_cell.angle_alpha   90.00
_cell.angle_beta   90.00
_cell.angle_gamma   90.00
#
_symmetry.space_group_name_H-M   'P 1'
#
loop_
_entity.id
_entity.type
_entity.pdbx_description
1 polymer 'Spike glycoprotein'
2 polymer 'C1717 Fab Heavy Chain'
3 polymer 'C1717 Fab Light Chain'
4 branched 2-acetamido-2-deoxy-beta-D-glucopyranose-(1-4)-2-acetamido-2-deoxy-beta-D-glucopyranose
5 branched beta-D-mannopyranose-(1-4)-2-acetamido-2-deoxy-beta-D-glucopyranose-(1-4)-[alpha-L-fucopyranose-(1-6)]2-acetamido-2-deoxy-beta-D-glucopyranose
6 non-polymer 2-acetamido-2-deoxy-beta-D-glucopyranose
#
loop_
_entity_poly.entity_id
_entity_poly.type
_entity_poly.pdbx_seq_one_letter_code
_entity_poly.pdbx_strand_id
1 'polypeptide(L)'
;MFVFLVLLPLVSSQCVNLTTRTQLPPAYTNSFTRGVYYPDKVFRSSVLHSTQDLFLPFFSNVTWFHAIHVSGTNGTKRFD
NPVLPFNDGVYFASTEKSNIIRGWIFGTTLDSKTQSLLIVNNATNVVIKVCEFQFCNDPFLGVYYHKNNKSWMESEFRVY
SSANNCTFEYVSQPFLMDLEGKQGNFKNLREFVFKNIDGYFKIYSKHTPINLVRDLPQGFSALEPLVDLPIGINITRFQT
LLALHRSYLTPGDSSSGWTAGAAAYYVGYLQPRTFLLKYNENGTITDAVDCALDPLSETKCTLKSFTVEKGIYQTSNFRV
QPTESIVRFPNITNLCPFGEVFNATRFASVYAWNRKRISNCVADYSVLYNSASFSTFKCYGVSPTKLNDLCFTNVYADSF
VIRGDEVRQIAPGQTGKIADYNYKLPDDFTGCVIAWNSNNLDSKVGGNYNYLYRLFRKSNLKPFERDISTEIYQAGSTPC
NGVEGFNCYFPLQSYGFQPTNGVGYQPYRVVVLSFELLHAPATVCGPKKSTNLVKNKCVNFNFNGLTGTGVLTESNKKFL
PFQQFGRDIADTTDAVRDPQTLEILDITPCSFGGVSVITPGTNTSNQVAVLYQDVNCTEVPVAIHADQLTPTWRVYSTGS
NVFQTRAGCLIGAEHVNNSYECDIPIGAGICASYQTQTNSPASVASQSIIAYTMSLGAENSVAYSNNSIAIPTNFTISVT
TEILPVSMTKTSVDCTMYICGDSTECSNLLLQYGSFCTQLNRALTGIAVEQDKNTQEVFAQVKQIYKTPPIKDFGGFNFS
QILPDPSKPSKRSPIEDLLFNKVTLADAGFIKQYGDCLGDIAARDLICAQKFNGLTVLPPLLTDEMIAQYTSALLAGTIT
SGWTFGAGPALQIPFPMQMAYRFNGIGVTQNVLYENQKLIANQFNSAIGKIQDSLSSTPSALGKLQDVVNQNAQALNTLV
KQLSSNFGAISSVLNDILSRLDPPEAEVQIDRLITGRLQSLQTYVTQQLIRAAEIRASANLAATKMSECVLGQSKRVDFC
GKGYHLMSFPQSAPHGVVFLHVTYVPAQEKNFTTAPAICHDGKAHFPREGVFVSNGTHWFVTQRNFYEPQIITTDNTFVS
GNCDVVIGIVNNTVYDPLQPELDSFKEELDKYFKNHTSPDVDLGDISGINASVVNIQKEIDRLNEVAKNLNESLIDLQEL
GKYEQYIKWPSGRLVPRGSPGSGYIPEAPRDGQAYVRKDGEWVLLSTFLGHHHHHH
;
A,B,C
2 'polypeptide(L)'
;QVQLVQSGAEVKKPGSSVKVSCKTSGGTFNSFAINWVRQAPGQGPEWMGRVIPVLEIANYAQKFQGRITITADKSTSTAY
MELSSLTSEDTAIYYCARHHIAVAQPYFDYWGQGTLVTVSSASTKGPSVFPLAPSSKSTSGGTAALGCLVKDYFPEPVTV
SWNSGALTSGVHTFPAVLQSSGLYSLSSVVTVPSSSLGTQTYICNVNHKPSNTKVDKRVEPKSCDKT
;
H,D,F
3 'polypeptide(L)'
;QSVLTQPPSASGTPGQRVTISCSGSSSNIGSNTVNWYQHLPGTAPKLLMSSDDQRPSGVPARFSGSKSGTSASLAISGLR
SEDEADYYCASWDDRLNGVVFGGGTKLTVLGQPKAAPSVTLFPPSSEELQANKATLVCLISDFYPGAVTVAWKADSSPVK
AGVETTTPSKQSNNKYAASSYLSLTP(UNK)QWKSHRSYSCQVTHEGSTVEKTVAPTECS
;
L,E,G
#
loop_
_chem_comp.id
_chem_comp.type
_chem_comp.name
_chem_comp.formula
BMA D-saccharide, beta linking beta-D-mannopyranose 'C6 H12 O6'
FUC L-saccharide, alpha linking alpha-L-fucopyranose 'C6 H12 O5'
NAG D-saccharide, beta linking 2-acetamido-2-deoxy-beta-D-glucopyranose 'C8 H15 N O6'
#
# COMPACT_ATOMS: atom_id res chain seq x y z
N ALA A 27 -5.62 18.99 59.70
CA ALA A 27 -5.58 19.37 58.29
C ALA A 27 -4.30 18.89 57.62
N TYR A 28 -3.31 18.51 58.45
CA TYR A 28 -2.00 18.06 57.99
C TYR A 28 -1.23 19.22 57.35
N THR A 29 -0.48 18.94 56.28
CA THR A 29 0.25 19.98 55.58
C THR A 29 0.07 19.75 54.08
N ASN A 30 0.43 20.75 53.27
CA ASN A 30 0.30 20.69 51.83
C ASN A 30 1.60 20.25 51.15
N SER A 31 1.52 19.19 50.34
CA SER A 31 2.62 18.58 49.59
C SER A 31 3.14 19.46 48.46
N PHE A 32 2.49 20.60 48.20
CA PHE A 32 2.71 21.53 47.10
C PHE A 32 3.40 20.99 45.84
N THR A 33 4.63 21.40 45.54
CA THR A 33 5.30 20.96 44.31
C THR A 33 6.54 20.10 44.51
N ARG A 34 6.70 19.46 45.66
CA ARG A 34 7.86 18.61 45.86
C ARG A 34 7.68 17.22 45.24
N GLY A 35 8.81 16.51 45.11
CA GLY A 35 8.83 15.15 44.65
C GLY A 35 9.14 14.82 43.20
N VAL A 36 9.88 15.67 42.47
CA VAL A 36 10.21 15.43 41.07
C VAL A 36 11.66 14.99 40.97
N TYR A 37 11.91 13.92 40.21
CA TYR A 37 13.27 13.38 40.07
C TYR A 37 13.58 13.04 38.62
N TYR A 38 14.88 12.86 38.33
CA TYR A 38 15.33 12.50 36.99
C TYR A 38 14.96 11.07 36.66
N PRO A 39 14.11 10.81 35.67
CA PRO A 39 13.60 9.45 35.48
C PRO A 39 14.58 8.43 34.90
N ASP A 40 15.63 8.80 34.14
CA ASP A 40 16.37 7.72 33.46
C ASP A 40 17.89 7.86 33.31
N LYS A 41 18.54 8.84 33.93
CA LYS A 41 20.01 8.94 33.90
C LYS A 41 20.58 9.11 32.49
N VAL A 42 19.78 9.52 31.51
CA VAL A 42 20.26 9.81 30.16
C VAL A 42 20.21 11.31 29.92
N PHE A 43 21.29 11.85 29.36
CA PHE A 43 21.35 13.28 29.11
C PHE A 43 20.54 13.59 27.86
N ARG A 44 19.68 14.60 27.97
CA ARG A 44 18.91 15.14 26.87
C ARG A 44 18.87 16.65 27.00
N SER A 45 18.65 17.33 25.88
CA SER A 45 18.66 18.78 25.90
C SER A 45 17.69 19.42 24.92
N SER A 46 17.19 20.60 25.31
CA SER A 46 16.25 21.40 24.53
C SER A 46 15.09 20.60 23.94
N VAL A 47 14.42 19.82 24.79
CA VAL A 47 13.35 18.95 24.31
C VAL A 47 12.29 18.78 25.39
N LEU A 48 11.04 18.58 24.95
CA LEU A 48 9.90 18.30 25.80
C LEU A 48 9.65 16.80 25.74
N HIS A 49 9.87 16.10 26.85
CA HIS A 49 9.74 14.65 26.86
C HIS A 49 8.62 14.21 27.78
N SER A 50 7.78 13.29 27.28
CA SER A 50 6.64 12.73 27.99
C SER A 50 7.06 11.45 28.70
N THR A 51 6.78 11.36 30.00
CA THR A 51 7.20 10.23 30.81
C THR A 51 6.06 9.73 31.67
N GLN A 52 6.03 8.41 31.88
CA GLN A 52 5.05 7.74 32.72
C GLN A 52 5.80 7.08 33.87
N ASP A 53 5.53 7.51 35.10
CA ASP A 53 6.16 6.90 36.26
C ASP A 53 5.41 7.32 37.52
N LEU A 54 5.93 6.87 38.66
CA LEU A 54 5.34 7.11 39.99
C LEU A 54 5.83 8.46 40.53
N PHE A 55 4.99 9.48 40.49
CA PHE A 55 5.32 10.79 41.02
C PHE A 55 4.36 11.15 42.14
N LEU A 56 4.78 12.07 43.00
CA LEU A 56 3.92 12.52 44.09
C LEU A 56 2.88 13.53 43.60
N PRO A 57 1.59 13.23 43.74
CA PRO A 57 0.54 14.14 43.28
C PRO A 57 0.63 15.52 43.93
N PHE A 58 0.39 16.55 43.14
CA PHE A 58 0.44 17.93 43.65
C PHE A 58 -0.69 18.20 44.63
N PHE A 59 -0.38 18.99 45.66
CA PHE A 59 -1.28 19.40 46.74
C PHE A 59 -1.88 18.25 47.55
N SER A 60 -1.24 17.09 47.59
CA SER A 60 -1.72 16.00 48.43
C SER A 60 -1.41 16.25 49.91
N ASN A 61 -2.06 15.49 50.78
CA ASN A 61 -1.82 15.56 52.21
C ASN A 61 -0.62 14.73 52.64
N VAL A 62 0.25 15.35 53.44
CA VAL A 62 1.46 14.72 53.96
C VAL A 62 1.29 14.70 55.48
N THR A 63 1.60 13.58 56.10
CA THR A 63 1.43 13.42 57.54
C THR A 63 2.56 14.11 58.30
N TRP A 64 2.19 14.92 59.29
CA TRP A 64 3.13 15.67 60.10
C TRP A 64 3.20 15.05 61.50
N PHE A 65 4.41 14.63 61.88
CA PHE A 65 4.72 14.18 63.23
C PHE A 65 5.69 15.16 63.87
N HIS A 66 5.54 15.37 65.17
CA HIS A 66 6.46 16.26 65.88
C HIS A 66 6.97 15.56 67.13
N PHE A 79 8.55 12.30 72.40
CA PHE A 79 8.57 11.99 70.97
C PHE A 79 8.10 10.57 70.71
N ASP A 80 7.39 10.37 69.60
CA ASP A 80 6.86 9.07 69.21
C ASP A 80 7.33 8.73 67.80
N ASN A 81 7.17 7.45 67.45
CA ASN A 81 7.60 6.97 66.14
C ASN A 81 6.84 5.69 65.79
N PRO A 82 5.53 5.76 65.56
CA PRO A 82 4.76 4.55 65.26
C PRO A 82 5.13 3.98 63.89
N VAL A 83 4.63 2.77 63.65
CA VAL A 83 4.89 2.06 62.40
C VAL A 83 3.90 2.51 61.33
N LEU A 84 4.42 2.87 60.16
CA LEU A 84 3.63 3.40 59.07
C LEU A 84 3.61 2.43 57.90
N PRO A 85 2.52 2.38 57.13
CA PRO A 85 2.53 1.58 55.90
C PRO A 85 3.53 2.12 54.88
N PHE A 86 4.06 1.21 54.08
CA PHE A 86 4.98 1.52 52.98
C PHE A 86 4.29 1.61 51.64
N ASN A 87 3.19 0.87 51.44
CA ASN A 87 2.48 0.71 50.18
C ASN A 87 3.39 0.61 48.96
N ASP A 88 3.16 1.44 47.94
CA ASP A 88 3.95 1.40 46.72
C ASP A 88 5.12 2.38 46.70
N GLY A 89 5.47 2.98 47.82
CA GLY A 89 6.57 3.95 47.85
C GLY A 89 6.30 5.07 48.82
N VAL A 90 7.38 5.59 49.41
CA VAL A 90 7.29 6.60 50.46
C VAL A 90 8.14 7.79 50.08
N TYR A 91 7.60 8.99 50.25
CA TYR A 91 8.36 10.23 50.17
C TYR A 91 8.66 10.66 51.60
N PHE A 92 9.91 10.98 51.86
CA PHE A 92 10.32 11.38 53.20
C PHE A 92 11.11 12.68 53.13
N ALA A 93 10.84 13.57 54.08
CA ALA A 93 11.54 14.84 54.17
C ALA A 93 11.69 15.19 55.64
N SER A 94 12.78 15.90 55.97
CA SER A 94 12.95 16.39 57.32
C SER A 94 13.75 17.69 57.31
N THR A 95 13.52 18.50 58.34
CA THR A 95 14.23 19.75 58.50
C THR A 95 15.65 19.49 59.03
N ASN A 99 20.66 16.36 64.25
CA ASN A 99 20.99 15.03 63.74
C ASN A 99 20.26 13.98 64.58
N ILE A 100 18.95 14.19 64.77
CA ILE A 100 18.17 13.27 65.58
C ILE A 100 17.87 11.97 64.82
N ILE A 101 17.55 12.07 63.54
CA ILE A 101 17.27 10.90 62.72
C ILE A 101 18.58 10.32 62.18
N ARG A 102 18.81 9.05 62.43
CA ARG A 102 20.04 8.40 62.02
C ARG A 102 19.85 7.19 61.11
N GLY A 103 18.62 6.72 60.90
CA GLY A 103 18.44 5.53 60.08
C GLY A 103 16.98 5.22 59.86
N TRP A 104 16.76 4.13 59.13
CA TRP A 104 15.43 3.62 58.81
C TRP A 104 15.44 2.09 58.88
N ILE A 105 14.28 1.52 59.19
CA ILE A 105 14.08 0.08 59.23
C ILE A 105 12.93 -0.28 58.31
N PHE A 106 13.15 -1.29 57.46
CA PHE A 106 12.14 -1.75 56.50
C PHE A 106 11.98 -3.26 56.63
N GLY A 107 10.75 -3.74 56.50
CA GLY A 107 10.51 -5.16 56.49
C GLY A 107 9.04 -5.46 56.30
N THR A 108 8.65 -6.69 56.64
CA THR A 108 7.25 -7.10 56.57
C THR A 108 6.72 -7.62 57.90
N THR A 109 7.44 -8.54 58.53
CA THR A 109 6.98 -9.19 59.75
C THR A 109 7.95 -9.04 60.93
N LEU A 110 9.21 -8.68 60.66
CA LEU A 110 10.28 -8.62 61.65
C LEU A 110 10.18 -9.73 62.70
N ASP A 111 10.69 -9.46 63.92
CA ASP A 111 10.67 -10.45 65.01
C ASP A 111 11.32 -11.76 64.59
N SER A 112 12.27 -11.68 63.67
CA SER A 112 13.09 -12.76 63.13
C SER A 112 12.31 -13.75 62.28
N LYS A 113 11.01 -13.55 62.06
CA LYS A 113 10.26 -14.51 61.26
C LYS A 113 10.37 -14.24 59.76
N THR A 114 10.73 -13.02 59.37
CA THR A 114 10.94 -12.67 57.97
C THR A 114 12.15 -11.76 57.87
N GLN A 115 12.70 -11.62 56.66
CA GLN A 115 13.86 -10.78 56.44
C GLN A 115 13.44 -9.32 56.48
N SER A 116 14.29 -8.48 57.09
CA SER A 116 13.98 -7.06 57.21
C SER A 116 15.21 -6.20 56.94
N LEU A 117 15.06 -5.27 55.99
CA LEU A 117 16.14 -4.36 55.62
C LEU A 117 16.44 -3.41 56.78
N LEU A 118 17.71 -3.23 57.11
CA LEU A 118 18.14 -2.28 58.13
C LEU A 118 19.17 -1.30 57.57
N ILE A 119 18.88 0.00 57.70
CA ILE A 119 19.82 1.06 57.33
C ILE A 119 20.11 1.87 58.59
N VAL A 120 21.38 1.92 58.98
CA VAL A 120 21.85 2.71 60.11
C VAL A 120 23.12 3.44 59.70
N ASN A 121 23.23 4.71 60.11
CA ASN A 121 24.34 5.55 59.70
C ASN A 121 25.20 5.89 60.91
N ASN A 122 26.50 6.06 60.64
CA ASN A 122 27.47 6.44 61.66
C ASN A 122 28.02 7.81 61.27
N ALA A 123 29.11 8.21 61.91
CA ALA A 123 29.87 9.40 61.54
C ALA A 123 30.31 9.51 60.09
N THR A 124 30.93 8.48 59.49
CA THR A 124 31.34 8.57 58.09
C THR A 124 31.06 7.33 57.23
N ASN A 125 30.42 6.29 57.76
CA ASN A 125 30.08 5.17 56.88
C ASN A 125 28.58 4.93 56.91
N VAL A 126 28.18 3.82 56.27
CA VAL A 126 26.79 3.39 56.21
C VAL A 126 26.79 1.88 55.98
N VAL A 127 26.04 1.16 56.80
CA VAL A 127 25.97 -0.30 56.74
C VAL A 127 24.53 -0.74 56.48
N ILE A 128 24.37 -1.66 55.53
CA ILE A 128 23.08 -2.23 55.15
C ILE A 128 23.18 -3.72 55.38
N LYS A 129 22.20 -4.29 56.09
CA LYS A 129 22.20 -5.71 56.38
C LYS A 129 20.81 -6.29 56.15
N VAL A 130 20.76 -7.58 55.86
CA VAL A 130 19.50 -8.25 55.58
C VAL A 130 19.40 -9.42 56.56
N CYS A 131 19.97 -9.24 57.75
CA CYS A 131 19.98 -10.33 58.70
C CYS A 131 18.57 -10.60 59.22
N GLU A 132 18.40 -11.75 59.87
CA GLU A 132 17.13 -12.11 60.49
C GLU A 132 17.02 -11.47 61.86
N PHE A 133 16.85 -10.14 61.84
CA PHE A 133 16.92 -9.34 63.06
C PHE A 133 15.67 -9.53 63.93
N GLN A 134 15.87 -9.61 65.24
CA GLN A 134 14.79 -9.59 66.22
C GLN A 134 14.60 -8.16 66.72
N PHE A 135 13.50 -7.52 66.32
CA PHE A 135 13.32 -6.12 66.67
C PHE A 135 12.69 -5.99 68.05
N CYS A 136 13.05 -4.92 68.75
CA CYS A 136 12.53 -4.68 70.09
C CYS A 136 11.06 -4.28 70.04
N ASN A 137 10.42 -4.31 71.21
CA ASN A 137 9.05 -3.81 71.33
C ASN A 137 8.98 -2.32 71.00
N ASP A 138 10.02 -1.58 71.38
CA ASP A 138 10.15 -0.17 71.01
C ASP A 138 11.61 0.10 70.72
N PRO A 139 12.03 -0.11 69.47
CA PRO A 139 13.44 0.14 69.11
C PRO A 139 13.82 1.61 69.31
N PHE A 140 15.02 1.81 69.85
CA PHE A 140 15.56 3.14 70.06
C PHE A 140 17.08 3.03 70.17
N LEU A 141 17.75 4.17 70.00
CA LEU A 141 19.20 4.23 70.02
C LEU A 141 19.67 4.95 71.29
N GLY A 142 20.71 4.40 71.91
CA GLY A 142 21.28 4.97 73.11
C GLY A 142 22.24 4.04 73.82
N GLU A 156 26.94 2.27 70.15
CA GLU A 156 26.46 0.90 70.00
C GLU A 156 25.00 0.88 69.56
N PHE A 157 24.40 -0.30 69.57
CA PHE A 157 23.02 -0.46 69.14
C PHE A 157 22.40 -1.72 69.74
N ARG A 158 21.11 -1.62 70.07
CA ARG A 158 20.35 -2.69 70.72
C ARG A 158 19.32 -3.35 69.83
N VAL A 159 18.56 -2.57 69.05
CA VAL A 159 17.50 -3.10 68.20
C VAL A 159 18.01 -4.07 67.15
N TYR A 160 19.28 -4.02 66.80
CA TYR A 160 19.86 -4.90 65.78
C TYR A 160 20.71 -5.99 66.41
N SER A 161 20.27 -6.52 67.55
CA SER A 161 20.99 -7.62 68.19
C SER A 161 20.47 -8.95 67.65
N SER A 162 21.18 -10.02 68.00
CA SER A 162 20.86 -11.37 67.51
C SER A 162 20.90 -11.37 65.98
N ALA A 163 22.01 -10.86 65.45
CA ALA A 163 22.25 -10.77 64.01
C ALA A 163 22.82 -12.09 63.53
N ASN A 164 21.95 -12.92 62.96
CA ASN A 164 22.32 -14.24 62.47
C ASN A 164 21.61 -14.49 61.15
N ASN A 165 22.23 -15.36 60.34
CA ASN A 165 21.73 -15.75 59.02
C ASN A 165 21.79 -14.60 58.03
N CYS A 166 22.78 -13.72 58.19
CA CYS A 166 22.91 -12.54 57.34
C CYS A 166 23.14 -13.00 55.90
N THR A 167 22.44 -12.37 54.96
CA THR A 167 22.57 -12.74 53.56
C THR A 167 23.06 -11.62 52.66
N PHE A 168 23.26 -10.41 53.18
CA PHE A 168 23.74 -9.33 52.32
C PHE A 168 24.28 -8.19 53.16
N GLU A 169 25.43 -7.67 52.75
CA GLU A 169 26.05 -6.53 53.40
C GLU A 169 26.75 -5.69 52.33
N TYR A 170 26.66 -4.37 52.45
CA TYR A 170 27.29 -3.49 51.50
C TYR A 170 27.69 -2.21 52.22
N VAL A 171 28.84 -1.66 51.84
CA VAL A 171 29.36 -0.43 52.45
C VAL A 171 29.79 0.52 51.35
N SER A 172 29.58 1.81 51.58
CA SER A 172 29.93 2.88 50.64
C SER A 172 30.09 4.16 51.45
N GLN A 173 30.31 5.29 50.76
CA GLN A 173 30.46 6.44 51.65
C GLN A 173 29.22 7.31 51.64
N PRO A 174 28.69 7.62 52.82
CA PRO A 174 27.48 8.44 52.92
C PRO A 174 27.80 9.93 52.89
N PHE A 175 26.78 10.77 52.92
CA PHE A 175 26.98 12.21 52.98
C PHE A 175 25.96 12.80 53.95
N LEU A 176 26.33 13.91 54.56
CA LEU A 176 25.47 14.58 55.54
C LEU A 176 24.14 14.99 54.93
N LYS A 187 17.72 24.60 59.15
CA LYS A 187 18.02 25.50 58.03
C LYS A 187 18.37 24.71 56.78
N ASN A 188 18.39 23.38 56.90
CA ASN A 188 18.75 22.50 55.81
C ASN A 188 17.71 21.40 55.67
N LEU A 189 17.16 21.26 54.46
CA LEU A 189 16.12 20.27 54.18
C LEU A 189 16.72 19.11 53.43
N ARG A 190 16.44 17.90 53.91
CA ARG A 190 16.95 16.66 53.31
C ARG A 190 15.76 15.85 52.83
N GLU A 191 15.61 15.73 51.51
CA GLU A 191 14.52 14.98 50.92
C GLU A 191 15.01 13.63 50.43
N PHE A 192 14.19 12.60 50.60
CA PHE A 192 14.52 11.26 50.13
C PHE A 192 13.31 10.66 49.43
N VAL A 193 13.57 9.74 48.51
CA VAL A 193 12.54 8.96 47.84
C VAL A 193 12.97 7.50 47.87
N PHE A 194 12.07 6.62 48.29
CA PHE A 194 12.34 5.20 48.39
C PHE A 194 11.34 4.45 47.52
N LYS A 195 11.83 3.67 46.57
CA LYS A 195 10.96 2.85 45.73
C LYS A 195 11.52 1.45 45.59
N ASN A 196 10.62 0.49 45.40
CA ASN A 196 10.96 -0.90 45.15
C ASN A 196 10.35 -1.29 43.80
N ILE A 197 11.19 -1.47 42.78
CA ILE A 197 10.71 -1.84 41.47
C ILE A 197 11.48 -3.06 40.96
N ASP A 198 10.75 -4.16 40.74
CA ASP A 198 11.31 -5.41 40.19
C ASP A 198 12.56 -5.87 40.95
N GLY A 199 12.53 -5.73 42.27
CA GLY A 199 13.66 -6.17 43.06
C GLY A 199 14.74 -5.14 43.27
N TYR A 200 14.63 -3.96 42.65
CA TYR A 200 15.59 -2.88 42.80
C TYR A 200 15.07 -1.87 43.80
N PHE A 201 15.87 -1.61 44.83
CA PHE A 201 15.59 -0.60 45.85
C PHE A 201 16.34 0.67 45.45
N LYS A 202 15.60 1.65 44.92
CA LYS A 202 16.16 2.90 44.41
C LYS A 202 16.02 4.03 45.43
N ILE A 203 17.12 4.74 45.68
CA ILE A 203 17.19 5.86 46.62
C ILE A 203 17.58 7.14 45.89
N TYR A 204 16.77 8.18 46.04
CA TYR A 204 17.01 9.49 45.45
C TYR A 204 17.06 10.51 46.58
N SER A 205 17.85 11.59 46.40
CA SER A 205 17.91 12.59 47.46
C SER A 205 18.48 13.91 46.96
N LYS A 206 18.15 14.97 47.69
CA LYS A 206 18.68 16.31 47.45
C LYS A 206 18.66 17.11 48.74
N HIS A 207 19.75 17.84 49.01
CA HIS A 207 19.87 18.73 50.15
C HIS A 207 19.84 20.19 49.71
N THR A 208 19.01 21.01 50.36
CA THR A 208 18.86 22.42 49.97
C THR A 208 18.62 23.25 51.22
N PRO A 209 19.13 24.48 51.26
CA PRO A 209 18.89 25.36 52.41
C PRO A 209 17.44 25.86 52.45
N ILE A 210 17.08 26.43 53.60
CA ILE A 210 15.78 27.08 53.77
C ILE A 210 15.88 28.03 54.95
N ASN A 211 14.95 28.98 55.02
CA ASN A 211 14.93 30.01 56.06
C ASN A 211 13.53 30.15 56.65
N LEU A 212 12.82 29.03 56.75
CA LEU A 212 11.46 29.03 57.29
C LEU A 212 11.20 27.70 57.95
N VAL A 213 10.38 27.74 59.01
CA VAL A 213 10.06 26.53 59.77
C VAL A 213 8.54 26.36 59.82
N ARG A 214 7.82 27.19 59.09
CA ARG A 214 6.36 27.10 59.07
C ARG A 214 5.89 25.96 58.18
N ASP A 215 6.31 25.96 56.92
CA ASP A 215 5.95 24.91 55.98
C ASP A 215 7.07 24.76 54.97
N LEU A 216 6.81 23.95 53.94
CA LEU A 216 7.72 23.62 52.85
C LEU A 216 7.76 24.76 51.83
N PRO A 217 8.94 25.08 51.30
CA PRO A 217 9.03 26.16 50.30
C PRO A 217 8.30 25.81 49.02
N GLN A 218 7.73 26.84 48.39
CA GLN A 218 6.98 26.70 47.15
C GLN A 218 7.86 26.75 45.91
N GLY A 219 9.09 26.24 45.99
CA GLY A 219 10.00 26.20 44.86
C GLY A 219 9.89 24.89 44.10
N PHE A 220 10.78 24.73 43.12
CA PHE A 220 10.85 23.53 42.32
C PHE A 220 12.30 23.03 42.31
N SER A 221 12.46 21.72 42.51
CA SER A 221 13.79 21.12 42.63
C SER A 221 13.75 19.66 42.20
N ALA A 222 14.67 19.28 41.32
CA ALA A 222 14.79 17.91 40.85
C ALA A 222 15.71 17.11 41.76
N LEU A 223 15.37 15.84 41.96
CA LEU A 223 16.15 14.93 42.82
C LEU A 223 16.97 13.97 41.96
N GLU A 224 18.29 13.95 42.19
CA GLU A 224 19.22 13.06 41.49
C GLU A 224 19.28 11.68 42.14
N PRO A 225 19.56 10.64 41.35
CA PRO A 225 19.72 9.30 41.92
C PRO A 225 21.03 9.18 42.69
N LEU A 226 21.00 8.43 43.79
CA LEU A 226 22.22 8.25 44.57
C LEU A 226 22.60 6.78 44.77
N VAL A 227 21.66 5.89 45.08
CA VAL A 227 21.96 4.46 45.30
C VAL A 227 20.91 3.62 44.60
N ASP A 228 21.33 2.46 44.11
CA ASP A 228 20.45 1.48 43.50
C ASP A 228 20.94 0.11 43.97
N LEU A 229 20.23 -0.47 44.94
CA LEU A 229 20.62 -1.73 45.54
C LEU A 229 19.70 -2.84 45.06
N PRO A 230 20.22 -3.88 44.40
CA PRO A 230 19.42 -5.03 43.93
C PRO A 230 19.15 -6.04 45.04
N ILE A 231 18.36 -5.62 46.04
CA ILE A 231 18.11 -6.46 47.20
C ILE A 231 17.03 -7.51 46.92
N GLY A 232 15.96 -7.14 46.22
CA GLY A 232 14.90 -8.09 45.93
C GLY A 232 14.06 -8.55 47.10
N ILE A 233 13.89 -7.73 48.13
CA ILE A 233 13.17 -8.14 49.33
C ILE A 233 11.75 -7.62 49.29
N ASN A 234 10.82 -8.48 49.69
CA ASN A 234 9.43 -8.08 49.85
C ASN A 234 9.34 -7.15 51.06
N ILE A 235 9.15 -5.85 50.78
CA ILE A 235 9.00 -4.84 51.83
C ILE A 235 7.56 -4.37 51.85
N THR A 236 6.94 -4.42 53.03
CA THR A 236 5.58 -3.95 53.20
C THR A 236 5.42 -2.94 54.34
N ARG A 237 6.35 -2.91 55.28
CA ARG A 237 6.22 -2.05 56.44
C ARG A 237 7.56 -1.42 56.79
N PHE A 238 7.50 -0.26 57.42
CA PHE A 238 8.73 0.40 57.85
C PHE A 238 8.48 1.27 59.06
N GLN A 239 9.57 1.63 59.74
CA GLN A 239 9.55 2.53 60.88
C GLN A 239 10.86 3.29 60.90
N THR A 240 10.86 4.49 61.48
CA THR A 240 12.08 5.26 61.57
C THR A 240 12.71 5.09 62.95
N LEU A 241 13.98 5.49 63.06
CA LEU A 241 14.74 5.43 64.30
C LEU A 241 15.30 6.82 64.56
N LEU A 242 14.98 7.39 65.73
CA LEU A 242 15.54 8.67 66.13
C LEU A 242 16.49 8.51 67.31
N ALA A 243 17.48 9.38 67.36
CA ALA A 243 18.54 9.30 68.37
C ALA A 243 18.03 9.85 69.69
N LEU A 244 18.19 9.08 70.76
CA LEU A 244 17.72 9.49 72.09
C LEU A 244 18.90 9.74 72.99
N HIS A 245 18.89 10.89 73.68
CA HIS A 245 19.92 11.24 74.64
C HIS A 245 19.26 11.66 75.95
N ARG A 246 19.86 11.21 77.05
CA ARG A 246 19.33 11.50 78.37
C ARG A 246 20.42 11.41 79.44
N GLY A 261 14.83 19.40 72.13
CA GLY A 261 14.54 19.93 70.82
C GLY A 261 13.97 18.90 69.86
N ALA A 262 12.66 18.71 69.91
CA ALA A 262 12.01 17.75 69.04
C ALA A 262 12.06 18.20 67.59
N ALA A 263 12.18 17.24 66.68
CA ALA A 263 12.26 17.49 65.25
C ALA A 263 11.04 16.91 64.56
N ALA A 264 10.68 17.50 63.42
CA ALA A 264 9.52 17.11 62.66
C ALA A 264 9.93 16.53 61.31
N TYR A 265 9.07 15.66 60.79
CA TYR A 265 9.28 15.09 59.46
C TYR A 265 7.94 14.88 58.78
N TYR A 266 7.98 14.72 57.46
CA TYR A 266 6.79 14.58 56.63
C TYR A 266 6.85 13.28 55.84
N VAL A 267 5.71 12.61 55.70
CA VAL A 267 5.61 11.36 54.97
C VAL A 267 4.48 11.48 53.95
N GLY A 268 4.80 11.21 52.68
CA GLY A 268 3.82 11.18 51.62
C GLY A 268 3.84 9.83 50.92
N TYR A 269 2.87 9.65 50.01
CA TYR A 269 2.76 8.40 49.27
C TYR A 269 2.69 8.71 47.78
N LEU A 270 3.33 7.86 46.98
CA LEU A 270 3.39 8.03 45.53
C LEU A 270 2.22 7.36 44.83
N GLN A 271 1.82 7.93 43.70
CA GLN A 271 0.75 7.43 42.84
C GLN A 271 1.20 7.47 41.39
N PRO A 272 0.65 6.59 40.54
CA PRO A 272 1.04 6.50 39.12
C PRO A 272 0.48 7.63 38.25
N ARG A 273 0.85 8.87 38.56
CA ARG A 273 0.38 10.01 37.80
C ARG A 273 1.36 10.37 36.68
N THR A 274 0.83 11.00 35.63
CA THR A 274 1.62 11.39 34.46
C THR A 274 2.10 12.84 34.51
N PHE A 275 3.39 13.03 34.21
CA PHE A 275 4.04 14.33 34.22
C PHE A 275 4.65 14.61 32.85
N LEU A 276 4.65 15.88 32.46
CA LEU A 276 5.42 16.37 31.31
C LEU A 276 6.68 17.03 31.84
N LEU A 277 7.85 16.53 31.43
CA LEU A 277 9.12 17.02 31.94
C LEU A 277 9.81 17.92 30.92
N LYS A 278 10.24 19.10 31.38
CA LYS A 278 10.97 20.08 30.57
C LYS A 278 12.49 20.05 30.77
N TYR A 279 13.21 19.62 29.74
CA TYR A 279 14.66 19.62 29.75
C TYR A 279 15.13 20.91 29.09
N ASN A 280 16.02 21.66 29.74
CA ASN A 280 16.47 22.92 29.13
C ASN A 280 17.57 22.63 28.12
N GLU A 281 18.16 23.65 27.47
CA GLU A 281 19.18 23.38 26.47
C GLU A 281 20.47 22.78 27.03
N ASN A 282 20.74 22.93 28.32
CA ASN A 282 21.89 22.32 28.95
C ASN A 282 21.48 21.00 29.63
N GLY A 283 20.17 20.73 29.70
CA GLY A 283 19.69 19.57 30.43
C GLY A 283 19.26 19.54 31.88
N THR A 284 18.88 20.66 32.45
CA THR A 284 18.38 20.66 33.83
C THR A 284 16.85 20.77 33.71
N ILE A 285 16.13 20.06 34.57
CA ILE A 285 14.67 20.14 34.58
C ILE A 285 14.27 21.47 35.22
N THR A 286 13.54 22.28 34.47
CA THR A 286 13.03 23.56 34.93
C THR A 286 11.53 23.66 35.14
N ASP A 287 10.73 22.81 34.51
CA ASP A 287 9.29 22.85 34.76
C ASP A 287 8.62 21.53 34.43
N ALA A 288 7.36 21.43 34.84
CA ALA A 288 6.52 20.26 34.62
C ALA A 288 5.06 20.65 34.81
N VAL A 289 4.18 19.98 34.07
CA VAL A 289 2.73 20.18 34.16
C VAL A 289 2.07 18.83 34.45
N ASP A 290 1.22 18.77 35.47
CA ASP A 290 0.54 17.52 35.77
C ASP A 290 -0.70 17.35 34.89
N CYS A 291 -0.61 16.41 33.95
CA CYS A 291 -1.60 16.13 32.91
C CYS A 291 -2.94 15.60 33.43
N ALA A 292 -3.07 15.25 34.70
CA ALA A 292 -4.34 14.73 35.21
C ALA A 292 -5.04 15.64 36.21
N LEU A 293 -4.59 16.89 36.35
CA LEU A 293 -5.19 17.76 37.36
C LEU A 293 -6.59 18.18 36.94
N ASP A 294 -6.79 18.51 35.67
CA ASP A 294 -8.07 19.01 35.17
C ASP A 294 -8.13 19.00 33.64
N PRO A 295 -9.30 19.16 33.03
CA PRO A 295 -9.41 19.11 31.56
C PRO A 295 -8.47 20.02 30.81
N LEU A 296 -8.17 21.21 31.32
CA LEU A 296 -7.28 22.11 30.59
C LEU A 296 -5.88 21.54 30.53
N SER A 297 -5.40 20.97 31.64
CA SER A 297 -4.07 20.38 31.68
C SER A 297 -3.95 19.19 30.75
N GLU A 298 -5.01 18.39 30.62
CA GLU A 298 -4.97 17.26 29.69
C GLU A 298 -4.77 17.73 28.25
N THR A 299 -5.45 18.80 27.85
CA THR A 299 -5.27 19.33 26.50
C THR A 299 -3.85 19.86 26.28
N LYS A 300 -3.29 20.53 27.29
CA LYS A 300 -1.93 21.05 27.19
C LYS A 300 -0.91 19.97 26.90
N CYS A 301 -1.00 18.83 27.59
CA CYS A 301 -0.02 17.76 27.36
C CYS A 301 -0.23 17.08 26.02
N THR A 302 -1.47 16.79 25.65
CA THR A 302 -1.73 16.14 24.37
C THR A 302 -1.27 16.99 23.20
N LEU A 303 -1.44 18.31 23.29
CA LEU A 303 -1.02 19.20 22.22
C LEU A 303 0.45 19.63 22.32
N LYS A 304 1.16 19.23 23.38
CA LYS A 304 2.58 19.54 23.58
C LYS A 304 2.85 21.04 23.38
N SER A 305 2.03 21.87 24.05
CA SER A 305 2.21 23.31 23.99
C SER A 305 1.62 23.94 25.24
N PHE A 306 2.13 25.11 25.59
CA PHE A 306 1.61 25.84 26.74
C PHE A 306 0.48 26.79 26.36
N THR A 307 0.17 26.87 25.07
CA THR A 307 -0.96 27.64 24.53
C THR A 307 -1.80 26.73 23.66
N VAL A 308 -3.12 26.73 23.86
CA VAL A 308 -4.01 25.90 23.07
C VAL A 308 -4.93 26.79 22.25
N GLU A 309 -4.89 26.61 20.93
CA GLU A 309 -5.74 27.33 19.99
C GLU A 309 -7.19 26.84 20.05
N LYS A 310 -8.09 27.71 19.58
CA LYS A 310 -9.53 27.42 19.54
C LYS A 310 -9.82 26.19 18.70
N GLY A 311 -10.66 25.29 19.21
CA GLY A 311 -11.02 24.12 18.45
C GLY A 311 -11.47 22.97 19.32
N ILE A 312 -11.62 21.82 18.66
CA ILE A 312 -12.06 20.56 19.28
C ILE A 312 -10.89 19.58 19.24
N TYR A 313 -10.53 19.02 20.39
CA TYR A 313 -9.42 18.09 20.50
C TYR A 313 -9.86 16.76 21.12
N GLN A 314 -9.30 15.67 20.60
CA GLN A 314 -9.53 14.32 21.11
C GLN A 314 -8.41 13.94 22.07
N THR A 315 -8.76 13.64 23.33
CA THR A 315 -7.77 13.44 24.37
C THR A 315 -7.65 12.01 24.90
N SER A 316 -8.71 11.20 24.90
CA SER A 316 -8.58 9.83 25.40
C SER A 316 -9.74 8.98 24.88
N ASN A 317 -9.90 7.79 25.46
CA ASN A 317 -10.94 6.85 25.06
C ASN A 317 -11.63 6.29 26.30
N PHE A 318 -12.95 6.40 26.33
CA PHE A 318 -13.77 5.85 27.40
C PHE A 318 -14.15 4.40 27.08
N ARG A 319 -13.95 3.50 28.04
CA ARG A 319 -14.42 2.13 27.88
C ARG A 319 -14.85 1.53 29.21
N VAL A 320 -16.10 1.04 29.27
CA VAL A 320 -16.60 0.39 30.48
C VAL A 320 -15.93 -0.96 30.67
N GLN A 321 -15.44 -1.24 31.94
CA GLN A 321 -14.77 -2.50 32.27
C GLN A 321 -15.77 -3.54 32.78
N PRO A 322 -15.48 -4.84 32.60
CA PRO A 322 -16.40 -5.88 33.09
C PRO A 322 -16.42 -5.93 34.61
N THR A 323 -17.58 -6.34 35.16
CA THR A 323 -17.72 -6.40 36.61
C THR A 323 -17.56 -7.81 37.22
N GLU A 324 -18.03 -8.87 36.55
CA GLU A 324 -17.88 -10.21 37.12
C GLU A 324 -17.87 -11.27 36.03
N SER A 325 -17.37 -12.45 36.39
CA SER A 325 -17.35 -13.62 35.52
C SER A 325 -18.48 -14.59 35.87
N ILE A 326 -19.04 -15.23 34.85
CA ILE A 326 -20.07 -16.26 35.01
C ILE A 326 -19.66 -17.51 34.24
N VAL A 327 -19.53 -18.63 34.94
CA VAL A 327 -19.15 -19.91 34.35
C VAL A 327 -20.32 -20.87 34.44
N ARG A 328 -20.76 -21.39 33.29
CA ARG A 328 -21.85 -22.35 33.19
C ARG A 328 -21.37 -23.55 32.37
N PHE A 329 -21.65 -24.75 32.86
CA PHE A 329 -21.20 -25.97 32.20
C PHE A 329 -22.29 -27.03 32.20
N PRO A 330 -22.17 -28.05 31.35
CA PRO A 330 -23.17 -29.13 31.28
C PRO A 330 -23.52 -29.72 32.64
N ASN A 331 -24.79 -30.08 32.77
CA ASN A 331 -25.37 -30.51 34.04
C ASN A 331 -24.85 -31.90 34.41
N ILE A 332 -24.58 -32.09 35.71
CA ILE A 332 -24.01 -33.33 36.26
C ILE A 332 -24.60 -34.60 35.64
N THR A 333 -23.71 -35.52 35.26
CA THR A 333 -24.09 -36.76 34.59
C THR A 333 -23.59 -38.00 35.32
N ASN A 334 -23.20 -39.04 34.56
CA ASN A 334 -22.69 -40.27 35.13
C ASN A 334 -21.37 -40.09 35.89
N LEU A 335 -21.26 -40.78 37.03
CA LEU A 335 -20.10 -40.76 37.91
C LEU A 335 -19.23 -41.99 37.71
N CYS A 336 -17.92 -41.83 37.93
CA CYS A 336 -16.99 -42.94 37.82
C CYS A 336 -17.25 -43.98 38.91
N PRO A 337 -17.22 -45.26 38.57
CA PRO A 337 -17.55 -46.30 39.56
C PRO A 337 -16.44 -46.48 40.59
N PHE A 338 -16.12 -45.42 41.33
CA PHE A 338 -15.13 -45.54 42.39
C PHE A 338 -15.65 -46.30 43.61
N GLY A 339 -16.91 -46.72 43.59
CA GLY A 339 -17.48 -47.53 44.65
C GLY A 339 -17.46 -49.01 44.32
N GLU A 340 -16.69 -49.41 43.30
CA GLU A 340 -16.52 -50.80 42.91
C GLU A 340 -15.07 -51.25 42.92
N VAL A 341 -14.13 -50.33 43.10
CA VAL A 341 -12.70 -50.65 43.12
C VAL A 341 -12.14 -50.62 44.54
N PHE A 342 -12.47 -49.58 45.33
CA PHE A 342 -11.92 -49.50 46.68
C PHE A 342 -12.59 -50.48 47.63
N ASN A 343 -13.88 -50.77 47.44
CA ASN A 343 -14.59 -51.75 48.24
C ASN A 343 -14.77 -53.03 47.42
N ALA A 344 -13.97 -54.05 47.75
CA ALA A 344 -13.99 -55.34 47.10
C ALA A 344 -14.05 -56.39 48.20
N THR A 345 -14.76 -57.48 47.96
CA THR A 345 -14.90 -58.54 48.96
C THR A 345 -13.54 -59.14 49.29
N ARG A 346 -12.73 -59.43 48.28
CA ARG A 346 -11.39 -59.97 48.47
C ARG A 346 -10.44 -59.34 47.47
N PHE A 347 -9.26 -58.95 47.95
CA PHE A 347 -8.22 -58.43 47.08
C PHE A 347 -7.30 -59.55 46.63
N ALA A 348 -6.74 -59.40 45.43
CA ALA A 348 -5.81 -60.39 44.92
C ALA A 348 -4.44 -60.26 45.57
N SER A 349 -3.68 -61.34 45.47
CA SER A 349 -2.30 -61.36 45.94
C SER A 349 -1.40 -60.55 45.02
N VAL A 350 -0.29 -60.07 45.58
CA VAL A 350 0.61 -59.19 44.84
C VAL A 350 1.30 -59.91 43.68
N TYR A 351 1.39 -61.24 43.73
CA TYR A 351 1.99 -62.00 42.64
C TYR A 351 1.15 -61.96 41.37
N ALA A 352 -0.13 -61.65 41.48
CA ALA A 352 -1.10 -61.61 40.37
C ALA A 352 -2.01 -60.40 40.55
N TRP A 353 -1.42 -59.20 40.48
CA TRP A 353 -2.16 -57.98 40.68
C TRP A 353 -3.21 -57.78 39.59
N ASN A 354 -4.29 -57.09 39.95
CA ASN A 354 -5.38 -56.77 39.05
C ASN A 354 -5.10 -55.48 38.29
N ARG A 355 -5.60 -55.42 37.06
CA ARG A 355 -5.47 -54.25 36.20
C ARG A 355 -6.86 -53.96 35.64
N LYS A 356 -7.55 -53.00 36.25
CA LYS A 356 -8.92 -52.59 35.90
C LYS A 356 -8.94 -51.35 35.03
N ARG A 357 -9.72 -51.39 33.95
CA ARG A 357 -9.82 -50.23 33.05
C ARG A 357 -10.98 -49.33 33.45
N ILE A 358 -10.69 -48.04 33.62
CA ILE A 358 -11.70 -47.05 33.95
C ILE A 358 -11.78 -46.09 32.78
N SER A 359 -12.99 -45.88 32.24
CA SER A 359 -13.12 -45.02 31.08
C SER A 359 -14.51 -44.39 31.00
N ASN A 360 -14.60 -43.33 30.19
CA ASN A 360 -15.84 -42.62 29.90
C ASN A 360 -16.61 -42.18 31.14
N CYS A 361 -15.94 -41.48 32.04
CA CYS A 361 -16.62 -41.03 33.25
C CYS A 361 -15.90 -39.81 33.81
N VAL A 362 -16.57 -39.14 34.76
CA VAL A 362 -16.02 -37.97 35.43
C VAL A 362 -15.49 -38.43 36.78
N ALA A 363 -14.22 -38.16 37.03
CA ALA A 363 -13.53 -38.63 38.23
C ALA A 363 -13.39 -37.50 39.24
N ASP A 364 -14.20 -37.57 40.30
CA ASP A 364 -14.11 -36.62 41.41
C ASP A 364 -13.16 -37.20 42.45
N TYR A 365 -11.96 -36.63 42.51
CA TYR A 365 -10.92 -37.07 43.45
C TYR A 365 -10.98 -36.34 44.78
N SER A 366 -11.88 -35.37 44.94
CA SER A 366 -11.95 -34.63 46.19
C SER A 366 -12.55 -35.47 47.31
N VAL A 367 -13.49 -36.36 46.99
CA VAL A 367 -14.11 -37.20 48.01
C VAL A 367 -13.09 -38.17 48.61
N LEU A 368 -12.34 -38.87 47.75
CA LEU A 368 -11.31 -39.78 48.26
C LEU A 368 -10.14 -39.04 48.90
N TYR A 369 -9.79 -37.87 48.36
CA TYR A 369 -8.69 -37.10 48.95
C TYR A 369 -9.06 -36.54 50.31
N ASN A 370 -10.31 -36.07 50.47
CA ASN A 370 -10.75 -35.57 51.76
C ASN A 370 -10.97 -36.70 52.76
N SER A 371 -11.31 -37.89 52.26
CA SER A 371 -11.54 -39.04 53.15
C SER A 371 -10.31 -39.32 54.00
N ALA A 372 -10.54 -39.46 55.30
CA ALA A 372 -9.49 -39.71 56.29
C ALA A 372 -9.16 -41.19 56.45
N SER A 373 -9.86 -42.07 55.74
CA SER A 373 -9.66 -43.50 55.89
C SER A 373 -8.33 -44.00 55.33
N PHE A 374 -7.64 -43.20 54.53
CA PHE A 374 -6.39 -43.65 53.95
C PHE A 374 -5.22 -43.33 54.87
N SER A 375 -4.29 -44.28 54.98
CA SER A 375 -3.11 -44.09 55.82
C SER A 375 -2.02 -43.28 55.13
N THR A 376 -1.88 -43.39 53.82
CA THR A 376 -0.90 -42.64 53.05
C THR A 376 -1.44 -42.32 51.66
N PHE A 377 -1.02 -41.17 51.14
CA PHE A 377 -1.47 -40.66 49.85
C PHE A 377 -0.29 -39.87 49.26
N LYS A 378 0.56 -40.59 48.53
CA LYS A 378 1.78 -40.06 47.94
C LYS A 378 1.64 -39.94 46.43
N CYS A 379 1.73 -38.72 45.91
CA CYS A 379 1.58 -38.46 44.49
C CYS A 379 2.92 -38.05 43.91
N TYR A 380 3.25 -38.62 42.76
CA TYR A 380 4.45 -38.29 42.00
C TYR A 380 4.08 -37.55 40.72
N GLY A 381 4.86 -36.53 40.40
CA GLY A 381 4.61 -35.76 39.20
C GLY A 381 3.88 -34.46 39.45
N VAL A 382 2.60 -34.52 39.81
CA VAL A 382 1.80 -33.33 40.01
C VAL A 382 1.18 -33.38 41.40
N SER A 383 0.88 -32.21 41.97
CA SER A 383 0.31 -32.17 43.30
C SER A 383 -1.13 -32.69 43.30
N PRO A 384 -1.54 -33.35 44.38
CA PRO A 384 -2.89 -33.94 44.44
C PRO A 384 -4.06 -32.99 44.34
N THR A 385 -3.89 -31.68 44.55
CA THR A 385 -5.04 -30.80 44.50
C THR A 385 -5.38 -30.21 43.13
N LYS A 386 -4.52 -30.28 42.14
CA LYS A 386 -4.92 -29.75 40.84
C LYS A 386 -5.52 -30.81 39.92
N LEU A 387 -5.50 -32.09 40.32
CA LEU A 387 -6.09 -33.15 39.50
C LEU A 387 -7.57 -32.94 39.23
N ASN A 388 -8.24 -32.07 39.99
CA ASN A 388 -9.64 -31.80 39.69
C ASN A 388 -9.78 -31.01 38.41
N ASP A 389 -8.74 -30.28 38.01
CA ASP A 389 -8.74 -29.51 36.77
C ASP A 389 -8.18 -30.32 35.61
N LEU A 390 -7.16 -31.13 35.87
CA LEU A 390 -6.50 -31.91 34.83
C LEU A 390 -7.43 -32.98 34.27
N CYS A 391 -7.12 -33.41 33.06
CA CYS A 391 -7.84 -34.44 32.33
C CYS A 391 -6.87 -35.41 31.69
N PHE A 392 -7.30 -36.66 31.56
CA PHE A 392 -6.46 -37.71 31.02
C PHE A 392 -7.26 -38.54 30.01
N THR A 393 -6.51 -39.21 29.13
CA THR A 393 -7.10 -40.10 28.13
C THR A 393 -7.56 -41.43 28.72
N ASN A 394 -6.76 -42.03 29.59
CA ASN A 394 -7.07 -43.34 30.13
C ASN A 394 -6.46 -43.45 31.51
N VAL A 395 -7.03 -44.33 32.33
CA VAL A 395 -6.51 -44.63 33.66
C VAL A 395 -6.38 -46.14 33.83
N TYR A 396 -5.26 -46.55 34.44
CA TYR A 396 -5.01 -47.95 34.75
C TYR A 396 -4.83 -48.03 36.27
N ALA A 397 -5.44 -49.03 36.90
CA ALA A 397 -5.36 -49.20 38.35
C ALA A 397 -4.56 -50.46 38.72
N ASP A 398 -3.39 -50.27 39.33
CA ASP A 398 -2.61 -51.40 39.82
C ASP A 398 -2.98 -51.66 41.30
N SER A 399 -3.61 -52.80 41.56
CA SER A 399 -4.13 -53.12 42.89
C SER A 399 -3.46 -54.39 43.42
N PHE A 400 -2.89 -54.32 44.62
CA PHE A 400 -2.26 -55.48 45.21
C PHE A 400 -2.10 -55.27 46.72
N VAL A 401 -1.81 -56.36 47.42
CA VAL A 401 -1.56 -56.35 48.86
C VAL A 401 -0.08 -56.59 49.11
N ILE A 402 0.52 -55.75 49.97
CA ILE A 402 1.91 -55.94 50.39
C ILE A 402 2.00 -55.78 51.89
N ARG A 403 3.20 -55.55 52.40
CA ARG A 403 3.44 -55.30 53.81
C ARG A 403 4.09 -53.94 54.01
N GLY A 404 3.89 -53.36 55.19
CA GLY A 404 4.36 -52.01 55.45
C GLY A 404 5.85 -51.84 55.21
N ASP A 405 6.66 -52.83 55.61
CA ASP A 405 8.09 -52.75 55.37
C ASP A 405 8.41 -52.75 53.88
N GLU A 406 7.46 -53.17 53.04
CA GLU A 406 7.65 -53.20 51.59
C GLU A 406 7.06 -51.99 50.89
N VAL A 407 6.30 -51.14 51.59
CA VAL A 407 5.71 -49.97 50.96
C VAL A 407 6.78 -49.06 50.37
N ARG A 408 7.98 -49.07 50.93
CA ARG A 408 9.08 -48.27 50.40
C ARG A 408 9.46 -48.69 48.98
N GLN A 409 9.07 -49.89 48.55
CA GLN A 409 9.43 -50.41 47.24
C GLN A 409 8.63 -49.79 46.12
N ILE A 410 7.53 -49.12 46.41
CA ILE A 410 6.70 -48.48 45.37
C ILE A 410 7.30 -47.10 45.13
N ALA A 411 8.33 -47.07 44.28
CA ALA A 411 9.01 -45.84 43.93
C ALA A 411 9.92 -46.08 42.72
N PRO A 412 10.17 -45.06 41.90
CA PRO A 412 11.06 -45.25 40.76
C PRO A 412 12.49 -45.57 41.20
N GLY A 413 13.12 -46.48 40.47
CA GLY A 413 14.52 -46.78 40.74
C GLY A 413 14.80 -47.39 42.10
N GLN A 414 13.94 -48.27 42.57
CA GLN A 414 14.08 -48.86 43.90
C GLN A 414 14.51 -50.32 43.78
N THR A 415 15.21 -50.80 44.81
CA THR A 415 15.70 -52.17 44.87
C THR A 415 15.07 -52.92 46.03
N GLY A 416 15.16 -54.24 45.97
CA GLY A 416 14.58 -55.09 46.99
C GLY A 416 13.89 -56.32 46.42
N LYS A 417 13.45 -57.23 47.29
CA LYS A 417 12.83 -58.47 46.84
C LYS A 417 11.59 -58.17 45.98
N ILE A 418 10.80 -57.17 46.36
CA ILE A 418 9.61 -56.82 45.60
C ILE A 418 10.00 -56.10 44.32
N ALA A 419 10.85 -55.08 44.44
CA ALA A 419 11.25 -54.30 43.27
C ALA A 419 12.01 -55.13 42.25
N ASP A 420 12.75 -56.15 42.68
CA ASP A 420 13.53 -56.97 41.77
C ASP A 420 12.78 -58.17 41.23
N TYR A 421 11.89 -58.77 42.03
CA TYR A 421 11.20 -59.98 41.64
C TYR A 421 9.69 -59.80 41.44
N ASN A 422 9.11 -58.72 41.95
CA ASN A 422 7.67 -58.52 41.83
C ASN A 422 7.36 -57.25 41.03
N TYR A 423 6.38 -56.48 41.48
CA TYR A 423 6.00 -55.26 40.79
C TYR A 423 7.12 -54.22 40.85
N LYS A 424 7.58 -53.79 39.67
CA LYS A 424 8.68 -52.86 39.52
C LYS A 424 8.17 -51.61 38.79
N LEU A 425 8.40 -50.42 39.41
CA LEU A 425 7.93 -49.18 38.82
C LEU A 425 8.97 -48.63 37.84
N PRO A 426 8.52 -48.01 36.75
CA PRO A 426 9.46 -47.51 35.75
C PRO A 426 10.19 -46.24 36.20
N ASP A 427 11.27 -45.96 35.47
CA ASP A 427 12.10 -44.78 35.72
C ASP A 427 11.36 -43.49 35.44
N ASP A 428 10.36 -43.50 34.56
CA ASP A 428 9.74 -42.26 34.10
C ASP A 428 8.53 -41.82 34.93
N PHE A 429 7.61 -41.13 34.26
CA PHE A 429 6.46 -40.53 34.94
C PHE A 429 5.60 -41.56 35.66
N THR A 430 5.28 -41.25 36.92
CA THR A 430 4.44 -42.09 37.77
C THR A 430 3.20 -41.28 38.13
N GLY A 431 2.09 -41.97 38.43
CA GLY A 431 0.89 -41.24 38.82
C GLY A 431 0.82 -40.97 40.31
N CYS A 432 -0.12 -41.62 40.99
CA CYS A 432 -0.28 -41.49 42.44
C CYS A 432 -0.42 -42.87 43.08
N VAL A 433 0.14 -43.01 44.27
CA VAL A 433 0.11 -44.26 45.02
C VAL A 433 -0.72 -44.02 46.28
N ILE A 434 -1.69 -44.90 46.52
CA ILE A 434 -2.59 -44.79 47.68
C ILE A 434 -2.47 -46.08 48.48
N ALA A 435 -2.36 -45.94 49.79
CA ALA A 435 -2.24 -47.08 50.69
C ALA A 435 -2.91 -46.77 52.02
N TRP A 436 -3.50 -47.79 52.63
CA TRP A 436 -4.10 -47.62 53.95
C TRP A 436 -4.03 -48.93 54.72
N ASN A 437 -3.88 -48.79 56.04
CA ASN A 437 -3.82 -49.93 56.95
C ASN A 437 -5.17 -50.62 57.07
N SER A 438 -5.16 -51.95 56.92
CA SER A 438 -6.38 -52.74 56.91
C SER A 438 -6.41 -53.76 58.05
N ASN A 439 -5.82 -53.41 59.20
CA ASN A 439 -5.76 -54.34 60.32
C ASN A 439 -7.15 -54.77 60.78
N ASN A 440 -8.13 -53.89 60.67
CA ASN A 440 -9.48 -54.21 61.15
C ASN A 440 -10.15 -55.23 60.23
N LEU A 441 -9.75 -55.28 58.96
CA LEU A 441 -10.35 -56.17 57.98
C LEU A 441 -9.49 -57.36 57.60
N ASP A 442 -8.17 -57.18 57.48
CA ASP A 442 -7.30 -58.25 57.00
C ASP A 442 -6.53 -58.96 58.11
N SER A 443 -6.76 -58.62 59.37
CA SER A 443 -6.07 -59.32 60.46
C SER A 443 -7.02 -60.32 61.14
N TYR A 449 -3.08 -67.95 60.49
CA TYR A 449 -2.24 -68.30 59.35
C TYR A 449 -3.10 -68.68 58.15
N ASN A 450 -4.40 -68.36 58.24
CA ASN A 450 -5.33 -68.75 57.18
C ASN A 450 -5.04 -68.06 55.85
N TYR A 451 -4.44 -66.87 55.86
CA TYR A 451 -4.16 -66.16 54.61
C TYR A 451 -2.71 -66.38 54.19
N LEU A 452 -2.53 -66.82 52.95
CA LEU A 452 -1.21 -67.11 52.38
C LEU A 452 -0.98 -66.25 51.15
N TYR A 453 0.29 -66.06 50.80
CA TYR A 453 0.65 -65.39 49.55
C TYR A 453 1.62 -66.27 48.79
N ARG A 454 1.40 -66.40 47.48
CA ARG A 454 2.28 -67.21 46.64
C ARG A 454 3.71 -66.67 46.64
N PRO A 491 9.46 -70.53 48.14
CA PRO A 491 9.47 -69.10 47.80
C PRO A 491 8.29 -68.35 48.39
N LEU A 492 7.30 -69.09 48.89
CA LEU A 492 6.11 -68.49 49.50
C LEU A 492 6.20 -68.60 51.02
N GLN A 493 5.91 -67.50 51.69
CA GLN A 493 5.93 -67.42 53.15
C GLN A 493 4.56 -66.97 53.65
N SER A 494 4.21 -67.39 54.86
CA SER A 494 2.93 -67.03 55.45
C SER A 494 3.10 -65.91 56.46
N TYR A 495 2.06 -65.08 56.58
CA TYR A 495 2.06 -64.01 57.58
C TYR A 495 1.64 -64.57 58.93
N GLY A 496 2.26 -64.07 60.00
CA GLY A 496 1.77 -64.49 61.34
C GLY A 496 0.56 -63.65 61.70
N PHE A 497 -0.62 -63.99 61.19
CA PHE A 497 -1.81 -63.11 61.42
C PHE A 497 -2.96 -63.83 62.09
N GLN A 498 -2.98 -65.17 62.10
CA GLN A 498 -4.14 -65.94 62.64
C GLN A 498 -5.16 -64.99 63.28
N PRO A 499 -4.94 -64.40 64.48
CA PRO A 499 -5.84 -63.40 65.05
C PRO A 499 -5.26 -62.03 64.68
N THR A 500 -4.16 -61.64 65.31
CA THR A 500 -3.48 -60.37 64.93
C THR A 500 -1.99 -60.44 65.28
N VAL A 503 3.06 -56.24 65.21
CA VAL A 503 4.53 -56.07 65.46
C VAL A 503 5.28 -56.00 64.12
N GLY A 504 5.43 -54.79 63.54
CA GLY A 504 6.02 -54.64 62.20
C GLY A 504 5.36 -55.48 61.12
N TYR A 505 4.85 -56.67 61.44
CA TYR A 505 4.26 -57.56 60.41
C TYR A 505 2.75 -57.35 60.38
N GLN A 506 2.31 -56.17 59.97
CA GLN A 506 0.86 -55.92 59.81
C GLN A 506 0.59 -55.79 58.31
N PRO A 507 -0.53 -56.30 57.77
CA PRO A 507 -0.84 -56.12 56.35
C PRO A 507 -1.15 -54.68 55.97
N TYR A 508 -0.73 -54.29 54.76
CA TYR A 508 -1.04 -52.98 54.20
C TYR A 508 -1.60 -53.16 52.81
N ARG A 509 -2.65 -52.40 52.48
CA ARG A 509 -3.24 -52.40 51.14
C ARG A 509 -2.68 -51.23 50.35
N VAL A 510 -2.08 -51.52 49.19
CA VAL A 510 -1.47 -50.51 48.34
C VAL A 510 -2.18 -50.48 46.99
N VAL A 511 -2.55 -49.28 46.55
CA VAL A 511 -3.17 -49.04 45.25
C VAL A 511 -2.34 -47.99 44.51
N VAL A 512 -1.86 -48.33 43.32
CA VAL A 512 -1.10 -47.42 42.48
C VAL A 512 -1.98 -46.96 41.33
N LEU A 513 -2.10 -45.63 41.19
CA LEU A 513 -2.88 -45.02 40.12
C LEU A 513 -1.92 -44.60 39.00
N SER A 514 -1.97 -45.33 37.88
CA SER A 514 -1.19 -45.06 36.68
C SER A 514 -2.05 -44.40 35.62
N PHE A 515 -1.57 -43.29 35.04
CA PHE A 515 -2.35 -42.48 34.11
C PHE A 515 -1.83 -42.65 32.69
N GLU A 516 -2.75 -42.93 31.76
CA GLU A 516 -2.49 -42.98 30.32
C GLU A 516 -2.99 -41.68 29.69
N LEU A 517 -2.05 -40.84 29.24
CA LEU A 517 -2.34 -39.52 28.71
C LEU A 517 -2.29 -39.43 27.18
N LEU A 518 -2.12 -40.55 26.47
CA LEU A 518 -1.92 -40.45 25.03
C LEU A 518 -2.52 -41.59 24.19
N HIS A 519 -3.00 -42.67 24.79
CA HIS A 519 -3.44 -43.84 24.02
C HIS A 519 -4.66 -43.57 23.15
N ALA A 520 -5.50 -42.58 23.48
CA ALA A 520 -6.71 -42.34 22.69
C ALA A 520 -7.29 -40.97 23.03
N PRO A 521 -8.27 -40.45 22.27
CA PRO A 521 -8.91 -39.19 22.66
C PRO A 521 -9.39 -39.24 24.11
N ALA A 522 -9.32 -38.10 24.78
CA ALA A 522 -9.57 -38.05 26.21
C ALA A 522 -11.07 -38.19 26.50
N THR A 523 -11.39 -39.02 27.48
CA THR A 523 -12.75 -39.32 27.87
C THR A 523 -13.00 -39.25 29.37
N VAL A 524 -11.94 -39.22 30.18
CA VAL A 524 -12.02 -39.19 31.64
C VAL A 524 -11.40 -37.87 32.12
N CYS A 525 -12.22 -37.00 32.69
CA CYS A 525 -11.77 -35.67 33.06
C CYS A 525 -12.61 -35.23 34.25
N GLY A 526 -12.08 -34.28 35.02
CA GLY A 526 -12.77 -33.81 36.20
C GLY A 526 -14.00 -32.99 35.89
N PRO A 527 -14.79 -32.70 36.91
CA PRO A 527 -16.02 -31.92 36.70
C PRO A 527 -15.73 -30.44 36.54
N LYS A 528 -16.79 -29.67 36.29
CA LYS A 528 -16.69 -28.22 36.16
C LYS A 528 -17.72 -27.56 37.06
N LYS A 529 -17.27 -26.68 37.94
CA LYS A 529 -18.16 -26.02 38.89
C LYS A 529 -18.93 -24.92 38.16
N SER A 530 -20.25 -24.91 38.32
CA SER A 530 -21.05 -23.85 37.73
C SER A 530 -21.20 -22.68 38.70
N THR A 531 -21.57 -21.53 38.15
CA THR A 531 -21.79 -20.32 38.91
C THR A 531 -23.16 -19.75 38.51
N ASN A 532 -23.65 -18.77 39.27
CA ASN A 532 -24.89 -18.09 38.94
C ASN A 532 -24.68 -17.08 37.81
N LEU A 533 -25.75 -16.79 37.10
CA LEU A 533 -25.73 -15.87 35.96
C LEU A 533 -26.29 -14.50 36.33
N VAL A 534 -25.60 -13.46 35.89
CA VAL A 534 -25.96 -12.07 36.15
C VAL A 534 -26.40 -11.43 34.83
N LYS A 535 -27.60 -10.86 34.84
CA LYS A 535 -28.20 -10.24 33.66
C LYS A 535 -28.06 -8.72 33.60
N ASN A 536 -28.13 -8.22 32.37
CA ASN A 536 -28.10 -6.81 31.99
C ASN A 536 -26.82 -6.05 32.37
N LYS A 537 -25.67 -6.73 32.43
CA LYS A 537 -24.41 -6.02 32.61
C LYS A 537 -23.39 -6.68 31.70
N CYS A 538 -22.42 -5.91 31.19
CA CYS A 538 -21.39 -6.55 30.39
C CYS A 538 -20.49 -7.38 31.31
N VAL A 539 -20.48 -8.69 31.09
CA VAL A 539 -19.81 -9.67 31.93
C VAL A 539 -18.99 -10.60 31.05
N ASN A 540 -17.97 -11.20 31.64
CA ASN A 540 -17.08 -12.11 30.95
C ASN A 540 -17.56 -13.53 31.27
N PHE A 541 -18.25 -14.12 30.30
CA PHE A 541 -18.94 -15.40 30.40
C PHE A 541 -18.17 -16.53 29.72
N ASN A 542 -18.52 -17.75 30.12
CA ASN A 542 -17.97 -18.97 29.53
C ASN A 542 -19.10 -20.01 29.50
N PHE A 543 -19.69 -20.21 28.32
CA PHE A 543 -20.77 -21.15 28.13
C PHE A 543 -20.24 -22.33 27.33
N ASN A 544 -20.05 -23.46 28.00
CA ASN A 544 -19.62 -24.72 27.38
C ASN A 544 -18.42 -24.52 26.45
N GLY A 545 -17.50 -23.65 26.84
CA GLY A 545 -16.31 -23.39 26.04
C GLY A 545 -16.38 -22.21 25.11
N LEU A 546 -17.55 -21.59 24.93
CA LEU A 546 -17.68 -20.39 24.13
C LEU A 546 -17.50 -19.15 25.00
N THR A 547 -16.49 -18.34 24.68
CA THR A 547 -16.10 -17.20 25.51
C THR A 547 -16.47 -15.90 24.82
N GLY A 548 -16.60 -14.86 25.64
CA GLY A 548 -16.88 -13.54 25.11
C GLY A 548 -17.25 -12.58 26.22
N THR A 549 -17.47 -11.33 25.81
CA THR A 549 -17.89 -10.25 26.71
C THR A 549 -19.14 -9.60 26.14
N GLY A 550 -20.10 -9.30 27.01
CA GLY A 550 -21.31 -8.65 26.54
C GLY A 550 -22.38 -8.61 27.61
N VAL A 551 -23.49 -7.97 27.25
CA VAL A 551 -24.67 -7.84 28.09
C VAL A 551 -25.67 -8.93 27.69
N LEU A 552 -26.10 -9.72 28.67
CA LEU A 552 -27.00 -10.84 28.42
C LEU A 552 -28.44 -10.44 28.72
N THR A 553 -29.32 -10.59 27.74
CA THR A 553 -30.75 -10.31 27.88
C THR A 553 -31.57 -11.45 27.30
N GLU A 554 -32.85 -11.47 27.64
CA GLU A 554 -33.77 -12.47 27.11
C GLU A 554 -34.08 -12.23 25.62
N SER A 555 -34.43 -13.30 24.92
CA SER A 555 -34.74 -13.21 23.49
C SER A 555 -35.93 -14.09 23.13
N ASN A 556 -36.48 -13.83 21.94
CA ASN A 556 -37.65 -14.52 21.41
C ASN A 556 -37.33 -15.36 20.16
N LYS A 557 -36.09 -15.83 20.01
CA LYS A 557 -35.71 -16.66 18.88
C LYS A 557 -35.94 -18.14 19.21
N LYS A 558 -36.83 -18.78 18.46
CA LYS A 558 -37.21 -20.18 18.70
C LYS A 558 -36.19 -21.13 18.06
N PHE A 559 -35.20 -21.53 18.85
CA PHE A 559 -34.19 -22.49 18.41
C PHE A 559 -34.78 -23.89 18.25
N LEU A 560 -34.25 -24.64 17.28
CA LEU A 560 -34.66 -26.04 17.21
C LEU A 560 -33.96 -26.84 18.30
N PRO A 561 -34.58 -27.92 18.77
CA PRO A 561 -34.02 -28.66 19.92
C PRO A 561 -32.56 -29.08 19.82
N PHE A 562 -32.00 -29.29 18.64
CA PHE A 562 -30.63 -29.77 18.57
C PHE A 562 -29.58 -28.68 18.40
N GLN A 563 -29.96 -27.43 18.12
CA GLN A 563 -28.98 -26.38 17.87
C GLN A 563 -28.66 -25.62 19.15
N GLN A 564 -27.39 -25.32 19.37
CA GLN A 564 -26.96 -24.68 20.62
C GLN A 564 -26.63 -23.20 20.52
N PHE A 565 -26.00 -22.73 19.43
CA PHE A 565 -25.73 -21.31 19.28
C PHE A 565 -26.00 -20.85 17.87
N GLY A 566 -26.42 -19.59 17.73
CA GLY A 566 -26.66 -18.99 16.43
C GLY A 566 -25.68 -17.87 16.18
N ARG A 567 -25.28 -17.70 14.93
CA ARG A 567 -24.36 -16.65 14.53
C ARG A 567 -24.95 -15.82 13.40
N ASP A 568 -24.72 -14.51 13.45
CA ASP A 568 -25.20 -13.61 12.40
C ASP A 568 -24.22 -13.58 11.22
N ILE A 569 -24.48 -12.66 10.30
CA ILE A 569 -23.61 -12.43 9.16
C ILE A 569 -22.20 -12.03 9.62
N ALA A 570 -21.21 -12.48 8.85
CA ALA A 570 -19.79 -12.21 9.09
C ALA A 570 -19.26 -12.83 10.39
N ASP A 571 -19.72 -14.04 10.70
CA ASP A 571 -19.13 -14.86 11.77
C ASP A 571 -19.10 -14.13 13.12
N THR A 572 -20.27 -13.92 13.70
CA THR A 572 -20.35 -13.27 15.00
C THR A 572 -21.52 -13.86 15.78
N THR A 573 -21.25 -14.29 17.00
CA THR A 573 -22.26 -14.90 17.85
C THR A 573 -23.27 -13.86 18.33
N ASP A 574 -24.55 -14.10 18.05
CA ASP A 574 -25.61 -13.18 18.41
C ASP A 574 -26.45 -13.68 19.57
N ALA A 575 -26.56 -14.99 19.72
CA ALA A 575 -27.31 -15.55 20.83
C ALA A 575 -26.71 -16.91 21.15
N VAL A 576 -27.07 -17.42 22.33
CA VAL A 576 -26.56 -18.68 22.84
C VAL A 576 -27.64 -19.26 23.73
N ARG A 577 -27.65 -20.58 23.87
CA ARG A 577 -28.66 -21.23 24.67
C ARG A 577 -28.01 -21.74 25.94
N ASP A 578 -28.57 -21.35 27.08
CA ASP A 578 -27.98 -21.69 28.35
C ASP A 578 -28.22 -23.17 28.65
N PRO A 579 -27.35 -23.82 29.41
CA PRO A 579 -27.66 -25.16 29.87
C PRO A 579 -28.34 -25.10 31.23
N GLN A 580 -28.93 -26.23 31.61
CA GLN A 580 -29.69 -26.41 32.84
C GLN A 580 -31.07 -25.76 32.78
N THR A 581 -31.16 -24.54 32.24
CA THR A 581 -32.45 -23.87 32.10
C THR A 581 -32.87 -23.60 30.67
N LEU A 582 -32.01 -23.89 29.70
CA LEU A 582 -32.33 -23.85 28.27
C LEU A 582 -32.84 -22.49 27.79
N GLU A 583 -32.55 -21.39 28.50
CA GLU A 583 -32.98 -20.11 27.96
C GLU A 583 -32.10 -19.68 26.79
N ILE A 584 -32.60 -18.69 26.03
CA ILE A 584 -31.90 -18.12 24.88
C ILE A 584 -31.54 -16.66 25.18
N LEU A 585 -30.26 -16.39 25.41
CA LEU A 585 -29.77 -15.06 25.79
C LEU A 585 -29.08 -14.33 24.64
N ASP A 586 -29.48 -13.09 24.37
CA ASP A 586 -28.81 -12.25 23.36
C ASP A 586 -27.58 -11.57 23.97
N ILE A 587 -26.52 -11.42 23.19
CA ILE A 587 -25.30 -10.78 23.67
C ILE A 587 -25.04 -9.47 22.93
N THR A 588 -25.11 -8.32 23.64
CA THR A 588 -24.83 -7.02 23.03
C THR A 588 -23.58 -6.40 23.63
N PRO A 589 -22.54 -6.08 22.86
CA PRO A 589 -21.32 -5.47 23.45
C PRO A 589 -21.60 -4.21 24.27
N CYS A 590 -20.89 -4.04 25.40
CA CYS A 590 -21.06 -2.83 26.20
C CYS A 590 -20.57 -1.57 25.47
N SER A 591 -21.27 -0.47 25.72
CA SER A 591 -20.99 0.86 25.17
C SER A 591 -19.58 1.41 25.46
N PHE A 592 -18.96 1.97 24.42
CA PHE A 592 -17.65 2.61 24.54
C PHE A 592 -17.54 3.71 23.46
N GLY A 593 -16.56 4.60 23.63
CA GLY A 593 -16.35 5.67 22.66
C GLY A 593 -15.30 6.66 23.09
N GLY A 594 -14.90 7.50 22.12
CA GLY A 594 -13.93 8.56 22.35
C GLY A 594 -14.44 9.73 23.17
N VAL A 595 -13.50 10.45 23.78
CA VAL A 595 -13.75 11.65 24.58
C VAL A 595 -13.07 12.87 23.94
N SER A 596 -13.85 13.90 23.62
CA SER A 596 -13.38 15.13 22.97
C SER A 596 -13.59 16.32 23.89
N VAL A 597 -12.68 17.29 23.83
CA VAL A 597 -12.72 18.50 24.66
C VAL A 597 -12.98 19.74 23.80
N ILE A 598 -14.02 20.48 24.15
CA ILE A 598 -14.44 21.72 23.49
C ILE A 598 -13.89 22.93 24.26
N THR A 599 -13.11 23.78 23.60
CA THR A 599 -12.54 24.94 24.29
C THR A 599 -12.56 26.18 23.40
N PRO A 600 -12.93 27.33 23.97
CA PRO A 600 -12.90 28.59 23.20
C PRO A 600 -11.52 29.15 22.88
N GLY A 601 -10.57 29.06 23.79
CA GLY A 601 -9.21 29.52 23.54
C GLY A 601 -8.73 30.20 24.81
N THR A 602 -7.42 30.08 25.06
CA THR A 602 -6.80 30.64 26.24
C THR A 602 -6.71 32.16 26.41
N ASN A 603 -6.98 32.99 25.40
CA ASN A 603 -6.92 34.42 25.68
C ASN A 603 -8.26 34.99 26.13
N THR A 604 -9.30 34.16 26.23
CA THR A 604 -10.59 34.68 26.64
C THR A 604 -11.14 34.00 27.89
N SER A 605 -11.21 32.68 27.94
CA SER A 605 -11.81 32.10 29.12
C SER A 605 -11.36 30.66 29.29
N ASN A 606 -11.46 30.20 30.54
CA ASN A 606 -11.12 28.85 30.94
C ASN A 606 -12.31 27.89 30.98
N GLN A 607 -13.43 28.24 30.36
CA GLN A 607 -14.58 27.37 30.38
C GLN A 607 -14.39 26.25 29.37
N VAL A 608 -14.75 25.03 29.75
CA VAL A 608 -14.60 23.89 28.86
C VAL A 608 -15.84 23.02 28.95
N ALA A 609 -16.12 22.32 27.85
CA ALA A 609 -17.14 21.29 27.78
C ALA A 609 -16.53 20.00 27.29
N VAL A 610 -17.05 18.87 27.77
CA VAL A 610 -16.51 17.57 27.42
C VAL A 610 -17.61 16.79 26.71
N LEU A 611 -17.27 16.26 25.54
CA LEU A 611 -18.20 15.49 24.71
C LEU A 611 -17.80 14.02 24.68
N TYR A 612 -18.72 13.14 25.06
CA TYR A 612 -18.52 11.70 24.93
C TYR A 612 -19.12 11.30 23.60
N GLN A 613 -18.27 10.91 22.65
CA GLN A 613 -18.70 10.87 21.25
C GLN A 613 -19.72 9.81 20.88
N ASP A 614 -19.87 8.70 21.60
CA ASP A 614 -20.90 7.76 21.15
C ASP A 614 -21.47 6.93 22.28
N VAL A 615 -21.66 7.50 23.46
CA VAL A 615 -22.21 6.70 24.54
C VAL A 615 -23.38 7.45 25.15
N ASN A 616 -24.31 6.70 25.74
CA ASN A 616 -25.42 7.44 26.30
C ASN A 616 -24.98 7.94 27.67
N CYS A 617 -25.55 9.05 28.11
CA CYS A 617 -25.13 9.65 29.37
C CYS A 617 -25.91 9.04 30.54
N THR A 618 -25.70 7.74 30.69
CA THR A 618 -26.22 6.92 31.78
C THR A 618 -25.09 6.10 32.36
N GLU A 619 -23.85 6.40 31.97
CA GLU A 619 -22.65 5.72 32.44
C GLU A 619 -21.58 6.79 32.58
N VAL A 620 -21.16 7.05 33.81
CA VAL A 620 -20.14 8.07 34.08
C VAL A 620 -18.82 7.71 33.41
N SER A 640 -21.95 20.80 34.84
CA SER A 640 -23.02 20.70 35.83
C SER A 640 -24.32 20.25 35.18
N ASN A 641 -24.63 20.80 34.01
CA ASN A 641 -25.83 20.44 33.27
C ASN A 641 -25.51 19.33 32.28
N VAL A 642 -26.53 18.51 31.99
CA VAL A 642 -26.38 17.35 31.12
C VAL A 642 -27.35 17.50 29.96
N PHE A 643 -26.81 17.50 28.73
CA PHE A 643 -27.62 17.66 27.53
C PHE A 643 -27.39 16.46 26.60
N GLN A 644 -28.46 15.73 26.30
CA GLN A 644 -28.39 14.60 25.38
C GLN A 644 -28.53 15.09 23.92
N THR A 645 -27.56 14.76 23.07
CA THR A 645 -27.59 15.17 21.69
C THR A 645 -27.43 13.96 20.78
N ARG A 646 -27.64 14.18 19.47
CA ARG A 646 -27.54 13.13 18.48
C ARG A 646 -26.08 12.74 18.20
N ALA A 647 -25.12 13.56 18.66
CA ALA A 647 -23.70 13.28 18.51
C ALA A 647 -23.10 12.61 19.73
N GLY A 648 -23.86 12.51 20.80
CA GLY A 648 -23.49 12.02 22.11
C GLY A 648 -24.09 12.93 23.14
N CYS A 649 -23.74 12.72 24.40
CA CYS A 649 -24.28 13.52 25.48
C CYS A 649 -23.22 14.55 25.86
N LEU A 650 -23.56 15.83 25.75
CA LEU A 650 -22.65 16.93 26.02
C LEU A 650 -22.94 17.51 27.40
N ILE A 651 -21.92 17.55 28.25
CA ILE A 651 -21.99 18.06 29.61
C ILE A 651 -21.23 19.36 29.70
N GLY A 652 -21.86 20.38 30.26
CA GLY A 652 -21.25 21.69 30.47
C GLY A 652 -21.77 22.79 29.57
N ALA A 653 -22.48 22.48 28.49
CA ALA A 653 -23.02 23.49 27.60
C ALA A 653 -24.51 23.73 27.87
N GLU A 654 -24.90 24.99 27.90
CA GLU A 654 -26.30 25.38 28.03
C GLU A 654 -27.01 25.35 26.68
N HIS A 655 -28.21 24.76 26.67
CA HIS A 655 -29.04 24.70 25.47
C HIS A 655 -29.84 25.99 25.30
N VAL A 656 -29.68 26.66 24.16
CA VAL A 656 -30.35 27.92 23.88
C VAL A 656 -31.29 27.70 22.69
N ASN A 657 -32.54 28.16 22.82
CA ASN A 657 -33.51 27.96 21.76
C ASN A 657 -33.23 28.81 20.52
N ASN A 658 -32.71 30.03 20.70
CA ASN A 658 -32.48 30.88 19.55
C ASN A 658 -31.23 30.45 18.76
N SER A 659 -31.35 30.45 17.44
CA SER A 659 -30.31 30.03 16.53
C SER A 659 -29.34 31.16 16.17
N TYR A 660 -28.14 30.75 15.76
CA TYR A 660 -27.08 31.66 15.33
C TYR A 660 -26.29 30.98 14.23
N GLU A 661 -25.34 31.71 13.65
CA GLU A 661 -24.44 31.13 12.68
C GLU A 661 -23.46 30.19 13.37
N CYS A 662 -23.14 29.08 12.70
CA CYS A 662 -22.32 28.04 13.31
C CYS A 662 -20.91 28.54 13.56
N ASP A 663 -20.35 28.20 14.72
CA ASP A 663 -18.99 28.62 15.06
C ASP A 663 -18.05 27.42 15.21
N ILE A 664 -18.17 26.63 16.27
CA ILE A 664 -17.38 25.41 16.43
C ILE A 664 -18.28 24.22 16.10
N PRO A 665 -18.02 23.49 15.03
CA PRO A 665 -18.90 22.36 14.67
C PRO A 665 -18.70 21.18 15.61
N ILE A 666 -19.81 20.56 15.99
CA ILE A 666 -19.81 19.33 16.76
C ILE A 666 -20.24 18.14 15.91
N GLY A 667 -21.33 18.29 15.18
CA GLY A 667 -21.86 17.24 14.33
C GLY A 667 -23.37 17.15 14.42
N ALA A 668 -23.96 16.52 13.41
CA ALA A 668 -25.41 16.33 13.30
C ALA A 668 -26.16 17.65 13.36
N GLY A 669 -25.57 18.71 12.79
CA GLY A 669 -26.20 20.01 12.73
C GLY A 669 -26.03 20.92 13.93
N ILE A 670 -25.39 20.45 15.00
CA ILE A 670 -25.25 21.23 16.24
C ILE A 670 -23.85 21.82 16.33
N CYS A 671 -23.77 23.10 16.70
CA CYS A 671 -22.53 23.82 16.88
C CYS A 671 -22.51 24.50 18.23
N ALA A 672 -21.33 24.92 18.65
CA ALA A 672 -21.16 25.55 19.95
C ALA A 672 -19.88 26.38 20.01
N VAL A 684 -18.38 30.93 22.45
CA VAL A 684 -18.69 31.59 23.71
C VAL A 684 -19.59 32.81 23.48
N ALA A 685 -20.59 32.96 24.35
CA ALA A 685 -21.56 34.04 24.26
C ALA A 685 -22.33 34.10 25.57
N SER A 686 -22.70 35.32 25.96
CA SER A 686 -23.36 35.57 27.24
C SER A 686 -22.61 34.94 28.41
N GLN A 687 -21.27 35.05 28.38
CA GLN A 687 -20.33 34.55 29.40
C GLN A 687 -20.51 33.06 29.70
N SER A 688 -21.02 32.28 28.75
CA SER A 688 -21.15 30.84 28.98
C SER A 688 -21.16 30.11 27.65
N ILE A 689 -20.96 28.80 27.72
CA ILE A 689 -20.95 27.98 26.51
C ILE A 689 -22.40 27.65 26.16
N ILE A 690 -22.76 27.84 24.89
CA ILE A 690 -24.09 27.56 24.40
C ILE A 690 -24.02 26.57 23.25
N ALA A 691 -25.10 25.82 23.05
CA ALA A 691 -25.23 24.85 21.98
C ALA A 691 -26.52 25.14 21.23
N TYR A 692 -26.46 25.06 19.90
CA TYR A 692 -27.60 25.47 19.09
C TYR A 692 -27.55 24.82 17.72
N THR A 693 -28.70 24.86 17.04
CA THR A 693 -28.82 24.43 15.65
C THR A 693 -28.34 25.56 14.74
N MET A 694 -27.46 25.22 13.79
CA MET A 694 -26.85 26.25 12.97
C MET A 694 -27.87 26.87 12.03
N SER A 695 -27.72 28.19 11.83
CA SER A 695 -28.51 28.95 10.87
C SER A 695 -27.91 28.84 9.47
N LEU A 696 -28.79 28.86 8.47
CA LEU A 696 -28.38 28.75 7.07
C LEU A 696 -28.18 30.10 6.39
N GLY A 697 -28.39 31.21 7.08
CA GLY A 697 -28.24 32.53 6.48
C GLY A 697 -29.46 33.39 6.71
N ALA A 698 -29.28 34.68 6.40
CA ALA A 698 -30.36 35.64 6.57
C ALA A 698 -31.47 35.37 5.57
N GLU A 699 -32.71 35.51 6.01
CA GLU A 699 -33.87 35.28 5.18
C GLU A 699 -34.30 36.58 4.48
N ASN A 700 -34.50 36.52 3.16
CA ASN A 700 -34.94 37.70 2.43
C ASN A 700 -35.76 37.35 1.19
N SER A 701 -37.07 37.55 1.26
CA SER A 701 -37.94 37.31 0.11
C SER A 701 -37.77 38.43 -0.92
N VAL A 702 -37.97 38.08 -2.20
CA VAL A 702 -37.86 39.02 -3.30
C VAL A 702 -39.25 39.49 -3.71
N ALA A 703 -39.39 40.81 -3.93
CA ALA A 703 -40.68 41.43 -4.26
C ALA A 703 -41.06 41.17 -5.71
N TYR A 704 -41.34 39.90 -6.01
CA TYR A 704 -41.69 39.51 -7.37
C TYR A 704 -43.08 39.97 -7.78
N SER A 705 -43.18 40.36 -9.06
CA SER A 705 -44.41 40.79 -9.70
C SER A 705 -44.23 40.54 -11.18
N ASN A 706 -45.28 40.56 -12.00
CA ASN A 706 -45.01 40.26 -13.40
C ASN A 706 -44.60 41.45 -14.24
N ASN A 707 -44.37 42.63 -13.65
CA ASN A 707 -43.94 43.78 -14.46
C ASN A 707 -43.17 44.74 -13.55
N SER A 708 -41.87 44.48 -13.41
CA SER A 708 -40.99 45.31 -12.59
C SER A 708 -39.56 44.81 -12.79
N ILE A 709 -38.64 45.72 -13.05
CA ILE A 709 -37.24 45.37 -13.25
C ILE A 709 -36.39 46.24 -12.35
N ALA A 710 -35.33 45.67 -11.78
CA ALA A 710 -34.35 46.41 -11.00
C ALA A 710 -33.08 46.58 -11.82
N ILE A 711 -32.63 47.83 -11.97
CA ILE A 711 -31.43 48.15 -12.74
C ILE A 711 -30.42 48.84 -11.84
N PRO A 712 -29.18 48.36 -11.78
CA PRO A 712 -28.15 49.03 -10.96
C PRO A 712 -27.73 50.40 -11.49
N THR A 713 -27.54 51.35 -10.56
CA THR A 713 -27.17 52.71 -10.94
C THR A 713 -25.68 52.98 -10.68
N ASN A 714 -24.96 52.02 -10.08
CA ASN A 714 -23.55 52.08 -9.73
C ASN A 714 -22.93 50.70 -9.61
N PHE A 715 -21.61 50.72 -9.50
CA PHE A 715 -20.73 49.58 -9.44
C PHE A 715 -19.62 49.88 -8.44
N THR A 716 -18.98 48.82 -7.96
CA THR A 716 -17.81 48.88 -7.09
C THR A 716 -16.75 47.92 -7.60
N ILE A 717 -15.49 48.34 -7.56
CA ILE A 717 -14.37 47.50 -7.97
C ILE A 717 -13.70 46.90 -6.74
N SER A 718 -13.64 45.56 -6.69
CA SER A 718 -13.12 44.80 -5.56
C SER A 718 -11.92 43.96 -6.00
N VAL A 719 -11.05 43.61 -5.04
CA VAL A 719 -9.90 42.75 -5.28
C VAL A 719 -9.93 41.56 -4.32
N THR A 720 -9.79 40.35 -4.87
CA THR A 720 -9.73 39.10 -4.09
C THR A 720 -8.40 38.39 -4.30
N THR A 721 -7.98 37.60 -3.31
CA THR A 721 -6.72 36.86 -3.34
C THR A 721 -6.94 35.34 -3.31
N GLU A 722 -6.39 34.63 -4.30
CA GLU A 722 -6.46 33.17 -4.38
C GLU A 722 -5.07 32.54 -4.30
N ILE A 723 -4.87 31.63 -3.34
CA ILE A 723 -3.57 31.02 -3.02
C ILE A 723 -3.56 29.54 -3.39
N LEU A 724 -2.60 29.10 -4.23
CA LEU A 724 -2.50 27.69 -4.65
C LEU A 724 -1.10 27.09 -4.51
N PRO A 725 -0.97 25.91 -3.90
CA PRO A 725 0.32 25.19 -3.87
C PRO A 725 0.68 24.54 -5.21
N VAL A 726 1.98 24.49 -5.53
CA VAL A 726 2.44 23.87 -6.76
C VAL A 726 3.41 22.72 -6.55
N SER A 727 4.31 22.76 -5.56
CA SER A 727 5.27 21.68 -5.41
C SER A 727 5.61 21.35 -3.95
N MET A 728 6.35 20.24 -3.77
CA MET A 728 6.84 19.78 -2.46
C MET A 728 8.32 19.42 -2.54
N THR A 729 8.95 19.37 -1.35
CA THR A 729 10.36 19.02 -1.18
C THR A 729 10.76 17.65 -1.74
N LYS A 730 11.82 17.65 -2.56
CA LYS A 730 12.38 16.48 -3.26
C LYS A 730 13.27 15.61 -2.36
N THR A 731 12.66 14.80 -1.50
CA THR A 731 13.42 13.90 -0.63
C THR A 731 13.86 12.61 -1.36
N SER A 732 14.92 11.98 -0.84
CA SER A 732 15.41 10.71 -1.37
C SER A 732 16.02 9.86 -0.25
N VAL A 733 15.67 8.57 -0.20
CA VAL A 733 16.20 7.63 0.79
C VAL A 733 16.90 6.45 0.11
N ASP A 734 18.13 6.16 0.55
CA ASP A 734 18.96 5.04 0.10
C ASP A 734 18.60 3.74 0.85
N CYS A 735 17.92 2.80 0.19
CA CYS A 735 17.42 1.59 0.85
C CYS A 735 18.51 0.77 1.53
N THR A 736 19.71 0.70 0.95
CA THR A 736 20.75 -0.13 1.55
C THR A 736 21.32 0.46 2.85
N MET A 737 21.62 1.75 2.85
CA MET A 737 22.16 2.37 4.07
C MET A 737 21.14 2.42 5.19
N TYR A 738 19.87 2.59 4.87
CA TYR A 738 18.82 2.63 5.90
C TYR A 738 18.64 1.29 6.59
N ILE A 739 18.49 0.20 5.83
CA ILE A 739 18.22 -1.10 6.44
C ILE A 739 19.46 -1.70 7.08
N CYS A 740 20.60 -1.61 6.43
CA CYS A 740 21.77 -2.36 6.87
C CYS A 740 22.93 -1.48 7.32
N GLY A 741 23.09 -0.30 6.75
CA GLY A 741 24.17 0.61 7.09
C GLY A 741 25.54 0.15 6.61
N ASP A 742 26.56 0.57 7.36
CA ASP A 742 27.96 0.24 7.07
C ASP A 742 28.39 -1.14 7.57
N SER A 743 27.57 -2.17 7.39
CA SER A 743 27.86 -3.50 7.89
C SER A 743 27.72 -4.50 6.76
N THR A 744 28.82 -5.15 6.41
CA THR A 744 28.77 -6.16 5.35
C THR A 744 27.97 -7.39 5.79
N GLU A 745 28.05 -7.77 7.07
CA GLU A 745 27.38 -8.98 7.53
C GLU A 745 25.87 -8.95 7.27
N CYS A 746 25.21 -7.81 7.51
CA CYS A 746 23.77 -7.72 7.21
C CYS A 746 23.50 -7.72 5.71
N SER A 747 24.34 -7.05 4.93
CA SER A 747 24.11 -6.96 3.49
C SER A 747 24.00 -8.32 2.82
N ASN A 748 24.79 -9.31 3.25
CA ASN A 748 24.69 -10.64 2.66
C ASN A 748 23.30 -11.25 2.87
N LEU A 749 22.65 -10.99 4.01
CA LEU A 749 21.28 -11.47 4.18
C LEU A 749 20.29 -10.67 3.33
N LEU A 750 20.53 -9.37 3.18
CA LEU A 750 19.63 -8.53 2.40
C LEU A 750 19.55 -8.98 0.95
N LEU A 751 20.66 -9.50 0.41
CA LEU A 751 20.68 -9.97 -0.97
C LEU A 751 19.71 -11.11 -1.21
N GLN A 752 19.24 -11.78 -0.16
CA GLN A 752 18.31 -12.89 -0.34
C GLN A 752 16.89 -12.44 -0.69
N TYR A 753 16.59 -11.15 -0.59
CA TYR A 753 15.27 -10.62 -0.91
C TYR A 753 15.20 -10.03 -2.31
N GLY A 754 16.25 -10.21 -3.09
CA GLY A 754 16.28 -9.72 -4.46
C GLY A 754 16.28 -8.20 -4.62
N SER A 755 15.37 -7.73 -5.46
CA SER A 755 15.26 -6.36 -5.92
C SER A 755 14.43 -5.42 -5.05
N PHE A 756 14.02 -5.82 -3.85
CA PHE A 756 13.19 -4.91 -3.05
C PHE A 756 13.78 -3.50 -2.92
N CYS A 757 15.09 -3.37 -2.80
CA CYS A 757 15.67 -2.02 -2.71
C CYS A 757 15.66 -1.31 -4.05
N THR A 758 16.11 -1.99 -5.11
CA THR A 758 16.16 -1.34 -6.41
C THR A 758 14.78 -0.88 -6.84
N GLN A 759 13.73 -1.58 -6.41
CA GLN A 759 12.38 -1.15 -6.75
C GLN A 759 11.98 0.10 -5.96
N LEU A 760 12.61 0.32 -4.80
CA LEU A 760 12.31 1.49 -3.98
C LEU A 760 13.08 2.73 -4.42
N ASN A 761 14.36 2.56 -4.78
CA ASN A 761 15.16 3.67 -5.29
C ASN A 761 14.59 4.20 -6.60
N ARG A 762 14.09 3.30 -7.45
CA ARG A 762 13.47 3.70 -8.71
C ARG A 762 12.23 4.55 -8.48
N ALA A 763 11.37 4.14 -7.53
CA ALA A 763 10.15 4.90 -7.26
C ALA A 763 10.44 6.30 -6.74
N LEU A 764 11.40 6.44 -5.83
CA LEU A 764 11.70 7.77 -5.28
C LEU A 764 12.35 8.69 -6.32
N THR A 765 13.17 8.15 -7.21
CA THR A 765 13.74 8.98 -8.28
C THR A 765 12.66 9.51 -9.21
N GLY A 766 11.68 8.69 -9.54
CA GLY A 766 10.59 9.12 -10.41
C GLY A 766 9.81 10.31 -9.89
N ILE A 767 9.48 10.32 -8.60
CA ILE A 767 8.73 11.44 -8.03
C ILE A 767 9.57 12.71 -7.97
N ALA A 768 10.83 12.61 -7.55
CA ALA A 768 11.70 13.78 -7.47
C ALA A 768 11.85 14.52 -8.80
N VAL A 769 11.92 13.78 -9.90
CA VAL A 769 12.05 14.39 -11.22
C VAL A 769 10.80 15.15 -11.65
N GLU A 770 9.60 14.59 -11.45
CA GLU A 770 8.42 15.32 -11.90
C GLU A 770 8.14 16.60 -11.12
N GLN A 771 8.71 16.76 -9.93
CA GLN A 771 8.48 17.99 -9.17
C GLN A 771 9.07 19.21 -9.86
N ASP A 772 10.11 19.04 -10.67
CA ASP A 772 10.66 20.16 -11.43
C ASP A 772 9.85 20.50 -12.67
N LYS A 773 9.24 19.50 -13.30
CA LYS A 773 8.38 19.75 -14.46
C LYS A 773 7.17 20.62 -14.11
N ASN A 774 6.58 20.42 -12.94
CA ASN A 774 5.43 21.23 -12.53
C ASN A 774 5.73 22.72 -12.50
N THR A 775 6.86 23.11 -11.88
CA THR A 775 7.20 24.53 -11.81
C THR A 775 7.47 25.12 -13.20
N GLN A 776 8.16 24.38 -14.06
CA GLN A 776 8.50 24.89 -15.39
C GLN A 776 7.27 25.17 -16.24
N GLU A 777 6.29 24.26 -16.22
CA GLU A 777 5.09 24.44 -17.04
C GLU A 777 4.22 25.61 -16.57
N VAL A 778 4.17 25.88 -15.27
CA VAL A 778 3.31 26.95 -14.76
C VAL A 778 3.91 28.33 -15.01
N PHE A 779 5.21 28.52 -14.78
CA PHE A 779 5.79 29.85 -14.87
C PHE A 779 6.43 30.18 -16.22
N ALA A 780 7.06 29.20 -16.88
CA ALA A 780 7.75 29.46 -18.14
C ALA A 780 6.78 29.47 -19.34
N GLN A 781 5.86 30.42 -19.32
CA GLN A 781 4.89 30.58 -20.38
C GLN A 781 5.19 31.73 -21.34
N VAL A 782 6.28 32.47 -21.14
CA VAL A 782 6.68 33.55 -22.02
C VAL A 782 8.06 33.28 -22.61
N LYS A 783 8.16 33.35 -23.93
CA LYS A 783 9.42 33.10 -24.63
C LYS A 783 10.44 34.21 -24.50
N GLN A 784 10.03 35.46 -24.23
CA GLN A 784 10.99 36.55 -24.12
C GLN A 784 10.70 37.41 -22.91
N ILE A 785 11.74 38.09 -22.43
CA ILE A 785 11.68 38.89 -21.21
C ILE A 785 11.29 40.33 -21.54
N TYR A 786 10.09 40.72 -21.15
CA TYR A 786 9.60 42.07 -21.31
C TYR A 786 10.04 42.94 -20.14
N LYS A 787 10.11 44.25 -20.37
CA LYS A 787 10.58 45.19 -19.35
C LYS A 787 9.69 46.42 -19.30
N THR A 788 9.48 46.93 -18.09
CA THR A 788 8.60 48.08 -17.90
C THR A 788 9.27 49.37 -18.38
N PRO A 789 8.48 50.36 -18.79
CA PRO A 789 9.06 51.63 -19.23
C PRO A 789 9.60 52.43 -18.06
N PRO A 790 10.57 53.32 -18.30
CA PRO A 790 11.14 54.12 -17.21
C PRO A 790 10.20 55.15 -16.60
N ILE A 791 9.20 55.63 -17.33
CA ILE A 791 8.25 56.63 -16.83
C ILE A 791 6.89 55.98 -16.61
N LYS A 792 6.39 56.10 -15.38
CA LYS A 792 5.14 55.46 -14.96
C LYS A 792 3.93 56.37 -15.23
N ASP A 793 3.73 56.69 -16.50
CA ASP A 793 2.61 57.52 -16.93
C ASP A 793 1.41 56.66 -17.34
N PHE A 794 0.78 56.04 -16.34
CA PHE A 794 -0.32 55.11 -16.58
C PHE A 794 -1.69 55.73 -16.34
N GLY A 795 -1.84 57.03 -16.61
CA GLY A 795 -3.14 57.65 -16.52
C GLY A 795 -3.72 57.82 -15.14
N GLY A 796 -2.89 57.84 -14.10
CA GLY A 796 -3.35 57.98 -12.74
C GLY A 796 -3.42 56.69 -11.95
N PHE A 797 -3.16 55.56 -12.59
CA PHE A 797 -3.18 54.28 -11.92
C PHE A 797 -1.84 54.06 -11.20
N ASN A 798 -1.91 53.63 -9.94
CA ASN A 798 -0.69 53.45 -9.15
C ASN A 798 -0.40 51.96 -9.00
N PHE A 799 0.72 51.53 -9.59
CA PHE A 799 1.15 50.13 -9.57
C PHE A 799 2.41 49.93 -8.72
N SER A 800 2.80 50.94 -7.94
CA SER A 800 4.02 50.89 -7.16
C SER A 800 4.04 49.79 -6.10
N GLN A 801 2.88 49.19 -5.82
CA GLN A 801 2.81 48.14 -4.82
C GLN A 801 3.02 46.75 -5.39
N ILE A 802 3.07 46.61 -6.70
CA ILE A 802 3.29 45.31 -7.33
C ILE A 802 4.51 45.30 -8.27
N LEU A 803 5.03 46.46 -8.69
CA LEU A 803 6.20 46.46 -9.53
C LEU A 803 7.48 46.34 -8.71
N PRO A 804 8.54 45.76 -9.28
CA PRO A 804 9.78 45.58 -8.52
C PRO A 804 10.35 46.90 -8.03
N ASP A 805 10.93 46.88 -6.83
CA ASP A 805 11.48 48.09 -6.23
C ASP A 805 12.97 48.12 -6.48
N PRO A 806 13.48 49.03 -7.31
CA PRO A 806 14.93 49.04 -7.60
C PRO A 806 15.82 49.24 -6.39
N SER A 807 15.27 49.73 -5.27
CA SER A 807 16.06 49.98 -4.07
C SER A 807 16.26 48.74 -3.22
N LYS A 808 15.63 47.64 -3.55
CA LYS A 808 15.71 46.44 -2.75
C LYS A 808 16.92 45.60 -3.19
N PRO A 809 17.56 44.88 -2.26
CA PRO A 809 18.72 44.05 -2.65
C PRO A 809 18.39 42.88 -3.58
N SER A 810 17.12 42.48 -3.71
CA SER A 810 16.81 41.30 -4.51
C SER A 810 15.69 41.57 -5.51
N LYS A 811 15.31 42.83 -5.70
CA LYS A 811 14.27 43.29 -6.63
C LYS A 811 12.98 42.46 -6.52
N ARG A 812 12.36 42.54 -5.36
CA ARG A 812 11.04 41.98 -5.12
C ARG A 812 10.06 43.12 -4.87
N SER A 813 8.79 42.87 -5.15
CA SER A 813 7.80 43.89 -4.84
C SER A 813 7.44 43.86 -3.35
N PRO A 814 6.82 44.93 -2.84
CA PRO A 814 6.48 44.97 -1.41
C PRO A 814 5.55 43.85 -0.94
N ILE A 815 4.50 43.57 -1.70
CA ILE A 815 3.58 42.48 -1.34
C ILE A 815 4.31 41.14 -1.35
N GLU A 816 5.15 40.92 -2.36
CA GLU A 816 5.88 39.66 -2.48
C GLU A 816 6.81 39.42 -1.28
N ASP A 817 7.45 40.48 -0.77
CA ASP A 817 8.31 40.35 0.41
C ASP A 817 7.54 40.04 1.69
N LEU A 818 6.32 40.55 1.82
CA LEU A 818 5.54 40.24 3.01
C LEU A 818 5.19 38.75 3.07
N LEU A 819 4.91 38.13 1.93
CA LEU A 819 4.58 36.71 1.93
C LEU A 819 5.78 35.85 2.30
N PHE A 820 6.99 36.22 1.85
CA PHE A 820 8.18 35.44 2.21
C PHE A 820 8.51 35.50 3.70
N ASN A 821 8.08 36.53 4.41
CA ASN A 821 8.31 36.64 5.85
C ASN A 821 7.20 36.01 6.68
N LYS A 822 6.21 35.37 6.05
CA LYS A 822 5.05 34.87 6.77
C LYS A 822 5.03 33.36 6.96
N VAL A 823 5.56 32.59 6.01
CA VAL A 823 5.66 31.14 6.14
C VAL A 823 7.03 30.76 6.66
N THR A 824 7.07 29.98 7.74
CA THR A 824 8.29 29.59 8.41
C THR A 824 8.48 28.09 8.27
N LEU A 825 9.73 27.69 8.04
CA LEU A 825 10.04 26.27 7.88
C LEU A 825 10.74 25.71 9.12
N GLN A 850 17.19 13.42 10.97
CA GLN A 850 16.51 14.04 9.84
C GLN A 850 17.23 13.72 8.53
N LYS A 851 18.55 13.83 8.53
CA LYS A 851 19.33 13.61 7.32
C LYS A 851 20.73 13.11 7.69
N PHE A 852 20.78 12.01 8.43
CA PHE A 852 22.02 11.41 8.92
C PHE A 852 22.25 9.99 8.42
N ASN A 853 21.20 9.21 8.19
CA ASN A 853 21.31 7.78 7.90
C ASN A 853 21.02 7.44 6.45
N GLY A 854 21.38 8.32 5.51
CA GLY A 854 21.06 8.09 4.12
C GLY A 854 19.89 8.90 3.60
N LEU A 855 19.38 9.83 4.38
CA LEU A 855 18.30 10.73 3.97
C LEU A 855 18.92 12.05 3.53
N THR A 856 18.63 12.46 2.29
CA THR A 856 19.17 13.70 1.76
C THR A 856 18.06 14.53 1.13
N VAL A 857 18.35 15.80 0.93
CA VAL A 857 17.43 16.75 0.29
C VAL A 857 18.13 17.37 -0.91
N LEU A 858 17.53 17.22 -2.08
CA LEU A 858 18.11 17.82 -3.27
C LEU A 858 17.63 19.25 -3.47
N PRO A 859 18.46 20.13 -4.00
CA PRO A 859 18.04 21.52 -4.23
C PRO A 859 17.16 21.62 -5.46
N PRO A 860 16.27 22.61 -5.51
CA PRO A 860 15.46 22.80 -6.72
C PRO A 860 16.29 23.33 -7.87
N LEU A 861 15.80 23.09 -9.09
CA LEU A 861 16.51 23.57 -10.27
C LEU A 861 16.37 25.08 -10.45
N LEU A 862 15.19 25.64 -10.22
CA LEU A 862 14.95 27.07 -10.35
C LEU A 862 15.05 27.74 -8.99
N THR A 863 16.04 28.63 -8.84
CA THR A 863 16.15 29.36 -7.59
C THR A 863 15.06 30.43 -7.50
N ASP A 864 14.85 30.94 -6.28
CA ASP A 864 13.81 31.92 -6.05
C ASP A 864 13.99 33.19 -6.87
N GLU A 865 15.24 33.59 -7.13
CA GLU A 865 15.47 34.76 -7.96
C GLU A 865 14.95 34.59 -9.39
N MET A 866 15.11 33.39 -9.96
CA MET A 866 14.63 33.18 -11.32
C MET A 866 13.11 33.13 -11.40
N ILE A 867 12.44 32.59 -10.39
CA ILE A 867 10.98 32.58 -10.39
C ILE A 867 10.43 33.99 -10.27
N ALA A 868 11.01 34.81 -9.38
CA ALA A 868 10.58 36.20 -9.25
C ALA A 868 10.80 36.97 -10.55
N GLN A 869 11.88 36.67 -11.27
CA GLN A 869 12.12 37.34 -12.55
C GLN A 869 11.07 37.00 -13.60
N TYR A 870 10.56 35.76 -13.61
CA TYR A 870 9.50 35.39 -14.56
C TYR A 870 8.18 36.11 -14.28
N THR A 871 7.79 36.23 -13.01
CA THR A 871 6.53 36.92 -12.73
C THR A 871 6.62 38.40 -13.05
N SER A 872 7.79 39.01 -12.94
CA SER A 872 7.96 40.39 -13.35
C SER A 872 7.75 40.56 -14.86
N ALA A 873 8.29 39.63 -15.66
CA ALA A 873 8.10 39.69 -17.11
C ALA A 873 6.64 39.55 -17.51
N LEU A 874 5.91 38.63 -16.87
CA LEU A 874 4.51 38.44 -17.18
C LEU A 874 3.66 39.65 -16.81
N LEU A 875 3.92 40.24 -15.66
CA LEU A 875 3.12 41.37 -15.22
C LEU A 875 3.41 42.63 -16.06
N ALA A 876 4.67 42.87 -16.41
CA ALA A 876 5.00 43.98 -17.29
C ALA A 876 4.39 43.83 -18.68
N GLY A 877 4.36 42.61 -19.20
CA GLY A 877 3.75 42.38 -20.50
C GLY A 877 2.26 42.68 -20.56
N THR A 878 1.51 42.20 -19.56
CA THR A 878 0.07 42.48 -19.49
C THR A 878 -0.25 43.96 -19.39
N ILE A 879 0.57 44.73 -18.66
CA ILE A 879 0.30 46.16 -18.50
C ILE A 879 0.48 46.89 -19.83
N THR A 880 1.50 46.55 -20.60
CA THR A 880 1.83 47.32 -21.80
C THR A 880 1.19 46.82 -23.08
N SER A 881 0.72 45.56 -23.14
CA SER A 881 0.18 45.06 -24.41
C SER A 881 -1.12 44.28 -24.29
N GLY A 882 -1.75 44.22 -23.12
CA GLY A 882 -2.96 43.44 -22.97
C GLY A 882 -2.75 41.96 -23.22
N TRP A 883 -3.63 41.37 -24.03
CA TRP A 883 -3.56 39.95 -24.34
C TRP A 883 -2.82 39.63 -25.63
N THR A 884 -2.38 40.65 -26.37
CA THR A 884 -1.77 40.41 -27.67
C THR A 884 -0.42 39.71 -27.57
N PHE A 885 0.30 39.87 -26.45
CA PHE A 885 1.59 39.21 -26.31
C PHE A 885 1.43 37.69 -26.16
N GLY A 886 0.26 37.21 -25.80
CA GLY A 886 0.01 35.78 -25.72
C GLY A 886 -0.16 35.11 -27.07
N ALA A 887 -0.91 35.74 -27.97
CA ALA A 887 -1.16 35.16 -29.29
C ALA A 887 0.06 35.26 -30.21
N GLY A 888 0.76 36.39 -30.21
CA GLY A 888 1.93 36.54 -31.05
C GLY A 888 2.88 37.63 -30.61
N PRO A 889 3.07 38.64 -31.44
CA PRO A 889 3.97 39.74 -31.08
C PRO A 889 3.30 40.77 -30.19
N ALA A 890 4.11 41.43 -29.38
CA ALA A 890 3.63 42.45 -28.45
C ALA A 890 3.35 43.76 -29.18
N LEU A 891 2.08 44.15 -29.24
CA LEU A 891 1.64 45.39 -29.86
C LEU A 891 1.27 46.36 -28.74
N GLN A 892 2.03 47.44 -28.61
CA GLN A 892 1.73 48.40 -27.55
C GLN A 892 0.37 49.06 -27.74
N ILE A 893 -0.29 49.33 -26.63
CA ILE A 893 -1.59 50.01 -26.57
C ILE A 893 -1.64 50.82 -25.29
N PRO A 894 -2.11 52.07 -25.30
CA PRO A 894 -2.24 52.82 -24.03
C PRO A 894 -3.13 52.09 -23.05
N PHE A 895 -2.70 52.06 -21.78
CA PHE A 895 -3.42 51.30 -20.76
C PHE A 895 -4.86 51.76 -20.54
N PRO A 896 -5.18 53.06 -20.52
CA PRO A 896 -6.60 53.44 -20.35
C PRO A 896 -7.49 52.87 -21.45
N MET A 897 -6.98 52.84 -22.68
CA MET A 897 -7.75 52.31 -23.79
C MET A 897 -7.88 50.79 -23.71
N GLN A 898 -6.87 50.13 -23.15
CA GLN A 898 -6.99 48.70 -22.87
C GLN A 898 -8.13 48.42 -21.90
N MET A 899 -8.24 49.21 -20.84
CA MET A 899 -9.30 49.02 -19.85
C MET A 899 -10.69 49.27 -20.44
N ALA A 900 -10.80 50.20 -21.40
CA ALA A 900 -12.08 50.45 -22.05
C ALA A 900 -12.60 49.22 -22.78
N TYR A 901 -11.72 48.45 -23.41
CA TYR A 901 -12.16 47.22 -24.09
C TYR A 901 -12.57 46.12 -23.11
N ARG A 902 -11.87 46.01 -21.97
CA ARG A 902 -12.28 45.02 -20.97
C ARG A 902 -13.69 45.31 -20.43
N PHE A 903 -14.07 46.58 -20.34
CA PHE A 903 -15.45 46.93 -19.98
C PHE A 903 -16.44 46.53 -21.07
N ASN A 904 -16.07 46.73 -22.33
CA ASN A 904 -16.93 46.32 -23.45
C ASN A 904 -17.22 44.82 -23.44
N GLY A 905 -16.27 44.01 -22.99
CA GLY A 905 -16.46 42.57 -22.93
C GLY A 905 -17.52 42.09 -21.95
N ILE A 906 -17.99 42.93 -21.03
CA ILE A 906 -19.01 42.51 -20.07
C ILE A 906 -20.33 43.23 -20.32
N GLY A 907 -20.52 43.83 -21.49
CA GLY A 907 -21.79 44.46 -21.81
C GLY A 907 -21.99 45.87 -21.31
N VAL A 908 -20.92 46.63 -21.07
CA VAL A 908 -21.01 48.03 -20.68
C VAL A 908 -20.29 48.85 -21.74
N THR A 909 -21.03 49.77 -22.36
CA THR A 909 -20.48 50.58 -23.44
C THR A 909 -19.28 51.41 -23.00
N GLN A 910 -18.31 51.54 -23.91
CA GLN A 910 -17.03 52.20 -23.65
C GLN A 910 -17.17 53.60 -23.07
N ASN A 911 -18.28 54.29 -23.31
CA ASN A 911 -18.42 55.65 -22.83
C ASN A 911 -18.53 55.78 -21.33
N VAL A 912 -18.89 54.71 -20.61
CA VAL A 912 -19.02 54.79 -19.16
C VAL A 912 -17.69 55.09 -18.47
N LEU A 913 -16.62 54.45 -18.92
CA LEU A 913 -15.30 54.67 -18.32
C LEU A 913 -14.79 56.10 -18.51
N TYR A 914 -14.90 56.66 -19.73
CA TYR A 914 -14.26 57.95 -19.99
C TYR A 914 -14.84 59.11 -19.18
N GLU A 915 -16.16 59.23 -19.00
CA GLU A 915 -16.60 60.32 -18.12
C GLU A 915 -16.27 60.07 -16.66
N ASN A 916 -16.16 58.81 -16.23
CA ASN A 916 -15.92 58.51 -14.82
C ASN A 916 -14.52 57.96 -14.56
N GLN A 917 -13.57 58.22 -15.46
CA GLN A 917 -12.22 57.68 -15.32
C GLN A 917 -11.60 58.05 -13.98
N LYS A 918 -11.83 59.28 -13.52
CA LYS A 918 -11.21 59.75 -12.29
C LYS A 918 -11.74 59.00 -11.06
N LEU A 919 -13.04 58.72 -11.04
CA LEU A 919 -13.63 57.97 -9.93
C LEU A 919 -13.11 56.54 -9.89
N ILE A 920 -13.01 55.90 -11.06
CA ILE A 920 -12.53 54.53 -11.13
C ILE A 920 -11.09 54.43 -10.64
N ALA A 921 -10.25 55.39 -11.03
CA ALA A 921 -8.85 55.38 -10.60
C ALA A 921 -8.71 55.46 -9.09
N ASN A 922 -9.51 56.29 -8.43
CA ASN A 922 -9.40 56.43 -6.98
C ASN A 922 -9.84 55.17 -6.25
N GLN A 923 -10.89 54.51 -6.73
CA GLN A 923 -11.34 53.27 -6.11
C GLN A 923 -10.34 52.14 -6.28
N PHE A 924 -9.72 52.02 -7.46
CA PHE A 924 -8.72 50.98 -7.67
C PHE A 924 -7.53 51.12 -6.73
N ASN A 925 -7.01 52.34 -6.59
CA ASN A 925 -5.88 52.55 -5.68
C ASN A 925 -6.24 52.24 -4.23
N SER A 926 -7.46 52.59 -3.81
CA SER A 926 -7.86 52.29 -2.43
C SER A 926 -8.02 50.79 -2.19
N ALA A 927 -8.60 50.08 -3.15
CA ALA A 927 -8.80 48.63 -2.99
C ALA A 927 -7.48 47.88 -2.86
N ILE A 928 -6.48 48.23 -3.68
CA ILE A 928 -5.17 47.57 -3.58
C ILE A 928 -4.49 47.90 -2.25
N GLY A 929 -4.59 49.15 -1.79
CA GLY A 929 -3.99 49.50 -0.51
C GLY A 929 -4.50 48.69 0.66
N LYS A 930 -5.79 48.36 0.66
CA LYS A 930 -6.36 47.57 1.76
C LYS A 930 -5.82 46.15 1.80
N ILE A 931 -5.45 45.58 0.65
CA ILE A 931 -4.99 44.19 0.60
C ILE A 931 -3.74 44.00 1.45
N GLN A 932 -2.83 44.97 1.45
CA GLN A 932 -1.62 44.86 2.27
C GLN A 932 -1.95 44.81 3.76
N ASP A 933 -2.87 45.67 4.22
CA ASP A 933 -3.20 45.67 5.64
C ASP A 933 -3.90 44.38 6.05
N SER A 934 -4.76 43.86 5.19
CA SER A 934 -5.48 42.63 5.49
C SER A 934 -4.54 41.43 5.59
N LEU A 935 -3.65 41.30 4.59
CA LEU A 935 -2.68 40.21 4.60
C LEU A 935 -1.66 40.32 5.72
N SER A 936 -1.31 41.55 6.11
CA SER A 936 -0.36 41.77 7.19
C SER A 936 -0.94 41.56 8.58
N SER A 937 -2.27 41.45 8.70
CA SER A 937 -2.93 41.34 9.99
C SER A 937 -3.72 40.07 10.21
N THR A 938 -4.12 39.36 9.15
CA THR A 938 -4.95 38.19 9.32
C THR A 938 -4.12 36.91 9.21
N PRO A 939 -3.80 36.24 10.31
CA PRO A 939 -3.10 34.95 10.24
C PRO A 939 -3.98 33.88 9.60
N SER A 940 -3.35 32.73 9.32
CA SER A 940 -3.97 31.56 8.69
C SER A 940 -4.34 31.80 7.24
N ALA A 941 -4.18 33.05 6.76
CA ALA A 941 -4.48 33.36 5.37
C ALA A 941 -3.67 32.49 4.41
N LEU A 942 -2.47 32.09 4.81
CA LEU A 942 -1.59 31.24 4.02
C LEU A 942 -1.63 29.78 4.47
N GLY A 943 -2.70 29.38 5.16
CA GLY A 943 -2.79 28.04 5.72
C GLY A 943 -2.65 26.91 4.71
N LYS A 944 -3.12 27.12 3.48
CA LYS A 944 -3.02 26.07 2.47
C LYS A 944 -1.57 25.70 2.15
N LEU A 945 -0.65 26.64 2.28
CA LEU A 945 0.76 26.35 2.04
C LEU A 945 1.50 25.89 3.29
N GLN A 946 1.12 26.38 4.47
CA GLN A 946 1.74 25.89 5.69
C GLN A 946 1.40 24.41 5.94
N ASP A 947 0.19 24.00 5.55
CA ASP A 947 -0.25 22.62 5.83
C ASP A 947 0.57 21.58 5.09
N VAL A 948 1.00 21.88 3.86
CA VAL A 948 1.83 20.93 3.12
C VAL A 948 3.21 20.78 3.76
N VAL A 949 3.78 21.88 4.24
CA VAL A 949 5.06 21.81 4.92
C VAL A 949 4.98 20.94 6.17
N ASN A 950 3.87 21.03 6.91
CA ASN A 950 3.72 20.24 8.13
C ASN A 950 3.57 18.75 7.83
N GLN A 951 2.81 18.40 6.79
CA GLN A 951 2.59 16.99 6.49
C GLN A 951 3.88 16.29 6.08
N ASN A 952 4.73 16.97 5.32
CA ASN A 952 5.99 16.36 4.89
C ASN A 952 6.97 16.21 6.04
N ALA A 953 6.99 17.17 6.98
CA ALA A 953 7.87 17.08 8.14
C ALA A 953 7.48 15.92 9.06
N GLN A 954 6.19 15.68 9.24
CA GLN A 954 5.73 14.60 10.11
C GLN A 954 6.08 13.22 9.57
N ALA A 955 5.97 13.02 8.25
CA ALA A 955 6.33 11.73 7.67
C ALA A 955 7.80 11.38 7.85
N LEU A 956 8.70 12.35 7.71
CA LEU A 956 10.12 12.07 7.93
C LEU A 956 10.45 11.80 9.39
N ASN A 957 9.78 12.50 10.31
CA ASN A 957 10.07 12.31 11.73
C ASN A 957 9.70 10.91 12.21
N THR A 958 8.58 10.35 11.74
CA THR A 958 8.21 9.00 12.12
C THR A 958 9.14 7.95 11.52
N LEU A 959 9.56 8.13 10.26
CA LEU A 959 10.48 7.17 9.65
C LEU A 959 11.80 7.05 10.40
N VAL A 960 12.37 8.17 10.84
CA VAL A 960 13.62 8.13 11.59
C VAL A 960 13.44 7.48 12.96
N LYS A 961 12.37 7.85 13.68
CA LYS A 961 12.13 7.29 15.00
C LYS A 961 11.96 5.77 15.00
N GLN A 962 11.50 5.19 13.89
CA GLN A 962 11.34 3.75 13.77
C GLN A 962 12.62 2.96 13.96
N LEU A 963 13.79 3.60 13.84
CA LEU A 963 15.03 2.88 14.13
C LEU A 963 15.20 2.50 15.60
N SER A 964 14.46 3.12 16.52
CA SER A 964 14.55 2.78 17.93
C SER A 964 13.70 1.57 18.32
N SER A 965 12.92 1.01 17.42
CA SER A 965 12.07 -0.13 17.74
C SER A 965 12.83 -1.44 17.63
N ASN A 966 12.47 -2.39 18.48
CA ASN A 966 13.13 -3.69 18.56
C ASN A 966 12.56 -4.72 17.60
N PHE A 967 11.25 -4.69 17.35
CA PHE A 967 10.57 -5.69 16.52
C PHE A 967 10.82 -7.11 17.01
N GLY A 968 11.14 -7.28 18.30
CA GLY A 968 11.37 -8.59 18.86
C GLY A 968 12.83 -8.98 19.02
N ALA A 969 13.76 -8.23 18.46
CA ALA A 969 15.17 -8.56 18.63
C ALA A 969 15.65 -8.18 20.02
N ILE A 970 16.79 -8.78 20.42
CA ILE A 970 17.34 -8.51 21.74
C ILE A 970 17.83 -7.08 21.90
N SER A 971 18.16 -6.39 20.81
CA SER A 971 18.55 -4.99 20.94
C SER A 971 18.34 -4.29 19.61
N SER A 972 18.00 -2.99 19.70
CA SER A 972 17.75 -2.20 18.51
C SER A 972 19.00 -1.76 17.77
N VAL A 973 20.16 -1.76 18.43
CA VAL A 973 21.41 -1.36 17.80
C VAL A 973 22.10 -2.61 17.24
N LEU A 974 22.24 -2.65 15.92
CA LEU A 974 22.83 -3.79 15.24
C LEU A 974 24.27 -4.08 15.66
N ASN A 975 25.04 -3.05 15.98
CA ASN A 975 26.46 -3.23 16.31
C ASN A 975 26.73 -4.05 17.57
N ASP A 976 25.88 -3.98 18.61
CA ASP A 976 26.19 -4.75 19.82
C ASP A 976 25.82 -6.23 19.70
N ILE A 977 24.78 -6.58 18.95
CA ILE A 977 24.45 -8.00 18.79
C ILE A 977 25.51 -8.72 17.95
N LEU A 978 26.00 -8.08 16.88
CA LEU A 978 27.07 -8.71 16.10
C LEU A 978 28.36 -8.86 16.91
N SER A 979 28.63 -7.94 17.84
CA SER A 979 29.83 -8.05 18.64
C SER A 979 29.72 -9.02 19.82
N ARG A 980 28.52 -9.48 20.18
CA ARG A 980 28.38 -10.41 21.29
C ARG A 980 27.86 -11.80 20.93
N LEU A 981 27.16 -11.97 19.81
CA LEU A 981 26.68 -13.29 19.40
C LEU A 981 27.46 -13.80 18.20
N ASP A 982 27.68 -15.12 18.19
CA ASP A 982 28.35 -15.77 17.07
C ASP A 982 27.47 -15.85 15.83
N PRO A 983 28.08 -15.81 14.64
CA PRO A 983 27.32 -15.81 13.37
C PRO A 983 26.19 -16.83 13.32
N PRO A 984 26.41 -18.09 13.74
CA PRO A 984 25.30 -19.08 13.63
C PRO A 984 24.04 -18.71 14.39
N GLU A 985 24.13 -17.85 15.40
CA GLU A 985 22.98 -17.39 16.16
C GLU A 985 22.59 -15.96 15.86
N ALA A 986 23.57 -15.12 15.50
CA ALA A 986 23.28 -13.73 15.15
C ALA A 986 22.38 -13.62 13.93
N GLU A 987 22.51 -14.52 12.96
CA GLU A 987 21.66 -14.43 11.77
C GLU A 987 20.18 -14.60 12.12
N VAL A 988 19.85 -15.38 13.14
CA VAL A 988 18.44 -15.53 13.51
C VAL A 988 17.88 -14.22 14.06
N GLN A 989 18.66 -13.54 14.91
CA GLN A 989 18.19 -12.27 15.47
C GLN A 989 18.17 -11.16 14.41
N ILE A 990 19.16 -11.13 13.53
CA ILE A 990 19.25 -10.09 12.52
C ILE A 990 18.12 -10.19 11.52
N ASP A 991 17.76 -11.41 11.11
CA ASP A 991 16.68 -11.59 10.14
C ASP A 991 15.38 -10.92 10.62
N ARG A 992 15.13 -10.93 11.93
CA ARG A 992 13.93 -10.29 12.44
C ARG A 992 13.99 -8.77 12.28
N LEU A 993 15.17 -8.16 12.51
CA LEU A 993 15.30 -6.72 12.35
C LEU A 993 15.22 -6.30 10.89
N ILE A 994 15.78 -7.11 9.98
CA ILE A 994 15.71 -6.80 8.55
C ILE A 994 14.26 -6.77 8.09
N THR A 995 13.47 -7.76 8.50
CA THR A 995 12.06 -7.81 8.09
C THR A 995 11.29 -6.59 8.57
N GLY A 996 11.48 -6.21 9.83
CA GLY A 996 10.74 -5.06 10.37
C GLY A 996 11.11 -3.74 9.71
N ARG A 997 12.40 -3.51 9.46
CA ARG A 997 12.81 -2.24 8.85
C ARG A 997 12.40 -2.16 7.38
N LEU A 998 12.40 -3.28 6.67
CA LEU A 998 12.00 -3.26 5.26
C LEU A 998 10.52 -2.96 5.12
N GLN A 999 9.70 -3.53 5.99
CA GLN A 999 8.26 -3.25 5.95
C GLN A 999 7.95 -1.79 6.26
N SER A 1000 8.69 -1.18 7.18
CA SER A 1000 8.50 0.24 7.47
C SER A 1000 8.82 1.13 6.27
N LEU A 1001 9.91 0.83 5.55
CA LEU A 1001 10.28 1.60 4.37
C LEU A 1001 9.24 1.51 3.26
N GLN A 1002 8.68 0.33 3.04
CA GLN A 1002 7.64 0.18 2.02
C GLN A 1002 6.41 1.05 2.31
N THR A 1003 6.04 1.18 3.58
CA THR A 1003 4.90 2.02 3.93
C THR A 1003 5.13 3.50 3.61
N TYR A 1004 6.30 4.03 3.94
CA TYR A 1004 6.62 5.42 3.64
C TYR A 1004 6.53 5.74 2.16
N VAL A 1005 7.15 4.91 1.31
CA VAL A 1005 7.14 5.17 -0.13
C VAL A 1005 5.73 5.14 -0.70
N THR A 1006 4.91 4.19 -0.26
CA THR A 1006 3.53 4.10 -0.75
C THR A 1006 2.73 5.35 -0.45
N GLN A 1007 2.83 5.87 0.79
CA GLN A 1007 2.09 7.07 1.16
C GLN A 1007 2.55 8.31 0.41
N GLN A 1008 3.84 8.39 0.08
CA GLN A 1008 4.35 9.52 -0.71
C GLN A 1008 3.82 9.55 -2.13
N LEU A 1009 3.59 8.38 -2.74
CA LEU A 1009 3.07 8.34 -4.11
C LEU A 1009 1.64 8.89 -4.20
N ILE A 1010 0.79 8.59 -3.21
CA ILE A 1010 -0.56 9.12 -3.20
C ILE A 1010 -0.56 10.64 -3.01
N ARG A 1011 0.25 11.14 -2.09
CA ARG A 1011 0.33 12.58 -1.84
C ARG A 1011 0.83 13.35 -3.06
N ALA A 1012 1.76 12.77 -3.82
CA ALA A 1012 2.23 13.42 -5.05
C ALA A 1012 1.11 13.60 -6.07
N ALA A 1013 0.18 12.64 -6.15
CA ALA A 1013 -0.94 12.77 -7.07
C ALA A 1013 -1.83 13.95 -6.69
N GLU A 1014 -1.99 14.21 -5.40
CA GLU A 1014 -2.80 15.35 -4.97
C GLU A 1014 -2.18 16.68 -5.40
N ILE A 1015 -0.86 16.83 -5.22
CA ILE A 1015 -0.18 18.05 -5.64
C ILE A 1015 -0.23 18.23 -7.15
N ARG A 1016 -0.11 17.13 -7.91
CA ARG A 1016 -0.21 17.19 -9.36
C ARG A 1016 -1.53 17.75 -9.86
N ALA A 1017 -2.65 17.34 -9.26
CA ALA A 1017 -3.94 17.90 -9.68
C ALA A 1017 -4.00 19.40 -9.45
N SER A 1018 -3.47 19.87 -8.32
CA SER A 1018 -3.46 21.31 -8.04
C SER A 1018 -2.56 22.09 -8.99
N ALA A 1019 -1.39 21.53 -9.33
CA ALA A 1019 -0.49 22.20 -10.28
C ALA A 1019 -1.11 22.35 -11.66
N ASN A 1020 -1.85 21.34 -12.12
CA ASN A 1020 -2.52 21.45 -13.41
C ASN A 1020 -3.60 22.53 -13.40
N LEU A 1021 -4.32 22.66 -12.29
CA LEU A 1021 -5.33 23.72 -12.18
C LEU A 1021 -4.70 25.11 -12.22
N ALA A 1022 -3.55 25.28 -11.55
CA ALA A 1022 -2.89 26.59 -11.55
C ALA A 1022 -2.44 27.00 -12.94
N ALA A 1023 -1.95 26.05 -13.74
CA ALA A 1023 -1.56 26.39 -15.11
C ALA A 1023 -2.75 26.81 -15.95
N THR A 1024 -3.91 26.18 -15.76
CA THR A 1024 -5.12 26.58 -16.49
C THR A 1024 -5.57 27.99 -16.13
N LYS A 1025 -5.60 28.33 -14.84
CA LYS A 1025 -6.02 29.66 -14.43
C LYS A 1025 -5.10 30.75 -14.96
N MET A 1026 -3.80 30.53 -14.92
CA MET A 1026 -2.87 31.53 -15.44
C MET A 1026 -3.12 31.81 -16.91
N SER A 1027 -3.28 30.77 -17.72
CA SER A 1027 -3.54 30.95 -19.14
C SER A 1027 -4.90 31.57 -19.42
N GLU A 1028 -5.95 31.14 -18.72
CA GLU A 1028 -7.31 31.62 -18.96
C GLU A 1028 -7.75 32.82 -18.13
N CYS A 1029 -6.87 33.44 -17.39
CA CYS A 1029 -7.28 34.57 -16.54
C CYS A 1029 -6.30 35.72 -16.67
N VAL A 1030 -5.00 35.43 -16.65
CA VAL A 1030 -3.97 36.47 -16.75
C VAL A 1030 -3.73 36.87 -18.20
N LEU A 1031 -3.57 35.90 -19.09
CA LEU A 1031 -3.29 36.21 -20.50
C LEU A 1031 -4.51 36.63 -21.29
N GLY A 1032 -5.71 36.28 -20.85
CA GLY A 1032 -6.92 36.66 -21.55
C GLY A 1032 -7.95 37.27 -20.62
N GLN A 1033 -9.21 37.02 -20.94
CA GLN A 1033 -10.36 37.40 -20.12
C GLN A 1033 -11.35 36.25 -20.16
N SER A 1034 -11.78 35.79 -18.99
CA SER A 1034 -12.63 34.62 -18.89
C SER A 1034 -14.09 35.01 -18.76
N LYS A 1035 -14.93 34.39 -19.60
CA LYS A 1035 -16.37 34.57 -19.57
C LYS A 1035 -17.10 33.49 -18.78
N ARG A 1036 -16.39 32.47 -18.29
CA ARG A 1036 -17.00 31.42 -17.49
C ARG A 1036 -17.06 31.88 -16.03
N VAL A 1037 -18.29 31.97 -15.51
CA VAL A 1037 -18.56 32.61 -14.23
C VAL A 1037 -17.96 31.85 -13.05
N ASP A 1038 -17.45 32.62 -12.09
CA ASP A 1038 -16.79 32.19 -10.86
C ASP A 1038 -15.53 31.36 -11.07
N PHE A 1039 -15.02 31.26 -12.29
CA PHE A 1039 -13.71 30.63 -12.47
C PHE A 1039 -12.59 31.56 -12.03
N CYS A 1040 -12.72 32.87 -12.30
CA CYS A 1040 -11.67 33.83 -11.94
C CYS A 1040 -12.24 34.83 -10.92
N GLY A 1041 -12.78 34.32 -9.83
CA GLY A 1041 -13.31 35.11 -8.73
C GLY A 1041 -14.75 35.56 -8.91
N LYS A 1042 -15.34 35.99 -7.79
CA LYS A 1042 -16.72 36.47 -7.75
C LYS A 1042 -16.86 37.83 -8.42
N GLY A 1043 -17.86 37.96 -9.28
CA GLY A 1043 -18.12 39.19 -9.99
C GLY A 1043 -17.81 39.01 -11.47
N TYR A 1044 -17.90 40.11 -12.21
CA TYR A 1044 -17.53 40.07 -13.61
C TYR A 1044 -16.02 40.34 -13.70
N HIS A 1045 -15.29 39.35 -14.22
CA HIS A 1045 -13.84 39.41 -14.23
C HIS A 1045 -13.33 40.48 -15.19
N LEU A 1046 -12.40 41.31 -14.73
CA LEU A 1046 -11.71 42.25 -15.62
C LEU A 1046 -10.27 41.82 -15.89
N MET A 1047 -9.41 41.77 -14.88
CA MET A 1047 -8.01 41.43 -15.15
C MET A 1047 -7.40 40.87 -13.86
N SER A 1048 -6.26 40.20 -13.98
CA SER A 1048 -5.57 39.64 -12.81
C SER A 1048 -4.05 39.79 -12.86
N PHE A 1049 -3.44 39.72 -11.66
CA PHE A 1049 -2.01 39.86 -11.43
C PHE A 1049 -1.44 38.64 -10.71
N PRO A 1050 -0.44 37.96 -11.26
CA PRO A 1050 0.16 36.82 -10.56
C PRO A 1050 1.22 37.30 -9.58
N GLN A 1051 1.35 36.57 -8.46
CA GLN A 1051 2.40 36.85 -7.50
C GLN A 1051 2.99 35.53 -7.02
N SER A 1052 4.32 35.49 -6.87
CA SER A 1052 4.96 34.29 -6.36
C SER A 1052 4.93 34.22 -4.84
N ALA A 1053 5.02 33.02 -4.32
CA ALA A 1053 5.12 32.73 -2.90
C ALA A 1053 5.89 31.43 -2.74
N PRO A 1054 6.46 31.16 -1.57
CA PRO A 1054 7.17 29.89 -1.38
C PRO A 1054 6.30 28.69 -1.69
N HIS A 1055 6.77 27.84 -2.59
CA HIS A 1055 6.05 26.63 -3.00
C HIS A 1055 4.64 26.92 -3.50
N GLY A 1056 4.39 28.09 -4.09
CA GLY A 1056 3.04 28.36 -4.56
C GLY A 1056 2.95 29.68 -5.31
N VAL A 1057 1.73 30.00 -5.73
CA VAL A 1057 1.43 31.21 -6.47
C VAL A 1057 0.22 31.91 -5.86
N VAL A 1058 0.22 33.24 -5.89
CA VAL A 1058 -0.89 34.06 -5.40
C VAL A 1058 -1.43 34.91 -6.54
N PHE A 1059 -2.76 34.85 -6.76
CA PHE A 1059 -3.45 35.61 -7.79
C PHE A 1059 -4.28 36.73 -7.17
N LEU A 1060 -4.13 37.94 -7.71
CA LEU A 1060 -4.95 39.10 -7.33
C LEU A 1060 -6.03 39.30 -8.39
N HIS A 1061 -7.29 39.01 -8.05
CA HIS A 1061 -8.41 39.10 -8.98
C HIS A 1061 -9.17 40.41 -8.82
N VAL A 1062 -9.25 41.20 -9.89
CA VAL A 1062 -9.96 42.49 -9.92
C VAL A 1062 -11.31 42.29 -10.59
N THR A 1063 -12.39 42.58 -9.85
CA THR A 1063 -13.74 42.31 -10.37
C THR A 1063 -14.67 43.52 -10.19
N TYR A 1064 -15.67 43.56 -11.07
CA TYR A 1064 -16.72 44.59 -11.13
C TYR A 1064 -17.99 44.10 -10.44
N VAL A 1065 -18.46 44.82 -9.42
CA VAL A 1065 -19.65 44.42 -8.67
C VAL A 1065 -20.74 45.49 -8.75
N PRO A 1066 -21.91 45.18 -9.32
CA PRO A 1066 -23.03 46.13 -9.35
C PRO A 1066 -23.50 46.59 -7.97
N ALA A 1067 -23.84 47.87 -7.85
CA ALA A 1067 -24.26 48.48 -6.59
C ALA A 1067 -25.75 48.87 -6.63
N GLN A 1068 -26.08 50.00 -5.99
CA GLN A 1068 -27.42 50.57 -5.84
C GLN A 1068 -28.32 50.40 -7.06
N GLU A 1069 -29.59 50.03 -6.81
CA GLU A 1069 -30.53 49.68 -7.88
C GLU A 1069 -31.90 50.29 -7.61
N LYS A 1070 -32.67 50.50 -8.68
CA LYS A 1070 -34.02 51.05 -8.62
C LYS A 1070 -35.00 50.15 -9.37
N ASN A 1071 -36.25 50.12 -8.89
CA ASN A 1071 -37.34 49.40 -9.54
C ASN A 1071 -38.05 50.25 -10.60
N PHE A 1072 -38.25 49.68 -11.80
CA PHE A 1072 -38.93 50.34 -12.91
C PHE A 1072 -39.99 49.42 -13.52
N THR A 1073 -41.02 50.02 -14.12
CA THR A 1073 -42.03 49.31 -14.89
C THR A 1073 -41.56 49.09 -16.33
N THR A 1074 -41.87 47.92 -16.90
CA THR A 1074 -41.48 47.58 -18.28
C THR A 1074 -42.66 47.03 -19.07
N ALA A 1075 -42.40 46.79 -20.37
CA ALA A 1075 -43.31 46.14 -21.31
C ALA A 1075 -42.48 45.57 -22.44
N PRO A 1076 -42.81 44.37 -22.94
CA PRO A 1076 -41.97 43.75 -23.99
C PRO A 1076 -42.07 44.35 -25.39
N ALA A 1077 -43.12 45.08 -25.75
CA ALA A 1077 -43.18 45.63 -27.10
C ALA A 1077 -44.14 46.80 -27.14
N ILE A 1078 -43.97 47.64 -28.17
CA ILE A 1078 -44.80 48.82 -28.39
C ILE A 1078 -45.49 48.71 -29.74
N CYS A 1079 -46.82 48.86 -29.75
CA CYS A 1079 -47.58 48.76 -30.99
C CYS A 1079 -47.72 50.16 -31.55
N HIS A 1080 -47.33 50.35 -32.81
CA HIS A 1080 -47.46 51.63 -33.50
C HIS A 1080 -48.04 51.40 -34.88
N ASP A 1081 -49.20 52.01 -35.14
CA ASP A 1081 -49.93 51.84 -36.41
C ASP A 1081 -50.10 50.36 -36.77
N GLY A 1082 -50.07 49.49 -35.76
CA GLY A 1082 -50.26 48.08 -35.94
C GLY A 1082 -48.97 47.28 -35.95
N LYS A 1083 -47.84 47.95 -36.13
CA LYS A 1083 -46.53 47.29 -36.13
C LYS A 1083 -46.00 47.18 -34.71
N ALA A 1084 -45.34 46.05 -34.44
CA ALA A 1084 -44.75 45.77 -33.13
C ALA A 1084 -43.25 46.03 -33.21
N HIS A 1085 -42.76 46.96 -32.39
CA HIS A 1085 -41.35 47.31 -32.33
C HIS A 1085 -40.68 46.66 -31.13
N PHE A 1086 -39.54 46.02 -31.36
CA PHE A 1086 -38.77 45.39 -30.30
C PHE A 1086 -37.41 46.08 -30.19
N PRO A 1087 -36.83 46.14 -29.00
CA PRO A 1087 -35.51 46.77 -28.85
C PRO A 1087 -34.41 45.90 -29.40
N ARG A 1088 -33.44 46.53 -30.06
CA ARG A 1088 -32.29 45.78 -30.57
C ARG A 1088 -31.37 45.36 -29.44
N GLU A 1089 -31.11 46.25 -28.48
CA GLU A 1089 -30.35 45.93 -27.28
C GLU A 1089 -30.96 46.71 -26.11
N GLY A 1090 -30.98 46.09 -24.94
CA GLY A 1090 -31.57 46.71 -23.78
C GLY A 1090 -33.05 46.43 -23.69
N VAL A 1091 -33.70 47.11 -22.73
CA VAL A 1091 -35.10 46.89 -22.43
C VAL A 1091 -35.80 48.24 -22.30
N PHE A 1092 -37.12 48.22 -22.43
CA PHE A 1092 -37.93 49.41 -22.26
C PHE A 1092 -38.28 49.63 -20.79
N VAL A 1093 -38.13 50.87 -20.32
CA VAL A 1093 -38.47 51.23 -18.95
C VAL A 1093 -39.26 52.54 -19.00
N SER A 1094 -40.09 52.75 -17.99
CA SER A 1094 -40.89 53.96 -17.81
C SER A 1094 -40.83 54.39 -16.34
N ASN A 1095 -40.77 55.69 -16.09
CA ASN A 1095 -40.79 56.00 -14.67
C ASN A 1095 -42.25 56.25 -14.31
N GLY A 1096 -42.84 57.33 -14.83
CA GLY A 1096 -44.22 57.63 -14.53
C GLY A 1096 -44.96 58.26 -15.68
N THR A 1097 -44.21 58.89 -16.59
CA THR A 1097 -44.77 59.57 -17.75
C THR A 1097 -44.14 59.23 -19.10
N HIS A 1098 -42.85 58.91 -19.16
CA HIS A 1098 -42.17 58.66 -20.43
C HIS A 1098 -41.41 57.35 -20.44
N TRP A 1099 -41.40 56.71 -21.62
CA TRP A 1099 -40.77 55.42 -21.85
C TRP A 1099 -39.37 55.61 -22.41
N PHE A 1100 -38.42 54.83 -21.91
CA PHE A 1100 -37.02 54.94 -22.32
C PHE A 1100 -36.44 53.55 -22.54
N VAL A 1101 -35.28 53.52 -23.23
CA VAL A 1101 -34.51 52.31 -23.47
C VAL A 1101 -33.20 52.42 -22.72
N THR A 1102 -32.80 51.35 -22.04
CA THR A 1102 -31.55 51.35 -21.29
C THR A 1102 -30.89 49.98 -21.35
N GLN A 1103 -29.56 49.97 -21.30
CA GLN A 1103 -28.81 48.74 -21.17
C GLN A 1103 -29.11 48.11 -19.81
N ARG A 1104 -29.16 46.77 -19.78
CA ARG A 1104 -29.54 46.08 -18.55
C ARG A 1104 -28.60 46.32 -17.38
N ASN A 1105 -27.30 46.51 -17.61
CA ASN A 1105 -26.35 46.56 -16.50
C ASN A 1105 -25.99 47.96 -16.03
N PHE A 1106 -26.66 49.01 -16.52
CA PHE A 1106 -26.38 50.35 -16.01
C PHE A 1106 -27.46 51.30 -16.49
N TYR A 1107 -28.10 52.02 -15.56
CA TYR A 1107 -29.21 52.89 -15.93
C TYR A 1107 -28.71 54.05 -16.79
N GLU A 1108 -29.19 54.12 -18.03
CA GLU A 1108 -28.77 55.14 -19.00
C GLU A 1108 -29.92 55.41 -19.95
N PRO A 1109 -30.88 56.24 -19.55
CA PRO A 1109 -32.08 56.43 -20.36
C PRO A 1109 -31.83 57.15 -21.68
N GLN A 1110 -32.43 56.62 -22.74
CA GLN A 1110 -32.38 57.20 -24.08
C GLN A 1110 -33.80 57.30 -24.62
N ILE A 1111 -34.03 58.32 -25.44
CA ILE A 1111 -35.31 58.46 -26.14
C ILE A 1111 -35.46 57.38 -27.20
N ILE A 1112 -36.70 56.89 -27.38
CA ILE A 1112 -36.98 55.84 -28.34
C ILE A 1112 -36.95 56.42 -29.75
N THR A 1113 -36.13 55.84 -30.62
CA THR A 1113 -36.00 56.31 -32.00
C THR A 1113 -36.05 55.11 -32.93
N THR A 1114 -36.15 55.37 -34.23
CA THR A 1114 -36.14 54.31 -35.24
C THR A 1114 -34.76 53.67 -35.41
N ASP A 1115 -33.71 54.25 -34.85
CA ASP A 1115 -32.36 53.73 -35.01
C ASP A 1115 -31.90 52.77 -33.92
N ASN A 1116 -32.69 52.55 -32.88
CA ASN A 1116 -32.35 51.53 -31.88
C ASN A 1116 -33.32 50.36 -31.82
N THR A 1117 -34.49 50.45 -32.46
CA THR A 1117 -35.45 49.36 -32.44
C THR A 1117 -35.71 48.83 -33.85
N PHE A 1118 -36.30 47.64 -33.92
CA PHE A 1118 -36.70 47.03 -35.18
C PHE A 1118 -38.12 46.46 -35.07
N VAL A 1119 -38.79 46.34 -36.22
CA VAL A 1119 -40.17 45.91 -36.30
C VAL A 1119 -40.26 44.50 -36.86
N SER A 1120 -41.08 43.65 -36.23
CA SER A 1120 -41.30 42.29 -36.71
C SER A 1120 -42.69 41.83 -36.27
N GLY A 1121 -43.53 41.47 -37.23
CA GLY A 1121 -44.88 41.02 -36.93
C GLY A 1121 -45.75 42.19 -36.54
N ASN A 1122 -46.79 41.92 -35.74
CA ASN A 1122 -47.69 43.01 -35.37
C ASN A 1122 -48.11 42.88 -33.91
N CYS A 1123 -48.81 43.92 -33.44
CA CYS A 1123 -49.24 44.06 -32.06
C CYS A 1123 -50.28 43.03 -31.61
N ASP A 1124 -50.90 42.29 -32.52
CA ASP A 1124 -52.02 41.43 -32.14
C ASP A 1124 -51.59 40.04 -31.67
N VAL A 1125 -50.29 39.74 -31.65
CA VAL A 1125 -49.80 38.42 -31.29
C VAL A 1125 -49.20 38.39 -29.89
N VAL A 1126 -48.51 39.46 -29.50
CA VAL A 1126 -47.81 39.52 -28.22
C VAL A 1126 -48.82 39.81 -27.11
N ILE A 1127 -48.74 39.06 -26.02
CA ILE A 1127 -49.77 39.15 -24.98
C ILE A 1127 -49.67 40.41 -24.14
N GLY A 1128 -48.51 41.07 -24.09
CA GLY A 1128 -48.44 42.32 -23.36
C GLY A 1128 -47.84 43.41 -24.23
N ILE A 1129 -48.59 44.49 -24.44
CA ILE A 1129 -48.19 45.58 -25.32
C ILE A 1129 -48.76 46.89 -24.81
N VAL A 1130 -47.99 47.95 -24.98
CA VAL A 1130 -48.38 49.29 -24.58
C VAL A 1130 -48.28 50.18 -25.82
N ASN A 1131 -49.00 51.29 -25.79
CA ASN A 1131 -48.93 52.25 -26.90
C ASN A 1131 -48.12 53.47 -26.50
N ASN A 1132 -47.38 53.99 -27.50
CA ASN A 1132 -46.47 55.10 -27.32
C ASN A 1132 -46.15 55.58 -28.73
N THR A 1133 -45.30 56.59 -28.90
CA THR A 1133 -45.00 57.14 -30.21
C THR A 1133 -43.52 57.07 -30.48
N VAL A 1134 -43.18 56.87 -31.76
CA VAL A 1134 -41.82 56.61 -32.22
C VAL A 1134 -41.44 57.71 -33.19
N TYR A 1135 -40.28 58.32 -32.98
CA TYR A 1135 -39.84 59.48 -33.72
C TYR A 1135 -38.65 59.11 -34.61
N ASP A 1136 -38.69 59.55 -35.86
CA ASP A 1136 -37.66 59.21 -36.84
C ASP A 1136 -36.89 60.45 -37.28
N PRO A 1137 -35.56 60.48 -37.14
CA PRO A 1137 -34.77 61.67 -37.50
C PRO A 1137 -35.00 62.21 -38.91
N LEU A 1138 -35.60 61.40 -39.78
CA LEU A 1138 -35.80 61.83 -41.16
C LEU A 1138 -36.88 62.90 -41.28
N GLN A 1139 -37.91 62.84 -40.44
CA GLN A 1139 -38.96 63.85 -40.47
C GLN A 1139 -38.43 65.26 -40.24
N PRO A 1140 -37.73 65.57 -39.13
CA PRO A 1140 -37.21 66.94 -38.96
C PRO A 1140 -36.11 67.32 -39.93
N GLU A 1141 -35.40 66.36 -40.54
CA GLU A 1141 -34.36 66.74 -41.48
C GLU A 1141 -34.90 67.13 -42.84
N LEU A 1142 -36.02 66.56 -43.27
CA LEU A 1142 -36.61 66.93 -44.54
C LEU A 1142 -37.54 68.14 -44.44
N ASP A 1143 -38.15 68.33 -43.28
CA ASP A 1143 -39.08 69.45 -43.09
C ASP A 1143 -38.32 70.75 -42.82
N ALA B 27 -29.37 -55.77 -9.41
CA ALA B 27 -30.50 -54.89 -9.74
C ALA B 27 -30.21 -53.47 -9.31
N TYR B 28 -30.75 -52.51 -10.05
CA TYR B 28 -30.55 -51.08 -9.77
C TYR B 28 -31.88 -50.35 -9.85
N THR B 29 -31.96 -49.26 -9.10
CA THR B 29 -33.05 -48.30 -9.08
C THR B 29 -32.39 -46.93 -9.10
N ASN B 30 -33.14 -45.87 -9.38
CA ASN B 30 -32.59 -44.53 -9.39
C ASN B 30 -32.82 -43.78 -8.08
N SER B 31 -31.73 -43.35 -7.45
CA SER B 31 -31.77 -42.63 -6.17
C SER B 31 -32.35 -41.25 -6.45
N PHE B 32 -33.46 -40.93 -5.79
CA PHE B 32 -34.14 -39.67 -6.06
C PHE B 32 -33.48 -38.52 -5.31
N THR B 33 -34.24 -37.44 -5.07
CA THR B 33 -33.70 -36.26 -4.39
C THR B 33 -33.48 -36.49 -2.90
N ARG B 34 -33.38 -37.74 -2.46
CA ARG B 34 -33.17 -38.07 -1.05
C ARG B 34 -31.71 -37.97 -0.62
N GLY B 35 -31.48 -37.88 0.70
CA GLY B 35 -30.15 -37.85 1.28
C GLY B 35 -29.48 -36.55 1.73
N VAL B 36 -30.23 -35.50 2.04
CA VAL B 36 -29.68 -34.23 2.52
C VAL B 36 -29.78 -34.16 4.04
N TYR B 37 -28.70 -33.75 4.70
CA TYR B 37 -28.67 -33.65 6.16
C TYR B 37 -28.09 -32.32 6.60
N TYR B 38 -28.36 -31.96 7.87
CA TYR B 38 -27.88 -30.71 8.47
C TYR B 38 -26.38 -30.78 8.72
N PRO B 39 -25.57 -29.96 8.05
CA PRO B 39 -24.11 -30.09 8.21
C PRO B 39 -23.49 -29.60 9.51
N ASP B 40 -24.09 -28.70 10.28
CA ASP B 40 -23.23 -28.11 11.31
C ASP B 40 -23.80 -27.79 12.70
N LYS B 41 -25.08 -28.04 12.95
CA LYS B 41 -25.69 -27.75 14.26
C LYS B 41 -25.68 -26.26 14.63
N VAL B 42 -25.53 -25.38 13.64
CA VAL B 42 -25.54 -23.93 13.86
C VAL B 42 -26.85 -23.37 13.33
N PHE B 43 -27.53 -22.56 14.15
CA PHE B 43 -28.80 -21.95 13.76
C PHE B 43 -28.54 -20.78 12.82
N ARG B 44 -29.26 -20.73 11.71
CA ARG B 44 -29.20 -19.64 10.73
C ARG B 44 -30.62 -19.35 10.25
N SER B 45 -30.87 -18.12 9.80
CA SER B 45 -32.20 -17.74 9.36
C SER B 45 -32.17 -16.74 8.21
N SER B 46 -33.20 -16.83 7.37
CA SER B 46 -33.39 -16.04 6.16
C SER B 46 -32.14 -15.87 5.29
N VAL B 47 -31.44 -16.96 4.98
CA VAL B 47 -30.19 -16.82 4.24
C VAL B 47 -29.97 -18.02 3.33
N LEU B 48 -29.30 -17.80 2.19
CA LEU B 48 -28.91 -18.88 1.27
C LEU B 48 -27.44 -19.08 1.57
N HIS B 49 -27.11 -20.25 2.09
CA HIS B 49 -25.74 -20.55 2.47
C HIS B 49 -25.20 -21.67 1.58
N SER B 50 -24.03 -21.42 1.00
CA SER B 50 -23.31 -22.36 0.13
C SER B 50 -22.32 -23.13 0.98
N THR B 51 -22.40 -24.46 0.94
CA THR B 51 -21.56 -25.29 1.79
C THR B 51 -21.03 -26.50 1.03
N GLN B 52 -19.84 -26.95 1.44
CA GLN B 52 -19.16 -28.08 0.85
C GLN B 52 -19.06 -29.22 1.85
N ASP B 53 -19.62 -30.37 1.52
CA ASP B 53 -19.47 -31.55 2.36
C ASP B 53 -19.79 -32.77 1.51
N LEU B 54 -19.77 -33.96 2.10
CA LEU B 54 -20.01 -35.22 1.40
C LEU B 54 -21.52 -35.46 1.32
N PHE B 55 -22.11 -35.21 0.15
CA PHE B 55 -23.53 -35.43 -0.05
C PHE B 55 -23.75 -36.49 -1.12
N LEU B 56 -24.93 -37.11 -1.09
CA LEU B 56 -25.30 -38.09 -2.11
C LEU B 56 -25.76 -37.40 -3.39
N PRO B 57 -25.06 -37.62 -4.51
CA PRO B 57 -25.43 -36.95 -5.77
C PRO B 57 -26.84 -37.29 -6.23
N PHE B 58 -27.54 -36.28 -6.76
CA PHE B 58 -28.91 -36.45 -7.24
C PHE B 58 -28.94 -37.36 -8.46
N PHE B 59 -30.01 -38.17 -8.58
CA PHE B 59 -30.18 -39.10 -9.70
C PHE B 59 -29.09 -40.17 -9.82
N SER B 60 -28.39 -40.46 -8.73
CA SER B 60 -27.39 -41.52 -8.66
C SER B 60 -28.15 -42.84 -8.63
N ASN B 61 -27.50 -43.98 -8.85
CA ASN B 61 -28.27 -45.24 -8.81
C ASN B 61 -28.58 -45.83 -7.44
N VAL B 62 -27.56 -46.31 -6.73
CA VAL B 62 -27.57 -46.95 -5.41
C VAL B 62 -27.96 -48.40 -5.68
N THR B 63 -27.19 -49.34 -5.11
CA THR B 63 -27.37 -50.78 -5.32
C THR B 63 -28.54 -51.29 -4.50
N TRP B 64 -29.39 -52.09 -5.13
CA TRP B 64 -30.58 -52.66 -4.53
C TRP B 64 -30.41 -54.16 -4.25
N PHE B 65 -30.48 -54.55 -2.97
CA PHE B 65 -30.36 -55.95 -2.59
C PHE B 65 -31.68 -56.52 -2.10
N HIS B 66 -31.87 -57.81 -2.25
CA HIS B 66 -33.08 -58.48 -1.80
C HIS B 66 -32.75 -59.56 -0.78
N ASN B 81 -26.51 -61.21 3.68
CA ASN B 81 -26.15 -60.43 2.50
C ASN B 81 -24.63 -60.31 2.39
N PRO B 82 -24.11 -59.98 1.20
CA PRO B 82 -22.66 -59.86 1.03
C PRO B 82 -22.04 -58.67 1.74
N VAL B 83 -20.70 -58.67 1.81
CA VAL B 83 -19.92 -57.59 2.38
C VAL B 83 -19.64 -56.49 1.36
N LEU B 84 -19.97 -55.25 1.72
CA LEU B 84 -19.81 -54.12 0.80
C LEU B 84 -18.74 -53.16 1.32
N PRO B 85 -18.02 -52.48 0.43
CA PRO B 85 -17.06 -51.46 0.87
C PRO B 85 -17.76 -50.31 1.58
N PHE B 86 -17.04 -49.72 2.54
CA PHE B 86 -17.50 -48.54 3.27
C PHE B 86 -16.96 -47.24 2.68
N ASN B 87 -15.77 -47.28 2.08
CA ASN B 87 -15.07 -46.11 1.55
C ASN B 87 -15.17 -44.86 2.43
N ASP B 88 -15.88 -43.84 1.95
CA ASP B 88 -15.97 -42.58 2.68
C ASP B 88 -17.34 -42.27 3.28
N GLY B 89 -18.25 -43.23 3.32
CA GLY B 89 -19.57 -42.95 3.87
C GLY B 89 -20.62 -43.69 3.08
N VAL B 90 -21.68 -44.08 3.80
CA VAL B 90 -22.73 -44.88 3.19
C VAL B 90 -24.08 -44.23 3.49
N TYR B 91 -24.95 -44.14 2.48
CA TYR B 91 -26.32 -43.75 2.72
C TYR B 91 -27.16 -45.00 2.84
N PHE B 92 -27.18 -45.60 4.03
CA PHE B 92 -27.94 -46.82 4.20
C PHE B 92 -29.40 -46.48 4.38
N ALA B 93 -30.27 -47.24 3.72
CA ALA B 93 -31.70 -47.03 3.87
C ALA B 93 -32.44 -48.35 3.73
N SER B 94 -33.56 -48.50 4.44
CA SER B 94 -34.36 -49.70 4.26
C SER B 94 -35.83 -49.43 4.53
N THR B 95 -36.69 -50.18 3.85
CA THR B 95 -38.12 -50.13 4.08
C THR B 95 -38.55 -51.52 4.51
N GLU B 96 -39.63 -51.59 5.27
CA GLU B 96 -40.10 -52.86 5.80
C GLU B 96 -41.51 -52.74 6.35
N LYS B 97 -42.03 -53.84 6.87
CA LYS B 97 -43.35 -53.83 7.51
C LYS B 97 -43.19 -54.26 8.96
N SER B 98 -42.11 -54.95 9.27
CA SER B 98 -41.80 -55.37 10.63
C SER B 98 -40.31 -55.23 10.91
N ASN B 99 -39.93 -55.57 12.13
CA ASN B 99 -38.60 -55.31 12.68
C ASN B 99 -37.65 -56.46 12.38
N ILE B 100 -37.59 -56.87 11.11
CA ILE B 100 -36.74 -57.98 10.69
C ILE B 100 -35.25 -57.64 10.73
N ILE B 101 -34.84 -56.44 10.33
CA ILE B 101 -33.44 -56.02 10.42
C ILE B 101 -33.18 -55.53 11.85
N ARG B 102 -32.19 -56.12 12.50
CA ARG B 102 -31.90 -55.85 13.91
C ARG B 102 -30.49 -55.32 14.21
N GLY B 103 -29.59 -55.22 13.24
CA GLY B 103 -28.27 -54.71 13.58
C GLY B 103 -27.36 -54.50 12.39
N TRP B 104 -26.15 -54.04 12.71
CA TRP B 104 -25.12 -53.76 11.72
C TRP B 104 -23.77 -54.19 12.28
N ILE B 105 -22.81 -54.51 11.41
CA ILE B 105 -21.44 -54.82 11.82
C ILE B 105 -20.42 -54.00 11.04
N PHE B 106 -19.49 -53.36 11.76
CA PHE B 106 -18.46 -52.56 11.11
C PHE B 106 -17.07 -52.98 11.57
N GLY B 107 -16.10 -53.00 10.67
CA GLY B 107 -14.74 -53.33 11.06
C GLY B 107 -13.74 -53.32 9.93
N THR B 108 -12.60 -54.00 10.11
CA THR B 108 -11.58 -54.03 9.07
C THR B 108 -11.32 -55.43 8.55
N THR B 109 -11.12 -56.39 9.46
CA THR B 109 -10.84 -57.78 9.09
C THR B 109 -11.87 -58.70 9.71
N LEU B 110 -12.54 -58.22 10.76
CA LEU B 110 -13.58 -58.96 11.46
C LEU B 110 -13.10 -60.32 11.95
N ASP B 111 -11.85 -60.36 12.45
CA ASP B 111 -11.25 -61.61 12.90
C ASP B 111 -10.44 -61.39 14.17
N SER B 112 -10.87 -60.43 14.98
CA SER B 112 -10.26 -60.10 16.28
C SER B 112 -8.86 -59.50 16.11
N LYS B 113 -8.42 -59.40 14.86
CA LYS B 113 -7.12 -58.80 14.56
C LYS B 113 -7.10 -57.28 14.62
N THR B 114 -8.25 -56.60 14.46
CA THR B 114 -8.35 -55.16 14.54
C THR B 114 -9.61 -54.80 15.31
N GLN B 115 -9.75 -53.56 15.77
CA GLN B 115 -10.95 -53.17 16.48
C GLN B 115 -12.12 -52.99 15.51
N SER B 116 -13.28 -53.49 15.93
CA SER B 116 -14.44 -53.54 15.05
C SER B 116 -15.73 -53.07 15.72
N LEU B 117 -16.47 -52.18 15.08
CA LEU B 117 -17.75 -51.72 15.61
C LEU B 117 -18.77 -52.85 15.52
N LEU B 118 -19.50 -53.06 16.61
CA LEU B 118 -20.60 -54.02 16.63
C LEU B 118 -21.91 -53.37 17.09
N ILE B 119 -22.30 -52.27 16.46
CA ILE B 119 -23.57 -51.63 16.82
C ILE B 119 -24.69 -52.61 16.52
N VAL B 120 -25.46 -52.97 17.53
CA VAL B 120 -26.51 -53.98 17.36
C VAL B 120 -27.76 -53.46 18.04
N ASN B 121 -28.93 -53.95 17.62
CA ASN B 121 -30.18 -53.47 18.19
C ASN B 121 -31.09 -54.59 18.69
N ASN B 122 -31.96 -54.25 19.64
CA ASN B 122 -32.95 -55.15 20.21
C ASN B 122 -34.13 -54.26 20.60
N ALA B 123 -35.29 -54.87 20.76
CA ALA B 123 -36.55 -54.25 21.16
C ALA B 123 -36.41 -53.01 22.04
N THR B 124 -35.56 -52.99 23.08
CA THR B 124 -35.57 -51.72 23.81
C THR B 124 -34.24 -51.19 24.35
N ASN B 125 -33.13 -51.91 24.21
CA ASN B 125 -31.85 -51.37 24.65
C ASN B 125 -30.81 -51.42 23.53
N VAL B 126 -30.57 -50.29 22.86
CA VAL B 126 -29.54 -50.35 21.84
C VAL B 126 -28.17 -50.33 22.50
N VAL B 127 -27.33 -51.28 22.11
CA VAL B 127 -26.02 -51.40 22.76
C VAL B 127 -24.91 -51.22 21.74
N ILE B 128 -23.90 -50.41 22.08
CA ILE B 128 -22.76 -50.22 21.21
C ILE B 128 -21.53 -50.65 21.99
N LYS B 129 -20.75 -51.56 21.45
CA LYS B 129 -19.54 -52.01 22.11
C LYS B 129 -18.42 -52.14 21.09
N VAL B 130 -17.60 -51.09 20.96
CA VAL B 130 -16.50 -51.27 20.02
C VAL B 130 -15.32 -51.97 20.69
N CYS B 131 -15.19 -53.25 20.37
CA CYS B 131 -14.17 -54.12 20.90
C CYS B 131 -13.75 -55.11 19.81
N GLU B 132 -12.61 -55.80 19.97
CA GLU B 132 -12.20 -56.82 18.98
C GLU B 132 -12.92 -58.16 19.11
N PHE B 133 -14.22 -58.14 18.85
CA PHE B 133 -15.04 -59.34 19.00
C PHE B 133 -14.64 -60.21 17.81
N GLN B 134 -14.60 -61.53 17.96
CA GLN B 134 -14.43 -62.43 16.83
C GLN B 134 -15.77 -62.96 16.32
N PHE B 135 -16.14 -62.45 15.13
CA PHE B 135 -17.40 -62.72 14.46
C PHE B 135 -17.36 -63.97 13.59
N CYS B 136 -18.50 -64.63 13.46
CA CYS B 136 -18.65 -65.83 12.66
C CYS B 136 -18.64 -65.44 11.17
N ASN B 137 -18.50 -66.39 10.24
CA ASN B 137 -18.61 -66.23 8.80
C ASN B 137 -19.95 -65.75 8.27
N ASP B 138 -21.06 -66.20 8.87
CA ASP B 138 -22.40 -65.72 8.48
C ASP B 138 -23.28 -65.54 9.72
N PRO B 139 -23.09 -64.44 10.44
CA PRO B 139 -23.89 -64.16 11.64
C PRO B 139 -25.37 -64.05 11.33
N PHE B 140 -26.22 -64.55 12.22
CA PHE B 140 -27.66 -64.50 12.04
C PHE B 140 -28.38 -64.56 13.38
N LEU B 141 -27.86 -63.81 14.36
CA LEU B 141 -28.44 -63.77 15.70
C LEU B 141 -29.85 -63.20 15.70
N SER B 155 -33.37 -66.17 18.45
CA SER B 155 -33.90 -66.45 19.77
C SER B 155 -32.78 -66.73 20.76
N GLU B 156 -31.56 -66.89 20.24
CA GLU B 156 -30.37 -67.09 21.05
C GLU B 156 -29.33 -66.05 20.65
N PHE B 157 -28.11 -66.15 21.16
CA PHE B 157 -27.10 -65.17 20.83
C PHE B 157 -26.08 -65.79 19.87
N ARG B 158 -25.38 -64.93 19.13
CA ARG B 158 -24.35 -65.36 18.17
C ARG B 158 -23.16 -64.43 18.02
N VAL B 159 -22.44 -64.60 16.91
CA VAL B 159 -21.20 -63.97 16.45
C VAL B 159 -20.36 -63.16 17.44
N TYR B 160 -20.94 -62.71 18.54
CA TYR B 160 -20.21 -61.85 19.47
C TYR B 160 -19.79 -62.70 20.65
N SER B 161 -19.41 -63.93 20.36
CA SER B 161 -18.91 -64.86 21.37
C SER B 161 -17.39 -64.81 21.47
N SER B 162 -16.89 -65.19 22.65
CA SER B 162 -15.47 -65.21 22.99
C SER B 162 -14.82 -63.85 22.83
N ALA B 163 -15.39 -62.85 23.51
CA ALA B 163 -14.86 -61.48 23.51
C ALA B 163 -13.80 -61.41 24.62
N ASN B 164 -12.53 -61.52 24.23
CA ASN B 164 -11.42 -61.50 25.18
C ASN B 164 -11.56 -60.37 26.20
N ASN B 165 -11.73 -59.15 25.70
CA ASN B 165 -11.89 -57.95 26.52
C ASN B 165 -12.60 -56.93 25.64
N CYS B 166 -13.32 -56.02 26.27
CA CYS B 166 -14.14 -55.09 25.53
C CYS B 166 -13.87 -53.70 26.15
N THR B 167 -13.78 -52.65 25.33
CA THR B 167 -13.41 -51.29 25.76
C THR B 167 -14.48 -50.19 25.68
N PHE B 168 -15.69 -50.46 25.22
CA PHE B 168 -16.64 -49.35 25.20
C PHE B 168 -18.09 -49.82 25.15
N GLU B 169 -18.92 -49.14 25.95
CA GLU B 169 -20.34 -49.41 26.07
C GLU B 169 -21.08 -48.09 26.28
N TYR B 170 -22.22 -47.93 25.62
CA TYR B 170 -23.00 -46.71 25.67
C TYR B 170 -24.47 -47.10 25.52
N VAL B 171 -25.37 -46.39 26.20
CA VAL B 171 -26.77 -46.73 26.05
C VAL B 171 -27.65 -45.53 25.71
N SER B 172 -28.57 -45.76 24.79
CA SER B 172 -29.40 -44.75 24.14
C SER B 172 -30.81 -45.31 24.05
N GLN B 173 -31.73 -44.55 23.48
CA GLN B 173 -33.12 -44.97 23.36
C GLN B 173 -33.29 -45.55 21.97
N PRO B 174 -34.32 -46.36 21.73
CA PRO B 174 -34.22 -47.31 20.61
C PRO B 174 -34.42 -46.61 19.27
N PHE B 175 -33.80 -47.20 18.24
CA PHE B 175 -33.79 -46.59 16.91
C PHE B 175 -35.00 -47.02 16.11
N LEU B 176 -35.14 -48.32 15.87
CA LEU B 176 -36.24 -48.83 15.07
C LEU B 176 -37.42 -49.22 15.95
N LYS B 187 -44.60 -49.49 6.12
CA LYS B 187 -45.34 -48.24 6.33
C LYS B 187 -44.45 -47.18 6.96
N ASN B 188 -43.22 -47.55 7.27
CA ASN B 188 -42.24 -46.65 7.86
C ASN B 188 -40.93 -46.80 7.10
N LEU B 189 -40.40 -45.67 6.61
CA LEU B 189 -39.14 -45.70 5.88
C LEU B 189 -38.06 -45.17 6.83
N ARG B 190 -36.96 -45.91 6.92
CA ARG B 190 -35.91 -45.58 7.87
C ARG B 190 -34.60 -45.28 7.16
N GLU B 191 -34.21 -44.01 7.16
CA GLU B 191 -32.99 -43.56 6.50
C GLU B 191 -31.90 -43.34 7.55
N PHE B 192 -30.68 -43.74 7.21
CA PHE B 192 -29.52 -43.57 8.08
C PHE B 192 -28.36 -43.05 7.23
N VAL B 193 -27.45 -42.31 7.86
CA VAL B 193 -26.21 -41.90 7.22
C VAL B 193 -25.07 -42.17 8.19
N PHE B 194 -24.02 -42.84 7.70
CA PHE B 194 -22.88 -43.17 8.58
C PHE B 194 -21.64 -42.49 7.98
N LYS B 195 -21.00 -41.63 8.76
CA LYS B 195 -19.76 -40.98 8.34
C LYS B 195 -18.77 -41.01 9.49
N ASN B 196 -17.48 -41.07 9.17
CA ASN B 196 -16.42 -41.10 10.18
C ASN B 196 -15.49 -39.90 9.94
N ILE B 197 -15.54 -38.92 10.83
CA ILE B 197 -14.77 -37.70 10.65
C ILE B 197 -13.89 -37.43 11.87
N ASP B 198 -12.57 -37.49 11.68
CA ASP B 198 -11.56 -37.20 12.69
C ASP B 198 -11.78 -37.94 14.01
N GLY B 199 -12.23 -39.19 13.97
CA GLY B 199 -12.42 -39.92 15.21
C GLY B 199 -13.80 -39.75 15.82
N TYR B 200 -14.83 -39.77 14.99
CA TYR B 200 -16.19 -39.62 15.47
C TYR B 200 -17.15 -40.35 14.55
N PHE B 201 -17.88 -41.33 15.06
CA PHE B 201 -18.84 -42.07 14.25
C PHE B 201 -20.20 -41.41 14.38
N LYS B 202 -20.61 -40.70 13.33
CA LYS B 202 -21.85 -39.92 13.31
C LYS B 202 -22.97 -40.63 12.55
N ILE B 203 -24.14 -40.71 13.19
CA ILE B 203 -25.35 -41.30 12.59
C ILE B 203 -26.43 -40.22 12.53
N TYR B 204 -27.03 -40.05 11.35
CA TYR B 204 -28.11 -39.11 11.16
C TYR B 204 -29.31 -39.96 10.75
N SER B 205 -30.52 -39.53 11.11
CA SER B 205 -31.68 -40.35 10.76
C SER B 205 -32.97 -39.55 10.79
N LYS B 206 -33.96 -40.08 10.08
CA LYS B 206 -35.31 -39.54 10.00
C LYS B 206 -36.29 -40.66 9.67
N HIS B 207 -37.40 -40.72 10.41
CA HIS B 207 -38.47 -41.66 10.13
C HIS B 207 -39.70 -40.96 9.56
N THR B 208 -40.27 -41.50 8.49
CA THR B 208 -41.36 -40.85 7.78
C THR B 208 -42.42 -41.85 7.35
N PRO B 209 -43.70 -41.45 7.39
CA PRO B 209 -44.78 -42.34 6.94
C PRO B 209 -44.76 -42.56 5.44
N ILE B 210 -44.42 -43.77 4.99
CA ILE B 210 -44.46 -44.07 3.56
C ILE B 210 -45.86 -44.54 3.23
N ASN B 211 -46.21 -44.54 1.95
CA ASN B 211 -47.52 -44.96 1.47
C ASN B 211 -47.34 -46.07 0.45
N LEU B 212 -48.39 -46.38 -0.30
CA LEU B 212 -48.37 -47.50 -1.24
C LEU B 212 -47.45 -47.13 -2.41
N VAL B 213 -46.15 -47.14 -2.13
CA VAL B 213 -45.12 -46.89 -3.13
C VAL B 213 -44.05 -47.96 -2.95
N ARG B 214 -43.48 -48.41 -4.07
CA ARG B 214 -42.52 -49.49 -4.02
C ARG B 214 -41.11 -49.01 -4.36
N ASP B 215 -40.84 -47.73 -4.11
CA ASP B 215 -39.51 -47.17 -4.32
C ASP B 215 -39.28 -45.95 -3.44
N LEU B 216 -38.19 -45.23 -3.67
CA LEU B 216 -37.87 -44.01 -2.93
C LEU B 216 -38.99 -43.01 -3.13
N PRO B 217 -39.55 -42.47 -2.05
CA PRO B 217 -40.88 -41.87 -2.16
C PRO B 217 -40.96 -40.47 -2.74
N GLN B 218 -39.90 -39.95 -3.40
CA GLN B 218 -39.98 -38.65 -4.06
C GLN B 218 -40.19 -37.47 -3.11
N GLY B 219 -39.55 -36.34 -3.37
CA GLY B 219 -39.62 -35.19 -2.50
C GLY B 219 -38.34 -34.99 -1.72
N PHE B 220 -38.37 -34.01 -0.83
CA PHE B 220 -37.19 -33.57 -0.08
C PHE B 220 -37.44 -33.55 1.41
N SER B 221 -36.48 -34.07 2.18
CA SER B 221 -36.55 -34.10 3.63
C SER B 221 -35.13 -34.15 4.19
N ALA B 222 -34.83 -33.26 5.14
CA ALA B 222 -33.52 -33.18 5.77
C ALA B 222 -33.42 -34.06 7.01
N LEU B 223 -32.22 -34.61 7.23
CA LEU B 223 -31.93 -35.54 8.32
C LEU B 223 -31.19 -34.84 9.46
N GLU B 224 -31.73 -34.97 10.67
CA GLU B 224 -31.16 -34.45 11.93
C GLU B 224 -30.13 -35.39 12.53
N PRO B 225 -29.14 -34.87 13.28
CA PRO B 225 -28.15 -35.73 13.96
C PRO B 225 -28.71 -36.46 15.17
N LEU B 226 -28.16 -37.64 15.50
CA LEU B 226 -28.59 -38.38 16.67
C LEU B 226 -27.50 -38.68 17.69
N VAL B 227 -26.31 -39.16 17.29
CA VAL B 227 -25.24 -39.46 18.23
C VAL B 227 -23.92 -39.02 17.63
N ASP B 228 -22.93 -38.70 18.47
CA ASP B 228 -21.59 -38.42 17.98
C ASP B 228 -20.55 -39.19 18.79
N LEU B 229 -20.69 -40.52 18.78
CA LEU B 229 -19.85 -41.43 19.57
C LEU B 229 -18.37 -41.30 19.21
N PRO B 230 -17.50 -40.99 20.20
CA PRO B 230 -16.06 -40.83 19.97
C PRO B 230 -15.23 -42.12 19.88
N ILE B 231 -15.46 -42.96 18.88
CA ILE B 231 -14.78 -44.25 18.77
C ILE B 231 -13.35 -44.20 18.21
N GLY B 232 -13.12 -43.35 17.20
CA GLY B 232 -11.80 -43.24 16.57
C GLY B 232 -11.14 -44.40 15.85
N ILE B 233 -11.88 -45.35 15.30
CA ILE B 233 -11.29 -46.48 14.56
C ILE B 233 -11.37 -46.21 13.05
N ASN B 234 -10.86 -47.14 12.23
CA ASN B 234 -11.01 -47.02 10.78
C ASN B 234 -12.40 -47.20 10.17
N ILE B 235 -12.79 -48.47 10.19
CA ILE B 235 -13.96 -49.14 9.65
C ILE B 235 -13.56 -49.14 8.17
N THR B 236 -13.58 -50.31 7.54
CA THR B 236 -13.18 -50.40 6.13
C THR B 236 -14.16 -51.15 5.24
N ARG B 237 -14.95 -52.03 5.81
CA ARG B 237 -15.92 -52.88 5.15
C ARG B 237 -17.15 -52.96 6.01
N PHE B 238 -18.26 -53.38 5.41
CA PHE B 238 -19.51 -53.48 6.14
C PHE B 238 -20.34 -54.66 5.66
N GLN B 239 -21.24 -55.09 6.54
CA GLN B 239 -22.16 -56.18 6.28
C GLN B 239 -23.45 -55.93 7.05
N THR B 240 -24.57 -56.43 6.56
CA THR B 240 -25.85 -56.25 7.23
C THR B 240 -26.19 -57.50 8.05
N LEU B 241 -27.18 -57.36 8.93
CA LEU B 241 -27.63 -58.51 9.72
C LEU B 241 -29.12 -58.72 9.54
N LEU B 242 -29.61 -59.88 9.95
CA LEU B 242 -31.01 -60.22 9.78
C LEU B 242 -31.77 -60.15 11.10
N ALA B 263 -36.33 -57.49 3.74
CA ALA B 263 -34.97 -57.90 3.46
C ALA B 263 -34.44 -57.20 2.22
N ALA B 264 -34.71 -55.90 2.11
CA ALA B 264 -34.25 -55.09 0.98
C ALA B 264 -33.55 -53.85 1.49
N TYR B 265 -32.58 -53.35 0.71
CA TYR B 265 -31.87 -52.17 1.16
C TYR B 265 -31.45 -51.33 -0.03
N TYR B 266 -31.11 -50.08 0.24
CA TYR B 266 -30.67 -49.15 -0.79
C TYR B 266 -29.28 -48.65 -0.43
N VAL B 267 -28.23 -49.38 -0.74
CA VAL B 267 -26.91 -48.86 -0.39
C VAL B 267 -26.44 -47.83 -1.42
N GLY B 268 -26.12 -46.63 -0.95
CA GLY B 268 -25.50 -45.62 -1.77
C GLY B 268 -24.18 -45.15 -1.23
N TYR B 269 -23.42 -44.38 -1.99
CA TYR B 269 -22.11 -43.92 -1.55
C TYR B 269 -22.06 -42.40 -1.66
N LEU B 270 -21.39 -41.77 -0.70
CA LEU B 270 -21.32 -40.32 -0.70
C LEU B 270 -20.11 -39.85 -1.49
N GLN B 271 -20.21 -38.65 -2.05
CA GLN B 271 -19.12 -38.03 -2.79
C GLN B 271 -19.03 -36.55 -2.44
N PRO B 272 -17.85 -35.92 -2.55
CA PRO B 272 -17.75 -34.50 -2.17
C PRO B 272 -18.32 -33.57 -3.21
N ARG B 273 -19.51 -33.02 -2.96
CA ARG B 273 -20.13 -32.10 -3.91
C ARG B 273 -20.68 -30.91 -3.12
N THR B 274 -20.76 -29.75 -3.79
CA THR B 274 -21.22 -28.51 -3.18
C THR B 274 -22.70 -28.26 -3.46
N PHE B 275 -23.45 -27.93 -2.41
CA PHE B 275 -24.88 -27.69 -2.50
C PHE B 275 -25.20 -26.27 -2.02
N LEU B 276 -26.22 -25.65 -2.61
CA LEU B 276 -26.73 -24.36 -2.12
C LEU B 276 -27.95 -24.69 -1.25
N LEU B 277 -27.85 -24.37 0.04
CA LEU B 277 -28.91 -24.70 0.99
C LEU B 277 -29.72 -23.49 1.40
N LYS B 278 -31.05 -23.61 1.31
CA LYS B 278 -31.99 -22.58 1.68
C LYS B 278 -32.63 -22.79 3.05
N TYR B 279 -32.32 -21.90 3.99
CA TYR B 279 -32.87 -21.89 5.35
C TYR B 279 -34.02 -20.89 5.37
N ASN B 280 -35.20 -21.29 5.84
CA ASN B 280 -36.26 -20.29 5.77
C ASN B 280 -36.19 -19.30 6.92
N GLU B 281 -36.68 -19.62 8.12
CA GLU B 281 -36.55 -18.59 9.15
C GLU B 281 -36.37 -19.14 10.55
N ASN B 282 -36.80 -20.39 10.79
CA ASN B 282 -36.53 -20.98 12.10
C ASN B 282 -35.29 -21.88 12.00
N GLY B 283 -34.87 -22.13 10.76
CA GLY B 283 -33.72 -22.94 10.40
C GLY B 283 -34.25 -24.35 10.23
N THR B 284 -34.77 -24.71 9.06
CA THR B 284 -35.15 -26.10 8.81
C THR B 284 -35.09 -26.49 7.34
N ILE B 285 -34.05 -26.06 6.62
CA ILE B 285 -33.78 -26.31 5.20
C ILE B 285 -35.06 -26.54 4.39
N THR B 286 -35.33 -25.66 3.44
CA THR B 286 -36.56 -25.78 2.67
C THR B 286 -36.35 -26.13 1.20
N ASP B 287 -35.16 -25.87 0.64
CA ASP B 287 -34.77 -26.19 -0.73
C ASP B 287 -33.27 -26.34 -0.88
N ALA B 288 -32.85 -26.82 -2.06
CA ALA B 288 -31.44 -27.00 -2.34
C ALA B 288 -31.23 -27.09 -3.85
N VAL B 289 -30.08 -26.62 -4.32
CA VAL B 289 -29.75 -26.62 -5.74
C VAL B 289 -28.43 -27.36 -5.90
N ASP B 290 -28.40 -28.39 -6.74
CA ASP B 290 -27.15 -29.11 -6.91
C ASP B 290 -26.24 -28.53 -7.98
N CYS B 291 -25.17 -27.87 -7.57
CA CYS B 291 -24.31 -27.17 -8.52
C CYS B 291 -23.63 -28.17 -9.45
N ALA B 292 -22.88 -27.68 -10.44
CA ALA B 292 -22.13 -28.52 -11.37
C ALA B 292 -22.96 -29.56 -12.12
N LEU B 293 -24.29 -29.47 -12.04
CA LEU B 293 -25.13 -30.45 -12.70
C LEU B 293 -25.06 -30.21 -14.20
N ASP B 294 -25.04 -28.93 -14.60
CA ASP B 294 -25.07 -28.43 -15.95
C ASP B 294 -24.63 -26.97 -15.98
N PRO B 295 -24.27 -26.44 -17.16
CA PRO B 295 -23.82 -25.04 -17.20
C PRO B 295 -24.79 -24.03 -16.63
N LEU B 296 -26.09 -24.22 -16.79
CA LEU B 296 -27.04 -23.26 -16.25
C LEU B 296 -27.03 -23.25 -14.73
N SER B 297 -26.92 -24.41 -14.11
CA SER B 297 -26.88 -24.57 -12.65
C SER B 297 -25.65 -23.96 -11.99
N GLU B 298 -24.48 -24.01 -12.62
CA GLU B 298 -23.29 -23.36 -12.09
C GLU B 298 -23.39 -21.84 -11.97
N THR B 299 -24.00 -21.16 -12.94
CA THR B 299 -24.17 -19.71 -12.84
C THR B 299 -25.09 -19.36 -11.67
N LYS B 300 -26.16 -20.14 -11.47
CA LYS B 300 -27.12 -19.96 -10.41
C LYS B 300 -26.50 -20.00 -9.01
N CYS B 301 -25.59 -20.93 -8.75
CA CYS B 301 -24.94 -21.04 -7.43
C CYS B 301 -23.98 -19.88 -7.19
N THR B 302 -23.22 -19.52 -8.22
CA THR B 302 -22.28 -18.40 -8.13
C THR B 302 -22.96 -17.09 -7.80
N LEU B 303 -24.15 -16.85 -8.34
CA LEU B 303 -24.87 -15.63 -8.02
C LEU B 303 -25.79 -15.75 -6.81
N LYS B 304 -25.95 -16.95 -6.24
CA LYS B 304 -26.84 -17.17 -5.10
C LYS B 304 -28.22 -16.59 -5.37
N SER B 305 -28.79 -16.97 -6.51
CA SER B 305 -30.11 -16.50 -6.91
C SER B 305 -30.76 -17.57 -7.77
N PHE B 306 -32.09 -17.57 -7.78
CA PHE B 306 -32.84 -18.50 -8.62
C PHE B 306 -33.16 -17.93 -9.99
N THR B 307 -32.84 -16.66 -10.25
CA THR B 307 -32.97 -16.04 -11.56
C THR B 307 -31.66 -15.35 -11.92
N VAL B 308 -31.20 -15.54 -13.16
CA VAL B 308 -29.93 -14.96 -13.60
C VAL B 308 -30.20 -13.96 -14.73
N GLU B 309 -29.72 -12.74 -14.54
CA GLU B 309 -29.85 -11.67 -15.53
C GLU B 309 -28.90 -11.84 -16.71
N LYS B 310 -29.26 -11.20 -17.81
CA LYS B 310 -28.52 -11.24 -19.06
C LYS B 310 -27.08 -10.78 -18.87
N GLY B 311 -26.14 -11.50 -19.47
CA GLY B 311 -24.75 -11.08 -19.41
C GLY B 311 -23.78 -12.24 -19.59
N ILE B 312 -22.52 -11.95 -19.32
CA ILE B 312 -21.41 -12.90 -19.36
C ILE B 312 -20.87 -13.12 -17.95
N TYR B 313 -20.78 -14.38 -17.53
CA TYR B 313 -20.31 -14.71 -16.19
C TYR B 313 -19.15 -15.69 -16.27
N GLN B 314 -18.16 -15.50 -15.41
CA GLN B 314 -17.00 -16.38 -15.30
C GLN B 314 -17.22 -17.38 -14.16
N THR B 315 -17.28 -18.67 -14.48
CA THR B 315 -17.68 -19.64 -13.47
C THR B 315 -16.60 -20.62 -13.01
N SER B 316 -15.59 -20.95 -13.82
CA SER B 316 -14.60 -21.91 -13.36
C SER B 316 -13.30 -21.75 -14.13
N ASN B 317 -12.38 -22.71 -13.96
CA ASN B 317 -11.08 -22.72 -14.60
C ASN B 317 -10.76 -24.10 -15.16
N PHE B 318 -10.44 -24.17 -16.45
CA PHE B 318 -10.08 -25.42 -17.10
C PHE B 318 -8.60 -25.76 -16.88
N ARG B 319 -8.30 -27.01 -16.52
CA ARG B 319 -6.91 -27.41 -16.34
C ARG B 319 -6.72 -28.84 -16.85
N VAL B 320 -5.82 -29.01 -17.82
CA VAL B 320 -5.52 -30.33 -18.39
C VAL B 320 -4.61 -31.13 -17.45
N GLN B 321 -5.04 -32.45 -17.11
CA GLN B 321 -4.25 -33.29 -16.22
C GLN B 321 -3.26 -34.16 -17.02
N PRO B 322 -2.11 -34.52 -16.45
CA PRO B 322 -1.13 -35.31 -17.22
C PRO B 322 -1.64 -36.72 -17.50
N THR B 323 -1.17 -37.30 -18.61
CA THR B 323 -1.63 -38.62 -19.02
C THR B 323 -0.75 -39.79 -18.61
N GLU B 324 0.57 -39.66 -18.61
CA GLU B 324 1.45 -40.75 -18.20
C GLU B 324 2.74 -40.21 -17.60
N SER B 325 3.37 -41.03 -16.75
CA SER B 325 4.65 -40.71 -16.15
C SER B 325 5.76 -41.46 -16.88
N ILE B 326 6.92 -40.81 -17.01
CA ILE B 326 8.10 -41.38 -17.65
C ILE B 326 9.29 -41.25 -16.70
N VAL B 327 9.93 -42.37 -16.39
CA VAL B 327 11.09 -42.41 -15.49
C VAL B 327 12.32 -42.81 -16.29
N ARG B 328 13.35 -41.96 -16.25
CA ARG B 328 14.60 -42.11 -16.98
C ARG B 328 15.78 -42.05 -16.02
N PHE B 329 16.68 -43.03 -16.10
CA PHE B 329 17.84 -43.08 -15.22
C PHE B 329 19.07 -43.55 -15.99
N PRO B 330 20.27 -43.12 -15.55
CA PRO B 330 21.52 -43.59 -16.16
C PRO B 330 21.68 -45.09 -16.15
N ASN B 331 22.26 -45.62 -17.23
CA ASN B 331 22.53 -47.04 -17.45
C ASN B 331 23.74 -47.54 -16.64
N ILE B 332 23.52 -48.08 -15.44
CA ILE B 332 24.65 -48.54 -14.62
C ILE B 332 24.20 -49.57 -13.59
N THR B 333 24.92 -50.70 -13.50
CA THR B 333 24.55 -51.77 -12.58
C THR B 333 25.56 -52.04 -11.47
N ASN B 334 26.66 -51.27 -11.39
CA ASN B 334 27.67 -51.53 -10.37
C ASN B 334 27.10 -51.30 -8.98
N LEU B 335 27.51 -52.12 -8.01
CA LEU B 335 27.07 -51.98 -6.63
C LEU B 335 28.15 -51.31 -5.79
N CYS B 336 27.72 -50.41 -4.88
CA CYS B 336 28.64 -49.72 -3.98
C CYS B 336 29.10 -50.61 -2.83
N PRO B 337 30.38 -50.54 -2.46
CA PRO B 337 30.96 -51.35 -1.39
C PRO B 337 30.62 -50.85 0.01
N PHE B 338 29.33 -50.87 0.38
CA PHE B 338 28.97 -50.44 1.71
C PHE B 338 29.47 -51.40 2.79
N GLY B 339 29.58 -52.68 2.46
CA GLY B 339 30.17 -53.61 3.40
C GLY B 339 31.61 -53.31 3.73
N GLU B 340 32.37 -52.78 2.77
CA GLU B 340 33.76 -52.42 3.00
C GLU B 340 33.99 -51.18 3.85
N VAL B 341 32.97 -50.38 4.15
CA VAL B 341 33.17 -49.21 5.01
C VAL B 341 32.66 -49.45 6.43
N PHE B 342 31.47 -50.02 6.57
CA PHE B 342 30.86 -50.30 7.86
C PHE B 342 31.49 -51.49 8.59
N ASN B 343 32.00 -52.48 7.85
CA ASN B 343 32.65 -53.64 8.46
C ASN B 343 34.17 -53.66 8.33
N ALA B 344 34.84 -52.52 8.42
CA ALA B 344 36.29 -52.45 8.27
C ALA B 344 36.97 -53.09 9.48
N THR B 345 38.13 -53.70 9.23
CA THR B 345 38.86 -54.39 10.28
C THR B 345 39.27 -53.45 11.41
N ARG B 346 39.79 -52.28 11.07
CA ARG B 346 40.14 -51.30 12.09
C ARG B 346 39.77 -49.91 11.59
N PHE B 347 39.08 -49.15 12.43
CA PHE B 347 38.72 -47.77 12.12
C PHE B 347 39.82 -46.82 12.57
N ALA B 348 39.85 -45.68 11.90
CA ALA B 348 40.79 -44.61 12.20
C ALA B 348 40.40 -43.85 13.47
N SER B 349 41.39 -43.19 14.04
CA SER B 349 41.21 -42.33 15.19
C SER B 349 40.48 -41.05 14.77
N VAL B 350 39.80 -40.43 15.74
CA VAL B 350 39.03 -39.23 15.41
C VAL B 350 39.94 -38.07 15.01
N TYR B 351 41.18 -38.05 15.51
CA TYR B 351 42.08 -36.98 15.12
C TYR B 351 42.59 -37.14 13.69
N ALA B 352 42.54 -38.36 13.14
CA ALA B 352 43.01 -38.62 11.77
C ALA B 352 42.05 -39.56 11.04
N TRP B 353 40.81 -39.10 10.89
CA TRP B 353 39.75 -39.90 10.28
C TRP B 353 39.99 -40.15 8.79
N ASN B 354 39.50 -41.31 8.33
CA ASN B 354 39.62 -41.77 6.96
C ASN B 354 38.47 -41.22 6.12
N ARG B 355 38.75 -40.96 4.84
CA ARG B 355 37.75 -40.46 3.89
C ARG B 355 37.88 -41.24 2.58
N LYS B 356 37.02 -42.22 2.39
CA LYS B 356 36.93 -43.01 1.16
C LYS B 356 35.81 -42.50 0.26
N ARG B 357 36.13 -42.32 -1.02
CA ARG B 357 35.19 -41.84 -2.03
C ARG B 357 34.52 -42.97 -2.79
N ILE B 358 33.18 -42.95 -2.82
CA ILE B 358 32.36 -43.97 -3.46
C ILE B 358 31.71 -43.36 -4.69
N SER B 359 31.86 -44.00 -5.85
CA SER B 359 31.29 -43.46 -7.08
C SER B 359 31.01 -44.59 -8.08
N ASN B 360 30.26 -44.24 -9.12
CA ASN B 360 29.92 -45.14 -10.23
C ASN B 360 29.30 -46.47 -9.77
N CYS B 361 28.22 -46.36 -9.00
CA CYS B 361 27.58 -47.56 -8.47
C CYS B 361 26.12 -47.27 -8.09
N VAL B 362 25.39 -48.36 -7.82
CA VAL B 362 24.01 -48.31 -7.35
C VAL B 362 24.03 -48.56 -5.85
N ALA B 363 23.52 -47.60 -5.09
CA ALA B 363 23.49 -47.69 -3.63
C ALA B 363 22.08 -47.99 -3.12
N ASP B 364 21.89 -49.21 -2.64
CA ASP B 364 20.62 -49.65 -2.06
C ASP B 364 20.68 -49.37 -0.57
N TYR B 365 19.96 -48.33 -0.13
CA TYR B 365 19.94 -47.89 1.25
C TYR B 365 18.81 -48.48 2.08
N SER B 366 17.96 -49.33 1.50
CA SER B 366 16.83 -49.84 2.26
C SER B 366 17.26 -50.84 3.32
N VAL B 367 18.33 -51.59 3.06
CA VAL B 367 18.84 -52.53 4.06
C VAL B 367 19.39 -51.78 5.27
N LEU B 368 20.12 -50.68 5.04
CA LEU B 368 20.66 -49.90 6.16
C LEU B 368 19.54 -49.23 6.95
N TYR B 369 18.47 -48.79 6.28
CA TYR B 369 17.36 -48.15 6.97
C TYR B 369 16.60 -49.15 7.84
N ASN B 370 16.32 -50.34 7.31
CA ASN B 370 15.57 -51.35 8.05
C ASN B 370 16.43 -52.05 9.11
N SER B 371 17.74 -52.09 8.92
CA SER B 371 18.63 -52.76 9.87
C SER B 371 18.45 -52.19 11.28
N ALA B 372 18.24 -53.10 12.23
CA ALA B 372 18.02 -52.77 13.65
C ALA B 372 19.30 -52.68 14.45
N SER B 373 20.46 -52.92 13.83
CA SER B 373 21.74 -52.90 14.54
C SER B 373 22.20 -51.51 14.92
N PHE B 374 21.60 -50.46 14.35
CA PHE B 374 21.99 -49.09 14.65
C PHE B 374 21.26 -48.60 15.90
N SER B 375 21.98 -47.84 16.73
CA SER B 375 21.41 -47.30 17.96
C SER B 375 20.55 -46.07 17.69
N THR B 376 20.95 -45.23 16.74
CA THR B 376 20.22 -44.04 16.36
C THR B 376 20.44 -43.81 14.88
N PHE B 377 19.43 -43.21 14.23
CA PHE B 377 19.53 -42.93 12.79
C PHE B 377 18.79 -41.62 12.54
N LYS B 378 19.49 -40.51 12.70
CA LYS B 378 18.93 -39.18 12.53
C LYS B 378 19.45 -38.58 11.22
N CYS B 379 18.54 -38.24 10.31
CA CYS B 379 18.95 -37.70 9.02
C CYS B 379 18.58 -36.22 8.95
N TYR B 380 19.55 -35.41 8.52
CA TYR B 380 19.41 -33.97 8.30
C TYR B 380 19.50 -33.66 6.81
N GLY B 381 18.61 -32.77 6.34
CA GLY B 381 18.68 -32.43 4.94
C GLY B 381 17.68 -33.19 4.09
N VAL B 382 17.69 -34.51 4.17
CA VAL B 382 16.80 -35.36 3.41
C VAL B 382 16.05 -36.27 4.37
N SER B 383 14.83 -36.65 4.00
CA SER B 383 14.12 -37.62 4.81
C SER B 383 14.65 -39.03 4.51
N PRO B 384 14.74 -39.89 5.51
CA PRO B 384 15.34 -41.21 5.28
C PRO B 384 14.57 -42.12 4.34
N THR B 385 13.26 -41.90 4.14
CA THR B 385 12.56 -42.86 3.30
C THR B 385 12.49 -42.46 1.83
N LYS B 386 12.76 -41.20 1.49
CA LYS B 386 12.81 -40.82 0.08
C LYS B 386 14.22 -40.80 -0.50
N LEU B 387 15.24 -41.00 0.34
CA LEU B 387 16.62 -41.01 -0.13
C LEU B 387 16.90 -42.10 -1.16
N ASN B 388 16.02 -43.11 -1.25
CA ASN B 388 16.17 -44.16 -2.25
C ASN B 388 15.83 -43.71 -3.67
N ASP B 389 15.05 -42.64 -3.83
CA ASP B 389 14.72 -42.17 -5.17
C ASP B 389 15.70 -41.11 -5.67
N LEU B 390 16.12 -40.20 -4.80
CA LEU B 390 17.01 -39.12 -5.18
C LEU B 390 18.40 -39.65 -5.57
N CYS B 391 19.13 -38.83 -6.32
CA CYS B 391 20.47 -39.17 -6.80
C CYS B 391 21.43 -38.03 -6.50
N PHE B 392 22.69 -38.40 -6.31
CA PHE B 392 23.74 -37.49 -5.88
C PHE B 392 24.96 -37.69 -6.75
N THR B 393 25.80 -36.66 -6.84
CA THR B 393 27.01 -36.81 -7.66
C THR B 393 28.06 -37.67 -6.98
N ASN B 394 28.30 -37.46 -5.69
CA ASN B 394 29.28 -38.23 -4.93
C ASN B 394 28.88 -38.21 -3.46
N VAL B 395 29.28 -39.26 -2.76
CA VAL B 395 29.08 -39.38 -1.32
C VAL B 395 30.39 -39.80 -0.67
N TYR B 396 30.72 -39.18 0.45
CA TYR B 396 31.92 -39.51 1.22
C TYR B 396 31.51 -40.01 2.59
N ALA B 397 32.12 -41.10 3.04
CA ALA B 397 31.83 -41.64 4.36
C ALA B 397 33.04 -41.45 5.27
N ASP B 398 32.91 -40.55 6.25
CA ASP B 398 33.95 -40.28 7.22
C ASP B 398 33.70 -41.14 8.44
N SER B 399 34.64 -42.04 8.73
CA SER B 399 34.51 -43.00 9.83
C SER B 399 35.55 -42.75 10.91
N PHE B 400 35.09 -42.65 12.16
CA PHE B 400 35.99 -42.49 13.29
C PHE B 400 35.28 -42.94 14.55
N VAL B 401 36.06 -43.20 15.59
CA VAL B 401 35.56 -43.64 16.89
C VAL B 401 35.68 -42.54 17.93
N ILE B 402 34.63 -42.36 18.70
CA ILE B 402 34.59 -41.44 19.84
C ILE B 402 34.07 -42.21 21.03
N ARG B 403 34.69 -42.01 22.18
CA ARG B 403 34.31 -42.71 23.40
C ARG B 403 33.98 -41.71 24.50
N GLY B 404 33.13 -42.15 25.43
CA GLY B 404 32.73 -41.31 26.53
C GLY B 404 31.65 -40.32 26.13
N ASP B 405 31.53 -39.27 26.95
CA ASP B 405 30.57 -38.20 26.72
C ASP B 405 30.87 -37.43 25.44
N GLU B 406 30.06 -36.40 25.16
CA GLU B 406 30.13 -35.51 24.02
C GLU B 406 29.73 -36.16 22.70
N VAL B 407 29.37 -37.46 22.70
CA VAL B 407 29.02 -38.13 21.44
C VAL B 407 27.90 -37.37 20.72
N ARG B 408 27.02 -36.72 21.48
CA ARG B 408 25.97 -35.89 20.91
C ARG B 408 26.49 -34.67 20.17
N GLN B 409 27.75 -34.28 20.38
CA GLN B 409 28.26 -33.05 19.78
C GLN B 409 28.45 -33.15 18.27
N ILE B 410 28.31 -34.33 17.68
CA ILE B 410 28.45 -34.47 16.24
C ILE B 410 27.14 -34.05 15.59
N ALA B 411 27.00 -32.76 15.32
CA ALA B 411 25.80 -32.19 14.73
C ALA B 411 26.12 -30.77 14.28
N PRO B 412 25.37 -30.24 13.30
CA PRO B 412 25.68 -28.90 12.80
C PRO B 412 25.41 -27.83 13.85
N GLY B 413 26.30 -26.85 13.89
CA GLY B 413 26.15 -25.73 14.82
C GLY B 413 26.24 -26.10 16.28
N GLN B 414 27.13 -27.04 16.61
CA GLN B 414 27.32 -27.48 17.99
C GLN B 414 28.69 -27.01 18.49
N THR B 415 28.79 -26.81 19.80
CA THR B 415 30.01 -26.35 20.43
C THR B 415 30.54 -27.38 21.42
N GLY B 416 31.82 -27.23 21.75
CA GLY B 416 32.46 -28.16 22.66
C GLY B 416 33.88 -28.55 22.25
N LYS B 417 34.58 -29.26 23.12
CA LYS B 417 35.94 -29.69 22.85
C LYS B 417 36.04 -30.52 21.58
N ILE B 418 35.07 -31.41 21.35
CA ILE B 418 35.11 -32.26 20.16
C ILE B 418 34.82 -31.45 18.91
N ALA B 419 33.75 -30.66 18.94
CA ALA B 419 33.36 -29.85 17.78
C ALA B 419 34.39 -28.78 17.43
N ASP B 420 35.11 -28.26 18.42
CA ASP B 420 36.06 -27.19 18.17
C ASP B 420 37.47 -27.65 17.82
N TYR B 421 37.93 -28.78 18.37
CA TYR B 421 39.30 -29.21 18.12
C TYR B 421 39.43 -30.52 17.36
N ASN B 422 38.37 -31.32 17.23
CA ASN B 422 38.51 -32.64 16.64
C ASN B 422 37.80 -32.81 15.30
N TYR B 423 36.50 -32.50 15.23
CA TYR B 423 35.76 -32.68 13.99
C TYR B 423 34.66 -31.64 13.91
N LYS B 424 34.73 -30.78 12.89
CA LYS B 424 33.80 -29.67 12.73
C LYS B 424 33.04 -29.85 11.42
N LEU B 425 31.71 -29.90 11.52
CA LEU B 425 30.77 -30.05 10.42
C LEU B 425 30.36 -28.67 9.89
N PRO B 426 30.09 -28.55 8.60
CA PRO B 426 29.71 -27.25 8.05
C PRO B 426 28.30 -26.84 8.47
N ASP B 427 28.04 -25.54 8.33
CA ASP B 427 26.76 -24.99 8.77
C ASP B 427 25.61 -25.49 7.91
N ASP B 428 25.83 -25.65 6.60
CA ASP B 428 24.79 -26.12 5.70
C ASP B 428 24.94 -27.58 5.33
N PHE B 429 25.44 -28.40 6.26
CA PHE B 429 25.68 -29.81 5.97
C PHE B 429 24.37 -30.50 5.66
N THR B 430 24.33 -31.23 4.54
CA THR B 430 23.14 -32.00 4.21
C THR B 430 23.47 -33.50 4.19
N GLY B 431 23.02 -34.20 5.22
CA GLY B 431 23.28 -35.62 5.33
C GLY B 431 22.92 -36.09 6.73
N CYS B 432 23.31 -37.33 7.01
CA CYS B 432 22.95 -37.95 8.28
C CYS B 432 24.15 -38.61 8.96
N VAL B 433 24.09 -38.61 10.28
CA VAL B 433 25.07 -39.23 11.16
C VAL B 433 24.46 -40.44 11.87
N ILE B 434 25.15 -41.57 11.77
CA ILE B 434 24.75 -42.85 12.33
C ILE B 434 25.84 -43.33 13.27
N ALA B 435 25.43 -43.83 14.44
CA ALA B 435 26.37 -44.29 15.46
C ALA B 435 25.78 -45.47 16.21
N TRP B 436 26.65 -46.36 16.67
CA TRP B 436 26.24 -47.48 17.51
C TRP B 436 27.37 -47.91 18.44
N ASN B 437 26.96 -48.50 19.56
CA ASN B 437 27.87 -49.03 20.57
C ASN B 437 28.63 -50.27 20.10
N SER B 438 29.95 -50.24 20.26
CA SER B 438 30.84 -51.32 19.84
C SER B 438 31.61 -51.89 21.03
N ASN B 439 30.98 -51.88 22.20
CA ASN B 439 31.60 -52.35 23.44
C ASN B 439 32.11 -53.78 23.33
N ASN B 440 31.45 -54.61 22.52
CA ASN B 440 31.85 -56.01 22.34
C ASN B 440 33.18 -56.15 21.61
N LEU B 441 33.59 -55.16 20.83
CA LEU B 441 34.82 -55.24 20.06
C LEU B 441 35.95 -54.38 20.60
N ASP B 442 35.67 -53.16 21.07
CA ASP B 442 36.73 -52.24 21.47
C ASP B 442 36.93 -52.15 22.98
N SER B 443 36.19 -52.93 23.77
CA SER B 443 36.39 -52.91 25.21
C SER B 443 37.13 -54.17 25.67
N TYR B 449 45.84 -48.07 24.87
CA TYR B 449 46.08 -46.67 24.53
C TYR B 449 46.12 -46.47 23.03
N ASN B 450 45.61 -47.47 22.30
CA ASN B 450 45.61 -47.40 20.84
C ASN B 450 44.73 -46.26 20.33
N TYR B 451 43.71 -45.88 21.07
CA TYR B 451 42.79 -44.83 20.64
C TYR B 451 43.18 -43.53 21.34
N LEU B 452 43.35 -42.47 20.55
CA LEU B 452 43.69 -41.16 21.09
C LEU B 452 42.72 -40.09 20.63
N TYR B 453 42.76 -38.94 21.31
CA TYR B 453 41.95 -37.79 20.94
C TYR B 453 42.73 -36.54 21.33
N ARG B 454 42.41 -35.44 20.66
CA ARG B 454 43.06 -34.16 20.98
C ARG B 454 42.36 -33.48 22.15
N ASN B 460 39.56 -23.09 17.40
CA ASN B 460 38.70 -23.88 16.52
C ASN B 460 39.30 -23.97 15.12
N LEU B 461 38.66 -24.77 14.26
CA LEU B 461 39.11 -24.95 12.89
C LEU B 461 37.92 -24.85 11.95
N LYS B 462 38.20 -24.50 10.70
CA LYS B 462 37.15 -24.41 9.70
C LYS B 462 36.62 -25.81 9.37
N PRO B 463 35.34 -25.92 9.03
CA PRO B 463 34.78 -27.21 8.66
C PRO B 463 35.56 -27.88 7.54
N PHE B 464 35.70 -29.20 7.63
CA PHE B 464 36.40 -30.02 6.63
C PHE B 464 37.86 -29.57 6.48
N GLU B 465 38.56 -29.59 7.61
CA GLU B 465 39.98 -29.27 7.64
C GLU B 465 40.71 -30.32 8.46
N ARG B 466 41.98 -30.54 8.14
CA ARG B 466 42.79 -31.57 8.77
C ARG B 466 43.97 -30.93 9.50
N ASP B 467 44.29 -31.49 10.67
CA ASP B 467 45.44 -31.06 11.46
C ASP B 467 46.14 -32.33 11.96
N ILE B 468 47.27 -32.67 11.32
CA ILE B 468 48.00 -33.88 11.66
C ILE B 468 49.39 -33.51 12.17
N SER B 469 49.50 -32.35 12.81
CA SER B 469 50.76 -31.86 13.34
C SER B 469 50.84 -32.14 14.84
N THR B 470 52.05 -32.43 15.30
CA THR B 470 52.33 -32.73 16.69
C THR B 470 53.25 -31.70 17.34
N GLU B 471 53.22 -30.46 16.84
CA GLU B 471 54.09 -29.42 17.35
C GLU B 471 53.70 -29.03 18.77
N ILE B 472 54.61 -28.31 19.43
CA ILE B 472 54.43 -27.89 20.81
C ILE B 472 53.71 -26.56 20.83
N TYR B 473 52.67 -26.46 21.65
CA TYR B 473 51.91 -25.23 21.78
C TYR B 473 52.70 -24.17 22.56
N ASN B 487 56.72 -25.12 27.18
CA ASN B 487 55.44 -24.80 26.56
C ASN B 487 55.01 -25.90 25.60
N CYS B 488 54.98 -27.13 26.10
CA CYS B 488 54.58 -28.28 25.29
C CYS B 488 53.55 -29.10 26.05
N TYR B 489 52.62 -29.69 25.29
CA TYR B 489 51.60 -30.56 25.85
C TYR B 489 51.40 -31.73 24.91
N PHE B 490 50.93 -32.84 25.47
CA PHE B 490 50.62 -34.00 24.64
C PHE B 490 49.35 -33.70 23.83
N PRO B 491 49.41 -33.83 22.52
CA PRO B 491 48.19 -33.65 21.73
C PRO B 491 47.28 -34.87 21.83
N LEU B 492 47.86 -35.98 22.29
CA LEU B 492 47.16 -37.26 22.37
C LEU B 492 46.81 -37.59 23.82
N GLN B 493 45.58 -38.01 24.05
CA GLN B 493 45.13 -38.48 25.35
C GLN B 493 44.61 -39.91 25.15
N SER B 494 44.77 -40.77 26.14
CA SER B 494 44.32 -42.14 25.98
C SER B 494 43.01 -42.42 26.71
N TYR B 495 42.21 -43.29 26.11
CA TYR B 495 40.93 -43.72 26.66
C TYR B 495 41.14 -44.81 27.71
N GLY B 496 40.42 -44.71 28.82
CA GLY B 496 40.56 -45.71 29.87
C GLY B 496 39.65 -46.89 29.65
N PHE B 497 39.98 -47.72 28.66
CA PHE B 497 39.15 -48.86 28.26
C PHE B 497 39.22 -49.93 29.34
N GLN B 498 38.16 -50.05 30.13
CA GLN B 498 38.11 -51.12 31.12
C GLN B 498 37.01 -52.12 30.77
N PRO B 499 37.33 -53.42 30.75
CA PRO B 499 36.37 -54.46 30.35
C PRO B 499 35.30 -54.74 31.39
N THR B 500 34.58 -53.70 31.81
CA THR B 500 33.50 -53.83 32.78
C THR B 500 32.26 -53.08 32.31
N VAL B 503 28.68 -47.37 30.97
CA VAL B 503 27.84 -46.81 29.93
C VAL B 503 28.36 -45.44 29.50
N GLY B 504 28.68 -44.61 30.49
CA GLY B 504 29.17 -43.27 30.20
C GLY B 504 30.53 -43.23 29.56
N TYR B 505 31.36 -44.27 29.76
CA TYR B 505 32.70 -44.31 29.22
C TYR B 505 32.90 -45.30 28.08
N GLN B 506 31.91 -46.13 27.74
CA GLN B 506 32.14 -47.13 26.70
C GLN B 506 32.33 -46.47 25.33
N PRO B 507 33.05 -47.13 24.43
CA PRO B 507 33.23 -46.59 23.08
C PRO B 507 32.02 -46.78 22.18
N TYR B 508 31.77 -45.79 21.32
CA TYR B 508 30.71 -45.85 20.33
C TYR B 508 31.31 -45.57 18.97
N ARG B 509 30.86 -46.31 17.96
CA ARG B 509 31.34 -46.17 16.59
C ARG B 509 30.37 -45.27 15.82
N VAL B 510 30.88 -44.17 15.27
CA VAL B 510 30.09 -43.18 14.55
C VAL B 510 30.56 -43.07 13.11
N VAL B 511 29.62 -43.08 12.17
CA VAL B 511 29.87 -42.91 10.74
C VAL B 511 29.00 -41.76 10.23
N VAL B 512 29.64 -40.74 9.66
CA VAL B 512 28.94 -39.58 9.08
C VAL B 512 28.97 -39.67 7.55
N LEU B 513 27.77 -39.62 6.94
CA LEU B 513 27.60 -39.66 5.50
C LEU B 513 27.31 -38.25 4.97
N SER B 514 28.26 -37.69 4.22
CA SER B 514 28.12 -36.38 3.61
C SER B 514 27.69 -36.53 2.16
N PHE B 515 26.60 -35.86 1.78
CA PHE B 515 26.02 -35.98 0.45
C PHE B 515 26.24 -34.68 -0.32
N GLU B 516 26.80 -34.81 -1.53
CA GLU B 516 26.96 -33.67 -2.45
C GLU B 516 25.91 -33.81 -3.55
N LEU B 517 24.93 -32.91 -3.56
CA LEU B 517 23.80 -32.98 -4.49
C LEU B 517 23.85 -31.93 -5.59
N LEU B 518 24.96 -31.21 -5.76
CA LEU B 518 24.98 -30.13 -6.74
C LEU B 518 26.29 -29.91 -7.47
N HIS B 519 27.44 -30.29 -6.93
CA HIS B 519 28.72 -29.91 -7.54
C HIS B 519 28.98 -30.52 -8.91
N ALA B 520 28.22 -31.53 -9.34
CA ALA B 520 28.56 -32.19 -10.60
C ALA B 520 27.35 -33.00 -11.05
N PRO B 521 27.38 -33.53 -12.29
CA PRO B 521 26.33 -34.46 -12.71
C PRO B 521 26.24 -35.67 -11.78
N ALA B 522 25.02 -36.14 -11.55
CA ALA B 522 24.82 -37.24 -10.62
C ALA B 522 25.12 -38.58 -11.27
N THR B 523 25.78 -39.46 -10.52
CA THR B 523 26.23 -40.75 -11.02
C THR B 523 25.84 -41.93 -10.15
N VAL B 524 25.45 -41.70 -8.89
CA VAL B 524 25.02 -42.76 -7.99
C VAL B 524 23.53 -42.63 -7.71
N CYS B 525 22.74 -43.51 -8.33
CA CYS B 525 21.29 -43.52 -8.26
C CYS B 525 20.83 -44.81 -7.57
N GLY B 526 19.65 -44.75 -6.95
CA GLY B 526 19.08 -45.91 -6.35
C GLY B 526 18.54 -46.88 -7.39
N PRO B 527 18.11 -48.06 -6.95
CA PRO B 527 17.63 -49.11 -7.86
C PRO B 527 16.21 -48.90 -8.40
N LYS B 528 16.12 -48.07 -9.43
CA LYS B 528 14.85 -47.78 -10.08
C LYS B 528 14.96 -48.05 -11.56
N LYS B 529 14.04 -48.85 -12.09
CA LYS B 529 14.02 -49.20 -13.51
C LYS B 529 13.48 -48.05 -14.35
N SER B 530 14.05 -47.87 -15.54
CA SER B 530 13.62 -46.84 -16.47
C SER B 530 12.44 -47.32 -17.31
N THR B 531 11.76 -46.37 -17.94
CA THR B 531 10.69 -46.66 -18.88
C THR B 531 10.84 -45.80 -20.12
N ASN B 532 10.03 -46.11 -21.13
CA ASN B 532 10.05 -45.41 -22.41
C ASN B 532 9.40 -44.04 -22.29
N LEU B 533 9.83 -43.12 -23.15
CA LEU B 533 9.35 -41.74 -23.16
C LEU B 533 8.35 -41.53 -24.28
N VAL B 534 7.24 -40.85 -23.94
CA VAL B 534 6.16 -40.54 -24.87
C VAL B 534 6.16 -39.04 -25.15
N LYS B 535 6.15 -38.69 -26.42
CA LYS B 535 6.26 -37.32 -26.93
C LYS B 535 4.93 -36.71 -27.30
N ASN B 536 4.92 -35.38 -27.36
CA ASN B 536 3.78 -34.53 -27.74
C ASN B 536 2.56 -34.63 -26.82
N LYS B 537 2.75 -34.98 -25.55
CA LYS B 537 1.61 -35.01 -24.63
C LYS B 537 2.04 -34.43 -23.29
N CYS B 538 1.10 -33.83 -22.56
CA CYS B 538 1.45 -33.30 -21.24
C CYS B 538 1.72 -34.50 -20.34
N VAL B 539 2.96 -34.63 -19.86
CA VAL B 539 3.38 -35.74 -19.03
C VAL B 539 4.16 -35.22 -17.83
N ASN B 540 4.14 -36.02 -16.76
CA ASN B 540 4.94 -35.73 -15.57
C ASN B 540 6.20 -36.57 -15.67
N PHE B 541 7.31 -35.91 -15.97
CA PHE B 541 8.58 -36.55 -16.29
C PHE B 541 9.51 -36.51 -15.08
N ASN B 542 10.48 -37.42 -15.09
CA ASN B 542 11.50 -37.49 -14.05
C ASN B 542 12.85 -37.85 -14.69
N PHE B 543 13.70 -36.84 -14.86
CA PHE B 543 15.02 -37.00 -15.45
C PHE B 543 16.05 -36.85 -14.34
N ASN B 544 16.62 -37.98 -13.91
CA ASN B 544 17.67 -38.04 -12.88
C ASN B 544 17.34 -37.18 -11.66
N GLY B 545 16.07 -37.19 -11.25
CA GLY B 545 15.61 -36.40 -10.13
C GLY B 545 14.97 -35.07 -10.49
N LEU B 546 15.06 -34.65 -11.74
CA LEU B 546 14.45 -33.41 -12.20
C LEU B 546 13.02 -33.72 -12.63
N THR B 547 12.05 -33.13 -11.95
CA THR B 547 10.65 -33.40 -12.20
C THR B 547 9.94 -32.15 -12.73
N GLY B 548 8.81 -32.38 -13.40
CA GLY B 548 8.02 -31.31 -13.98
C GLY B 548 6.95 -31.89 -14.88
N THR B 549 6.13 -30.99 -15.44
CA THR B 549 5.07 -31.37 -16.35
C THR B 549 5.15 -30.52 -17.62
N GLY B 550 5.00 -31.17 -18.77
CA GLY B 550 5.03 -30.46 -20.03
C GLY B 550 5.00 -31.41 -21.20
N VAL B 551 4.99 -30.81 -22.39
CA VAL B 551 5.04 -31.54 -23.66
C VAL B 551 6.49 -31.58 -24.12
N LEU B 552 6.98 -32.78 -24.41
CA LEU B 552 8.36 -32.96 -24.87
C LEU B 552 8.38 -33.08 -26.40
N THR B 553 9.11 -32.18 -27.05
CA THR B 553 9.22 -32.13 -28.50
C THR B 553 10.67 -31.99 -28.92
N GLU B 554 10.89 -32.20 -30.21
CA GLU B 554 12.21 -32.05 -30.83
C GLU B 554 12.64 -30.58 -30.84
N SER B 555 13.95 -30.35 -30.83
CA SER B 555 14.48 -29.00 -30.80
C SER B 555 15.68 -28.89 -31.73
N ASN B 556 16.01 -27.65 -32.06
CA ASN B 556 17.15 -27.31 -32.92
C ASN B 556 18.12 -26.38 -32.22
N LYS B 557 18.15 -26.38 -30.89
CA LYS B 557 19.11 -25.58 -30.13
C LYS B 557 20.39 -26.38 -29.97
N LYS B 558 21.48 -25.89 -30.56
CA LYS B 558 22.76 -26.60 -30.59
C LYS B 558 23.48 -26.39 -29.26
N PHE B 559 23.26 -27.30 -28.32
CA PHE B 559 24.01 -27.28 -27.08
C PHE B 559 25.48 -27.60 -27.33
N LEU B 560 26.36 -26.91 -26.63
CA LEU B 560 27.77 -27.22 -26.78
C LEU B 560 28.08 -28.44 -25.90
N PRO B 561 29.17 -29.16 -26.18
CA PRO B 561 29.45 -30.37 -25.40
C PRO B 561 29.49 -30.23 -23.88
N PHE B 562 29.76 -29.05 -23.34
CA PHE B 562 29.90 -28.95 -21.89
C PHE B 562 28.65 -28.53 -21.12
N GLN B 563 27.59 -28.02 -21.75
CA GLN B 563 26.39 -27.66 -20.99
C GLN B 563 25.38 -28.78 -21.06
N GLN B 564 24.71 -29.04 -19.93
CA GLN B 564 23.73 -30.12 -19.88
C GLN B 564 22.28 -29.65 -19.85
N PHE B 565 21.93 -28.60 -19.13
CA PHE B 565 20.57 -28.08 -19.17
C PHE B 565 20.56 -26.55 -19.19
N GLY B 566 19.52 -25.99 -19.81
CA GLY B 566 19.31 -24.56 -19.85
C GLY B 566 18.10 -24.19 -19.02
N ARG B 567 18.12 -22.99 -18.46
CA ARG B 567 17.03 -22.51 -17.61
C ARG B 567 16.48 -21.19 -18.14
N ASP B 568 15.21 -20.93 -17.83
CA ASP B 568 14.55 -19.69 -18.25
C ASP B 568 15.05 -18.51 -17.44
N ILE B 569 14.50 -17.32 -17.72
CA ILE B 569 14.67 -16.19 -16.82
C ILE B 569 14.12 -16.51 -15.43
N ALA B 570 13.09 -17.35 -15.37
CA ALA B 570 12.59 -17.85 -14.10
C ALA B 570 13.31 -19.15 -13.76
N ASP B 571 13.36 -19.45 -12.47
CA ASP B 571 14.09 -20.64 -12.02
C ASP B 571 13.33 -21.91 -12.38
N THR B 572 13.22 -22.20 -13.68
CA THR B 572 12.54 -23.38 -14.18
C THR B 572 13.18 -23.77 -15.51
N THR B 573 13.04 -25.05 -15.85
CA THR B 573 13.72 -25.59 -17.02
C THR B 573 13.02 -25.16 -18.31
N ASP B 574 13.81 -24.73 -19.29
CA ASP B 574 13.32 -24.38 -20.62
C ASP B 574 13.55 -25.52 -21.60
N ALA B 575 14.67 -26.22 -21.45
CA ALA B 575 15.02 -27.36 -22.29
C ALA B 575 15.96 -28.24 -21.47
N VAL B 576 16.15 -29.47 -21.93
CA VAL B 576 16.96 -30.43 -21.19
C VAL B 576 17.61 -31.39 -22.16
N ARG B 577 18.69 -32.02 -21.71
CA ARG B 577 19.41 -33.00 -22.50
C ARG B 577 19.11 -34.38 -21.97
N ASP B 578 18.68 -35.27 -22.84
CA ASP B 578 18.23 -36.58 -22.38
C ASP B 578 19.45 -37.41 -22.02
N PRO B 579 19.33 -38.34 -21.07
CA PRO B 579 20.42 -39.28 -20.83
C PRO B 579 20.26 -40.53 -21.68
N GLN B 580 21.32 -41.35 -21.68
CA GLN B 580 21.43 -42.59 -22.45
C GLN B 580 21.57 -42.32 -23.94
N THR B 581 20.79 -41.39 -24.48
CA THR B 581 20.81 -41.10 -25.91
C THR B 581 21.33 -39.70 -26.27
N LEU B 582 21.52 -38.82 -25.30
CA LEU B 582 22.11 -37.49 -25.51
C LEU B 582 21.36 -36.72 -26.61
N GLU B 583 20.18 -36.22 -26.24
CA GLU B 583 19.34 -35.48 -27.18
C GLU B 583 18.68 -34.33 -26.45
N ILE B 584 18.16 -33.36 -27.19
CA ILE B 584 17.63 -32.12 -26.63
C ILE B 584 16.10 -32.12 -26.73
N LEU B 585 15.43 -32.18 -25.58
CA LEU B 585 13.97 -32.18 -25.52
C LEU B 585 13.45 -30.82 -25.03
N ASP B 586 12.55 -30.22 -25.81
CA ASP B 586 11.92 -28.95 -25.44
C ASP B 586 10.71 -29.18 -24.54
N ILE B 587 10.55 -28.34 -23.52
CA ILE B 587 9.44 -28.47 -22.57
C ILE B 587 8.53 -27.25 -22.68
N THR B 588 7.30 -27.44 -23.15
CA THR B 588 6.31 -26.35 -23.23
C THR B 588 5.12 -26.64 -22.33
N PRO B 589 4.78 -25.79 -21.37
CA PRO B 589 3.65 -26.08 -20.46
C PRO B 589 2.36 -26.43 -21.20
N CYS B 590 1.64 -27.44 -20.71
CA CYS B 590 0.35 -27.80 -21.31
C CYS B 590 -0.65 -26.65 -21.10
N SER B 591 -1.51 -26.45 -22.11
CA SER B 591 -2.58 -25.44 -22.17
C SER B 591 -3.59 -25.48 -21.03
N PHE B 592 -3.98 -24.29 -20.56
CA PHE B 592 -5.00 -24.09 -19.54
C PHE B 592 -5.67 -22.73 -19.74
N GLY B 593 -6.80 -22.51 -19.08
CA GLY B 593 -7.50 -21.23 -19.21
C GLY B 593 -8.87 -21.23 -18.56
N GLY B 594 -9.38 -20.00 -18.38
CA GLY B 594 -10.71 -19.78 -17.80
C GLY B 594 -11.88 -20.19 -18.67
N VAL B 595 -13.01 -20.44 -18.00
CA VAL B 595 -14.29 -20.80 -18.63
C VAL B 595 -15.35 -19.74 -18.29
N SER B 596 -15.94 -19.14 -19.32
CA SER B 596 -17.00 -18.13 -19.18
C SER B 596 -18.29 -18.65 -19.79
N VAL B 597 -19.43 -18.28 -19.19
CA VAL B 597 -20.75 -18.73 -19.66
C VAL B 597 -21.55 -17.56 -20.23
N ILE B 598 -22.02 -17.73 -21.45
CA ILE B 598 -22.85 -16.76 -22.19
C ILE B 598 -24.32 -17.16 -22.06
N THR B 599 -25.15 -16.27 -21.52
CA THR B 599 -26.55 -16.62 -21.39
C THR B 599 -27.43 -15.44 -21.77
N PRO B 600 -28.52 -15.71 -22.50
CA PRO B 600 -29.45 -14.65 -22.91
C PRO B 600 -30.36 -14.03 -21.86
N GLY B 601 -30.89 -14.78 -20.91
CA GLY B 601 -31.77 -14.14 -19.93
C GLY B 601 -32.98 -15.01 -19.64
N THR B 602 -33.51 -14.87 -18.43
CA THR B 602 -34.65 -15.65 -17.99
C THR B 602 -35.93 -15.34 -18.79
N ASN B 603 -35.95 -14.27 -19.61
CA ASN B 603 -37.13 -14.03 -20.44
C ASN B 603 -37.08 -14.75 -21.78
N THR B 604 -36.01 -15.47 -22.10
CA THR B 604 -36.12 -16.06 -23.43
C THR B 604 -35.97 -17.56 -23.68
N SER B 605 -34.87 -18.15 -23.23
CA SER B 605 -34.61 -19.55 -23.49
C SER B 605 -33.56 -20.06 -22.51
N ASN B 606 -33.57 -21.37 -22.32
CA ASN B 606 -32.59 -22.03 -21.47
C ASN B 606 -31.37 -22.55 -22.23
N GLN B 607 -31.18 -22.12 -23.47
CA GLN B 607 -29.98 -22.48 -24.23
C GLN B 607 -28.85 -21.52 -23.90
N VAL B 608 -27.66 -22.07 -23.68
CA VAL B 608 -26.52 -21.22 -23.34
C VAL B 608 -25.30 -21.63 -24.15
N ALA B 609 -24.34 -20.71 -24.27
CA ALA B 609 -23.08 -20.96 -24.94
C ALA B 609 -21.93 -20.77 -23.97
N VAL B 610 -20.88 -21.56 -24.15
CA VAL B 610 -19.73 -21.56 -23.25
C VAL B 610 -18.50 -21.15 -24.04
N LEU B 611 -17.76 -20.19 -23.51
CA LEU B 611 -16.53 -19.68 -24.13
C LEU B 611 -15.32 -20.16 -23.34
N TYR B 612 -14.41 -20.88 -24.00
CA TYR B 612 -13.16 -21.30 -23.40
C TYR B 612 -12.09 -20.28 -23.79
N GLN B 613 -11.68 -19.45 -22.83
CA GLN B 613 -10.78 -18.35 -23.14
C GLN B 613 -9.36 -18.82 -23.44
N ASP B 614 -8.79 -18.26 -24.50
CA ASP B 614 -7.39 -18.48 -24.91
C ASP B 614 -7.01 -19.96 -25.01
N VAL B 615 -7.91 -20.78 -25.53
CA VAL B 615 -7.58 -22.19 -25.78
C VAL B 615 -8.05 -22.54 -27.18
N ASN B 616 -7.37 -23.50 -27.81
CA ASN B 616 -7.70 -23.92 -29.16
C ASN B 616 -8.81 -24.96 -29.14
N CYS B 617 -9.52 -25.08 -30.26
CA CYS B 617 -10.63 -26.03 -30.32
C CYS B 617 -10.15 -27.45 -30.58
N THR B 618 -8.85 -27.66 -30.82
CA THR B 618 -8.33 -28.99 -31.09
C THR B 618 -8.10 -29.80 -29.83
N GLU B 619 -8.59 -29.33 -28.69
CA GLU B 619 -8.62 -30.10 -27.46
C GLU B 619 -9.90 -29.75 -26.72
N VAL B 620 -10.33 -30.66 -25.85
CA VAL B 620 -11.58 -30.47 -25.14
C VAL B 620 -11.52 -29.24 -24.24
N THR B 638 -22.28 -27.32 -24.98
CA THR B 638 -23.09 -28.52 -24.86
C THR B 638 -22.74 -29.53 -25.95
N GLY B 639 -21.85 -29.13 -26.85
CA GLY B 639 -21.41 -30.01 -27.91
C GLY B 639 -22.33 -30.01 -29.13
N SER B 640 -22.62 -28.82 -29.66
CA SER B 640 -23.46 -28.68 -30.85
C SER B 640 -22.67 -28.14 -32.03
N ASN B 641 -22.08 -26.96 -31.91
CA ASN B 641 -21.22 -26.39 -32.93
C ASN B 641 -19.99 -25.82 -32.26
N VAL B 642 -18.89 -25.80 -33.01
CA VAL B 642 -17.61 -25.30 -32.50
C VAL B 642 -17.13 -24.21 -33.45
N PHE B 643 -16.89 -23.02 -32.92
CA PHE B 643 -16.41 -21.89 -33.72
C PHE B 643 -15.14 -21.33 -33.08
N GLN B 644 -14.06 -21.31 -33.84
CA GLN B 644 -12.76 -20.81 -33.40
C GLN B 644 -12.66 -19.30 -33.59
N THR B 645 -12.38 -18.57 -32.50
CA THR B 645 -12.19 -17.13 -32.59
C THR B 645 -10.89 -16.74 -31.90
N ARG B 646 -10.51 -15.47 -32.07
CA ARG B 646 -9.27 -14.95 -31.49
C ARG B 646 -9.40 -14.70 -30.00
N ALA B 647 -10.62 -14.73 -29.46
CA ALA B 647 -10.88 -14.58 -28.03
C ALA B 647 -10.85 -15.91 -27.28
N GLY B 648 -10.80 -17.01 -27.99
CA GLY B 648 -10.86 -18.36 -27.47
C GLY B 648 -11.73 -19.20 -28.37
N CYS B 649 -12.04 -20.41 -27.93
CA CYS B 649 -12.85 -21.33 -28.71
C CYS B 649 -14.29 -21.26 -28.21
N LEU B 650 -15.22 -20.86 -29.07
CA LEU B 650 -16.62 -20.67 -28.68
C LEU B 650 -17.44 -21.87 -29.12
N ILE B 651 -18.10 -22.51 -28.15
CA ILE B 651 -18.93 -23.70 -28.38
C ILE B 651 -20.39 -23.37 -28.12
N GLY B 652 -21.26 -23.73 -29.06
CA GLY B 652 -22.69 -23.58 -28.90
C GLY B 652 -23.34 -22.45 -29.68
N ALA B 653 -22.57 -21.48 -30.18
CA ALA B 653 -23.14 -20.38 -30.95
C ALA B 653 -22.92 -20.60 -32.44
N GLU B 654 -23.98 -20.38 -33.23
CA GLU B 654 -23.91 -20.46 -34.67
C GLU B 654 -23.43 -19.15 -35.29
N HIS B 655 -22.52 -19.26 -36.25
CA HIS B 655 -21.98 -18.10 -36.97
C HIS B 655 -22.90 -17.66 -38.09
N VAL B 656 -23.35 -16.40 -38.05
CA VAL B 656 -24.24 -15.84 -39.07
C VAL B 656 -23.46 -14.72 -39.74
N ASN B 657 -23.49 -14.70 -41.09
CA ASN B 657 -22.65 -13.77 -41.83
C ASN B 657 -23.11 -12.32 -41.73
N ASN B 658 -24.43 -12.07 -41.69
CA ASN B 658 -24.90 -10.70 -41.69
C ASN B 658 -24.72 -10.05 -40.32
N SER B 659 -24.26 -8.79 -40.33
CA SER B 659 -23.96 -8.00 -39.15
C SER B 659 -25.18 -7.27 -38.59
N TYR B 660 -25.12 -6.98 -37.29
CA TYR B 660 -26.16 -6.28 -36.55
C TYR B 660 -25.48 -5.41 -35.51
N GLU B 661 -26.28 -4.64 -34.76
CA GLU B 661 -25.73 -3.87 -33.67
C GLU B 661 -25.30 -4.79 -32.55
N CYS B 662 -24.17 -4.46 -31.91
CA CYS B 662 -23.61 -5.33 -30.88
C CYS B 662 -24.52 -5.35 -29.65
N ASP B 663 -24.72 -6.55 -29.09
CA ASP B 663 -25.55 -6.70 -27.90
C ASP B 663 -24.76 -7.15 -26.68
N ILE B 664 -24.30 -8.41 -26.64
CA ILE B 664 -23.46 -8.91 -25.56
C ILE B 664 -22.02 -8.93 -26.06
N PRO B 665 -21.14 -8.09 -25.54
CA PRO B 665 -19.75 -8.12 -26.01
C PRO B 665 -19.02 -9.35 -25.51
N ILE B 666 -18.24 -9.95 -26.41
CA ILE B 666 -17.36 -11.06 -26.11
C ILE B 666 -15.90 -10.63 -26.10
N GLY B 667 -15.50 -9.91 -27.14
CA GLY B 667 -14.13 -9.44 -27.27
C GLY B 667 -13.62 -9.62 -28.69
N ALA B 668 -12.57 -8.85 -29.01
CA ALA B 668 -11.93 -8.87 -30.33
C ALA B 668 -12.92 -8.58 -31.46
N GLY B 669 -13.88 -7.70 -31.20
CA GLY B 669 -14.83 -7.30 -32.21
C GLY B 669 -16.06 -8.17 -32.39
N ILE B 670 -16.16 -9.28 -31.67
CA ILE B 670 -17.27 -10.21 -31.81
C ILE B 670 -18.26 -10.03 -30.67
N CYS B 671 -19.54 -9.97 -31.00
CA CYS B 671 -20.63 -9.83 -30.04
C CYS B 671 -21.66 -10.91 -30.33
N ALA B 672 -22.53 -11.17 -29.36
CA ALA B 672 -23.48 -12.26 -29.48
C ALA B 672 -24.67 -12.10 -28.55
N VAL B 684 -29.86 -13.42 -28.42
CA VAL B 684 -30.70 -14.47 -29.00
C VAL B 684 -31.56 -13.90 -30.13
N ALA B 685 -31.70 -14.68 -31.19
CA ALA B 685 -32.47 -14.28 -32.36
C ALA B 685 -32.66 -15.50 -33.24
N SER B 686 -33.81 -15.54 -33.92
CA SER B 686 -34.19 -16.66 -34.78
C SER B 686 -34.02 -18.02 -34.10
N GLN B 687 -34.64 -18.15 -32.92
CA GLN B 687 -34.68 -19.39 -32.11
C GLN B 687 -33.30 -19.96 -31.76
N SER B 688 -32.23 -19.18 -31.87
CA SER B 688 -30.92 -19.72 -31.54
C SER B 688 -29.97 -18.59 -31.15
N ILE B 689 -28.88 -18.96 -30.49
CA ILE B 689 -27.80 -18.02 -30.17
C ILE B 689 -26.93 -17.86 -31.40
N ILE B 690 -26.67 -16.60 -31.79
CA ILE B 690 -25.86 -16.30 -32.96
C ILE B 690 -24.67 -15.45 -32.57
N ALA B 691 -23.61 -15.53 -33.39
CA ALA B 691 -22.40 -14.74 -33.19
C ALA B 691 -22.08 -14.02 -34.49
N TYR B 692 -21.67 -12.76 -34.40
CA TYR B 692 -21.48 -11.94 -35.58
C TYR B 692 -20.51 -10.82 -35.29
N THR B 693 -20.02 -10.19 -36.35
CA THR B 693 -19.19 -9.00 -36.24
C THR B 693 -20.10 -7.79 -36.01
N MET B 694 -19.77 -6.98 -35.02
CA MET B 694 -20.63 -5.85 -34.66
C MET B 694 -20.61 -4.75 -35.70
N SER B 695 -21.78 -4.15 -35.90
CA SER B 695 -21.98 -2.97 -36.72
C SER B 695 -21.71 -1.71 -35.91
N LEU B 696 -21.20 -0.69 -36.59
CA LEU B 696 -20.89 0.58 -35.94
C LEU B 696 -22.01 1.61 -36.04
N GLY B 697 -23.12 1.28 -36.69
CA GLY B 697 -24.21 2.22 -36.86
C GLY B 697 -24.70 2.34 -38.29
N ALA B 698 -25.84 3.00 -38.49
CA ALA B 698 -26.42 3.10 -39.81
C ALA B 698 -25.55 3.95 -40.73
N GLU B 699 -25.41 3.50 -41.98
CA GLU B 699 -24.63 4.20 -42.98
C GLU B 699 -25.49 5.24 -43.69
N ASN B 700 -24.99 6.47 -43.78
CA ASN B 700 -25.71 7.52 -44.49
C ASN B 700 -24.70 8.50 -45.09
N SER B 701 -25.16 9.24 -46.09
CA SER B 701 -24.34 10.24 -46.76
C SER B 701 -25.10 11.55 -46.85
N VAL B 702 -24.35 12.65 -46.84
CA VAL B 702 -24.92 13.99 -46.89
C VAL B 702 -24.80 14.51 -48.30
N ALA B 703 -25.89 15.12 -48.80
CA ALA B 703 -25.96 15.59 -50.18
C ALA B 703 -25.11 16.84 -50.37
N TYR B 704 -23.79 16.69 -50.32
CA TYR B 704 -22.91 17.84 -50.46
C TYR B 704 -22.90 18.38 -51.88
N SER B 705 -22.89 19.70 -51.98
CA SER B 705 -22.77 20.42 -53.24
C SER B 705 -22.17 21.79 -52.91
N ASN B 706 -21.67 22.47 -53.94
CA ASN B 706 -21.03 23.76 -53.79
C ASN B 706 -22.00 24.94 -53.81
N ASN B 707 -23.31 24.72 -53.81
CA ASN B 707 -24.23 25.84 -53.83
C ASN B 707 -25.58 25.52 -53.19
N SER B 708 -25.61 24.66 -52.18
CA SER B 708 -26.86 24.30 -51.51
C SER B 708 -26.71 24.35 -50.00
N ILE B 709 -27.65 25.02 -49.32
CA ILE B 709 -27.64 25.14 -47.87
C ILE B 709 -29.01 24.71 -47.32
N ALA B 710 -28.99 23.97 -46.20
CA ALA B 710 -30.17 23.52 -45.48
C ALA B 710 -30.37 24.33 -44.21
N ILE B 711 -31.55 24.90 -44.03
CA ILE B 711 -31.88 25.71 -42.86
C ILE B 711 -33.04 25.06 -42.12
N PRO B 712 -32.94 24.81 -40.82
CA PRO B 712 -34.08 24.26 -40.06
C PRO B 712 -35.24 25.24 -39.93
N THR B 713 -36.46 24.71 -40.06
CA THR B 713 -37.66 25.54 -39.87
C THR B 713 -38.37 25.34 -38.54
N ASN B 714 -37.94 24.41 -37.68
CA ASN B 714 -38.70 24.19 -36.44
C ASN B 714 -37.83 23.60 -35.32
N PHE B 715 -38.32 23.58 -34.08
CA PHE B 715 -37.51 23.12 -32.95
C PHE B 715 -38.31 22.31 -31.94
N THR B 716 -37.57 21.54 -31.13
CA THR B 716 -38.11 20.75 -30.02
C THR B 716 -37.25 20.93 -28.76
N ILE B 717 -37.89 21.01 -27.60
CA ILE B 717 -37.24 21.14 -26.30
C ILE B 717 -37.15 19.79 -25.57
N SER B 718 -35.95 19.38 -25.18
CA SER B 718 -35.69 18.12 -24.50
C SER B 718 -35.12 18.34 -23.10
N VAL B 719 -35.31 17.35 -22.21
CA VAL B 719 -34.75 17.36 -20.86
C VAL B 719 -33.91 16.10 -20.60
N THR B 720 -32.66 16.28 -20.13
CA THR B 720 -31.76 15.19 -19.77
C THR B 720 -31.38 15.24 -18.29
N THR B 721 -31.00 14.08 -17.73
CA THR B 721 -30.61 13.93 -16.32
C THR B 721 -29.18 13.45 -16.16
N GLU B 722 -28.36 14.17 -15.38
CA GLU B 722 -26.99 13.77 -15.06
C GLU B 722 -26.84 13.54 -13.56
N ILE B 723 -26.35 12.36 -13.19
CA ILE B 723 -26.20 11.91 -11.79
C ILE B 723 -24.73 11.82 -11.40
N LEU B 724 -24.33 12.53 -10.34
CA LEU B 724 -22.94 12.49 -9.85
C LEU B 724 -22.85 12.22 -8.35
N PRO B 725 -22.02 11.25 -7.92
CA PRO B 725 -21.77 11.05 -6.49
C PRO B 725 -20.87 12.14 -5.91
N VAL B 726 -21.08 12.48 -4.62
CA VAL B 726 -20.28 13.49 -3.96
C VAL B 726 -19.54 12.98 -2.72
N SER B 727 -20.11 12.05 -1.93
CA SER B 727 -19.43 11.68 -0.70
C SER B 727 -19.53 10.19 -0.37
N MET B 728 -18.74 9.79 0.63
CA MET B 728 -18.67 8.42 1.14
C MET B 728 -18.78 8.41 2.67
N THR B 729 -19.15 7.25 3.22
CA THR B 729 -19.27 7.05 4.67
C THR B 729 -17.96 7.25 5.43
N LYS B 730 -18.03 8.06 6.49
CA LYS B 730 -16.90 8.42 7.38
C LYS B 730 -16.60 7.35 8.42
N THR B 731 -15.93 6.27 8.01
CA THR B 731 -15.59 5.17 8.91
C THR B 731 -14.36 5.51 9.77
N SER B 732 -14.26 4.82 10.93
CA SER B 732 -13.12 4.96 11.84
C SER B 732 -12.82 3.63 12.52
N VAL B 733 -11.54 3.23 12.58
CA VAL B 733 -11.09 1.99 13.21
C VAL B 733 -10.12 2.26 14.34
N ASP B 734 -10.40 1.70 15.52
CA ASP B 734 -9.51 1.75 16.71
C ASP B 734 -8.49 0.62 16.67
N CYS B 735 -7.23 0.96 16.34
CA CYS B 735 -6.18 -0.06 16.12
C CYS B 735 -5.93 -0.97 17.32
N THR B 736 -5.98 -0.43 18.54
CA THR B 736 -5.64 -1.24 19.72
C THR B 736 -6.69 -2.29 20.06
N MET B 737 -7.97 -1.91 20.07
CA MET B 737 -9.05 -2.84 20.40
C MET B 737 -9.22 -3.92 19.34
N TYR B 738 -8.94 -3.61 18.08
CA TYR B 738 -9.07 -4.57 16.99
C TYR B 738 -8.10 -5.74 17.17
N ILE B 739 -6.81 -5.46 17.34
CA ILE B 739 -5.83 -6.54 17.40
C ILE B 739 -5.87 -7.23 18.77
N CYS B 740 -6.02 -6.45 19.84
CA CYS B 740 -5.98 -6.95 21.21
C CYS B 740 -7.26 -6.79 22.01
N GLY B 741 -8.35 -7.36 21.53
CA GLY B 741 -9.61 -7.15 22.22
C GLY B 741 -9.49 -7.75 23.60
N ASP B 742 -9.59 -6.88 24.61
CA ASP B 742 -9.57 -7.19 26.04
C ASP B 742 -8.47 -8.16 26.51
N SER B 743 -7.25 -8.01 25.98
CA SER B 743 -6.13 -8.85 26.42
C SER B 743 -4.91 -7.98 26.68
N THR B 744 -4.52 -7.91 27.96
CA THR B 744 -3.38 -7.12 28.42
C THR B 744 -2.03 -7.69 27.97
N GLU B 745 -1.88 -9.01 27.98
CA GLU B 745 -0.59 -9.62 27.62
C GLU B 745 -0.16 -9.33 26.18
N CYS B 746 -1.07 -9.34 25.21
CA CYS B 746 -0.69 -9.05 23.83
C CYS B 746 -0.25 -7.59 23.68
N SER B 747 -0.90 -6.68 24.38
CA SER B 747 -0.52 -5.28 24.33
C SER B 747 0.94 -5.07 24.76
N ASN B 748 1.41 -5.81 25.76
CA ASN B 748 2.83 -5.67 26.10
C ASN B 748 3.71 -6.09 24.94
N LEU B 749 3.29 -7.10 24.16
CA LEU B 749 4.04 -7.45 22.95
C LEU B 749 3.84 -6.42 21.86
N LEU B 750 2.64 -5.87 21.75
CA LEU B 750 2.35 -4.87 20.72
C LEU B 750 3.22 -3.64 20.86
N LEU B 751 3.57 -3.25 22.09
CA LEU B 751 4.38 -2.04 22.27
C LEU B 751 5.75 -2.16 21.60
N GLN B 752 6.19 -3.37 21.25
CA GLN B 752 7.46 -3.53 20.57
C GLN B 752 7.44 -3.08 19.11
N TYR B 753 6.28 -2.77 18.54
CA TYR B 753 6.20 -2.34 17.16
C TYR B 753 6.14 -0.83 17.01
N GLY B 754 6.23 -0.10 18.11
CA GLY B 754 6.23 1.36 18.05
C GLY B 754 4.92 1.97 17.60
N SER B 755 5.03 2.87 16.62
CA SER B 755 3.97 3.76 16.16
C SER B 755 3.05 3.19 15.07
N PHE B 756 3.09 1.89 14.76
CA PHE B 756 2.20 1.40 13.70
C PHE B 756 0.73 1.74 13.94
N CYS B 757 0.27 1.71 15.20
CA CYS B 757 -1.14 2.00 15.45
C CYS B 757 -1.45 3.48 15.28
N THR B 758 -0.65 4.35 15.89
CA THR B 758 -0.90 5.78 15.81
C THR B 758 -0.77 6.31 14.38
N GLN B 759 0.04 5.67 13.54
CA GLN B 759 0.18 6.13 12.17
C GLN B 759 -1.04 5.78 11.33
N LEU B 760 -1.74 4.70 11.67
CA LEU B 760 -2.94 4.29 10.94
C LEU B 760 -4.17 5.10 11.37
N ASN B 761 -4.26 5.44 12.66
CA ASN B 761 -5.36 6.25 13.16
C ASN B 761 -5.35 7.65 12.55
N ARG B 762 -4.16 8.22 12.35
CA ARG B 762 -4.05 9.53 11.70
C ARG B 762 -4.57 9.50 10.27
N ALA B 763 -4.24 8.45 9.51
CA ALA B 763 -4.70 8.36 8.11
C ALA B 763 -6.22 8.32 8.01
N LEU B 764 -6.89 7.54 8.86
CA LEU B 764 -8.36 7.46 8.81
C LEU B 764 -9.03 8.76 9.21
N THR B 765 -8.44 9.50 10.14
CA THR B 765 -8.97 10.81 10.51
C THR B 765 -8.93 11.79 9.34
N GLY B 766 -7.85 11.75 8.56
CA GLY B 766 -7.74 12.64 7.41
C GLY B 766 -8.90 12.53 6.43
N ILE B 767 -9.32 11.31 6.12
CA ILE B 767 -10.43 11.14 5.19
C ILE B 767 -11.74 11.64 5.79
N ALA B 768 -12.00 11.32 7.05
CA ALA B 768 -13.25 11.74 7.69
C ALA B 768 -13.45 13.25 7.64
N VAL B 769 -12.38 14.02 7.85
CA VAL B 769 -12.49 15.48 7.78
C VAL B 769 -12.73 15.94 6.36
N GLU B 770 -12.06 15.34 5.38
CA GLU B 770 -12.18 15.78 3.99
C GLU B 770 -13.57 15.54 3.41
N GLN B 771 -14.35 14.59 3.94
CA GLN B 771 -15.68 14.34 3.39
C GLN B 771 -16.63 15.51 3.61
N ASP B 772 -16.44 16.27 4.70
CA ASP B 772 -17.30 17.41 4.98
C ASP B 772 -17.02 18.63 4.11
N LYS B 773 -15.76 18.81 3.71
CA LYS B 773 -15.42 19.88 2.77
C LYS B 773 -16.08 19.69 1.40
N ASN B 774 -16.15 18.46 0.90
CA ASN B 774 -16.80 18.22 -0.38
C ASN B 774 -18.27 18.63 -0.38
N THR B 775 -19.02 18.23 0.65
CA THR B 775 -20.44 18.56 0.71
C THR B 775 -20.69 20.06 0.83
N GLN B 776 -19.92 20.74 1.68
CA GLN B 776 -20.10 22.17 1.87
C GLN B 776 -19.73 22.97 0.61
N GLU B 777 -18.65 22.58 -0.06
CA GLU B 777 -18.21 23.31 -1.25
C GLU B 777 -19.17 23.19 -2.42
N VAL B 778 -19.89 22.08 -2.54
CA VAL B 778 -20.84 21.90 -3.64
C VAL B 778 -22.14 22.65 -3.41
N PHE B 779 -22.72 22.55 -2.21
CA PHE B 779 -24.04 23.11 -1.96
C PHE B 779 -24.07 24.51 -1.37
N ALA B 780 -23.12 24.87 -0.51
CA ALA B 780 -23.18 26.17 0.17
C ALA B 780 -22.60 27.29 -0.70
N GLN B 781 -23.22 27.49 -1.86
CA GLN B 781 -22.78 28.53 -2.79
C GLN B 781 -23.68 29.77 -2.77
N VAL B 782 -24.71 29.80 -1.94
CA VAL B 782 -25.63 30.94 -1.86
C VAL B 782 -25.55 31.55 -0.47
N LYS B 783 -25.34 32.86 -0.40
CA LYS B 783 -25.18 33.54 0.87
C LYS B 783 -26.48 33.73 1.65
N GLN B 784 -27.64 33.73 0.99
CA GLN B 784 -28.90 34.02 1.66
C GLN B 784 -29.97 33.03 1.23
N ILE B 785 -30.97 32.86 2.07
CA ILE B 785 -32.09 31.95 1.81
C ILE B 785 -33.23 32.72 1.16
N TYR B 786 -33.45 32.47 -0.14
CA TYR B 786 -34.50 33.07 -0.96
C TYR B 786 -35.79 32.26 -0.88
N LYS B 787 -36.91 32.92 -1.18
CA LYS B 787 -38.22 32.29 -1.16
C LYS B 787 -39.05 32.72 -2.35
N THR B 788 -39.81 31.77 -2.88
CA THR B 788 -40.68 31.96 -4.04
C THR B 788 -41.93 32.73 -3.61
N PRO B 789 -42.56 33.45 -4.52
CA PRO B 789 -43.82 34.14 -4.18
C PRO B 789 -44.95 33.16 -4.01
N PRO B 790 -46.00 33.53 -3.25
CA PRO B 790 -47.14 32.62 -3.07
C PRO B 790 -47.99 32.41 -4.31
N ILE B 791 -47.94 33.30 -5.30
CA ILE B 791 -48.76 33.20 -6.50
C ILE B 791 -47.89 32.73 -7.65
N LYS B 792 -48.24 31.58 -8.24
CA LYS B 792 -47.44 30.97 -9.30
C LYS B 792 -47.92 31.45 -10.68
N ASP B 793 -47.86 32.77 -10.88
CA ASP B 793 -48.20 33.40 -12.16
C ASP B 793 -46.93 33.60 -12.99
N PHE B 794 -46.40 32.49 -13.52
CA PHE B 794 -45.16 32.53 -14.28
C PHE B 794 -45.37 32.55 -15.79
N GLY B 795 -46.45 33.17 -16.26
CA GLY B 795 -46.64 33.26 -17.69
C GLY B 795 -47.04 31.98 -18.39
N GLY B 796 -47.60 31.01 -17.66
CA GLY B 796 -47.99 29.73 -18.20
C GLY B 796 -47.03 28.59 -17.95
N PHE B 797 -45.86 28.86 -17.38
CA PHE B 797 -44.94 27.76 -17.12
C PHE B 797 -45.38 27.08 -15.83
N ASN B 798 -45.43 25.75 -15.82
CA ASN B 798 -45.89 25.03 -14.63
C ASN B 798 -44.69 24.34 -13.97
N PHE B 799 -44.35 24.78 -12.77
CA PHE B 799 -43.19 24.31 -12.00
C PHE B 799 -43.56 23.47 -10.78
N SER B 800 -44.81 23.06 -10.61
CA SER B 800 -45.19 22.37 -9.37
C SER B 800 -44.46 21.06 -9.16
N GLN B 801 -43.77 20.51 -10.16
CA GLN B 801 -43.08 19.24 -9.98
C GLN B 801 -41.65 19.38 -9.48
N ILE B 802 -41.12 20.60 -9.38
CA ILE B 802 -39.76 20.80 -8.92
C ILE B 802 -39.69 21.64 -7.64
N LEU B 803 -40.69 22.47 -7.34
CA LEU B 803 -40.67 23.25 -6.12
C LEU B 803 -41.14 22.42 -4.93
N PRO B 804 -40.71 22.77 -3.72
CA PRO B 804 -41.18 22.03 -2.53
C PRO B 804 -42.68 22.17 -2.34
N ASP B 805 -43.31 21.07 -1.94
CA ASP B 805 -44.73 21.03 -1.66
C ASP B 805 -44.90 21.09 -0.15
N PRO B 806 -45.43 22.18 0.40
CA PRO B 806 -45.52 22.29 1.87
C PRO B 806 -46.34 21.17 2.52
N SER B 807 -47.12 20.42 1.77
CA SER B 807 -47.96 19.38 2.34
C SER B 807 -47.21 18.09 2.62
N LYS B 808 -45.97 17.93 2.10
CA LYS B 808 -45.23 16.74 2.47
C LYS B 808 -44.27 17.02 3.62
N PRO B 809 -43.91 15.99 4.41
CA PRO B 809 -42.94 16.19 5.48
C PRO B 809 -41.56 16.59 4.94
N SER B 810 -40.83 17.34 5.77
CA SER B 810 -39.50 17.86 5.49
C SER B 810 -39.42 18.71 4.23
N LYS B 811 -40.57 19.02 3.62
CA LYS B 811 -40.66 19.91 2.46
C LYS B 811 -39.72 19.47 1.33
N ARG B 812 -40.09 18.36 0.71
CA ARG B 812 -39.40 17.85 -0.47
C ARG B 812 -40.31 17.95 -1.68
N SER B 813 -39.71 18.01 -2.85
CA SER B 813 -40.49 18.03 -4.08
C SER B 813 -40.90 16.60 -4.45
N PRO B 814 -41.89 16.45 -5.34
CA PRO B 814 -42.28 15.09 -5.75
C PRO B 814 -41.16 14.26 -6.37
N ILE B 815 -40.38 14.85 -7.27
CA ILE B 815 -39.26 14.11 -7.88
C ILE B 815 -38.23 13.72 -6.82
N GLU B 816 -37.92 14.64 -5.92
CA GLU B 816 -36.95 14.38 -4.86
C GLU B 816 -37.38 13.23 -3.96
N ASP B 817 -38.68 13.15 -3.66
CA ASP B 817 -39.22 12.02 -2.90
C ASP B 817 -39.06 10.70 -3.66
N LEU B 818 -39.22 10.73 -4.97
CA LEU B 818 -39.07 9.50 -5.76
C LEU B 818 -37.65 8.95 -5.71
N LEU B 819 -36.64 9.83 -5.75
CA LEU B 819 -35.26 9.34 -5.69
C LEU B 819 -34.92 8.72 -4.34
N PHE B 820 -35.39 9.32 -3.25
CA PHE B 820 -35.17 8.72 -1.94
C PHE B 820 -35.95 7.42 -1.72
N ASN B 821 -37.01 7.19 -2.47
CA ASN B 821 -37.76 5.95 -2.38
C ASN B 821 -37.31 4.88 -3.38
N LYS B 822 -36.35 5.16 -4.25
CA LYS B 822 -35.87 4.14 -5.18
C LYS B 822 -34.48 3.62 -4.87
N VAL B 823 -33.60 4.40 -4.27
CA VAL B 823 -32.29 3.92 -3.87
C VAL B 823 -32.35 3.44 -2.42
N THR B 824 -31.92 2.20 -2.20
CA THR B 824 -32.06 1.54 -0.91
C THR B 824 -30.69 1.39 -0.27
N LEU B 825 -30.62 1.59 1.04
CA LEU B 825 -29.36 1.46 1.77
C LEU B 825 -29.34 0.18 2.59
N GLN B 850 -25.20 -1.94 13.23
CA GLN B 850 -24.43 -2.95 13.94
C GLN B 850 -23.21 -2.29 14.58
N LYS B 851 -22.67 -2.90 15.63
CA LYS B 851 -21.51 -2.35 16.34
C LYS B 851 -20.74 -3.49 16.97
N PHE B 852 -19.43 -3.49 16.74
CA PHE B 852 -18.52 -4.51 17.24
C PHE B 852 -17.36 -3.93 18.05
N ASN B 853 -16.15 -4.39 17.73
CA ASN B 853 -14.93 -4.06 18.46
C ASN B 853 -14.07 -3.09 17.66
N GLY B 854 -14.25 -1.80 17.93
CA GLY B 854 -13.48 -0.74 17.32
C GLY B 854 -13.99 -0.24 15.99
N LEU B 855 -15.11 -0.75 15.50
CA LEU B 855 -15.67 -0.32 14.23
C LEU B 855 -16.83 0.62 14.51
N THR B 856 -16.73 1.87 14.07
CA THR B 856 -17.80 2.84 14.25
C THR B 856 -18.05 3.61 12.96
N VAL B 857 -19.24 4.21 12.89
CA VAL B 857 -19.66 5.01 11.74
C VAL B 857 -20.06 6.38 12.26
N LEU B 858 -19.43 7.40 11.76
CA LEU B 858 -19.75 8.75 12.23
C LEU B 858 -20.88 9.38 11.42
N PRO B 859 -21.71 10.20 12.06
CA PRO B 859 -22.81 10.85 11.34
C PRO B 859 -22.30 12.01 10.51
N PRO B 860 -22.96 12.35 9.41
CA PRO B 860 -22.54 13.53 8.64
C PRO B 860 -22.88 14.82 9.37
N LEU B 861 -22.12 15.87 9.07
CA LEU B 861 -22.37 17.16 9.71
C LEU B 861 -23.64 17.82 9.18
N LEU B 862 -23.88 17.76 7.87
CA LEU B 862 -25.08 18.33 7.26
C LEU B 862 -26.12 17.24 7.06
N THR B 863 -27.24 17.34 7.78
CA THR B 863 -28.28 16.33 7.67
C THR B 863 -29.04 16.49 6.36
N ASP B 864 -29.72 15.41 5.97
CA ASP B 864 -30.48 15.42 4.71
C ASP B 864 -31.57 16.49 4.70
N GLU B 865 -32.17 16.78 5.85
CA GLU B 865 -33.18 17.84 5.91
C GLU B 865 -32.58 19.21 5.62
N MET B 866 -31.36 19.47 6.12
CA MET B 866 -30.76 20.78 5.96
C MET B 866 -30.25 21.01 4.54
N ILE B 867 -29.82 19.94 3.85
CA ILE B 867 -29.40 20.08 2.46
C ILE B 867 -30.58 20.50 1.58
N ALA B 868 -31.77 19.94 1.85
CA ALA B 868 -32.95 20.29 1.06
C ALA B 868 -33.24 21.78 1.08
N GLN B 869 -32.91 22.47 2.17
CA GLN B 869 -33.11 23.92 2.24
C GLN B 869 -32.18 24.68 1.29
N TYR B 870 -30.96 24.19 1.07
CA TYR B 870 -30.09 24.84 0.09
C TYR B 870 -30.60 24.71 -1.34
N THR B 871 -31.09 23.54 -1.73
CA THR B 871 -31.60 23.39 -3.10
C THR B 871 -32.87 24.20 -3.32
N SER B 872 -33.69 24.40 -2.29
CA SER B 872 -34.85 25.27 -2.42
C SER B 872 -34.46 26.71 -2.67
N ALA B 873 -33.45 27.21 -1.97
CA ALA B 873 -32.99 28.58 -2.16
C ALA B 873 -32.47 28.79 -3.58
N LEU B 874 -31.75 27.81 -4.13
CA LEU B 874 -31.24 27.93 -5.49
C LEU B 874 -32.35 27.95 -6.53
N LEU B 875 -33.40 27.15 -6.35
CA LEU B 875 -34.50 27.17 -7.31
C LEU B 875 -35.27 28.49 -7.25
N ALA B 876 -35.55 29.00 -6.05
CA ALA B 876 -36.28 30.25 -5.92
C ALA B 876 -35.49 31.43 -6.51
N GLY B 877 -34.17 31.44 -6.31
CA GLY B 877 -33.36 32.49 -6.89
C GLY B 877 -33.33 32.48 -8.41
N THR B 878 -33.08 31.31 -9.00
CA THR B 878 -33.02 31.20 -10.46
C THR B 878 -34.33 31.58 -11.12
N ILE B 879 -35.46 31.22 -10.52
CA ILE B 879 -36.76 31.51 -11.12
C ILE B 879 -37.08 33.00 -11.06
N THR B 880 -36.74 33.67 -9.96
CA THR B 880 -37.12 35.06 -9.77
C THR B 880 -36.07 36.09 -10.21
N SER B 881 -34.80 35.71 -10.33
CA SER B 881 -33.78 36.72 -10.62
C SER B 881 -32.77 36.32 -11.68
N GLY B 882 -32.92 35.17 -12.33
CA GLY B 882 -31.95 34.74 -13.32
C GLY B 882 -30.57 34.51 -12.73
N TRP B 883 -29.54 35.06 -13.39
CA TRP B 883 -28.16 34.93 -12.96
C TRP B 883 -27.66 36.10 -12.12
N THR B 884 -28.49 37.13 -11.91
CA THR B 884 -28.02 38.33 -11.24
C THR B 884 -27.69 38.09 -9.77
N PHE B 885 -28.35 37.11 -9.13
CA PHE B 885 -28.04 36.83 -7.74
C PHE B 885 -26.66 36.20 -7.54
N GLY B 886 -26.05 35.69 -8.60
CA GLY B 886 -24.69 35.20 -8.50
C GLY B 886 -23.62 36.27 -8.43
N ALA B 887 -23.74 37.30 -9.30
CA ALA B 887 -22.74 38.36 -9.34
C ALA B 887 -22.82 39.30 -8.14
N GLY B 888 -24.04 39.67 -7.73
CA GLY B 888 -24.20 40.58 -6.61
C GLY B 888 -25.56 40.48 -5.95
N PRO B 889 -26.31 41.59 -5.95
CA PRO B 889 -27.64 41.59 -5.35
C PRO B 889 -28.68 41.01 -6.29
N ALA B 890 -29.72 40.43 -5.68
CA ALA B 890 -30.81 39.79 -6.42
C ALA B 890 -31.74 40.84 -7.02
N LEU B 891 -31.76 40.95 -8.34
CA LEU B 891 -32.60 41.88 -9.08
C LEU B 891 -33.73 41.09 -9.73
N GLN B 892 -34.96 41.34 -9.30
CA GLN B 892 -36.12 40.64 -9.87
C GLN B 892 -36.32 41.01 -11.34
N ILE B 893 -36.78 40.04 -12.11
CA ILE B 893 -37.13 40.24 -13.53
C ILE B 893 -38.25 39.27 -13.90
N PRO B 894 -39.24 39.71 -14.68
CA PRO B 894 -40.30 38.79 -15.12
C PRO B 894 -39.77 37.57 -15.84
N PHE B 895 -40.35 36.41 -15.54
CA PHE B 895 -39.83 35.15 -16.07
C PHE B 895 -39.89 35.04 -17.60
N PRO B 896 -40.95 35.45 -18.30
CA PRO B 896 -40.87 35.40 -19.77
C PRO B 896 -39.77 36.26 -20.35
N MET B 897 -39.46 37.41 -19.73
CA MET B 897 -38.36 38.24 -20.23
C MET B 897 -37.01 37.59 -19.99
N GLN B 898 -36.87 36.83 -18.91
CA GLN B 898 -35.66 36.05 -18.70
C GLN B 898 -35.43 35.02 -19.81
N MET B 899 -36.49 34.31 -20.20
CA MET B 899 -36.37 33.37 -21.31
C MET B 899 -36.02 34.05 -22.63
N ALA B 900 -36.48 35.28 -22.83
CA ALA B 900 -36.13 36.01 -24.05
C ALA B 900 -34.63 36.22 -24.19
N TYR B 901 -33.94 36.52 -23.08
CA TYR B 901 -32.49 36.68 -23.15
C TYR B 901 -31.77 35.36 -23.37
N ARG B 902 -32.22 34.28 -22.74
CA ARG B 902 -31.59 32.98 -22.94
C ARG B 902 -31.65 32.54 -24.40
N PHE B 903 -32.72 32.88 -25.12
CA PHE B 903 -32.79 32.60 -26.55
C PHE B 903 -31.80 33.46 -27.33
N ASN B 904 -31.68 34.73 -26.97
CA ASN B 904 -30.74 35.62 -27.63
C ASN B 904 -29.31 35.13 -27.52
N GLY B 905 -28.96 34.46 -26.42
CA GLY B 905 -27.60 33.95 -26.25
C GLY B 905 -27.19 32.85 -27.21
N ILE B 906 -28.15 32.22 -27.89
CA ILE B 906 -27.83 31.16 -28.84
C ILE B 906 -28.08 31.59 -30.28
N GLY B 907 -28.22 32.89 -30.51
CA GLY B 907 -28.38 33.41 -31.86
C GLY B 907 -29.76 33.40 -32.46
N VAL B 908 -30.81 33.41 -31.64
CA VAL B 908 -32.19 33.47 -32.13
C VAL B 908 -32.83 34.72 -31.55
N THR B 909 -33.31 35.61 -32.41
CA THR B 909 -33.93 36.86 -31.98
C THR B 909 -35.12 36.61 -31.06
N GLN B 910 -35.22 37.46 -30.04
CA GLN B 910 -36.29 37.38 -29.04
C GLN B 910 -37.70 37.43 -29.62
N ASN B 911 -37.90 37.93 -30.83
CA ASN B 911 -39.26 37.93 -31.37
C ASN B 911 -39.77 36.53 -31.64
N VAL B 912 -38.89 35.54 -31.76
CA VAL B 912 -39.31 34.16 -31.97
C VAL B 912 -40.09 33.67 -30.75
N LEU B 913 -39.62 33.98 -29.55
CA LEU B 913 -40.28 33.56 -28.32
C LEU B 913 -41.67 34.16 -28.16
N TYR B 914 -41.79 35.49 -28.36
CA TYR B 914 -43.07 36.15 -28.06
C TYR B 914 -44.19 35.69 -28.98
N GLU B 915 -43.91 35.49 -30.26
CA GLU B 915 -44.96 34.99 -31.15
C GLU B 915 -45.32 33.53 -30.85
N ASN B 916 -44.38 32.74 -30.36
CA ASN B 916 -44.63 31.33 -30.09
C ASN B 916 -44.71 31.01 -28.60
N GLN B 917 -45.01 32.00 -27.77
CA GLN B 917 -44.99 31.82 -26.31
C GLN B 917 -45.94 30.72 -25.85
N LYS B 918 -47.12 30.62 -26.45
CA LYS B 918 -48.06 29.56 -26.05
C LYS B 918 -47.55 28.17 -26.42
N LEU B 919 -46.99 28.02 -27.62
CA LEU B 919 -46.49 26.72 -28.05
C LEU B 919 -45.33 26.23 -27.20
N ILE B 920 -44.40 27.12 -26.88
CA ILE B 920 -43.22 26.79 -26.08
C ILE B 920 -43.61 26.34 -24.68
N ALA B 921 -44.55 27.03 -24.04
CA ALA B 921 -44.96 26.64 -22.69
C ALA B 921 -45.58 25.25 -22.65
N ASN B 922 -46.39 24.91 -23.65
CA ASN B 922 -47.02 23.59 -23.68
C ASN B 922 -46.00 22.47 -23.86
N GLN B 923 -44.98 22.72 -24.68
CA GLN B 923 -43.93 21.72 -24.89
C GLN B 923 -43.11 21.48 -23.63
N PHE B 924 -42.77 22.54 -22.89
CA PHE B 924 -42.01 22.40 -21.66
C PHE B 924 -42.76 21.56 -20.61
N ASN B 925 -44.06 21.85 -20.42
CA ASN B 925 -44.83 21.10 -19.42
C ASN B 925 -44.92 19.62 -19.74
N SER B 926 -45.09 19.26 -21.02
CA SER B 926 -45.17 17.84 -21.34
C SER B 926 -43.84 17.14 -21.14
N ALA B 927 -42.73 17.80 -21.50
CA ALA B 927 -41.42 17.19 -21.31
C ALA B 927 -41.12 16.94 -19.83
N ILE B 928 -41.45 17.90 -18.96
CA ILE B 928 -41.22 17.71 -17.53
C ILE B 928 -42.08 16.59 -16.97
N GLY B 929 -43.34 16.49 -17.40
CA GLY B 929 -44.18 15.40 -16.94
C GLY B 929 -43.64 14.03 -17.30
N LYS B 930 -43.04 13.91 -18.49
CA LYS B 930 -42.51 12.63 -18.95
C LYS B 930 -41.32 12.13 -18.12
N ILE B 931 -40.55 13.03 -17.52
CA ILE B 931 -39.33 12.61 -16.82
C ILE B 931 -39.67 11.67 -15.66
N GLN B 932 -40.70 11.99 -14.89
CA GLN B 932 -41.03 11.19 -13.70
C GLN B 932 -41.35 9.75 -14.08
N ASP B 933 -42.14 9.55 -15.12
CA ASP B 933 -42.46 8.19 -15.55
C ASP B 933 -41.23 7.47 -16.11
N SER B 934 -40.36 8.21 -16.80
CA SER B 934 -39.19 7.60 -17.43
C SER B 934 -38.22 7.06 -16.40
N LEU B 935 -37.81 7.89 -15.44
CA LEU B 935 -36.92 7.45 -14.38
C LEU B 935 -37.58 6.49 -13.40
N SER B 936 -38.90 6.55 -13.25
CA SER B 936 -39.60 5.61 -12.36
C SER B 936 -39.73 4.22 -12.95
N SER B 937 -39.40 4.01 -14.22
CA SER B 937 -39.58 2.73 -14.88
C SER B 937 -38.31 2.09 -15.41
N THR B 938 -37.23 2.84 -15.57
CA THR B 938 -36.00 2.26 -16.11
C THR B 938 -34.99 2.00 -15.00
N PRO B 939 -34.79 0.75 -14.58
CA PRO B 939 -33.79 0.43 -13.55
C PRO B 939 -32.37 0.77 -14.02
N SER B 940 -31.44 0.70 -13.06
CA SER B 940 -30.03 1.01 -13.28
C SER B 940 -29.77 2.48 -13.58
N ALA B 941 -30.83 3.27 -13.75
CA ALA B 941 -30.64 4.70 -14.02
C ALA B 941 -29.84 5.37 -12.90
N LEU B 942 -29.98 4.89 -11.67
CA LEU B 942 -29.22 5.39 -10.54
C LEU B 942 -28.05 4.48 -10.17
N GLY B 943 -27.58 3.65 -11.10
CA GLY B 943 -26.51 2.74 -10.80
C GLY B 943 -25.23 3.42 -10.32
N LYS B 944 -24.96 4.62 -10.85
CA LYS B 944 -23.75 5.34 -10.45
C LYS B 944 -23.75 5.69 -8.98
N LEU B 945 -24.92 5.79 -8.35
CA LEU B 945 -25.02 6.12 -6.93
C LEU B 945 -25.12 4.87 -6.05
N GLN B 946 -25.73 3.80 -6.56
CA GLN B 946 -25.85 2.58 -5.78
C GLN B 946 -24.52 1.85 -5.66
N ASP B 947 -23.67 1.93 -6.68
CA ASP B 947 -22.38 1.23 -6.63
C ASP B 947 -21.47 1.78 -5.54
N VAL B 948 -21.58 3.06 -5.21
CA VAL B 948 -20.77 3.61 -4.12
C VAL B 948 -21.15 2.99 -2.79
N VAL B 949 -22.45 2.84 -2.53
CA VAL B 949 -22.92 2.23 -1.29
C VAL B 949 -22.47 0.77 -1.19
N ASN B 950 -22.60 0.03 -2.28
CA ASN B 950 -22.29 -1.40 -2.27
C ASN B 950 -20.80 -1.67 -2.05
N GLN B 951 -19.92 -0.88 -2.66
CA GLN B 951 -18.49 -1.11 -2.52
C GLN B 951 -18.01 -0.85 -1.09
N ASN B 952 -18.55 0.16 -0.41
CA ASN B 952 -18.12 0.45 0.95
C ASN B 952 -18.60 -0.60 1.96
N ALA B 953 -19.82 -1.12 1.79
CA ALA B 953 -20.35 -2.15 2.69
C ALA B 953 -19.60 -3.46 2.56
N GLN B 954 -19.25 -3.87 1.34
CA GLN B 954 -18.56 -5.15 1.12
C GLN B 954 -17.16 -5.14 1.71
N ALA B 955 -16.43 -4.04 1.57
CA ALA B 955 -15.08 -3.93 2.13
C ALA B 955 -15.06 -4.06 3.64
N LEU B 956 -16.04 -3.48 4.32
CA LEU B 956 -16.10 -3.56 5.79
C LEU B 956 -16.45 -4.95 6.29
N ASN B 957 -17.28 -5.69 5.56
CA ASN B 957 -17.63 -7.04 5.96
C ASN B 957 -16.44 -8.00 5.92
N THR B 958 -15.60 -7.89 4.91
CA THR B 958 -14.42 -8.75 4.81
C THR B 958 -13.42 -8.50 5.93
N LEU B 959 -13.26 -7.25 6.35
CA LEU B 959 -12.34 -6.95 7.45
C LEU B 959 -12.73 -7.67 8.73
N VAL B 960 -14.02 -7.74 9.05
CA VAL B 960 -14.46 -8.46 10.24
C VAL B 960 -14.25 -9.97 10.11
N LYS B 961 -14.57 -10.53 8.93
CA LYS B 961 -14.44 -11.97 8.74
C LYS B 961 -13.00 -12.46 8.92
N GLN B 962 -12.02 -11.59 8.68
CA GLN B 962 -10.61 -11.97 8.87
C GLN B 962 -10.27 -12.39 10.29
N LEU B 963 -11.08 -12.03 11.28
CA LEU B 963 -10.79 -12.47 12.65
C LEU B 963 -10.93 -13.97 12.85
N SER B 964 -11.62 -14.67 11.95
CA SER B 964 -11.76 -16.11 12.08
C SER B 964 -10.56 -16.90 11.55
N SER B 965 -9.62 -16.26 10.86
CA SER B 965 -8.50 -16.96 10.27
C SER B 965 -7.40 -17.25 11.27
N ASN B 966 -6.70 -18.36 11.05
CA ASN B 966 -5.62 -18.79 11.94
C ASN B 966 -4.27 -18.18 11.62
N PHE B 967 -3.95 -17.96 10.34
CA PHE B 967 -2.62 -17.53 9.91
C PHE B 967 -1.53 -18.49 10.36
N GLY B 968 -1.89 -19.76 10.58
CA GLY B 968 -0.95 -20.76 11.02
C GLY B 968 -0.95 -21.07 12.51
N ALA B 969 -1.64 -20.27 13.31
CA ALA B 969 -1.70 -20.53 14.75
C ALA B 969 -2.59 -21.73 15.03
N ILE B 970 -2.42 -22.31 16.23
CA ILE B 970 -3.21 -23.49 16.57
C ILE B 970 -4.70 -23.17 16.71
N SER B 971 -5.04 -21.93 17.03
CA SER B 971 -6.45 -21.56 17.13
C SER B 971 -6.58 -20.05 16.98
N SER B 972 -7.69 -19.63 16.37
CA SER B 972 -7.93 -18.20 16.16
C SER B 972 -8.36 -17.44 17.41
N VAL B 973 -8.85 -18.13 18.43
CA VAL B 973 -9.29 -17.48 19.66
C VAL B 973 -8.08 -17.32 20.59
N LEU B 974 -7.71 -16.06 20.84
CA LEU B 974 -6.50 -15.76 21.61
C LEU B 974 -6.58 -16.25 23.06
N ASN B 975 -7.76 -16.16 23.69
CA ASN B 975 -7.87 -16.61 25.07
C ASN B 975 -7.75 -18.12 25.24
N ASP B 976 -8.16 -18.92 24.24
CA ASP B 976 -8.07 -20.36 24.39
C ASP B 976 -6.63 -20.88 24.29
N ILE B 977 -5.82 -20.29 23.43
CA ILE B 977 -4.42 -20.69 23.34
C ILE B 977 -3.62 -20.21 24.55
N LEU B 978 -3.84 -18.96 24.98
CA LEU B 978 -3.10 -18.45 26.14
C LEU B 978 -3.41 -19.23 27.40
N SER B 979 -4.62 -19.80 27.51
CA SER B 979 -5.04 -20.58 28.66
C SER B 979 -4.51 -22.02 28.67
N ARG B 980 -3.92 -22.50 27.58
CA ARG B 980 -3.40 -23.87 27.56
C ARG B 980 -1.90 -24.00 27.37
N LEU B 981 -1.22 -23.01 26.79
CA LEU B 981 0.21 -23.12 26.52
C LEU B 981 1.01 -22.27 27.51
N ASP B 982 2.20 -22.77 27.86
CA ASP B 982 3.06 -22.07 28.78
C ASP B 982 3.64 -20.79 28.15
N PRO B 983 3.87 -19.75 28.95
CA PRO B 983 4.40 -18.47 28.45
C PRO B 983 5.58 -18.61 27.49
N PRO B 984 6.60 -19.42 27.81
CA PRO B 984 7.75 -19.48 26.89
C PRO B 984 7.43 -19.91 25.48
N GLU B 985 6.34 -20.64 25.27
CA GLU B 985 5.94 -21.05 23.93
C GLU B 985 4.72 -20.30 23.41
N ALA B 986 3.84 -19.86 24.31
CA ALA B 986 2.69 -19.04 23.92
C ALA B 986 3.07 -17.73 23.24
N GLU B 987 4.20 -17.12 23.64
CA GLU B 987 4.62 -15.89 22.95
C GLU B 987 4.92 -16.14 21.47
N VAL B 988 5.44 -17.31 21.12
CA VAL B 988 5.71 -17.58 19.71
C VAL B 988 4.41 -17.73 18.92
N GLN B 989 3.43 -18.43 19.48
CA GLN B 989 2.15 -18.62 18.78
C GLN B 989 1.38 -17.32 18.66
N ILE B 990 1.41 -16.48 19.70
CA ILE B 990 0.67 -15.21 19.66
C ILE B 990 1.27 -14.27 18.62
N ASP B 991 2.59 -14.26 18.51
CA ASP B 991 3.26 -13.39 17.53
C ASP B 991 2.73 -13.61 16.12
N ARG B 992 2.37 -14.85 15.77
CA ARG B 992 1.84 -15.10 14.44
C ARG B 992 0.47 -14.43 14.24
N LEU B 993 -0.38 -14.44 15.27
CA LEU B 993 -1.68 -13.79 15.15
C LEU B 993 -1.56 -12.28 15.12
N ILE B 994 -0.64 -11.72 15.90
CA ILE B 994 -0.44 -10.27 15.91
C ILE B 994 0.03 -9.81 14.53
N THR B 995 1.01 -10.50 13.96
CA THR B 995 1.54 -10.13 12.65
C THR B 995 0.48 -10.27 11.56
N GLY B 996 -0.30 -11.35 11.58
CA GLY B 996 -1.33 -11.54 10.58
C GLY B 996 -2.45 -10.51 10.60
N ARG B 997 -2.93 -10.15 11.80
CA ARG B 997 -4.01 -9.17 11.86
C ARG B 997 -3.55 -7.76 11.54
N LEU B 998 -2.31 -7.41 11.89
CA LEU B 998 -1.81 -6.07 11.58
C LEU B 998 -1.64 -5.86 10.08
N GLN B 999 -1.20 -6.90 9.35
CA GLN B 999 -1.05 -6.77 7.90
C GLN B 999 -2.40 -6.65 7.19
N SER B 1000 -3.43 -7.34 7.70
CA SER B 1000 -4.78 -7.20 7.14
C SER B 1000 -5.33 -5.78 7.31
N LEU B 1001 -5.09 -5.17 8.48
CA LEU B 1001 -5.52 -3.79 8.70
C LEU B 1001 -4.86 -2.80 7.76
N GLN B 1002 -3.57 -2.97 7.46
CA GLN B 1002 -2.90 -2.05 6.54
C GLN B 1002 -3.48 -2.11 5.14
N THR B 1003 -3.87 -3.30 4.67
CA THR B 1003 -4.47 -3.40 3.35
C THR B 1003 -5.79 -2.64 3.25
N TYR B 1004 -6.66 -2.76 4.24
CA TYR B 1004 -7.91 -2.01 4.24
C TYR B 1004 -7.70 -0.50 4.13
N VAL B 1005 -6.79 0.05 4.93
CA VAL B 1005 -6.53 1.49 4.91
C VAL B 1005 -6.01 1.97 3.56
N THR B 1006 -5.09 1.21 2.96
CA THR B 1006 -4.53 1.61 1.65
C THR B 1006 -5.59 1.69 0.55
N GLN B 1007 -6.48 0.71 0.46
CA GLN B 1007 -7.51 0.77 -0.58
C GLN B 1007 -8.46 1.94 -0.36
N GLN B 1008 -8.72 2.31 0.89
CA GLN B 1008 -9.58 3.46 1.17
C GLN B 1008 -8.96 4.77 0.73
N LEU B 1009 -7.64 4.91 0.81
CA LEU B 1009 -7.00 6.15 0.37
C LEU B 1009 -7.14 6.35 -1.14
N ILE B 1010 -7.02 5.30 -1.93
CA ILE B 1010 -7.21 5.43 -3.37
C ILE B 1010 -8.67 5.71 -3.71
N ARG B 1011 -9.60 4.98 -3.10
CA ARG B 1011 -11.03 5.18 -3.37
C ARG B 1011 -11.50 6.57 -3.01
N ALA B 1012 -10.97 7.15 -1.93
CA ALA B 1012 -11.31 8.52 -1.56
C ALA B 1012 -10.88 9.52 -2.62
N ALA B 1013 -9.74 9.30 -3.27
CA ALA B 1013 -9.27 10.19 -4.32
C ALA B 1013 -10.21 10.21 -5.52
N GLU B 1014 -10.82 9.07 -5.86
CA GLU B 1014 -11.78 9.04 -6.96
C GLU B 1014 -13.02 9.89 -6.67
N ILE B 1015 -13.57 9.79 -5.46
CA ILE B 1015 -14.75 10.58 -5.11
C ILE B 1015 -14.43 12.07 -5.11
N ARG B 1016 -13.24 12.44 -4.62
CA ARG B 1016 -12.84 13.84 -4.60
C ARG B 1016 -12.78 14.43 -6.01
N ALA B 1017 -12.26 13.69 -6.98
CA ALA B 1017 -12.25 14.18 -8.35
C ALA B 1017 -13.67 14.41 -8.88
N SER B 1018 -14.59 13.50 -8.55
CA SER B 1018 -15.98 13.65 -8.96
C SER B 1018 -16.66 14.85 -8.30
N ALA B 1019 -16.38 15.09 -7.02
CA ALA B 1019 -16.95 16.22 -6.32
C ALA B 1019 -16.49 17.56 -6.91
N ASN B 1020 -15.24 17.64 -7.33
CA ASN B 1020 -14.75 18.87 -7.97
C ASN B 1020 -15.47 19.14 -9.29
N LEU B 1021 -15.73 18.10 -10.07
CA LEU B 1021 -16.47 18.27 -11.32
C LEU B 1021 -17.90 18.73 -11.07
N ALA B 1022 -18.56 18.19 -10.05
CA ALA B 1022 -19.93 18.61 -9.73
C ALA B 1022 -19.99 20.08 -9.35
N ALA B 1023 -19.00 20.58 -8.62
CA ALA B 1023 -19.00 22.00 -8.27
C ALA B 1023 -18.84 22.88 -9.49
N THR B 1024 -18.01 22.47 -10.45
CA THR B 1024 -17.85 23.25 -11.69
C THR B 1024 -19.12 23.29 -12.54
N LYS B 1025 -19.82 22.16 -12.68
CA LYS B 1025 -21.08 22.18 -13.45
C LYS B 1025 -22.13 23.06 -12.81
N MET B 1026 -22.29 22.96 -11.50
CA MET B 1026 -23.27 23.78 -10.80
C MET B 1026 -23.03 25.27 -11.02
N SER B 1027 -21.78 25.70 -10.89
CA SER B 1027 -21.47 27.12 -11.07
C SER B 1027 -21.66 27.57 -12.51
N GLU B 1028 -21.20 26.77 -13.48
CA GLU B 1028 -21.18 27.19 -14.89
C GLU B 1028 -22.39 26.71 -15.69
N CYS B 1029 -23.41 26.19 -15.07
CA CYS B 1029 -24.59 25.69 -15.76
C CYS B 1029 -25.86 26.20 -15.08
N VAL B 1030 -25.91 26.15 -13.75
CA VAL B 1030 -27.09 26.60 -13.01
C VAL B 1030 -27.07 28.11 -12.84
N LEU B 1031 -25.94 28.68 -12.43
CA LEU B 1031 -25.85 30.11 -12.15
C LEU B 1031 -25.70 30.96 -13.41
N GLY B 1032 -25.20 30.41 -14.50
CA GLY B 1032 -25.05 31.16 -15.73
C GLY B 1032 -25.62 30.39 -16.91
N GLN B 1033 -25.00 30.59 -18.07
CA GLN B 1033 -25.32 29.86 -19.28
C GLN B 1033 -24.02 29.52 -19.98
N SER B 1034 -23.84 28.25 -20.33
CA SER B 1034 -22.58 27.77 -20.88
C SER B 1034 -22.62 27.73 -22.40
N LYS B 1035 -21.61 28.31 -23.04
CA LYS B 1035 -21.43 28.27 -24.48
C LYS B 1035 -20.51 27.14 -24.94
N ARG B 1036 -19.88 26.43 -24.02
CA ARG B 1036 -18.96 25.35 -24.36
C ARG B 1036 -19.76 24.07 -24.61
N VAL B 1037 -19.55 23.50 -25.80
CA VAL B 1037 -20.37 22.40 -26.30
C VAL B 1037 -20.26 21.14 -25.44
N ASP B 1038 -21.42 20.51 -25.23
CA ASP B 1038 -21.64 19.27 -24.49
C ASP B 1038 -21.20 19.31 -23.03
N PHE B 1039 -20.87 20.48 -22.48
CA PHE B 1039 -20.60 20.50 -21.05
C PHE B 1039 -21.89 20.42 -20.23
N CYS B 1040 -22.99 20.97 -20.74
CA CYS B 1040 -24.26 20.96 -20.01
C CYS B 1040 -25.30 20.23 -20.88
N GLY B 1041 -25.00 19.00 -21.28
CA GLY B 1041 -25.90 18.18 -22.06
C GLY B 1041 -25.86 18.46 -23.55
N LYS B 1042 -26.48 17.55 -24.31
CA LYS B 1042 -26.58 17.68 -25.76
C LYS B 1042 -27.60 18.75 -26.17
N GLY B 1043 -27.21 19.60 -27.10
CA GLY B 1043 -28.08 20.68 -27.56
C GLY B 1043 -27.52 22.02 -27.14
N TYR B 1044 -28.29 23.06 -27.45
CA TYR B 1044 -27.91 24.41 -27.02
C TYR B 1044 -28.49 24.63 -25.63
N HIS B 1045 -27.61 24.90 -24.67
CA HIS B 1045 -28.02 24.98 -23.27
C HIS B 1045 -28.89 26.19 -22.98
N LEU B 1046 -30.00 25.99 -22.27
CA LEU B 1046 -30.82 27.08 -21.76
C LEU B 1046 -30.69 27.24 -20.26
N MET B 1047 -31.10 26.25 -19.47
CA MET B 1047 -31.05 26.36 -18.01
C MET B 1047 -31.01 24.96 -17.41
N SER B 1048 -30.64 24.87 -16.14
CA SER B 1048 -30.64 23.59 -15.43
C SER B 1048 -31.20 23.76 -14.02
N PHE B 1049 -31.71 22.65 -13.48
CA PHE B 1049 -32.34 22.61 -12.16
C PHE B 1049 -31.67 21.56 -11.30
N PRO B 1050 -31.11 21.89 -10.14
CA PRO B 1050 -30.52 20.87 -9.28
C PRO B 1050 -31.55 20.20 -8.39
N GLN B 1051 -31.30 18.92 -8.10
CA GLN B 1051 -32.11 18.15 -7.16
C GLN B 1051 -31.19 17.29 -6.31
N SER B 1052 -31.49 17.19 -5.03
CA SER B 1052 -30.64 16.37 -4.17
C SER B 1052 -31.03 14.90 -4.26
N ALA B 1053 -30.07 14.04 -3.93
CA ALA B 1053 -30.27 12.61 -3.88
C ALA B 1053 -29.30 12.06 -2.85
N PRO B 1054 -29.55 10.85 -2.34
CA PRO B 1054 -28.61 10.24 -1.37
C PRO B 1054 -27.20 10.17 -1.92
N HIS B 1055 -26.26 10.79 -1.20
CA HIS B 1055 -24.85 10.82 -1.58
C HIS B 1055 -24.62 11.36 -2.99
N GLY B 1056 -25.44 12.29 -3.46
CA GLY B 1056 -25.22 12.81 -4.80
C GLY B 1056 -26.16 13.94 -5.14
N VAL B 1057 -26.05 14.40 -6.40
CA VAL B 1057 -26.87 15.46 -6.95
C VAL B 1057 -27.36 15.05 -8.34
N VAL B 1058 -28.57 15.46 -8.68
CA VAL B 1058 -29.17 15.18 -10.00
C VAL B 1058 -29.51 16.51 -10.68
N PHE B 1059 -29.03 16.67 -11.92
CA PHE B 1059 -29.26 17.88 -12.72
C PHE B 1059 -30.25 17.63 -13.83
N LEU B 1060 -31.23 18.52 -14.00
CA LEU B 1060 -32.18 18.48 -15.11
C LEU B 1060 -31.78 19.54 -16.14
N HIS B 1061 -31.30 19.10 -17.30
CA HIS B 1061 -30.82 20.02 -18.35
C HIS B 1061 -31.87 20.24 -19.43
N VAL B 1062 -32.23 21.50 -19.66
CA VAL B 1062 -33.20 21.90 -20.68
C VAL B 1062 -32.47 22.39 -21.93
N THR B 1063 -32.70 21.75 -23.08
CA THR B 1063 -31.96 22.06 -24.30
C THR B 1063 -32.87 22.27 -25.51
N TYR B 1064 -32.37 23.08 -26.45
CA TYR B 1064 -33.01 23.43 -27.73
C TYR B 1064 -32.45 22.59 -28.88
N VAL B 1065 -33.31 21.87 -29.61
CA VAL B 1065 -32.86 21.00 -30.69
C VAL B 1065 -33.52 21.38 -32.02
N PRO B 1066 -32.72 21.79 -33.04
CA PRO B 1066 -33.26 22.08 -34.37
C PRO B 1066 -33.94 20.89 -35.06
N ALA B 1067 -35.02 21.16 -35.80
CA ALA B 1067 -35.72 20.11 -36.54
C ALA B 1067 -36.34 20.65 -37.83
N GLN B 1068 -36.79 19.72 -38.68
CA GLN B 1068 -37.52 19.96 -39.94
C GLN B 1068 -36.85 20.93 -40.92
N GLU B 1069 -35.63 20.59 -41.34
CA GLU B 1069 -34.85 21.44 -42.25
C GLU B 1069 -35.37 21.41 -43.69
N LYS B 1070 -35.06 22.48 -44.44
CA LYS B 1070 -35.38 22.61 -45.86
C LYS B 1070 -34.15 22.95 -46.68
N ASN B 1071 -34.15 22.53 -47.95
CA ASN B 1071 -33.07 22.82 -48.89
C ASN B 1071 -33.23 24.17 -49.59
N PHE B 1072 -32.18 24.99 -49.58
CA PHE B 1072 -32.15 26.27 -50.29
C PHE B 1072 -30.86 26.47 -51.07
N THR B 1073 -30.95 27.23 -52.17
CA THR B 1073 -29.80 27.71 -52.93
C THR B 1073 -29.24 29.01 -52.35
N THR B 1074 -27.90 29.14 -52.35
CA THR B 1074 -27.22 30.31 -51.77
C THR B 1074 -26.17 30.88 -52.71
N ALA B 1075 -25.62 32.05 -52.33
CA ALA B 1075 -24.56 32.76 -53.06
C ALA B 1075 -23.81 33.65 -52.08
N PRO B 1076 -22.49 33.79 -52.21
CA PRO B 1076 -21.73 34.63 -51.25
C PRO B 1076 -21.87 36.14 -51.40
N ALA B 1077 -22.24 36.70 -52.56
CA ALA B 1077 -22.32 38.15 -52.66
C ALA B 1077 -23.19 38.57 -53.83
N ILE B 1078 -23.64 39.83 -53.79
CA ILE B 1078 -24.49 40.41 -54.82
C ILE B 1078 -23.85 41.66 -55.42
N CYS B 1079 -23.81 41.72 -56.76
CA CYS B 1079 -23.29 42.90 -57.47
C CYS B 1079 -24.42 43.89 -57.72
N HIS B 1080 -24.22 45.13 -57.29
CA HIS B 1080 -25.13 46.22 -57.56
C HIS B 1080 -24.30 47.40 -58.05
N ASP B 1081 -24.56 47.84 -59.29
CA ASP B 1081 -23.88 48.99 -59.88
C ASP B 1081 -22.37 48.90 -59.76
N GLY B 1082 -21.84 47.68 -59.64
CA GLY B 1082 -20.42 47.45 -59.57
C GLY B 1082 -19.89 47.18 -58.18
N LYS B 1083 -20.64 47.54 -57.14
CA LYS B 1083 -20.26 47.29 -55.76
C LYS B 1083 -20.71 45.91 -55.29
N ALA B 1084 -19.89 45.27 -54.46
CA ALA B 1084 -20.17 43.97 -53.89
C ALA B 1084 -20.71 44.14 -52.48
N HIS B 1085 -21.93 43.65 -52.24
CA HIS B 1085 -22.59 43.74 -50.94
C HIS B 1085 -22.48 42.41 -50.20
N PHE B 1086 -22.08 42.46 -48.93
CA PHE B 1086 -22.01 41.26 -48.12
C PHE B 1086 -22.99 41.37 -46.96
N PRO B 1087 -23.55 40.25 -46.50
CA PRO B 1087 -24.51 40.29 -45.40
C PRO B 1087 -23.86 40.72 -44.10
N ARG B 1088 -24.57 41.54 -43.33
CA ARG B 1088 -24.04 41.91 -42.02
C ARG B 1088 -24.19 40.78 -41.02
N GLU B 1089 -25.35 40.13 -41.02
CA GLU B 1089 -25.62 38.93 -40.25
C GLU B 1089 -26.51 38.02 -41.09
N GLY B 1090 -26.30 36.72 -40.97
CA GLY B 1090 -27.08 35.77 -41.74
C GLY B 1090 -26.50 35.47 -43.10
N VAL B 1091 -27.29 34.76 -43.91
CA VAL B 1091 -26.87 34.35 -45.23
C VAL B 1091 -27.96 34.66 -46.25
N PHE B 1092 -27.56 34.74 -47.53
CA PHE B 1092 -28.49 34.93 -48.63
C PHE B 1092 -29.03 33.59 -49.10
N VAL B 1093 -30.35 33.50 -49.27
CA VAL B 1093 -31.00 32.30 -49.75
C VAL B 1093 -32.00 32.70 -50.82
N SER B 1094 -32.30 31.76 -51.72
CA SER B 1094 -33.26 32.00 -52.78
C SER B 1094 -34.17 30.80 -52.89
N ASN B 1095 -35.45 31.05 -53.20
CA ASN B 1095 -36.40 29.95 -53.36
C ASN B 1095 -36.49 29.58 -54.84
N GLY B 1096 -35.57 30.13 -55.64
CA GLY B 1096 -35.55 29.89 -57.07
C GLY B 1096 -35.86 31.10 -57.94
N THR B 1097 -36.53 32.11 -57.39
CA THR B 1097 -36.80 33.30 -58.20
C THR B 1097 -36.44 34.60 -57.48
N HIS B 1098 -36.50 34.61 -56.15
CA HIS B 1098 -36.22 35.82 -55.38
C HIS B 1098 -35.20 35.54 -54.30
N TRP B 1099 -34.34 36.51 -54.03
CA TRP B 1099 -33.28 36.41 -53.05
C TRP B 1099 -33.70 37.03 -51.73
N PHE B 1100 -33.37 36.36 -50.62
CA PHE B 1100 -33.72 36.81 -49.29
C PHE B 1100 -32.55 36.61 -48.34
N VAL B 1101 -32.64 37.25 -47.18
CA VAL B 1101 -31.67 37.11 -46.10
C VAL B 1101 -32.36 36.39 -44.95
N THR B 1102 -31.68 35.43 -44.34
CA THR B 1102 -32.24 34.66 -43.24
C THR B 1102 -31.17 34.30 -42.22
N GLN B 1103 -31.58 34.21 -40.97
CA GLN B 1103 -30.74 33.72 -39.90
C GLN B 1103 -30.38 32.26 -40.13
N ARG B 1104 -29.16 31.87 -39.77
CA ARG B 1104 -28.76 30.49 -40.04
C ARG B 1104 -29.58 29.46 -39.28
N ASN B 1105 -30.03 29.79 -38.06
CA ASN B 1105 -30.71 28.79 -37.22
C ASN B 1105 -32.23 28.86 -37.28
N PHE B 1106 -32.82 29.66 -38.16
CA PHE B 1106 -34.27 29.69 -38.25
C PHE B 1106 -34.72 30.38 -39.54
N TYR B 1107 -35.53 29.72 -40.36
CA TYR B 1107 -35.94 30.30 -41.63
C TYR B 1107 -36.84 31.51 -41.38
N GLU B 1108 -36.40 32.69 -41.82
CA GLU B 1108 -37.15 33.94 -41.65
C GLU B 1108 -36.77 34.91 -42.76
N PRO B 1109 -37.39 34.77 -43.93
CA PRO B 1109 -36.97 35.57 -45.09
C PRO B 1109 -37.29 37.05 -44.92
N GLN B 1110 -36.31 37.90 -45.26
CA GLN B 1110 -36.45 39.34 -45.24
C GLN B 1110 -35.98 39.92 -46.56
N ILE B 1111 -36.57 41.06 -46.94
CA ILE B 1111 -36.17 41.75 -48.17
C ILE B 1111 -34.77 42.33 -48.03
N ILE B 1112 -34.00 42.27 -49.11
CA ILE B 1112 -32.63 42.81 -49.12
C ILE B 1112 -32.71 44.33 -49.21
N THR B 1113 -32.10 45.01 -48.24
CA THR B 1113 -32.13 46.47 -48.20
C THR B 1113 -30.72 46.96 -47.89
N THR B 1114 -30.53 48.28 -47.93
CA THR B 1114 -29.26 48.90 -47.59
C THR B 1114 -28.95 48.84 -46.09
N ASP B 1115 -29.91 48.49 -45.24
CA ASP B 1115 -29.72 48.49 -43.81
C ASP B 1115 -29.35 47.14 -43.20
N ASN B 1116 -29.39 46.05 -43.96
CA ASN B 1116 -28.92 44.77 -43.48
C ASN B 1116 -27.62 44.30 -44.12
N THR B 1117 -27.16 44.94 -45.20
CA THR B 1117 -25.92 44.56 -45.85
C THR B 1117 -24.94 45.72 -45.81
N PHE B 1118 -23.67 45.44 -46.09
CA PHE B 1118 -22.65 46.46 -46.18
C PHE B 1118 -21.76 46.19 -47.39
N VAL B 1119 -21.15 47.26 -47.90
CA VAL B 1119 -20.35 47.24 -49.12
C VAL B 1119 -18.87 47.31 -48.79
N SER B 1120 -18.08 46.47 -49.46
CA SER B 1120 -16.63 46.50 -49.32
C SER B 1120 -16.03 45.95 -50.61
N GLY B 1121 -15.20 46.76 -51.27
CA GLY B 1121 -14.55 46.35 -52.50
C GLY B 1121 -15.56 46.38 -53.63
N ASN B 1122 -15.35 45.52 -54.64
CA ASN B 1122 -16.28 45.48 -55.75
C ASN B 1122 -16.53 44.04 -56.18
N CYS B 1123 -17.50 43.88 -57.07
CA CYS B 1123 -17.94 42.55 -57.52
C CYS B 1123 -16.97 41.81 -58.43
N ASP B 1124 -15.96 42.46 -59.00
CA ASP B 1124 -15.13 41.76 -59.98
C ASP B 1124 -14.00 40.96 -59.36
N VAL B 1125 -13.89 40.95 -58.04
CA VAL B 1125 -12.80 40.25 -57.35
C VAL B 1125 -13.30 38.96 -56.71
N VAL B 1126 -14.51 38.96 -56.18
CA VAL B 1126 -15.07 37.80 -55.48
C VAL B 1126 -15.58 36.78 -56.50
N ILE B 1127 -15.14 35.54 -56.33
CA ILE B 1127 -15.59 34.40 -57.13
C ILE B 1127 -16.92 33.88 -56.63
N GLY B 1128 -17.87 33.68 -57.54
CA GLY B 1128 -19.19 33.19 -57.19
C GLY B 1128 -20.30 34.21 -57.01
N ILE B 1129 -20.15 35.39 -57.57
CA ILE B 1129 -21.05 36.52 -57.35
C ILE B 1129 -22.22 36.44 -58.34
N VAL B 1130 -23.39 36.88 -57.89
CA VAL B 1130 -24.69 36.82 -58.56
C VAL B 1130 -25.25 38.23 -58.71
N ASN B 1131 -26.20 38.40 -59.63
CA ASN B 1131 -26.79 39.71 -59.90
C ASN B 1131 -28.16 39.90 -59.27
N ASN B 1132 -28.45 41.13 -58.84
CA ASN B 1132 -29.71 41.47 -58.20
C ASN B 1132 -29.90 42.98 -58.09
N THR B 1133 -30.95 43.39 -57.38
CA THR B 1133 -31.29 44.78 -57.17
C THR B 1133 -31.40 45.05 -55.68
N VAL B 1134 -30.98 46.24 -55.26
CA VAL B 1134 -30.93 46.60 -53.84
C VAL B 1134 -31.83 47.81 -53.64
N TYR B 1135 -32.72 47.73 -52.66
CA TYR B 1135 -33.74 48.74 -52.48
C TYR B 1135 -33.30 49.77 -51.45
N ASP B 1136 -33.44 51.05 -51.79
CA ASP B 1136 -32.93 52.12 -50.94
C ASP B 1136 -34.11 52.79 -50.25
N PRO B 1137 -34.24 52.69 -48.92
CA PRO B 1137 -35.39 53.29 -48.23
C PRO B 1137 -35.65 54.76 -48.52
N LEU B 1138 -34.68 55.46 -49.11
CA LEU B 1138 -34.89 56.87 -49.48
C LEU B 1138 -35.77 57.03 -50.70
N GLN B 1139 -35.75 56.06 -51.62
CA GLN B 1139 -36.50 56.17 -52.88
C GLN B 1139 -37.94 56.64 -52.69
N PRO B 1140 -38.78 56.00 -51.88
CA PRO B 1140 -40.16 56.51 -51.73
C PRO B 1140 -40.24 57.86 -51.05
N GLU B 1141 -39.20 58.25 -50.30
CA GLU B 1141 -39.20 59.55 -49.65
C GLU B 1141 -38.84 60.67 -50.61
N LEU B 1142 -38.05 60.38 -51.64
CA LEU B 1142 -37.65 61.40 -52.59
C LEU B 1142 -38.66 61.59 -53.71
N ASP B 1143 -39.42 60.55 -54.04
CA ASP B 1143 -40.46 60.66 -55.06
C ASP B 1143 -41.64 61.47 -54.56
N ALA C 27 62.50 -9.08 -16.28
CA ALA C 27 61.78 -8.49 -17.39
C ALA C 27 60.30 -8.87 -17.33
N TYR C 28 59.42 -7.95 -17.72
CA TYR C 28 57.98 -8.15 -17.66
C TYR C 28 57.39 -7.75 -19.01
N THR C 29 56.23 -8.29 -19.37
CA THR C 29 55.52 -7.86 -20.57
C THR C 29 54.04 -7.66 -20.23
N ASN C 30 53.33 -6.97 -21.13
CA ASN C 30 51.92 -6.65 -20.95
C ASN C 30 50.99 -7.66 -21.65
N SER C 31 50.15 -8.33 -20.86
CA SER C 31 49.13 -9.24 -21.35
C SER C 31 48.03 -8.46 -22.05
N PHE C 32 47.29 -9.14 -22.94
CA PHE C 32 46.28 -8.37 -23.67
C PHE C 32 44.85 -8.58 -23.16
N THR C 33 44.03 -9.35 -23.90
CA THR C 33 42.67 -9.65 -23.49
C THR C 33 42.45 -11.12 -23.11
N ARG C 34 43.49 -11.84 -22.74
CA ARG C 34 43.38 -13.23 -22.32
C ARG C 34 42.89 -13.34 -20.87
N GLY C 35 42.44 -14.54 -20.51
CA GLY C 35 42.00 -14.82 -19.16
C GLY C 35 40.52 -14.79 -18.83
N VAL C 36 39.64 -15.03 -19.80
CA VAL C 36 38.20 -15.07 -19.57
C VAL C 36 37.72 -16.51 -19.64
N TYR C 37 36.89 -16.92 -18.67
CA TYR C 37 36.36 -18.27 -18.58
C TYR C 37 34.85 -18.22 -18.31
N TYR C 38 34.18 -19.34 -18.57
CA TYR C 38 32.72 -19.42 -18.39
C TYR C 38 32.33 -19.34 -16.91
N PRO C 39 31.61 -18.31 -16.49
CA PRO C 39 31.32 -18.12 -15.07
C PRO C 39 30.31 -19.07 -14.42
N ASP C 40 29.42 -19.77 -15.15
CA ASP C 40 28.40 -20.50 -14.42
C ASP C 40 28.01 -21.89 -14.96
N LYS C 41 28.52 -22.31 -16.11
CA LYS C 41 28.24 -23.64 -16.68
C LYS C 41 26.75 -23.87 -16.99
N VAL C 42 25.94 -22.81 -17.08
CA VAL C 42 24.54 -22.89 -17.54
C VAL C 42 24.42 -22.27 -18.93
N PHE C 43 23.69 -22.93 -19.81
CA PHE C 43 23.63 -22.46 -21.19
C PHE C 43 22.73 -21.24 -21.26
N ARG C 44 23.18 -20.19 -21.95
CA ARG C 44 22.39 -19.01 -22.22
C ARG C 44 22.63 -18.54 -23.66
N SER C 45 21.63 -17.88 -24.24
CA SER C 45 21.76 -17.43 -25.61
C SER C 45 20.97 -16.15 -25.83
N SER C 46 21.44 -15.35 -26.79
CA SER C 46 20.83 -14.06 -27.15
C SER C 46 20.55 -13.19 -25.94
N VAL C 47 21.53 -13.07 -25.04
CA VAL C 47 21.36 -12.27 -23.84
C VAL C 47 22.69 -11.70 -23.38
N LEU C 48 22.64 -10.52 -22.78
CA LEU C 48 23.79 -9.83 -22.21
C LEU C 48 23.73 -10.01 -20.70
N HIS C 49 24.70 -10.71 -20.14
CA HIS C 49 24.70 -11.02 -18.72
C HIS C 49 25.88 -10.34 -18.02
N SER C 50 25.58 -9.66 -16.93
CA SER C 50 26.57 -8.96 -16.11
C SER C 50 26.95 -9.86 -14.95
N THR C 51 28.24 -10.11 -14.78
CA THR C 51 28.69 -10.93 -13.67
C THR C 51 30.00 -10.39 -13.10
N GLN C 52 30.16 -10.58 -11.79
CA GLN C 52 31.34 -10.19 -11.05
C GLN C 52 32.03 -11.42 -10.51
N ASP C 53 33.30 -11.60 -10.87
CA ASP C 53 34.08 -12.74 -10.38
C ASP C 53 35.55 -12.43 -10.57
N LEU C 54 36.40 -13.42 -10.28
CA LEU C 54 37.84 -13.29 -10.40
C LEU C 54 38.27 -13.47 -11.85
N PHE C 55 38.55 -12.38 -12.55
CA PHE C 55 38.99 -12.42 -13.93
C PHE C 55 40.36 -11.77 -14.03
N LEU C 56 41.06 -12.07 -15.13
CA LEU C 56 42.33 -11.44 -15.41
C LEU C 56 42.07 -10.04 -15.96
N PRO C 57 42.50 -8.98 -15.27
CA PRO C 57 42.30 -7.64 -15.80
C PRO C 57 42.98 -7.47 -17.15
N PHE C 58 42.33 -6.74 -18.05
CA PHE C 58 42.89 -6.50 -19.37
C PHE C 58 44.11 -5.60 -19.25
N PHE C 59 45.10 -5.83 -20.11
CA PHE C 59 46.33 -5.05 -20.11
C PHE C 59 47.10 -5.11 -18.81
N SER C 60 46.95 -6.15 -17.97
CA SER C 60 47.81 -6.10 -16.81
C SER C 60 49.25 -6.42 -17.23
N ASN C 61 50.18 -6.06 -16.36
CA ASN C 61 51.60 -6.27 -16.58
C ASN C 61 51.94 -7.70 -16.12
N VAL C 62 52.57 -8.53 -16.96
CA VAL C 62 52.89 -9.92 -16.60
C VAL C 62 54.36 -10.30 -16.61
N THR C 63 54.79 -11.05 -15.60
CA THR C 63 56.18 -11.46 -15.43
C THR C 63 56.59 -12.58 -16.39
N TRP C 64 57.73 -12.38 -17.05
CA TRP C 64 58.33 -13.30 -18.00
C TRP C 64 59.60 -13.95 -17.45
N PHE C 65 59.60 -15.28 -17.36
CA PHE C 65 60.77 -16.06 -16.99
C PHE C 65 61.23 -16.87 -18.20
N HIS C 66 62.53 -17.07 -18.29
CA HIS C 66 63.09 -17.81 -19.42
C HIS C 66 63.94 -19.00 -18.94
N ASP C 80 65.61 -24.09 -14.65
CA ASP C 80 65.65 -23.67 -13.25
C ASP C 80 64.70 -22.49 -13.01
N ASN C 81 63.95 -22.55 -11.92
CA ASN C 81 63.04 -21.48 -11.57
C ASN C 81 62.76 -21.57 -10.07
N PRO C 82 62.54 -20.45 -9.40
CA PRO C 82 62.29 -20.47 -7.95
C PRO C 82 60.84 -20.83 -7.70
N VAL C 83 60.49 -20.95 -6.42
CA VAL C 83 59.10 -21.21 -6.04
C VAL C 83 58.36 -19.89 -5.94
N LEU C 84 57.23 -19.80 -6.64
CA LEU C 84 56.48 -18.58 -6.83
C LEU C 84 55.23 -18.59 -5.96
N PRO C 85 54.77 -17.44 -5.44
CA PRO C 85 53.51 -17.44 -4.69
C PRO C 85 52.34 -17.79 -5.60
N PHE C 86 51.34 -18.45 -5.00
CA PHE C 86 50.09 -18.81 -5.67
C PHE C 86 48.97 -17.81 -5.42
N ASN C 87 48.97 -17.19 -4.24
CA ASN C 87 47.96 -16.26 -3.74
C ASN C 87 46.52 -16.61 -4.14
N ASP C 88 45.82 -15.70 -4.81
CA ASP C 88 44.41 -15.91 -5.12
C ASP C 88 44.16 -16.53 -6.50
N GLY C 89 45.18 -17.04 -7.18
CA GLY C 89 44.98 -17.65 -8.48
C GLY C 89 46.06 -17.31 -9.47
N VAL C 90 46.33 -18.23 -10.39
CA VAL C 90 47.40 -18.06 -11.36
C VAL C 90 46.86 -18.31 -12.76
N TYR C 91 47.25 -17.45 -13.70
CA TYR C 91 47.10 -17.68 -15.12
C TYR C 91 48.44 -18.20 -15.65
N PHE C 92 48.42 -19.31 -16.37
CA PHE C 92 49.64 -19.88 -16.90
C PHE C 92 49.48 -20.16 -18.38
N ALA C 93 50.53 -19.90 -19.15
CA ALA C 93 50.54 -20.17 -20.57
C ALA C 93 51.93 -20.59 -20.99
N SER C 94 52.00 -21.45 -22.00
CA SER C 94 53.28 -21.96 -22.47
C SER C 94 53.23 -22.20 -23.97
N THR C 95 54.41 -22.20 -24.59
CA THR C 95 54.53 -22.45 -26.01
C THR C 95 55.79 -23.25 -26.32
N ASN C 99 57.82 -31.97 -25.55
CA ASN C 99 57.24 -32.27 -24.25
C ASN C 99 58.13 -31.75 -23.13
N ILE C 100 58.60 -30.50 -23.27
CA ILE C 100 59.45 -29.92 -22.25
C ILE C 100 58.64 -29.52 -21.02
N ILE C 101 57.45 -28.99 -21.25
CA ILE C 101 56.57 -28.53 -20.16
C ILE C 101 55.86 -29.75 -19.56
N ARG C 102 56.05 -29.95 -18.26
CA ARG C 102 55.47 -31.11 -17.58
C ARG C 102 54.54 -30.68 -16.46
N GLY C 103 54.54 -31.47 -15.39
CA GLY C 103 53.67 -31.27 -14.24
C GLY C 103 53.85 -29.99 -13.43
N TRP C 104 53.05 -29.88 -12.37
CA TRP C 104 53.04 -28.73 -11.48
C TRP C 104 52.96 -29.23 -10.05
N ILE C 105 53.51 -28.45 -9.13
CA ILE C 105 53.52 -28.75 -7.70
C ILE C 105 52.90 -27.59 -6.93
N PHE C 106 51.91 -27.91 -6.11
CA PHE C 106 51.22 -26.93 -5.29
C PHE C 106 51.30 -27.41 -3.84
N GLY C 107 51.53 -26.48 -2.92
CA GLY C 107 51.57 -26.85 -1.52
C GLY C 107 51.85 -25.66 -0.64
N THR C 108 52.28 -25.94 0.58
CA THR C 108 52.51 -24.92 1.61
C THR C 108 53.98 -24.78 1.98
N THR C 109 54.65 -25.88 2.34
CA THR C 109 56.06 -25.84 2.73
C THR C 109 56.96 -26.75 1.90
N LEU C 110 56.42 -27.80 1.28
CA LEU C 110 57.20 -28.75 0.48
C LEU C 110 58.37 -29.33 1.27
N ASP C 111 58.12 -29.66 2.54
CA ASP C 111 59.16 -30.17 3.41
C ASP C 111 58.67 -31.36 4.21
N SER C 112 57.71 -32.11 3.66
CA SER C 112 57.15 -33.33 4.24
C SER C 112 56.40 -33.06 5.55
N LYS C 113 56.24 -31.81 5.94
CA LYS C 113 55.51 -31.46 7.15
C LYS C 113 54.01 -31.32 6.89
N THR C 114 53.62 -31.05 5.66
CA THR C 114 52.22 -30.86 5.30
C THR C 114 52.01 -31.57 3.96
N GLN C 115 50.74 -31.75 3.58
CA GLN C 115 50.42 -32.41 2.33
C GLN C 115 50.71 -31.47 1.16
N SER C 116 51.28 -32.03 0.08
CA SER C 116 51.62 -31.22 -1.08
C SER C 116 51.23 -31.94 -2.35
N LEU C 117 50.52 -31.22 -3.22
CA LEU C 117 50.04 -31.75 -4.49
C LEU C 117 51.16 -32.00 -5.47
N LEU C 118 51.14 -33.19 -6.07
CA LEU C 118 52.08 -33.54 -7.12
C LEU C 118 51.23 -33.95 -8.32
N ILE C 119 51.38 -33.22 -9.43
CA ILE C 119 50.66 -33.49 -10.66
C ILE C 119 51.67 -33.78 -11.76
N VAL C 120 51.55 -34.93 -12.40
CA VAL C 120 52.43 -35.35 -13.48
C VAL C 120 51.59 -35.87 -14.64
N ASN C 121 51.99 -35.55 -15.86
CA ASN C 121 51.30 -36.02 -17.05
C ASN C 121 52.28 -37.01 -17.65
N ASN C 122 52.14 -38.28 -17.27
CA ASN C 122 52.98 -39.36 -17.74
C ASN C 122 52.17 -40.41 -18.49
N ALA C 123 52.73 -40.85 -19.62
CA ALA C 123 52.19 -41.96 -20.43
C ALA C 123 50.68 -41.87 -20.62
N THR C 124 50.21 -40.68 -21.01
CA THR C 124 48.81 -40.44 -21.34
C THR C 124 47.86 -40.61 -20.16
N ASN C 125 48.37 -40.90 -18.96
CA ASN C 125 47.53 -41.00 -17.77
C ASN C 125 47.99 -40.01 -16.71
N VAL C 126 47.25 -38.92 -16.53
CA VAL C 126 47.62 -37.90 -15.56
C VAL C 126 47.28 -38.41 -14.16
N VAL C 127 48.23 -38.26 -13.23
CA VAL C 127 48.07 -38.75 -11.86
C VAL C 127 48.16 -37.59 -10.90
N ILE C 128 47.20 -37.50 -9.98
CA ILE C 128 47.14 -36.44 -8.98
C ILE C 128 47.12 -37.10 -7.61
N LYS C 129 48.01 -36.65 -6.72
CA LYS C 129 48.07 -37.17 -5.36
C LYS C 129 48.33 -36.03 -4.39
N VAL C 130 47.91 -36.22 -3.15
CA VAL C 130 48.14 -35.22 -2.11
C VAL C 130 48.87 -35.89 -0.95
N CYS C 131 49.71 -36.87 -1.25
CA CYS C 131 50.40 -37.57 -0.18
C CYS C 131 51.46 -36.65 0.42
N GLU C 132 52.04 -37.07 1.54
CA GLU C 132 53.10 -36.26 2.18
C GLU C 132 54.46 -36.49 1.53
N PHE C 133 54.57 -36.05 0.27
CA PHE C 133 55.83 -36.21 -0.44
C PHE C 133 56.89 -35.24 0.09
N GLN C 134 58.13 -35.71 0.15
CA GLN C 134 59.26 -34.86 0.51
C GLN C 134 59.83 -34.35 -0.81
N PHE C 135 59.71 -33.05 -1.05
CA PHE C 135 60.14 -32.53 -2.34
C PHE C 135 61.64 -32.22 -2.34
N CYS C 136 62.23 -32.35 -3.52
CA CYS C 136 63.65 -32.13 -3.71
C CYS C 136 64.00 -30.64 -3.65
N ASN C 137 65.29 -30.38 -3.48
CA ASN C 137 65.78 -29.00 -3.66
C ASN C 137 65.74 -28.64 -5.14
N ASP C 138 66.02 -29.60 -6.01
CA ASP C 138 66.03 -29.37 -7.45
C ASP C 138 65.36 -30.56 -8.13
N PRO C 139 64.03 -30.50 -8.28
CA PRO C 139 63.32 -31.60 -8.94
C PRO C 139 63.80 -31.81 -10.37
N PHE C 140 63.93 -33.07 -10.75
CA PHE C 140 64.39 -33.42 -12.08
C PHE C 140 63.98 -34.85 -12.45
N PHE C 157 62.03 -39.30 -10.62
CA PHE C 157 61.05 -39.86 -9.69
C PHE C 157 61.29 -39.35 -8.27
N ARG C 158 62.52 -38.94 -7.99
CA ARG C 158 62.95 -38.38 -6.71
C ARG C 158 61.89 -37.46 -6.10
N VAL C 159 61.27 -36.62 -6.95
CA VAL C 159 60.24 -35.69 -6.51
C VAL C 159 59.05 -36.40 -5.89
N TYR C 160 58.84 -37.68 -6.24
CA TYR C 160 57.76 -38.49 -5.71
C TYR C 160 58.25 -39.56 -4.75
N SER C 161 59.30 -39.26 -3.98
CA SER C 161 59.81 -40.21 -3.00
C SER C 161 59.14 -39.96 -1.66
N SER C 162 59.33 -40.91 -0.73
CA SER C 162 58.77 -40.80 0.62
C SER C 162 57.26 -40.61 0.54
N ALA C 163 56.61 -41.48 -0.22
CA ALA C 163 55.16 -41.50 -0.41
C ALA C 163 54.51 -42.29 0.71
N ASN C 164 54.14 -41.58 1.78
CA ASN C 164 53.54 -42.19 2.95
C ASN C 164 52.47 -41.25 3.50
N ASN C 165 51.51 -41.85 4.20
CA ASN C 165 50.38 -41.15 4.82
C ASN C 165 49.42 -40.59 3.76
N CYS C 166 49.37 -41.26 2.60
CA CYS C 166 48.57 -40.81 1.47
C CYS C 166 47.10 -40.68 1.86
N THR C 167 46.47 -39.57 1.47
CA THR C 167 45.08 -39.32 1.77
C THR C 167 44.14 -39.19 0.57
N PHE C 168 44.65 -39.15 -0.66
CA PHE C 168 43.76 -39.02 -1.81
C PHE C 168 44.48 -39.40 -3.09
N GLU C 169 43.78 -40.16 -3.95
CA GLU C 169 44.31 -40.57 -5.25
C GLU C 169 43.15 -40.59 -6.24
N TYR C 170 43.40 -40.09 -7.44
CA TYR C 170 42.40 -39.92 -8.49
C TYR C 170 43.05 -40.20 -9.84
N VAL C 171 42.28 -40.75 -10.77
CA VAL C 171 42.81 -41.07 -12.10
C VAL C 171 41.92 -40.41 -13.14
N SER C 172 42.56 -39.69 -14.07
CA SER C 172 41.91 -38.80 -15.02
C SER C 172 42.51 -39.01 -16.41
N GLN C 173 41.94 -38.32 -17.40
CA GLN C 173 42.28 -38.47 -18.80
C GLN C 173 43.21 -37.34 -19.24
N PRO C 174 44.01 -37.55 -20.29
CA PRO C 174 45.15 -36.68 -20.54
C PRO C 174 44.82 -35.41 -21.31
N PHE C 175 45.59 -34.37 -21.02
CA PHE C 175 45.42 -33.05 -21.64
C PHE C 175 46.76 -32.63 -22.21
N LEU C 176 46.73 -32.04 -23.40
CA LEU C 176 47.93 -31.61 -24.10
C LEU C 176 48.93 -32.77 -24.27
N LYS C 187 54.37 -24.85 -31.70
CA LYS C 187 53.53 -24.06 -32.59
C LYS C 187 52.12 -23.90 -32.01
N ASN C 188 51.94 -24.34 -30.77
CA ASN C 188 50.65 -24.28 -30.11
C ASN C 188 50.84 -23.78 -28.68
N LEU C 189 50.01 -22.82 -28.29
CA LEU C 189 50.03 -22.28 -26.94
C LEU C 189 48.88 -22.86 -26.13
N ARG C 190 49.19 -23.32 -24.91
CA ARG C 190 48.25 -23.97 -24.01
C ARG C 190 48.08 -23.09 -22.77
N GLU C 191 46.90 -22.51 -22.60
CA GLU C 191 46.63 -21.63 -21.47
C GLU C 191 45.82 -22.36 -20.42
N PHE C 192 46.12 -22.07 -19.15
CA PHE C 192 45.46 -22.72 -18.03
C PHE C 192 45.13 -21.67 -16.98
N VAL C 193 44.09 -21.97 -16.19
CA VAL C 193 43.68 -21.16 -15.05
C VAL C 193 43.52 -22.07 -13.85
N PHE C 194 44.14 -21.72 -12.74
CA PHE C 194 44.05 -22.50 -11.51
C PHE C 194 43.52 -21.60 -10.41
N LYS C 195 42.39 -21.99 -9.83
CA LYS C 195 41.79 -21.23 -8.74
C LYS C 195 41.28 -22.19 -7.68
N ASN C 196 41.29 -21.73 -6.43
CA ASN C 196 40.80 -22.50 -5.29
C ASN C 196 39.63 -21.74 -4.67
N ILE C 197 38.42 -22.29 -4.79
CA ILE C 197 37.22 -21.66 -4.26
C ILE C 197 36.55 -22.64 -3.29
N ASP C 198 36.54 -22.29 -2.01
CA ASP C 198 35.90 -23.08 -0.96
C ASP C 198 36.32 -24.54 -0.99
N GLY C 199 37.60 -24.79 -1.28
CA GLY C 199 38.08 -26.15 -1.35
C GLY C 199 38.03 -26.80 -2.72
N TYR C 200 37.51 -26.10 -3.72
CA TYR C 200 37.40 -26.64 -5.08
C TYR C 200 38.58 -26.13 -5.90
N PHE C 201 39.36 -27.05 -6.44
CA PHE C 201 40.47 -26.74 -7.33
C PHE C 201 39.99 -26.85 -8.78
N LYS C 202 39.79 -25.71 -9.44
CA LYS C 202 39.22 -25.66 -10.78
C LYS C 202 40.29 -25.51 -11.85
N ILE C 203 40.23 -26.36 -12.88
CA ILE C 203 41.17 -26.39 -13.98
C ILE C 203 40.46 -26.06 -15.28
N TYR C 204 40.97 -25.06 -16.01
CA TYR C 204 40.45 -24.66 -17.31
C TYR C 204 41.57 -24.73 -18.33
N SER C 205 41.24 -25.02 -19.59
CA SER C 205 42.28 -25.06 -20.62
C SER C 205 41.69 -24.96 -22.02
N LYS C 206 42.54 -24.56 -22.96
CA LYS C 206 42.18 -24.45 -24.37
C LYS C 206 43.44 -24.52 -25.22
N HIS C 207 43.35 -25.23 -26.34
CA HIS C 207 44.44 -25.35 -27.30
C HIS C 207 44.14 -24.53 -28.55
N THR C 208 45.13 -23.76 -29.01
CA THR C 208 44.94 -22.88 -30.16
C THR C 208 46.27 -22.77 -30.89
N PRO C 209 46.25 -22.66 -32.22
CA PRO C 209 47.50 -22.42 -32.96
C PRO C 209 48.04 -21.02 -32.73
N ILE C 210 49.33 -20.85 -33.05
CA ILE C 210 50.01 -19.57 -32.91
C ILE C 210 51.08 -19.45 -33.98
N ASN C 211 51.28 -18.22 -34.46
CA ASN C 211 52.29 -17.93 -35.48
C ASN C 211 53.02 -16.64 -35.15
N LEU C 212 53.36 -16.45 -33.88
CA LEU C 212 54.05 -15.24 -33.44
C LEU C 212 54.90 -15.57 -32.23
N VAL C 213 56.23 -15.59 -32.43
CA VAL C 213 57.15 -15.87 -31.33
C VAL C 213 57.58 -14.62 -30.60
N ARG C 214 57.24 -13.43 -31.11
CA ARG C 214 57.62 -12.19 -30.44
C ARG C 214 56.80 -11.94 -29.19
N ASP C 215 55.48 -12.18 -29.24
CA ASP C 215 54.62 -11.90 -28.11
C ASP C 215 53.38 -12.79 -28.23
N LEU C 216 52.33 -12.46 -27.46
CA LEU C 216 51.09 -13.21 -27.44
C LEU C 216 50.20 -12.77 -28.58
N PRO C 217 49.58 -13.69 -29.31
CA PRO C 217 48.70 -13.27 -30.40
C PRO C 217 47.50 -12.49 -29.86
N GLN C 218 47.03 -11.55 -30.68
CA GLN C 218 45.92 -10.69 -30.31
C GLN C 218 44.60 -11.41 -30.60
N GLY C 219 43.66 -11.29 -29.69
CA GLY C 219 42.40 -11.97 -29.88
C GLY C 219 41.69 -12.22 -28.56
N PHE C 220 40.57 -12.93 -28.68
CA PHE C 220 39.70 -13.26 -27.56
C PHE C 220 39.40 -14.75 -27.59
N SER C 221 39.45 -15.39 -26.43
CA SER C 221 39.06 -16.79 -26.30
C SER C 221 38.69 -17.11 -24.87
N ALA C 222 37.50 -17.68 -24.68
CA ALA C 222 37.02 -18.10 -23.37
C ALA C 222 37.45 -19.54 -23.08
N LEU C 223 37.77 -19.81 -21.82
CA LEU C 223 38.26 -21.11 -21.38
C LEU C 223 37.17 -21.91 -20.68
N GLU C 224 36.88 -23.12 -21.19
CA GLU C 224 35.87 -24.00 -20.62
C GLU C 224 36.42 -24.81 -19.44
N PRO C 225 35.57 -25.17 -18.47
CA PRO C 225 36.04 -25.96 -17.33
C PRO C 225 36.32 -27.40 -17.69
N LEU C 226 37.34 -27.99 -17.06
CA LEU C 226 37.67 -29.39 -17.32
C LEU C 226 37.66 -30.30 -16.11
N VAL C 227 38.23 -29.88 -14.97
CA VAL C 227 38.30 -30.71 -13.77
C VAL C 227 37.98 -29.89 -12.53
N ASP C 228 37.32 -30.52 -11.56
CA ASP C 228 36.99 -29.87 -10.29
C ASP C 228 37.17 -30.85 -9.13
N LEU C 229 38.24 -30.67 -8.35
CA LEU C 229 38.58 -31.56 -7.23
C LEU C 229 38.25 -30.95 -5.88
N PRO C 230 37.40 -31.57 -5.06
CA PRO C 230 37.09 -31.06 -3.71
C PRO C 230 38.16 -31.43 -2.70
N ILE C 231 39.38 -30.91 -2.90
CA ILE C 231 40.51 -31.31 -2.08
C ILE C 231 40.58 -30.56 -0.74
N GLY C 232 40.28 -29.25 -0.70
CA GLY C 232 40.42 -28.57 0.59
C GLY C 232 41.81 -28.27 1.10
N ILE C 233 42.77 -28.01 0.22
CA ILE C 233 44.17 -27.80 0.58
C ILE C 233 44.56 -26.33 0.72
N ASN C 234 45.24 -26.02 1.83
CA ASN C 234 45.86 -24.71 2.06
C ASN C 234 47.05 -24.56 1.14
N ILE C 235 46.91 -23.79 0.07
CA ILE C 235 48.00 -23.60 -0.89
C ILE C 235 48.64 -22.25 -0.66
N THR C 236 49.95 -22.23 -0.48
CA THR C 236 50.67 -20.98 -0.26
C THR C 236 51.79 -20.73 -1.26
N ARG C 237 52.35 -21.78 -1.86
CA ARG C 237 53.41 -21.65 -2.84
C ARG C 237 53.24 -22.71 -3.91
N PHE C 238 53.84 -22.46 -5.07
CA PHE C 238 53.83 -23.45 -6.14
C PHE C 238 55.11 -23.34 -6.97
N GLN C 239 55.40 -24.41 -7.70
CA GLN C 239 56.57 -24.46 -8.56
C GLN C 239 56.23 -25.31 -9.79
N THR C 240 56.94 -25.06 -10.88
CA THR C 240 56.75 -25.81 -12.11
C THR C 240 57.78 -26.93 -12.23
N LEU C 241 57.50 -27.84 -13.17
CA LEU C 241 58.37 -28.99 -13.45
C LEU C 241 58.78 -28.97 -14.91
N LEU C 242 60.10 -28.99 -15.13
CA LEU C 242 60.67 -29.03 -16.46
C LEU C 242 61.29 -30.41 -16.68
N ALA C 243 61.31 -30.85 -17.93
CA ALA C 243 61.78 -32.19 -18.24
C ALA C 243 63.30 -32.18 -18.29
N LEU C 244 63.92 -32.87 -17.34
CA LEU C 244 65.38 -32.88 -17.23
C LEU C 244 66.01 -33.42 -18.51
N HIS C 245 67.07 -32.75 -18.95
CA HIS C 245 67.71 -33.09 -20.20
C HIS C 245 69.20 -32.75 -20.17
N GLY C 261 67.29 -20.13 -21.36
CA GLY C 261 67.67 -21.40 -21.96
C GLY C 261 66.62 -22.49 -21.78
N ALA C 262 65.36 -22.11 -21.90
CA ALA C 262 64.25 -23.04 -21.75
C ALA C 262 63.05 -22.47 -22.49
N ALA C 263 61.88 -23.08 -22.26
CA ALA C 263 60.64 -22.55 -22.78
C ALA C 263 60.22 -21.35 -21.94
N ALA C 264 59.11 -20.71 -22.27
CA ALA C 264 58.69 -19.51 -21.56
C ALA C 264 57.31 -19.72 -20.97
N TYR C 265 57.06 -19.06 -19.85
CA TYR C 265 55.73 -19.09 -19.25
C TYR C 265 55.47 -17.77 -18.56
N TYR C 266 54.19 -17.48 -18.35
CA TYR C 266 53.72 -16.22 -17.79
C TYR C 266 52.80 -16.51 -16.62
N VAL C 267 52.86 -15.64 -15.60
CA VAL C 267 52.02 -15.77 -14.43
C VAL C 267 51.28 -14.47 -14.20
N GLY C 268 49.95 -14.56 -14.10
CA GLY C 268 49.10 -13.43 -13.78
C GLY C 268 48.37 -13.69 -12.48
N TYR C 269 47.72 -12.65 -11.97
CA TYR C 269 47.03 -12.68 -10.69
C TYR C 269 45.60 -12.21 -10.91
N LEU C 270 44.66 -12.79 -10.18
CA LEU C 270 43.26 -12.47 -10.36
C LEU C 270 42.84 -11.33 -9.44
N GLN C 271 41.85 -10.58 -9.87
CA GLN C 271 41.25 -9.53 -9.06
C GLN C 271 39.73 -9.58 -9.14
N PRO C 272 39.03 -9.08 -8.12
CA PRO C 272 37.55 -9.12 -8.08
C PRO C 272 36.89 -8.07 -8.96
N ARG C 273 37.19 -8.07 -10.25
CA ARG C 273 36.61 -7.05 -11.12
C ARG C 273 35.34 -7.54 -11.81
N THR C 274 34.49 -6.58 -12.18
CA THR C 274 33.21 -6.83 -12.84
C THR C 274 33.31 -6.70 -14.36
N PHE C 275 32.81 -7.71 -15.07
CA PHE C 275 32.83 -7.76 -16.53
C PHE C 275 31.42 -7.88 -17.06
N LEU C 276 31.18 -7.34 -18.25
CA LEU C 276 29.96 -7.58 -19.01
C LEU C 276 30.24 -8.62 -20.08
N LEU C 277 29.56 -9.76 -20.02
CA LEU C 277 29.82 -10.88 -20.91
C LEU C 277 28.74 -10.98 -21.98
N LYS C 278 29.15 -11.08 -23.23
CA LYS C 278 28.25 -11.22 -24.37
C LYS C 278 28.12 -12.68 -24.79
N TYR C 279 26.93 -13.26 -24.65
CA TYR C 279 26.64 -14.60 -25.13
C TYR C 279 25.95 -14.51 -26.48
N ASN C 280 26.47 -15.24 -27.47
CA ASN C 280 25.94 -15.19 -28.82
C ASN C 280 24.78 -16.19 -28.91
N GLU C 281 24.17 -16.36 -30.09
CA GLU C 281 23.06 -17.31 -30.20
C GLU C 281 23.51 -18.75 -29.98
N ASN C 282 24.81 -19.02 -30.06
CA ASN C 282 25.37 -20.35 -29.82
C ASN C 282 25.82 -20.56 -28.38
N GLY C 283 25.89 -19.50 -27.58
CA GLY C 283 26.31 -19.62 -26.20
C GLY C 283 27.81 -19.50 -26.00
N THR C 284 28.53 -18.96 -26.97
CA THR C 284 29.96 -18.70 -26.86
C THR C 284 30.17 -17.23 -26.54
N ILE C 285 31.10 -16.96 -25.61
CA ILE C 285 31.41 -15.58 -25.25
C ILE C 285 32.14 -14.89 -26.39
N THR C 286 31.52 -13.84 -26.93
CA THR C 286 32.01 -13.15 -28.11
C THR C 286 32.51 -11.73 -27.85
N ASP C 287 32.13 -11.10 -26.74
CA ASP C 287 32.60 -9.75 -26.46
C ASP C 287 32.55 -9.50 -24.97
N ALA C 288 33.22 -8.42 -24.56
CA ALA C 288 33.24 -8.02 -23.15
C ALA C 288 33.77 -6.60 -23.03
N VAL C 289 33.29 -5.90 -22.00
CA VAL C 289 33.73 -4.55 -21.67
C VAL C 289 34.19 -4.53 -20.22
N ASP C 290 35.39 -4.00 -19.95
CA ASP C 290 35.86 -3.95 -18.56
C ASP C 290 35.26 -2.73 -17.87
N CYS C 291 34.30 -2.97 -16.97
CA CYS C 291 33.54 -1.95 -16.26
C CYS C 291 34.36 -1.10 -15.30
N ALA C 292 35.63 -1.44 -15.05
CA ALA C 292 36.51 -0.62 -14.20
C ALA C 292 37.68 0.05 -14.93
N LEU C 293 37.71 0.03 -16.27
CA LEU C 293 38.84 0.64 -16.97
C LEU C 293 38.79 2.17 -16.92
N ASP C 294 37.62 2.79 -17.06
CA ASP C 294 37.56 4.24 -17.21
C ASP C 294 36.12 4.69 -17.02
N PRO C 295 35.92 5.98 -16.69
CA PRO C 295 34.55 6.51 -16.53
C PRO C 295 33.63 6.32 -17.73
N LEU C 296 34.14 6.38 -18.96
CA LEU C 296 33.28 6.17 -20.11
C LEU C 296 32.76 4.73 -20.09
N SER C 297 33.63 3.80 -19.74
CA SER C 297 33.27 2.39 -19.62
C SER C 297 32.27 2.16 -18.50
N GLU C 298 32.35 2.95 -17.42
CA GLU C 298 31.36 2.85 -16.37
C GLU C 298 29.94 3.14 -16.88
N THR C 299 29.78 4.14 -17.75
CA THR C 299 28.45 4.41 -18.31
C THR C 299 27.95 3.28 -19.21
N LYS C 300 28.79 2.76 -20.09
CA LYS C 300 28.38 1.66 -20.97
C LYS C 300 27.97 0.42 -20.19
N CYS C 301 28.74 0.07 -19.16
CA CYS C 301 28.44 -1.13 -18.37
C CYS C 301 27.16 -0.98 -17.57
N THR C 302 26.99 0.16 -16.89
CA THR C 302 25.78 0.36 -16.09
C THR C 302 24.53 0.39 -16.96
N LEU C 303 24.62 0.97 -18.16
CA LEU C 303 23.46 1.06 -19.04
C LEU C 303 23.25 -0.19 -19.90
N LYS C 304 24.11 -1.20 -19.78
CA LYS C 304 23.99 -2.45 -20.53
C LYS C 304 23.80 -2.19 -22.02
N SER C 305 24.63 -1.29 -22.56
CA SER C 305 24.56 -0.93 -23.97
C SER C 305 25.92 -0.40 -24.40
N PHE C 306 26.19 -0.52 -25.69
CA PHE C 306 27.42 0.01 -26.26
C PHE C 306 27.26 1.43 -26.77
N THR C 307 26.06 1.99 -26.66
CA THR C 307 25.76 3.37 -27.01
C THR C 307 25.08 4.07 -25.85
N VAL C 308 25.57 5.25 -25.47
CA VAL C 308 24.97 6.03 -24.40
C VAL C 308 24.56 7.40 -24.94
N GLU C 309 23.28 7.74 -24.79
CA GLU C 309 22.73 9.01 -25.20
C GLU C 309 23.17 10.15 -24.26
N LYS C 310 23.07 11.37 -24.78
CA LYS C 310 23.40 12.58 -24.03
C LYS C 310 22.56 12.68 -22.75
N GLY C 311 23.20 13.02 -21.64
CA GLY C 311 22.48 13.15 -20.39
C GLY C 311 23.38 12.96 -19.18
N ILE C 312 22.72 12.87 -18.02
CA ILE C 312 23.34 12.69 -16.71
C ILE C 312 22.96 11.33 -16.14
N TYR C 313 23.96 10.54 -15.73
CA TYR C 313 23.75 9.21 -15.19
C TYR C 313 24.41 9.08 -13.82
N GLN C 314 23.77 8.35 -12.92
CA GLN C 314 24.29 8.02 -11.60
C GLN C 314 24.92 6.62 -11.59
N THR C 315 26.22 6.54 -11.29
CA THR C 315 26.95 5.29 -11.43
C THR C 315 27.44 4.63 -10.14
N SER C 316 27.70 5.37 -9.05
CA SER C 316 28.20 4.70 -7.85
C SER C 316 27.96 5.57 -6.61
N ASN C 317 28.60 5.19 -5.50
CA ASN C 317 28.53 5.94 -4.24
C ASN C 317 29.90 6.02 -3.58
N PHE C 318 30.33 7.24 -3.28
CA PHE C 318 31.60 7.53 -2.63
C PHE C 318 31.52 7.47 -1.11
N ARG C 319 32.44 6.73 -0.48
CA ARG C 319 32.57 6.71 0.97
C ARG C 319 34.03 6.58 1.40
N VAL C 320 34.50 7.50 2.24
CA VAL C 320 35.86 7.46 2.76
C VAL C 320 35.96 6.39 3.83
N GLN C 321 37.08 5.54 3.79
CA GLN C 321 37.27 4.45 4.74
C GLN C 321 38.03 4.88 5.99
N PRO C 322 37.79 4.23 7.13
CA PRO C 322 38.49 4.58 8.36
C PRO C 322 39.97 4.23 8.29
N THR C 323 40.79 4.96 9.04
CA THR C 323 42.23 4.73 9.02
C THR C 323 42.80 3.89 10.16
N GLU C 324 42.35 4.04 11.42
CA GLU C 324 42.87 3.19 12.49
C GLU C 324 41.85 3.04 13.63
N SER C 325 42.03 1.98 14.40
CA SER C 325 41.18 1.65 15.54
C SER C 325 41.81 2.15 16.85
N ILE C 326 40.97 2.63 17.77
CA ILE C 326 41.42 3.12 19.09
C ILE C 326 40.61 2.42 20.18
N VAL C 327 41.32 1.85 21.16
CA VAL C 327 40.70 1.15 22.29
C VAL C 327 41.01 1.88 23.60
N ARG C 328 39.96 2.27 24.33
CA ARG C 328 40.09 2.92 25.62
C ARG C 328 39.29 2.15 26.68
N PHE C 329 39.94 1.76 27.78
CA PHE C 329 39.34 0.95 28.85
C PHE C 329 39.75 1.48 30.22
N PRO C 330 38.95 1.21 31.24
CA PRO C 330 39.30 1.60 32.62
C PRO C 330 40.65 1.10 33.13
N ASN C 331 41.32 1.98 33.87
CA ASN C 331 42.65 1.78 34.46
C ASN C 331 42.57 0.92 35.73
N ILE C 332 42.14 -0.34 35.61
CA ILE C 332 42.15 -1.24 36.76
C ILE C 332 42.91 -2.54 36.47
N THR C 333 43.79 -2.93 37.39
CA THR C 333 44.58 -4.14 37.19
C THR C 333 44.32 -5.27 38.19
N ASN C 334 43.44 -5.10 39.17
CA ASN C 334 43.17 -6.18 40.12
C ASN C 334 42.38 -7.30 39.45
N LEU C 335 42.65 -8.54 39.83
CA LEU C 335 41.89 -9.68 39.35
C LEU C 335 40.97 -10.22 40.43
N CYS C 336 39.72 -10.57 40.04
CA CYS C 336 38.76 -11.17 40.96
C CYS C 336 39.07 -12.64 41.24
N PRO C 337 38.88 -13.09 42.47
CA PRO C 337 39.14 -14.47 42.85
C PRO C 337 38.07 -15.43 42.32
N PHE C 338 38.03 -15.64 41.01
CA PHE C 338 37.07 -16.61 40.49
C PHE C 338 37.36 -18.00 41.00
N GLY C 339 38.63 -18.29 41.28
CA GLY C 339 38.95 -19.56 41.91
C GLY C 339 38.32 -19.73 43.27
N GLU C 340 38.10 -18.64 44.01
CA GLU C 340 37.48 -18.72 45.33
C GLU C 340 35.99 -19.09 45.32
N VAL C 341 35.35 -19.13 44.17
CA VAL C 341 33.96 -19.55 44.09
C VAL C 341 33.84 -20.96 43.51
N PHE C 342 34.57 -21.24 42.43
CA PHE C 342 34.52 -22.53 41.75
C PHE C 342 35.29 -23.62 42.48
N ASN C 343 36.34 -23.29 43.22
CA ASN C 343 37.09 -24.28 44.00
C ASN C 343 36.78 -24.15 45.49
N ALA C 344 35.52 -23.83 45.77
CA ALA C 344 35.08 -23.62 47.15
C ALA C 344 35.03 -24.93 47.92
N THR C 345 35.34 -24.85 49.21
CA THR C 345 35.40 -26.02 50.08
C THR C 345 34.04 -26.71 50.20
N ARG C 346 32.98 -25.96 50.47
CA ARG C 346 31.66 -26.55 50.59
C ARG C 346 30.59 -25.66 50.01
N PHE C 347 29.72 -26.24 49.19
CA PHE C 347 28.60 -25.54 48.59
C PHE C 347 27.37 -25.65 49.48
N ALA C 348 26.53 -24.62 49.43
CA ALA C 348 25.30 -24.55 50.20
C ALA C 348 24.20 -25.40 49.56
N SER C 349 23.19 -25.69 50.36
CA SER C 349 22.02 -26.40 49.87
C SER C 349 21.18 -25.48 48.99
N VAL C 350 20.40 -26.09 48.09
CA VAL C 350 19.61 -25.32 47.13
C VAL C 350 18.53 -24.50 47.81
N TYR C 351 18.09 -24.91 49.00
CA TYR C 351 17.10 -24.10 49.72
C TYR C 351 17.67 -22.77 50.19
N ALA C 352 18.99 -22.65 50.31
CA ALA C 352 19.63 -21.42 50.76
C ALA C 352 20.90 -21.15 49.96
N TRP C 353 20.75 -20.94 48.66
CA TRP C 353 21.89 -20.74 47.77
C TRP C 353 22.61 -19.43 48.07
N ASN C 354 23.93 -19.46 47.88
CA ASN C 354 24.79 -18.32 48.15
C ASN C 354 24.88 -17.39 46.94
N ARG C 355 25.07 -16.10 47.20
CA ARG C 355 25.18 -15.07 46.17
C ARG C 355 26.38 -14.18 46.46
N LYS C 356 27.48 -14.42 45.75
CA LYS C 356 28.71 -13.64 45.87
C LYS C 356 28.79 -12.60 44.77
N ARG C 357 29.05 -11.35 45.15
CA ARG C 357 29.16 -10.26 44.17
C ARG C 357 30.61 -10.02 43.80
N ILE C 358 30.87 -10.03 42.49
CA ILE C 358 32.19 -9.86 41.89
C ILE C 358 32.24 -8.51 41.18
N SER C 359 33.18 -7.65 41.55
CA SER C 359 33.25 -6.32 40.95
C SER C 359 34.61 -5.67 41.16
N ASN C 360 34.81 -4.57 40.40
CA ASN C 360 36.01 -3.72 40.43
C ASN C 360 37.32 -4.51 40.25
N CYS C 361 37.39 -5.26 39.16
CA CYS C 361 38.58 -6.07 38.89
C CYS C 361 38.66 -6.41 37.40
N VAL C 362 39.80 -6.99 37.01
CA VAL C 362 40.03 -7.50 35.66
C VAL C 362 39.76 -8.99 35.67
N ALA C 363 38.77 -9.43 34.90
CA ALA C 363 38.31 -10.81 34.88
C ALA C 363 38.81 -11.55 33.64
N ASP C 364 39.73 -12.49 33.87
CA ASP C 364 40.32 -13.31 32.81
C ASP C 364 39.45 -14.55 32.62
N TYR C 365 38.69 -14.59 31.53
CA TYR C 365 37.76 -15.67 31.24
C TYR C 365 38.37 -16.78 30.38
N SER C 366 39.64 -16.67 30.01
CA SER C 366 40.27 -17.69 29.18
C SER C 366 40.56 -18.97 29.95
N VAL C 367 40.83 -18.88 31.25
CA VAL C 367 41.15 -20.08 32.01
C VAL C 367 39.95 -21.02 32.12
N LEU C 368 38.76 -20.49 32.41
CA LEU C 368 37.58 -21.36 32.49
C LEU C 368 37.20 -21.96 31.15
N TYR C 369 37.39 -21.24 30.05
CA TYR C 369 37.04 -21.78 28.74
C TYR C 369 37.98 -22.90 28.30
N ASN C 370 39.28 -22.72 28.46
CA ASN C 370 40.22 -23.76 28.02
C ASN C 370 40.31 -24.93 28.99
N SER C 371 40.09 -24.70 30.29
CA SER C 371 40.16 -25.78 31.26
C SER C 371 39.14 -26.87 30.95
N ALA C 372 39.62 -28.12 30.94
CA ALA C 372 38.79 -29.29 30.64
C ALA C 372 38.06 -29.83 31.86
N SER C 373 38.22 -29.19 33.02
CA SER C 373 37.62 -29.70 34.25
C SER C 373 36.10 -29.54 34.28
N PHE C 374 35.52 -28.70 33.43
CA PHE C 374 34.08 -28.51 33.42
C PHE C 374 33.41 -29.54 32.53
N SER C 375 32.30 -30.09 33.02
CA SER C 375 31.53 -31.07 32.25
C SER C 375 30.62 -30.44 31.22
N THR C 376 30.13 -29.23 31.49
CA THR C 376 29.28 -28.52 30.54
C THR C 376 29.54 -27.02 30.67
N PHE C 377 29.48 -26.32 29.54
CA PHE C 377 29.67 -24.86 29.53
C PHE C 377 28.83 -24.29 28.39
N LYS C 378 27.54 -24.09 28.66
CA LYS C 378 26.62 -23.58 27.67
C LYS C 378 26.19 -22.17 28.06
N CYS C 379 26.45 -21.20 27.18
CA CYS C 379 26.18 -19.80 27.49
C CYS C 379 24.99 -19.32 26.69
N TYR C 380 24.10 -18.58 27.38
CA TYR C 380 22.93 -17.94 26.80
C TYR C 380 23.09 -16.43 26.81
N GLY C 381 22.74 -15.81 25.69
CA GLY C 381 22.85 -14.37 25.61
C GLY C 381 24.12 -13.97 24.90
N VAL C 382 25.26 -14.37 25.45
CA VAL C 382 26.56 -13.99 24.92
C VAL C 382 27.35 -15.25 24.59
N SER C 383 28.20 -15.14 23.59
CA SER C 383 29.08 -16.21 23.15
C SER C 383 30.27 -16.34 24.11
N PRO C 384 30.69 -17.56 24.43
CA PRO C 384 31.84 -17.72 25.32
C PRO C 384 33.17 -17.26 24.75
N THR C 385 33.32 -17.12 23.44
CA THR C 385 34.62 -16.76 22.88
C THR C 385 34.85 -15.26 22.76
N LYS C 386 33.82 -14.42 22.84
CA LYS C 386 34.01 -12.98 22.83
C LYS C 386 34.02 -12.35 24.21
N LEU C 387 33.78 -13.13 25.26
CA LEU C 387 33.65 -12.62 26.62
C LEU C 387 34.87 -11.82 27.08
N ASN C 388 36.02 -11.98 26.42
CA ASN C 388 37.20 -11.20 26.73
C ASN C 388 37.12 -9.74 26.28
N ASP C 389 36.24 -9.41 25.34
CA ASP C 389 36.17 -8.05 24.83
C ASP C 389 35.16 -7.17 25.58
N LEU C 390 33.98 -7.72 25.89
CA LEU C 390 32.95 -7.01 26.61
C LEU C 390 33.36 -6.63 28.03
N CYS C 391 32.62 -5.65 28.58
CA CYS C 391 32.72 -5.21 29.96
C CYS C 391 31.34 -5.20 30.59
N PHE C 392 31.30 -5.43 31.90
CA PHE C 392 30.05 -5.63 32.62
C PHE C 392 30.05 -4.77 33.87
N THR C 393 28.84 -4.49 34.35
CA THR C 393 28.67 -3.66 35.54
C THR C 393 28.97 -4.45 36.81
N ASN C 394 28.41 -5.64 36.94
CA ASN C 394 28.61 -6.50 38.11
C ASN C 394 28.36 -7.93 37.71
N VAL C 395 28.96 -8.86 38.46
CA VAL C 395 28.78 -10.29 38.21
C VAL C 395 28.40 -10.95 39.53
N TYR C 396 27.42 -11.85 39.47
CA TYR C 396 27.00 -12.63 40.63
C TYR C 396 27.19 -14.12 40.37
N ALA C 397 27.71 -14.83 41.36
CA ALA C 397 27.90 -16.28 41.29
C ALA C 397 26.97 -16.96 42.29
N ASP C 398 25.92 -17.62 41.78
CA ASP C 398 24.99 -18.40 42.60
C ASP C 398 25.44 -19.86 42.59
N SER C 399 25.85 -20.38 43.74
CA SER C 399 26.42 -21.71 43.85
C SER C 399 25.55 -22.61 44.73
N PHE C 400 25.23 -23.79 44.22
CA PHE C 400 24.40 -24.75 44.95
C PHE C 400 24.67 -26.15 44.41
N VAL C 401 24.16 -27.16 45.11
CA VAL C 401 24.34 -28.56 44.75
C VAL C 401 23.01 -29.17 44.34
N ILE C 402 23.01 -29.86 43.19
CA ILE C 402 21.82 -30.45 42.58
C ILE C 402 22.20 -31.86 42.13
N ARG C 403 21.22 -32.62 41.68
CA ARG C 403 21.44 -33.98 41.21
C ARG C 403 21.09 -34.10 39.73
N GLY C 404 21.81 -35.01 39.05
CA GLY C 404 21.72 -35.10 37.60
C GLY C 404 20.30 -35.19 37.08
N ASP C 405 19.46 -35.96 37.76
CA ASP C 405 18.04 -36.03 37.45
C ASP C 405 17.40 -34.66 37.68
N GLU C 406 16.89 -34.07 36.60
CA GLU C 406 16.31 -32.72 36.53
C GLU C 406 17.37 -31.62 36.50
N VAL C 407 18.66 -31.94 36.59
CA VAL C 407 19.68 -30.91 36.52
C VAL C 407 19.55 -30.09 35.24
N ARG C 408 19.01 -30.69 34.18
CA ARG C 408 18.73 -29.96 32.95
C ARG C 408 17.71 -28.85 33.15
N GLN C 409 16.96 -28.84 34.26
CA GLN C 409 15.94 -27.84 34.47
C GLN C 409 16.49 -26.46 34.80
N ILE C 410 17.80 -26.30 34.96
CA ILE C 410 18.38 -24.98 35.15
C ILE C 410 18.58 -24.33 33.79
N ALA C 411 17.53 -23.69 33.29
CA ALA C 411 17.52 -23.09 31.97
C ALA C 411 16.26 -22.21 31.87
N PRO C 412 16.27 -21.21 31.00
CA PRO C 412 15.10 -20.35 30.85
C PRO C 412 13.89 -21.15 30.36
N GLY C 413 12.73 -20.87 30.95
CA GLY C 413 11.49 -21.49 30.53
C GLY C 413 11.38 -22.99 30.72
N GLN C 414 11.90 -23.49 31.83
CA GLN C 414 11.81 -24.92 32.15
C GLN C 414 10.84 -25.12 33.31
N THR C 415 10.24 -26.30 33.37
CA THR C 415 9.29 -26.65 34.40
C THR C 415 9.78 -27.82 35.24
N GLY C 416 9.20 -27.96 36.44
CA GLY C 416 9.59 -28.98 37.39
C GLY C 416 9.67 -28.49 38.82
N LYS C 417 9.87 -29.43 39.75
CA LYS C 417 9.91 -29.11 41.17
C LYS C 417 10.98 -28.06 41.49
N ILE C 418 12.16 -28.18 40.87
CA ILE C 418 13.24 -27.25 41.14
C ILE C 418 12.97 -25.89 40.51
N ALA C 419 12.61 -25.88 39.22
CA ALA C 419 12.37 -24.62 38.52
C ALA C 419 11.18 -23.86 39.07
N ASP C 420 10.16 -24.57 39.58
CA ASP C 420 8.96 -23.91 40.07
C ASP C 420 8.99 -23.57 41.55
N TYR C 421 9.66 -24.37 42.38
CA TYR C 421 9.66 -24.15 43.83
C TYR C 421 11.01 -23.80 44.45
N ASN C 422 12.13 -24.03 43.77
CA ASN C 422 13.42 -23.81 44.40
C ASN C 422 14.25 -22.70 43.78
N TYR C 423 14.44 -22.71 42.45
CA TYR C 423 15.27 -21.70 41.81
C TYR C 423 14.77 -21.46 40.40
N LYS C 424 14.33 -20.23 40.14
CA LYS C 424 13.73 -19.84 38.87
C LYS C 424 14.53 -18.72 38.23
N LEU C 425 14.96 -18.92 36.96
CA LEU C 425 15.67 -17.96 36.13
C LEU C 425 14.70 -17.11 35.34
N PRO C 426 15.02 -15.84 35.08
CA PRO C 426 14.13 -15.01 34.28
C PRO C 426 14.17 -15.40 32.82
N ASP C 427 13.16 -14.95 32.08
CA ASP C 427 13.06 -15.31 30.66
C ASP C 427 14.19 -14.71 29.84
N ASP C 428 14.68 -13.52 30.18
CA ASP C 428 15.75 -12.87 29.44
C ASP C 428 17.12 -13.02 30.11
N PHE C 429 17.37 -14.15 30.77
CA PHE C 429 18.64 -14.34 31.45
C PHE C 429 19.77 -14.34 30.43
N THR C 430 20.82 -13.57 30.69
CA THR C 430 21.99 -13.57 29.81
C THR C 430 23.23 -14.01 30.57
N GLY C 431 23.68 -15.22 30.31
CA GLY C 431 24.86 -15.76 30.97
C GLY C 431 24.94 -17.26 30.74
N CYS C 432 25.80 -17.90 31.51
CA CYS C 432 26.02 -19.33 31.38
C CYS C 432 26.00 -20.09 32.70
N VAL C 433 25.53 -21.33 32.61
CA VAL C 433 25.43 -22.31 33.69
C VAL C 433 26.46 -23.41 33.49
N ILE C 434 27.28 -23.63 34.52
CA ILE C 434 28.42 -24.55 34.51
C ILE C 434 28.21 -25.64 35.55
N ALA C 435 28.55 -26.88 35.19
CA ALA C 435 28.35 -28.03 36.06
C ALA C 435 29.48 -29.03 35.86
N TRP C 436 29.82 -29.76 36.92
CA TRP C 436 30.81 -30.83 36.86
C TRP C 436 30.48 -31.91 37.88
N ASN C 437 30.90 -33.13 37.58
CA ASN C 437 30.70 -34.28 38.47
C ASN C 437 31.60 -34.19 39.70
N SER C 438 30.99 -34.37 40.88
CA SER C 438 31.65 -34.25 42.17
C SER C 438 31.61 -35.55 42.97
N ASN C 439 31.63 -36.70 42.27
CA ASN C 439 31.54 -37.99 42.95
C ASN C 439 32.69 -38.21 43.94
N ASN C 440 33.87 -37.68 43.64
CA ASN C 440 35.01 -37.87 44.54
C ASN C 440 34.88 -37.08 45.84
N LEU C 441 34.08 -36.01 45.86
CA LEU C 441 33.92 -35.19 47.05
C LEU C 441 32.61 -35.43 47.80
N ASP C 442 31.50 -35.63 47.09
CA ASP C 442 30.20 -35.78 47.73
C ASP C 442 29.70 -37.21 47.79
N SER C 443 30.47 -38.17 47.27
CA SER C 443 30.07 -39.57 47.32
C SER C 443 31.26 -40.50 47.16
N TYR C 449 22.76 -37.03 54.56
CA TYR C 449 21.49 -36.32 54.62
C TYR C 449 21.70 -34.84 54.92
N ASN C 450 22.96 -34.39 54.77
CA ASN C 450 23.27 -32.99 55.03
C ASN C 450 22.60 -32.06 54.03
N TYR C 451 22.29 -32.54 52.83
CA TYR C 451 21.72 -31.72 51.78
C TYR C 451 20.21 -31.93 51.73
N LEU C 452 19.46 -30.83 51.71
CA LEU C 452 18.01 -30.88 51.63
C LEU C 452 17.52 -30.05 50.46
N TYR C 453 16.27 -30.31 50.06
CA TYR C 453 15.62 -29.56 49.00
C TYR C 453 14.13 -29.49 49.30
N ARG C 454 13.49 -28.43 48.82
CA ARG C 454 12.05 -28.24 49.04
C ARG C 454 11.23 -29.03 48.04
N ASN C 460 4.66 -21.51 42.59
CA ASN C 460 5.31 -20.56 41.70
C ASN C 460 5.86 -19.38 42.47
N LEU C 461 7.05 -18.91 42.07
CA LEU C 461 7.71 -17.79 42.71
C LEU C 461 8.34 -16.88 41.67
N LYS C 462 8.61 -15.64 42.06
CA LYS C 462 9.17 -14.66 41.16
C LYS C 462 10.61 -15.04 40.79
N PRO C 463 11.09 -14.58 39.65
CA PRO C 463 12.48 -14.87 39.27
C PRO C 463 13.48 -14.30 40.28
N PHE C 464 14.53 -15.08 40.53
CA PHE C 464 15.59 -14.69 41.46
C PHE C 464 15.07 -14.38 42.85
N GLU C 465 14.02 -15.08 43.27
CA GLU C 465 13.45 -14.88 44.61
C GLU C 465 14.23 -15.72 45.62
N ARG C 466 13.84 -15.62 46.89
CA ARG C 466 14.54 -16.33 47.96
C ARG C 466 13.54 -16.57 49.08
N ASP C 467 13.18 -17.83 49.29
CA ASP C 467 12.19 -18.21 50.30
C ASP C 467 12.83 -19.23 51.24
N ILE C 468 13.07 -18.80 52.48
CA ILE C 468 13.60 -19.67 53.52
C ILE C 468 12.65 -19.56 54.71
N SER C 469 11.70 -20.47 54.79
CA SER C 469 10.71 -20.48 55.85
C SER C 469 10.57 -21.89 56.42
N THR C 470 9.65 -22.04 57.38
CA THR C 470 9.41 -23.32 58.02
C THR C 470 7.99 -23.33 58.57
N GLU C 471 7.25 -24.38 58.28
CA GLU C 471 5.88 -24.51 58.75
C GLU C 471 5.53 -25.96 59.04
N ASN C 487 -2.54 -34.50 56.20
CA ASN C 487 -1.39 -34.07 55.40
C ASN C 487 -0.47 -33.16 56.20
N CYS C 488 0.04 -33.67 57.33
CA CYS C 488 1.00 -32.93 58.13
C CYS C 488 2.33 -32.91 57.39
N TYR C 489 2.66 -31.77 56.78
CA TYR C 489 3.79 -31.65 55.88
C TYR C 489 4.89 -30.80 56.51
N PHE C 490 6.13 -31.21 56.29
CA PHE C 490 7.29 -30.39 56.54
C PHE C 490 7.93 -30.03 55.20
N PRO C 491 8.07 -28.75 54.86
CA PRO C 491 8.41 -28.38 53.49
C PRO C 491 9.79 -28.84 53.05
N LEU C 492 10.66 -29.26 53.96
CA LEU C 492 12.01 -29.66 53.61
C LEU C 492 12.10 -31.19 53.62
N GLN C 493 12.68 -31.74 52.55
CA GLN C 493 12.90 -33.17 52.43
C GLN C 493 14.38 -33.45 52.22
N SER C 494 14.83 -34.62 52.64
CA SER C 494 16.24 -34.98 52.56
C SER C 494 16.48 -35.80 51.31
N TYR C 495 17.62 -35.57 50.67
CA TYR C 495 18.02 -36.33 49.50
C TYR C 495 18.77 -37.60 49.92
N GLY C 496 18.47 -38.69 49.23
CA GLY C 496 19.01 -39.99 49.60
C GLY C 496 20.33 -40.30 48.92
N PHE C 497 21.38 -39.58 49.32
CA PHE C 497 22.73 -39.82 48.78
C PHE C 497 23.30 -41.10 49.39
N GLN C 498 23.31 -42.17 48.61
CA GLN C 498 23.84 -43.45 49.08
C GLN C 498 25.14 -43.80 48.37
N VAL C 503 24.24 -43.86 38.63
CA VAL C 503 24.86 -42.64 38.12
C VAL C 503 23.82 -41.53 37.97
N GLY C 504 22.59 -41.91 37.62
CA GLY C 504 21.49 -40.96 37.47
C GLY C 504 21.17 -40.18 38.72
N TYR C 505 21.54 -40.71 39.88
CA TYR C 505 21.32 -40.05 41.17
C TYR C 505 22.58 -39.43 41.74
N GLN C 506 23.71 -39.53 41.04
CA GLN C 506 24.94 -38.96 41.54
C GLN C 506 24.85 -37.43 41.66
N PRO C 507 25.57 -36.85 42.63
CA PRO C 507 25.52 -35.40 42.83
C PRO C 507 26.32 -34.62 41.80
N TYR C 508 25.79 -33.45 41.41
CA TYR C 508 26.47 -32.55 40.50
C TYR C 508 26.55 -31.16 41.11
N ARG C 509 27.70 -30.51 40.95
CA ARG C 509 27.91 -29.14 41.40
C ARG C 509 27.59 -28.16 40.27
N VAL C 510 26.64 -27.27 40.49
CA VAL C 510 26.21 -26.31 39.47
C VAL C 510 26.45 -24.89 39.96
N VAL C 511 27.09 -24.08 39.13
CA VAL C 511 27.31 -22.66 39.40
C VAL C 511 26.78 -21.86 38.21
N VAL C 512 25.87 -20.93 38.47
CA VAL C 512 25.28 -20.07 37.44
C VAL C 512 25.88 -18.67 37.53
N LEU C 513 26.45 -18.21 36.43
CA LEU C 513 27.04 -16.88 36.32
C LEU C 513 26.04 -15.93 35.66
N SER C 514 25.47 -15.01 36.46
CA SER C 514 24.51 -14.02 36.01
C SER C 514 25.21 -12.70 35.74
N PHE C 515 25.01 -12.15 34.55
CA PHE C 515 25.70 -10.94 34.11
C PHE C 515 24.73 -9.77 34.08
N GLU C 516 25.11 -8.67 34.72
CA GLU C 516 24.32 -7.44 34.73
C GLU C 516 24.89 -6.49 33.68
N LEU C 517 24.17 -6.31 32.59
CA LEU C 517 24.58 -5.47 31.48
C LEU C 517 23.82 -4.15 31.46
N LEU C 518 24.53 -3.06 31.18
CA LEU C 518 23.94 -1.72 31.05
C LEU C 518 23.22 -1.20 32.30
N HIS C 519 23.19 -1.96 33.38
CA HIS C 519 22.52 -1.52 34.59
C HIS C 519 23.21 -0.35 35.27
N ALA C 520 24.47 -0.08 34.94
CA ALA C 520 25.22 1.00 35.59
C ALA C 520 26.46 1.28 34.74
N PRO C 521 27.24 2.31 35.09
CA PRO C 521 28.53 2.50 34.42
C PRO C 521 29.42 1.27 34.58
N ALA C 522 30.10 0.90 33.50
CA ALA C 522 30.86 -0.34 33.49
C ALA C 522 32.15 -0.22 34.28
N THR C 523 32.47 -1.29 35.04
CA THR C 523 33.61 -1.27 35.94
C THR C 523 34.54 -2.48 35.81
N VAL C 524 34.10 -3.58 35.19
CA VAL C 524 34.92 -4.77 35.00
C VAL C 524 35.16 -4.94 33.50
N CYS C 525 36.40 -5.23 33.12
CA CYS C 525 36.82 -5.31 31.72
C CYS C 525 37.93 -6.33 31.55
N GLY C 526 38.03 -6.85 30.33
CA GLY C 526 39.04 -7.81 29.98
C GLY C 526 40.41 -7.18 29.92
N PRO C 527 41.44 -8.00 29.71
CA PRO C 527 42.81 -7.50 29.72
C PRO C 527 43.27 -6.81 28.44
N LYS C 528 42.35 -6.42 27.57
CA LYS C 528 42.73 -5.74 26.33
C LYS C 528 43.42 -4.41 26.63
N LYS C 529 44.58 -4.21 25.99
CA LYS C 529 45.39 -3.02 26.19
C LYS C 529 44.78 -1.79 25.52
N SER C 530 44.97 -0.64 26.16
CA SER C 530 44.42 0.61 25.67
C SER C 530 45.35 1.23 24.63
N THR C 531 44.79 2.16 23.84
CA THR C 531 45.51 2.83 22.77
C THR C 531 45.35 4.34 22.94
N ASN C 532 46.13 5.11 22.17
CA ASN C 532 46.02 6.56 22.12
C ASN C 532 44.81 7.00 21.30
N LEU C 533 44.40 8.25 21.52
CA LEU C 533 43.26 8.85 20.85
C LEU C 533 43.73 9.78 19.73
N VAL C 534 43.06 9.69 18.58
CA VAL C 534 43.35 10.53 17.42
C VAL C 534 42.18 11.46 17.13
N LYS C 535 42.48 12.74 16.92
CA LYS C 535 41.51 13.80 16.68
C LYS C 535 41.27 14.08 15.20
N ASN C 536 40.02 14.47 14.89
CA ASN C 536 39.60 15.00 13.58
C ASN C 536 39.85 14.07 12.40
N LYS C 537 39.78 12.76 12.59
CA LYS C 537 39.93 11.82 11.50
C LYS C 537 38.88 10.73 11.62
N CYS C 538 38.43 10.20 10.48
CA CYS C 538 37.39 9.17 10.52
C CYS C 538 38.06 7.91 11.07
N VAL C 539 37.59 7.47 12.24
CA VAL C 539 38.17 6.36 12.96
C VAL C 539 37.07 5.41 13.44
N ASN C 540 37.44 4.13 13.59
CA ASN C 540 36.56 3.12 14.17
C ASN C 540 37.00 2.92 15.61
N PHE C 541 36.23 3.47 16.54
CA PHE C 541 36.57 3.54 17.95
C PHE C 541 35.86 2.45 18.76
N ASN C 542 36.40 2.19 19.95
CA ASN C 542 35.81 1.25 20.89
C ASN C 542 35.94 1.81 22.31
N PHE C 543 34.85 2.38 22.82
CA PHE C 543 34.79 2.95 24.16
C PHE C 543 33.99 2.02 25.06
N ASN C 544 34.69 1.30 25.93
CA ASN C 544 34.07 0.39 26.91
C ASN C 544 33.02 -0.54 26.26
N GLY C 545 33.34 -1.05 25.07
CA GLY C 545 32.40 -1.90 24.36
C GLY C 545 31.50 -1.18 23.37
N LEU C 546 31.47 0.15 23.38
CA LEU C 546 30.67 0.92 22.44
C LEU C 546 31.47 1.14 21.15
N THR C 547 30.92 0.68 20.03
CA THR C 547 31.61 0.68 18.75
C THR C 547 30.95 1.70 17.83
N GLY C 548 31.70 2.16 16.85
CA GLY C 548 31.18 3.09 15.86
C GLY C 548 32.30 3.69 15.03
N THR C 549 31.89 4.48 14.05
CA THR C 549 32.83 5.17 13.16
C THR C 549 32.47 6.66 13.11
N GLY C 550 33.49 7.50 13.18
CA GLY C 550 33.25 8.93 13.11
C GLY C 550 34.52 9.70 13.43
N VAL C 551 34.40 11.03 13.31
CA VAL C 551 35.48 11.95 13.64
C VAL C 551 35.25 12.49 15.05
N LEU C 552 36.30 12.42 15.87
CA LEU C 552 36.22 12.83 17.26
C LEU C 552 36.75 14.25 17.39
N THR C 553 35.91 15.15 17.89
CA THR C 553 36.22 16.57 18.01
C THR C 553 35.94 17.04 19.43
N GLU C 554 36.43 18.23 19.75
CA GLU C 554 36.14 18.82 21.05
C GLU C 554 34.67 19.18 21.16
N SER C 555 34.18 19.20 22.40
CA SER C 555 32.77 19.43 22.70
C SER C 555 32.64 20.38 23.89
N ASN C 556 31.43 20.93 24.04
CA ASN C 556 31.09 21.84 25.13
C ASN C 556 29.98 21.27 25.99
N LYS C 557 29.83 19.95 25.97
CA LYS C 557 28.82 19.24 26.73
C LYS C 557 29.38 18.92 28.11
N LYS C 558 28.73 19.45 29.15
CA LYS C 558 29.29 19.26 30.48
C LYS C 558 29.05 17.89 31.08
N PHE C 559 27.88 17.27 30.85
CA PHE C 559 27.66 15.93 31.39
C PHE C 559 27.83 15.88 32.91
N LEU C 560 26.82 16.36 33.64
CA LEU C 560 26.74 16.31 35.10
C LEU C 560 27.24 14.96 35.62
N PRO C 561 27.67 14.88 36.89
CA PRO C 561 28.19 13.61 37.41
C PRO C 561 27.40 12.32 37.27
N PHE C 562 26.07 12.30 37.11
CA PHE C 562 25.47 10.97 37.07
C PHE C 562 25.29 10.41 35.67
N GLN C 563 25.37 11.21 34.60
CA GLN C 563 25.19 10.66 33.26
C GLN C 563 26.54 10.26 32.68
N GLN C 564 26.57 9.14 31.98
CA GLN C 564 27.81 8.62 31.41
C GLN C 564 27.94 8.85 29.91
N PHE C 565 26.85 8.69 29.16
CA PHE C 565 26.86 8.89 27.72
C PHE C 565 25.60 9.64 27.31
N GLY C 566 25.68 10.33 26.17
CA GLY C 566 24.55 11.04 25.60
C GLY C 566 24.05 10.32 24.37
N ARG C 567 22.76 10.46 24.12
CA ARG C 567 22.07 9.75 23.05
C ARG C 567 21.46 10.75 22.08
N ASP C 568 21.49 10.43 20.79
CA ASP C 568 20.83 11.21 19.76
C ASP C 568 19.58 10.48 19.30
N ILE C 569 18.70 11.23 18.65
CA ILE C 569 17.46 10.70 18.09
C ILE C 569 17.70 9.38 17.37
N ALA C 570 16.76 8.44 17.53
CA ALA C 570 16.80 7.13 16.89
C ALA C 570 18.03 6.31 17.28
N ASP C 571 18.28 6.21 18.58
CA ASP C 571 19.22 5.26 19.18
C ASP C 571 20.63 5.41 18.59
N THR C 572 21.25 6.56 18.86
CA THR C 572 22.61 6.76 18.40
C THR C 572 23.36 7.67 19.37
N THR C 573 24.67 7.50 19.39
CA THR C 573 25.54 8.26 20.26
C THR C 573 25.80 9.64 19.66
N ASP C 574 25.60 10.68 20.46
CA ASP C 574 25.93 12.04 20.07
C ASP C 574 27.22 12.49 20.73
N ALA C 575 27.45 12.10 21.98
CA ALA C 575 28.65 12.47 22.71
C ALA C 575 28.89 11.41 23.77
N VAL C 576 30.10 11.39 24.30
CA VAL C 576 30.53 10.42 25.31
C VAL C 576 31.68 11.05 26.08
N ARG C 577 31.90 10.57 27.30
CA ARG C 577 33.06 10.99 28.05
C ARG C 577 34.06 9.85 28.06
N ASP C 578 35.32 10.15 27.74
CA ASP C 578 36.32 9.12 27.69
C ASP C 578 36.71 8.72 29.11
N PRO C 579 37.27 7.54 29.31
CA PRO C 579 37.82 7.22 30.63
C PRO C 579 39.20 7.84 30.78
N GLN C 580 39.71 7.79 32.00
CA GLN C 580 41.04 8.28 32.38
C GLN C 580 41.13 9.80 32.37
N THR C 581 40.54 10.46 31.36
CA THR C 581 40.65 11.90 31.23
C THR C 581 39.32 12.63 31.36
N LEU C 582 38.20 11.92 31.44
CA LEU C 582 36.87 12.48 31.71
C LEU C 582 36.43 13.53 30.69
N GLU C 583 37.17 13.76 29.61
CA GLU C 583 36.74 14.77 28.65
C GLU C 583 35.56 14.25 27.82
N ILE C 584 34.84 15.17 27.19
CA ILE C 584 33.64 14.86 26.41
C ILE C 584 33.95 15.06 24.93
N LEU C 585 33.95 13.96 24.17
CA LEU C 585 34.24 13.98 22.73
C LEU C 585 32.97 13.85 21.90
N ASP C 586 32.78 14.78 20.95
CA ASP C 586 31.67 14.69 20.01
C ASP C 586 32.01 13.76 18.84
N ILE C 587 31.03 12.99 18.39
CA ILE C 587 31.22 12.03 17.28
C ILE C 587 30.40 12.43 16.05
N THR C 588 31.06 12.84 14.97
CA THR C 588 30.37 13.27 13.75
C THR C 588 30.71 12.29 12.62
N PRO C 589 29.74 11.61 11.99
CA PRO C 589 30.09 10.68 10.90
C PRO C 589 30.87 11.34 9.77
N CYS C 590 31.87 10.63 9.25
CA CYS C 590 32.68 11.15 8.14
C CYS C 590 31.89 11.24 6.83
N SER C 591 32.21 12.29 6.05
CA SER C 591 31.55 12.65 4.79
C SER C 591 31.46 11.53 3.76
N PHE C 592 30.29 11.42 3.11
CA PHE C 592 30.01 10.42 2.08
C PHE C 592 28.94 10.97 1.13
N GLY C 593 28.81 10.36 -0.05
CA GLY C 593 27.79 10.79 -1.00
C GLY C 593 27.93 10.13 -2.37
N GLY C 594 26.85 10.28 -3.16
CA GLY C 594 26.77 9.73 -4.51
C GLY C 594 27.65 10.43 -5.54
N VAL C 595 27.98 9.68 -6.60
CA VAL C 595 28.76 10.14 -7.74
C VAL C 595 27.93 10.07 -9.03
N SER C 596 27.83 11.19 -9.74
CA SER C 596 27.10 11.30 -11.01
C SER C 596 28.05 11.65 -12.16
N VAL C 597 27.78 11.11 -13.35
CA VAL C 597 28.61 11.31 -14.55
C VAL C 597 27.87 12.13 -15.60
N ILE C 598 28.51 13.21 -16.07
CA ILE C 598 27.99 14.11 -17.11
C ILE C 598 28.65 13.79 -18.44
N THR C 599 27.86 13.50 -19.48
CA THR C 599 28.50 13.21 -20.78
C THR C 599 27.78 13.88 -21.94
N PRO C 600 28.53 14.44 -22.90
CA PRO C 600 27.89 15.01 -24.10
C PRO C 600 27.34 14.00 -25.08
N GLY C 601 28.01 12.88 -25.27
CA GLY C 601 27.52 11.81 -26.14
C GLY C 601 28.64 11.20 -26.96
N THR C 602 28.55 9.89 -27.18
CA THR C 602 29.58 9.16 -27.92
C THR C 602 29.61 9.53 -29.40
N ASN C 603 28.61 10.26 -29.90
CA ASN C 603 28.71 10.65 -31.31
C ASN C 603 29.44 11.98 -31.53
N THR C 604 29.88 12.66 -30.48
CA THR C 604 30.55 13.95 -30.64
C THR C 604 31.95 13.93 -30.05
N SER C 605 32.09 13.52 -28.78
CA SER C 605 33.40 13.46 -28.14
C SER C 605 33.27 12.53 -26.94
N ASN C 606 34.37 11.90 -26.59
CA ASN C 606 34.42 11.03 -25.42
C ASN C 606 34.96 11.72 -24.18
N GLN C 607 35.02 13.05 -24.16
CA GLN C 607 35.45 13.77 -22.97
C GLN C 607 34.30 13.83 -21.98
N VAL C 608 34.60 13.58 -20.71
CA VAL C 608 33.56 13.45 -19.69
C VAL C 608 33.94 14.23 -18.44
N ALA C 609 32.92 14.64 -17.69
CA ALA C 609 33.07 15.31 -16.39
C ALA C 609 32.33 14.51 -15.33
N VAL C 610 32.84 14.54 -14.10
CA VAL C 610 32.30 13.77 -12.98
C VAL C 610 31.85 14.74 -11.89
N LEU C 611 30.63 14.54 -11.41
CA LEU C 611 30.04 15.31 -10.32
C LEU C 611 29.93 14.44 -9.07
N TYR C 612 30.53 14.89 -7.97
CA TYR C 612 30.44 14.21 -6.67
C TYR C 612 29.32 14.89 -5.88
N GLN C 613 28.22 14.18 -5.71
CA GLN C 613 27.02 14.80 -5.14
C GLN C 613 27.13 15.13 -3.65
N ASP C 614 26.71 16.35 -3.32
CA ASP C 614 26.58 16.90 -1.96
C ASP C 614 27.80 16.69 -1.07
N VAL C 615 29.00 16.80 -1.64
CA VAL C 615 30.21 16.62 -0.84
C VAL C 615 31.13 17.78 -1.20
N ASN C 616 31.97 18.21 -0.26
CA ASN C 616 32.88 19.24 -0.69
C ASN C 616 34.12 18.57 -1.27
N CYS C 617 34.81 19.27 -2.17
CA CYS C 617 36.00 18.71 -2.80
C CYS C 617 37.26 19.00 -1.97
N THR C 618 37.25 18.49 -0.75
CA THR C 618 38.41 18.57 0.14
C THR C 618 38.69 17.18 0.70
N GLU C 619 38.05 16.17 0.12
CA GLU C 619 38.24 14.76 0.48
C GLU C 619 38.28 14.02 -0.85
N VAL C 620 39.45 13.51 -1.23
CA VAL C 620 39.60 12.76 -2.47
C VAL C 620 38.80 11.47 -2.42
N ASN C 641 40.24 20.97 -14.01
CA ASN C 641 39.74 22.13 -13.30
C ASN C 641 38.84 21.70 -12.15
N VAL C 642 38.75 22.54 -11.11
CA VAL C 642 37.90 22.28 -9.96
C VAL C 642 36.92 23.43 -9.82
N PHE C 643 35.63 23.11 -9.86
CA PHE C 643 34.56 24.10 -9.76
C PHE C 643 33.62 23.72 -8.62
N GLN C 644 33.51 24.59 -7.62
CA GLN C 644 32.65 24.34 -6.46
C GLN C 644 31.23 24.83 -6.75
N THR C 645 30.24 23.94 -6.61
CA THR C 645 28.85 24.27 -6.85
C THR C 645 27.99 23.89 -5.66
N ARG C 646 26.73 24.32 -5.69
CA ARG C 646 25.78 23.99 -4.62
C ARG C 646 25.29 22.56 -4.69
N ALA C 647 25.54 21.85 -5.80
CA ALA C 647 25.20 20.45 -5.94
C ALA C 647 26.32 19.53 -5.52
N GLY C 648 27.50 20.08 -5.31
CA GLY C 648 28.74 19.41 -4.99
C GLY C 648 29.85 20.03 -5.79
N CYS C 649 31.02 19.43 -5.75
CA CYS C 649 32.18 19.97 -6.43
C CYS C 649 32.31 19.25 -7.76
N LEU C 650 32.22 19.99 -8.86
CA LEU C 650 32.34 19.45 -10.21
C LEU C 650 33.75 19.68 -10.72
N ILE C 651 34.40 18.59 -11.11
CA ILE C 651 35.77 18.59 -11.62
C ILE C 651 35.78 18.17 -13.09
N GLY C 652 36.49 18.94 -13.91
CA GLY C 652 36.69 18.67 -15.32
C GLY C 652 36.01 19.61 -16.28
N ALA C 653 35.03 20.39 -15.84
CA ALA C 653 34.40 21.38 -16.72
C ALA C 653 34.94 22.76 -16.37
N GLU C 654 35.25 23.56 -17.39
CA GLU C 654 35.71 24.92 -17.18
C GLU C 654 34.53 25.87 -16.94
N HIS C 655 34.68 26.73 -15.93
CA HIS C 655 33.68 27.73 -15.61
C HIS C 655 33.85 28.92 -16.56
N VAL C 656 32.80 29.27 -17.29
CA VAL C 656 32.85 30.40 -18.24
C VAL C 656 31.94 31.50 -17.72
N ASN C 657 32.44 32.73 -17.75
CA ASN C 657 31.70 33.87 -17.22
C ASN C 657 30.49 34.22 -18.07
N ASN C 658 30.57 34.06 -19.39
CA ASN C 658 29.46 34.43 -20.25
C ASN C 658 28.35 33.38 -20.20
N SER C 659 27.11 33.84 -20.09
CA SER C 659 25.95 32.97 -20.01
C SER C 659 25.40 32.60 -21.39
N TYR C 660 24.77 31.43 -21.46
CA TYR C 660 24.18 30.91 -22.68
C TYR C 660 22.94 30.13 -22.24
N GLU C 661 22.13 29.68 -23.20
CA GLU C 661 21.00 28.87 -22.77
C GLU C 661 21.48 27.50 -22.31
N CYS C 662 20.87 26.97 -21.25
CA CYS C 662 21.32 25.71 -20.66
C CYS C 662 21.02 24.52 -21.57
N ASP C 663 21.96 23.58 -21.60
CA ASP C 663 21.82 22.34 -22.36
C ASP C 663 21.64 21.15 -21.42
N ILE C 664 22.67 20.72 -20.69
CA ILE C 664 22.53 19.60 -19.76
C ILE C 664 22.39 20.18 -18.35
N PRO C 665 21.21 20.09 -17.73
CA PRO C 665 21.04 20.65 -16.39
C PRO C 665 21.72 19.83 -15.31
N ILE C 666 22.32 20.55 -14.37
CA ILE C 666 22.96 19.98 -13.19
C ILE C 666 22.15 20.22 -11.92
N GLY C 667 21.70 21.45 -11.71
CA GLY C 667 20.96 21.77 -10.51
C GLY C 667 21.37 23.09 -9.87
N ALA C 668 20.48 23.61 -9.03
CA ALA C 668 20.69 24.89 -8.34
C ALA C 668 20.93 26.04 -9.32
N GLY C 669 20.22 26.01 -10.45
CA GLY C 669 20.29 27.04 -11.44
C GLY C 669 21.40 26.90 -12.46
N ILE C 670 22.27 25.91 -12.30
CA ILE C 670 23.41 25.71 -13.19
C ILE C 670 23.08 24.58 -14.15
N CYS C 671 23.34 24.80 -15.43
CA CYS C 671 23.14 23.80 -16.47
C CYS C 671 24.43 23.76 -17.27
N ALA C 672 24.62 22.69 -18.05
CA ALA C 672 25.88 22.53 -18.77
C ALA C 672 25.75 21.55 -19.93
N VAL C 684 28.61 21.14 -24.61
CA VAL C 684 29.93 21.15 -25.24
C VAL C 684 30.09 22.37 -26.15
N ALA C 685 31.26 23.00 -26.06
CA ALA C 685 31.58 24.20 -26.83
C ALA C 685 33.06 24.50 -26.66
N SER C 686 33.66 25.06 -27.71
CA SER C 686 35.09 25.37 -27.75
C SER C 686 35.94 24.13 -27.43
N GLN C 687 35.52 22.99 -27.97
CA GLN C 687 36.20 21.69 -27.82
C GLN C 687 36.21 21.16 -26.38
N SER C 688 35.37 21.68 -25.49
CA SER C 688 35.40 21.18 -24.12
C SER C 688 34.07 21.43 -23.45
N ILE C 689 33.88 20.78 -22.30
CA ILE C 689 32.68 20.93 -21.50
C ILE C 689 32.80 22.20 -20.66
N ILE C 690 31.75 23.03 -20.69
CA ILE C 690 31.70 24.28 -19.93
C ILE C 690 30.47 24.27 -19.03
N ALA C 691 30.54 25.06 -17.95
CA ALA C 691 29.45 25.20 -17.00
C ALA C 691 29.14 26.67 -16.83
N TYR C 692 27.85 27.01 -16.74
CA TYR C 692 27.44 28.40 -16.73
C TYR C 692 26.09 28.58 -16.06
N THR C 693 25.81 29.84 -15.73
CA THR C 693 24.54 30.29 -15.18
C THR C 693 23.51 30.47 -16.29
N MET C 694 22.29 29.99 -16.05
CA MET C 694 21.24 30.01 -17.06
C MET C 694 20.79 31.42 -17.42
N SER C 695 20.53 31.62 -18.71
CA SER C 695 19.82 32.79 -19.22
C SER C 695 18.32 32.52 -19.18
N LEU C 696 17.54 33.55 -18.91
CA LEU C 696 16.09 33.40 -18.84
C LEU C 696 15.38 33.76 -20.14
N GLY C 697 16.12 34.14 -21.18
CA GLY C 697 15.53 34.54 -22.44
C GLY C 697 16.07 35.86 -22.93
N ALA C 698 15.75 36.15 -24.18
CA ALA C 698 16.19 37.40 -24.81
C ALA C 698 15.50 38.60 -24.18
N GLU C 699 16.23 39.71 -24.11
CA GLU C 699 15.69 40.94 -23.58
C GLU C 699 14.97 41.71 -24.68
N ASN C 700 13.75 42.16 -24.40
CA ASN C 700 12.95 42.84 -25.43
C ASN C 700 12.05 43.86 -24.72
N SER C 701 12.45 45.13 -24.79
CA SER C 701 11.64 46.23 -24.28
C SER C 701 10.50 46.56 -25.23
N VAL C 702 9.40 47.07 -24.67
CA VAL C 702 8.25 47.50 -25.46
C VAL C 702 8.25 49.02 -25.54
N ALA C 703 8.02 49.54 -26.74
CA ALA C 703 8.05 50.97 -27.03
C ALA C 703 6.76 51.65 -26.55
N TYR C 704 6.61 51.70 -25.22
CA TYR C 704 5.39 52.29 -24.69
C TYR C 704 5.44 53.80 -24.90
N SER C 705 4.28 54.37 -25.23
CA SER C 705 4.10 55.82 -25.36
C SER C 705 2.66 56.21 -25.12
N ASN C 706 2.40 57.51 -24.94
CA ASN C 706 1.06 58.01 -24.68
C ASN C 706 0.25 58.22 -25.94
N ASN C 707 0.73 57.78 -27.10
CA ASN C 707 0.03 57.92 -28.38
C ASN C 707 0.56 56.90 -29.37
N SER C 708 0.09 55.65 -29.31
CA SER C 708 0.64 54.70 -30.27
C SER C 708 -0.11 53.38 -30.21
N ILE C 709 -0.54 52.91 -31.39
CA ILE C 709 -1.24 51.65 -31.52
C ILE C 709 -0.53 50.87 -32.62
N ALA C 710 -0.32 49.58 -32.40
CA ALA C 710 0.24 48.72 -33.43
C ALA C 710 -0.88 47.83 -33.97
N ILE C 711 -1.12 47.85 -35.27
CA ILE C 711 -2.16 47.04 -35.88
C ILE C 711 -1.52 46.12 -36.92
N PRO C 712 -1.78 44.81 -36.87
CA PRO C 712 -1.22 43.89 -37.86
C PRO C 712 -1.75 44.09 -39.27
N THR C 713 -0.84 44.01 -40.24
CA THR C 713 -1.17 44.18 -41.65
C THR C 713 -1.18 42.84 -42.38
N ASN C 714 -0.83 41.74 -41.71
CA ASN C 714 -0.77 40.43 -42.37
C ASN C 714 -0.92 39.29 -41.37
N PHE C 715 -1.14 38.08 -41.87
CA PHE C 715 -1.37 36.90 -41.03
C PHE C 715 -0.72 35.65 -41.60
N THR C 716 -0.54 34.65 -40.72
CA THR C 716 -0.02 33.34 -41.08
C THR C 716 -0.84 32.22 -40.45
N ILE C 717 -1.10 31.16 -41.21
CA ILE C 717 -1.79 29.96 -40.74
C ILE C 717 -0.75 28.90 -40.37
N SER C 718 -0.77 28.44 -39.12
CA SER C 718 0.15 27.42 -38.61
C SER C 718 -0.61 26.17 -38.17
N VAL C 719 0.06 25.02 -38.23
CA VAL C 719 -0.51 23.74 -37.80
C VAL C 719 0.41 23.07 -36.78
N THR C 720 -0.15 22.72 -35.61
CA THR C 720 0.56 22.07 -34.52
C THR C 720 -0.03 20.69 -34.21
N THR C 721 0.78 19.81 -33.62
CA THR C 721 0.38 18.44 -33.27
C THR C 721 0.45 18.18 -31.77
N GLU C 722 -0.66 17.70 -31.20
CA GLU C 722 -0.71 17.29 -29.79
C GLU C 722 -1.01 15.80 -29.64
N ILE C 723 -0.20 15.11 -28.83
CA ILE C 723 -0.28 13.66 -28.60
C ILE C 723 -0.74 13.36 -27.17
N LEU C 724 -1.80 12.55 -27.02
CA LEU C 724 -2.31 12.16 -25.70
C LEU C 724 -2.51 10.65 -25.55
N PRO C 725 -2.00 10.04 -24.48
CA PRO C 725 -2.28 8.62 -24.19
C PRO C 725 -3.74 8.40 -23.78
N VAL C 726 -4.29 7.22 -24.14
CA VAL C 726 -5.63 6.85 -23.72
C VAL C 726 -5.71 5.55 -22.94
N SER C 727 -4.93 4.51 -23.30
CA SER C 727 -5.09 3.22 -22.61
C SER C 727 -3.78 2.46 -22.40
N MET C 728 -3.85 1.41 -21.57
CA MET C 728 -2.76 0.48 -21.32
C MET C 728 -3.24 -0.97 -21.36
N THR C 729 -2.29 -1.89 -21.56
CA THR C 729 -2.54 -3.33 -21.69
C THR C 729 -3.28 -3.94 -20.49
N LYS C 730 -4.36 -4.67 -20.79
CA LYS C 730 -5.24 -5.36 -19.81
C LYS C 730 -4.63 -6.65 -19.26
N THR C 731 -3.71 -6.53 -18.32
CA THR C 731 -3.07 -7.69 -17.68
C THR C 731 -3.98 -8.30 -16.60
N SER C 732 -3.78 -9.59 -16.31
CA SER C 732 -4.48 -10.29 -15.23
C SER C 732 -3.61 -11.42 -14.68
N VAL C 733 -3.50 -11.53 -13.34
CA VAL C 733 -2.74 -12.59 -12.69
C VAL C 733 -3.60 -13.39 -11.72
N ASP C 734 -3.56 -14.73 -11.83
CA ASP C 734 -4.18 -15.68 -10.91
C ASP C 734 -3.28 -15.93 -9.69
N CYS C 735 -3.67 -15.44 -8.50
CA CYS C 735 -2.84 -15.59 -7.31
C CYS C 735 -2.50 -17.04 -6.98
N THR C 736 -3.44 -17.97 -7.20
CA THR C 736 -3.22 -19.35 -6.78
C THR C 736 -2.18 -20.07 -7.62
N MET C 737 -2.28 -19.97 -8.94
CA MET C 737 -1.27 -20.63 -9.76
C MET C 737 0.09 -19.98 -9.59
N TYR C 738 0.11 -18.66 -9.39
CA TYR C 738 1.37 -17.95 -9.22
C TYR C 738 2.08 -18.36 -7.93
N ILE C 739 1.38 -18.31 -6.80
CA ILE C 739 2.02 -18.59 -5.52
C ILE C 739 2.25 -20.08 -5.30
N CYS C 740 1.24 -20.91 -5.58
CA CYS C 740 1.27 -22.32 -5.24
C CYS C 740 1.09 -23.17 -6.50
N GLY C 741 2.01 -23.06 -7.44
CA GLY C 741 1.88 -23.70 -8.73
C GLY C 741 1.77 -25.21 -8.81
N ASP C 742 0.59 -25.66 -9.26
CA ASP C 742 0.21 -27.08 -9.52
C ASP C 742 0.61 -28.02 -8.37
N SER C 743 0.46 -27.55 -7.13
CA SER C 743 0.78 -28.35 -5.96
C SER C 743 -0.35 -28.25 -4.96
N THR C 744 -1.03 -29.37 -4.72
CA THR C 744 -2.12 -29.39 -3.74
C THR C 744 -1.60 -29.22 -2.31
N GLU C 745 -0.41 -29.76 -2.00
CA GLU C 745 0.10 -29.68 -0.63
C GLU C 745 0.25 -28.24 -0.15
N CYS C 746 0.76 -27.35 -1.00
CA CYS C 746 0.87 -25.94 -0.58
C CYS C 746 -0.50 -25.25 -0.52
N SER C 747 -1.40 -25.55 -1.45
CA SER C 747 -2.70 -24.87 -1.49
C SER C 747 -3.46 -25.01 -0.16
N ASN C 748 -3.37 -26.16 0.49
CA ASN C 748 -4.06 -26.31 1.77
C ASN C 748 -3.57 -25.31 2.81
N LEU C 749 -2.28 -24.96 2.78
CA LEU C 749 -1.79 -23.92 3.68
C LEU C 749 -2.26 -22.54 3.25
N LEU C 750 -2.36 -22.31 1.93
CA LEU C 750 -2.80 -21.01 1.45
C LEU C 750 -4.24 -20.70 1.87
N LEU C 751 -5.10 -21.72 1.98
CA LEU C 751 -6.47 -21.49 2.40
C LEU C 751 -6.57 -20.94 3.81
N GLN C 752 -5.52 -21.06 4.62
CA GLN C 752 -5.56 -20.53 5.98
C GLN C 752 -5.35 -19.03 6.05
N TYR C 753 -5.10 -18.36 4.92
CA TYR C 753 -4.92 -16.92 4.88
C TYR C 753 -6.19 -16.19 4.51
N GLY C 754 -7.33 -16.87 4.51
CA GLY C 754 -8.60 -16.23 4.21
C GLY C 754 -8.80 -15.74 2.78
N SER C 755 -9.19 -14.48 2.68
CA SER C 755 -9.61 -13.79 1.46
C SER C 755 -8.47 -13.12 0.67
N PHE C 756 -7.21 -13.31 1.04
CA PHE C 756 -6.13 -12.65 0.30
C PHE C 756 -6.20 -12.92 -1.20
N CYS C 757 -6.54 -14.14 -1.61
CA CYS C 757 -6.65 -14.52 -3.02
C CYS C 757 -7.91 -14.04 -3.71
N THR C 758 -8.73 -13.24 -3.11
CA THR C 758 -9.92 -12.80 -3.80
C THR C 758 -10.02 -11.29 -3.82
N GLN C 759 -9.43 -10.61 -2.85
CA GLN C 759 -9.45 -9.15 -2.89
C GLN C 759 -8.49 -8.64 -3.96
N LEU C 760 -7.51 -9.48 -4.33
CA LEU C 760 -6.57 -9.16 -5.40
C LEU C 760 -7.16 -9.44 -6.79
N ASN C 761 -7.94 -10.50 -6.94
CA ASN C 761 -8.62 -10.76 -8.20
C ASN C 761 -9.64 -9.68 -8.53
N ARG C 762 -10.32 -9.12 -7.52
CA ARG C 762 -11.23 -8.01 -7.80
C ARG C 762 -10.49 -6.80 -8.34
N ALA C 763 -9.35 -6.45 -7.73
CA ALA C 763 -8.60 -5.28 -8.20
C ALA C 763 -8.11 -5.43 -9.63
N LEU C 764 -7.58 -6.59 -10.00
CA LEU C 764 -7.06 -6.73 -11.36
C LEU C 764 -8.19 -6.77 -12.39
N THR C 765 -9.31 -7.41 -12.04
CA THR C 765 -10.49 -7.39 -12.91
C THR C 765 -11.05 -5.97 -13.07
N GLY C 766 -11.03 -5.20 -11.98
CA GLY C 766 -11.50 -3.82 -12.04
C GLY C 766 -10.78 -2.95 -13.05
N ILE C 767 -9.46 -3.06 -13.11
CA ILE C 767 -8.71 -2.25 -14.07
C ILE C 767 -9.01 -2.68 -15.50
N ALA C 768 -9.05 -3.98 -15.77
CA ALA C 768 -9.29 -4.46 -17.13
C ALA C 768 -10.61 -3.95 -17.69
N VAL C 769 -11.66 -3.94 -16.87
CA VAL C 769 -12.96 -3.45 -17.33
C VAL C 769 -12.93 -1.95 -17.59
N GLU C 770 -12.25 -1.18 -16.73
CA GLU C 770 -12.18 0.26 -16.89
C GLU C 770 -11.45 0.72 -18.15
N GLN C 771 -10.57 -0.11 -18.72
CA GLN C 771 -9.85 0.31 -19.92
C GLN C 771 -10.76 0.44 -21.13
N ASP C 772 -11.82 -0.37 -21.21
CA ASP C 772 -12.73 -0.28 -22.35
C ASP C 772 -13.65 0.94 -22.28
N LYS C 773 -14.00 1.37 -21.08
CA LYS C 773 -14.78 2.59 -20.92
C LYS C 773 -14.05 3.82 -21.45
N ASN C 774 -12.73 3.91 -21.23
CA ASN C 774 -11.97 5.05 -21.71
C ASN C 774 -12.00 5.18 -23.24
N THR C 775 -11.73 4.10 -23.96
CA THR C 775 -11.74 4.18 -25.42
C THR C 775 -13.12 4.47 -25.99
N GLN C 776 -14.16 3.87 -25.42
CA GLN C 776 -15.52 4.06 -25.93
C GLN C 776 -16.00 5.50 -25.78
N GLU C 777 -15.71 6.14 -24.64
CA GLU C 777 -16.16 7.52 -24.44
C GLU C 777 -15.43 8.52 -25.33
N VAL C 778 -14.15 8.29 -25.62
CA VAL C 778 -13.39 9.25 -26.42
C VAL C 778 -13.74 9.17 -27.90
N PHE C 779 -13.89 7.97 -28.47
CA PHE C 779 -14.11 7.85 -29.91
C PHE C 779 -15.57 7.70 -30.32
N ALA C 780 -16.40 7.01 -29.55
CA ALA C 780 -17.79 6.74 -29.96
C ALA C 780 -18.71 7.91 -29.63
N GLN C 781 -18.46 9.04 -30.27
CA GLN C 781 -19.27 10.23 -30.07
C GLN C 781 -20.26 10.51 -31.21
N VAL C 782 -20.30 9.68 -32.24
CA VAL C 782 -21.20 9.90 -33.38
C VAL C 782 -22.16 8.72 -33.51
N LYS C 783 -23.45 9.04 -33.60
CA LYS C 783 -24.49 8.03 -33.73
C LYS C 783 -24.55 7.39 -35.12
N GLN C 784 -24.04 8.05 -36.16
CA GLN C 784 -24.12 7.55 -37.52
C GLN C 784 -22.78 7.63 -38.22
N ILE C 785 -22.61 6.78 -39.23
CA ILE C 785 -21.39 6.75 -40.05
C ILE C 785 -21.60 7.62 -41.29
N TYR C 786 -20.92 8.76 -41.34
CA TYR C 786 -20.95 9.70 -42.45
C TYR C 786 -19.89 9.35 -43.50
N LYS C 787 -20.15 9.78 -44.74
CA LYS C 787 -19.24 9.49 -45.84
C LYS C 787 -19.09 10.70 -46.74
N THR C 788 -17.86 10.92 -47.22
CA THR C 788 -17.44 12.04 -48.03
C THR C 788 -17.94 11.87 -49.47
N PRO C 789 -18.14 12.97 -50.20
CA PRO C 789 -18.58 12.84 -51.60
C PRO C 789 -17.46 12.33 -52.48
N PRO C 790 -17.79 11.73 -53.62
CA PRO C 790 -16.75 11.24 -54.53
C PRO C 790 -15.93 12.32 -55.22
N ILE C 791 -16.46 13.53 -55.35
CA ILE C 791 -15.76 14.63 -56.02
C ILE C 791 -15.24 15.62 -54.98
N LYS C 792 -13.93 15.82 -54.97
CA LYS C 792 -13.26 16.66 -53.98
C LYS C 792 -13.18 18.11 -54.49
N ASP C 793 -14.35 18.71 -54.68
CA ASP C 793 -14.46 20.11 -55.09
C ASP C 793 -14.64 21.00 -53.85
N PHE C 794 -13.55 21.12 -53.09
CA PHE C 794 -13.56 21.88 -51.84
C PHE C 794 -12.98 23.29 -52.00
N GLY C 795 -13.16 23.90 -53.17
CA GLY C 795 -12.71 25.28 -53.34
C GLY C 795 -11.22 25.50 -53.40
N GLY C 796 -10.44 24.48 -53.75
CA GLY C 796 -8.99 24.62 -53.80
C GLY C 796 -8.29 24.09 -52.57
N PHE C 797 -9.03 23.65 -51.57
CA PHE C 797 -8.45 23.12 -50.35
C PHE C 797 -8.12 21.64 -50.58
N ASN C 798 -6.91 21.25 -50.17
CA ASN C 798 -6.42 19.90 -50.37
C ASN C 798 -6.43 19.11 -49.08
N PHE C 799 -7.30 18.11 -49.01
CA PHE C 799 -7.45 17.26 -47.84
C PHE C 799 -6.96 15.85 -48.11
N SER C 800 -6.28 15.66 -49.25
CA SER C 800 -5.84 14.32 -49.67
C SER C 800 -4.86 13.68 -48.71
N GLN C 801 -4.28 14.43 -47.79
CA GLN C 801 -3.33 13.88 -46.85
C GLN C 801 -3.95 13.38 -45.56
N ILE C 802 -5.24 13.62 -45.34
CA ILE C 802 -5.92 13.13 -44.15
C ILE C 802 -7.09 12.21 -44.44
N LEU C 803 -7.62 12.18 -45.66
CA LEU C 803 -8.68 11.26 -45.99
C LEU C 803 -8.14 9.87 -46.34
N PRO C 804 -8.93 8.82 -46.11
CA PRO C 804 -8.46 7.46 -46.42
C PRO C 804 -8.12 7.27 -47.89
N ASP C 805 -7.12 6.43 -48.14
CA ASP C 805 -6.68 6.09 -49.48
C ASP C 805 -7.33 4.78 -49.87
N PRO C 806 -8.29 4.78 -50.81
CA PRO C 806 -8.99 3.53 -51.17
C PRO C 806 -8.09 2.45 -51.74
N SER C 807 -6.87 2.77 -52.17
CA SER C 807 -6.03 1.76 -52.81
C SER C 807 -5.25 0.91 -51.81
N LYS C 808 -5.28 1.26 -50.55
CA LYS C 808 -4.49 0.47 -49.60
C LYS C 808 -5.34 -0.67 -49.04
N PRO C 809 -4.74 -1.79 -48.66
CA PRO C 809 -5.55 -2.89 -48.10
C PRO C 809 -6.28 -2.52 -46.82
N SER C 810 -5.90 -1.44 -46.16
CA SER C 810 -6.57 -0.96 -44.96
C SER C 810 -6.82 0.52 -45.13
N LYS C 811 -8.07 0.94 -44.95
CA LYS C 811 -8.44 2.33 -45.22
C LYS C 811 -7.89 3.29 -44.16
N ARG C 812 -6.58 3.49 -44.19
CA ARG C 812 -5.92 4.48 -43.34
C ARG C 812 -5.36 5.59 -44.22
N SER C 813 -5.25 6.79 -43.63
CA SER C 813 -4.64 7.89 -44.35
C SER C 813 -3.11 7.80 -44.29
N PRO C 814 -2.42 8.53 -45.16
CA PRO C 814 -0.94 8.52 -45.11
C PRO C 814 -0.33 8.91 -43.77
N ILE C 815 -0.78 9.99 -43.15
CA ILE C 815 -0.17 10.42 -41.88
C ILE C 815 -0.36 9.38 -40.78
N GLU C 816 -1.57 8.85 -40.62
CA GLU C 816 -1.79 7.85 -39.57
C GLU C 816 -1.04 6.56 -39.87
N ASP C 817 -0.93 6.18 -41.14
CA ASP C 817 -0.10 5.03 -41.51
C ASP C 817 1.35 5.22 -41.10
N LEU C 818 1.87 6.45 -41.20
CA LEU C 818 3.24 6.73 -40.76
C LEU C 818 3.41 6.54 -39.26
N LEU C 819 2.40 6.90 -38.47
CA LEU C 819 2.48 6.75 -37.02
C LEU C 819 2.52 5.28 -36.59
N PHE C 820 1.77 4.41 -37.25
CA PHE C 820 1.84 2.98 -36.95
C PHE C 820 3.19 2.36 -37.31
N ASN C 821 3.96 2.98 -38.21
CA ASN C 821 5.28 2.48 -38.58
C ASN C 821 6.42 3.11 -37.80
N LYS C 822 6.14 4.05 -36.90
CA LYS C 822 7.19 4.67 -36.10
C LYS C 822 7.24 4.20 -34.64
N VAL C 823 6.11 3.84 -34.04
CA VAL C 823 6.11 3.33 -32.67
C VAL C 823 6.14 1.80 -32.71
N THR C 824 7.09 1.22 -32.00
CA THR C 824 7.30 -0.22 -31.98
C THR C 824 7.00 -0.75 -30.58
N LEU C 825 6.32 -1.90 -30.52
CA LEU C 825 5.96 -2.49 -29.24
C LEU C 825 6.89 -3.63 -28.87
N GLN C 850 6.46 -15.03 -25.76
CA GLN C 850 6.53 -15.41 -24.36
C GLN C 850 5.27 -16.16 -23.93
N LYS C 851 5.42 -17.01 -22.92
CA LYS C 851 4.35 -17.80 -22.30
C LYS C 851 4.76 -18.07 -20.87
N PHE C 852 3.97 -17.60 -19.92
CA PHE C 852 4.35 -17.72 -18.51
C PHE C 852 3.36 -18.61 -17.76
N ASN C 853 3.45 -18.55 -16.44
CA ASN C 853 2.61 -19.32 -15.52
C ASN C 853 1.63 -18.40 -14.80
N GLY C 854 0.38 -18.42 -15.24
CA GLY C 854 -0.65 -17.60 -14.61
C GLY C 854 -0.75 -16.19 -15.14
N LEU C 855 0.07 -15.81 -16.12
CA LEU C 855 0.05 -14.48 -16.69
C LEU C 855 -0.59 -14.54 -18.08
N THR C 856 -1.66 -13.78 -18.27
CA THR C 856 -2.32 -13.69 -19.56
C THR C 856 -2.54 -12.23 -19.93
N VAL C 857 -2.74 -12.00 -21.23
CA VAL C 857 -3.01 -10.67 -21.76
C VAL C 857 -4.30 -10.76 -22.56
N LEU C 858 -5.26 -9.95 -22.22
CA LEU C 858 -6.55 -9.96 -22.90
C LEU C 858 -6.54 -9.02 -24.10
N PRO C 859 -7.24 -9.38 -25.18
CA PRO C 859 -7.32 -8.50 -26.34
C PRO C 859 -8.31 -7.37 -26.09
N PRO C 860 -8.15 -6.22 -26.76
CA PRO C 860 -9.14 -5.15 -26.62
C PRO C 860 -10.44 -5.51 -27.33
N LEU C 861 -11.51 -4.88 -26.87
CA LEU C 861 -12.83 -5.11 -27.47
C LEU C 861 -12.94 -4.48 -28.85
N LEU C 862 -12.42 -3.27 -29.03
CA LEU C 862 -12.45 -2.57 -30.31
C LEU C 862 -11.12 -2.78 -31.03
N THR C 863 -11.17 -3.43 -32.18
CA THR C 863 -9.95 -3.63 -32.95
C THR C 863 -9.55 -2.32 -33.62
N ASP C 864 -8.30 -2.28 -34.07
CA ASP C 864 -7.76 -1.08 -34.71
C ASP C 864 -8.56 -0.66 -35.93
N GLU C 865 -9.13 -1.62 -36.66
CA GLU C 865 -9.95 -1.30 -37.82
C GLU C 865 -11.18 -0.47 -37.45
N MET C 866 -11.84 -0.81 -36.33
CA MET C 866 -13.02 -0.07 -35.93
C MET C 866 -12.69 1.34 -35.44
N ILE C 867 -11.56 1.49 -34.74
CA ILE C 867 -11.15 2.82 -34.28
C ILE C 867 -10.84 3.72 -35.45
N ALA C 868 -10.14 3.20 -36.46
CA ALA C 868 -9.87 3.99 -37.66
C ALA C 868 -11.15 4.41 -38.38
N GLN C 869 -12.15 3.54 -38.41
CA GLN C 869 -13.43 3.87 -39.04
C GLN C 869 -14.18 4.97 -38.31
N TYR C 870 -14.09 5.04 -36.97
CA TYR C 870 -14.73 6.14 -36.26
C TYR C 870 -14.09 7.49 -36.56
N THR C 871 -12.76 7.56 -36.67
CA THR C 871 -12.12 8.83 -36.98
C THR C 871 -12.44 9.32 -38.38
N SER C 872 -12.63 8.41 -39.33
CA SER C 872 -13.05 8.81 -40.68
C SER C 872 -14.43 9.46 -40.66
N ALA C 873 -15.36 8.90 -39.87
CA ALA C 873 -16.70 9.48 -39.77
C ALA C 873 -16.67 10.89 -39.21
N LEU C 874 -15.86 11.13 -38.18
CA LEU C 874 -15.75 12.45 -37.58
C LEU C 874 -15.14 13.46 -38.55
N LEU C 875 -14.11 13.06 -39.28
CA LEU C 875 -13.44 13.99 -40.19
C LEU C 875 -14.32 14.31 -41.40
N ALA C 876 -15.01 13.32 -41.95
CA ALA C 876 -15.93 13.57 -43.06
C ALA C 876 -17.10 14.46 -42.65
N GLY C 877 -17.58 14.30 -41.42
CA GLY C 877 -18.65 15.16 -40.92
C GLY C 877 -18.26 16.62 -40.81
N THR C 878 -17.11 16.89 -40.20
CA THR C 878 -16.65 18.27 -40.02
C THR C 878 -16.47 19.01 -41.34
N ILE C 879 -16.02 18.32 -42.38
CA ILE C 879 -15.83 18.97 -43.67
C ILE C 879 -17.16 19.37 -44.32
N THR C 880 -18.17 18.52 -44.24
CA THR C 880 -19.41 18.76 -44.97
C THR C 880 -20.48 19.52 -44.18
N SER C 881 -20.44 19.54 -42.85
CA SER C 881 -21.53 20.18 -42.11
C SER C 881 -21.10 21.09 -40.96
N GLY C 882 -19.81 21.35 -40.78
CA GLY C 882 -19.36 22.18 -39.68
C GLY C 882 -19.68 21.58 -38.31
N TRP C 883 -20.27 22.39 -37.43
CA TRP C 883 -20.63 21.93 -36.09
C TRP C 883 -22.07 21.48 -35.96
N THR C 884 -22.85 21.58 -37.02
CA THR C 884 -24.29 21.30 -36.94
C THR C 884 -24.57 19.83 -36.65
N PHE C 885 -23.67 18.94 -37.07
CA PHE C 885 -23.91 17.51 -36.82
C PHE C 885 -23.76 17.15 -35.34
N GLY C 886 -23.11 18.00 -34.55
CA GLY C 886 -23.03 17.75 -33.12
C GLY C 886 -24.34 18.02 -32.39
N ALA C 887 -24.99 19.15 -32.70
CA ALA C 887 -26.21 19.52 -32.00
C ALA C 887 -27.40 18.66 -32.42
N GLY C 888 -27.55 18.38 -33.71
CA GLY C 888 -28.67 17.58 -34.17
C GLY C 888 -28.42 16.93 -35.51
N PRO C 889 -29.24 17.26 -36.50
CA PRO C 889 -29.06 16.67 -37.83
C PRO C 889 -28.01 17.40 -38.64
N ALA C 890 -27.38 16.67 -39.56
CA ALA C 890 -26.31 17.21 -40.40
C ALA C 890 -26.89 18.06 -41.53
N LEU C 891 -26.63 19.36 -41.50
CA LEU C 891 -27.08 20.29 -42.52
C LEU C 891 -25.89 20.69 -43.39
N GLN C 892 -25.93 20.32 -44.67
CA GLN C 892 -24.81 20.63 -45.56
C GLN C 892 -24.65 22.14 -45.75
N ILE C 893 -23.41 22.57 -45.90
CA ILE C 893 -23.06 23.96 -46.20
C ILE C 893 -21.77 23.96 -47.02
N PRO C 894 -21.64 24.80 -48.06
CA PRO C 894 -20.38 24.87 -48.80
C PRO C 894 -19.18 25.15 -47.91
N PHE C 895 -18.07 24.48 -48.19
CA PHE C 895 -16.91 24.59 -47.32
C PHE C 895 -16.30 26.00 -47.26
N PRO C 896 -16.17 26.76 -48.34
CA PRO C 896 -15.66 28.14 -48.18
C PRO C 896 -16.54 29.00 -47.31
N MET C 897 -17.86 28.82 -47.36
CA MET C 897 -18.74 29.60 -46.50
C MET C 897 -18.60 29.20 -45.05
N GLN C 898 -18.34 27.93 -44.78
CA GLN C 898 -18.05 27.48 -43.42
C GLN C 898 -16.83 28.20 -42.85
N MET C 899 -15.76 28.26 -43.63
CA MET C 899 -14.54 28.94 -43.17
C MET C 899 -14.74 30.43 -42.96
N ALA C 900 -15.64 31.06 -43.72
CA ALA C 900 -15.94 32.47 -43.49
C ALA C 900 -16.53 32.72 -42.10
N TYR C 901 -17.38 31.81 -41.61
CA TYR C 901 -17.93 31.98 -40.28
C TYR C 901 -16.86 31.83 -39.19
N ARG C 902 -15.95 30.86 -39.36
CA ARG C 902 -14.89 30.68 -38.36
C ARG C 902 -13.99 31.90 -38.26
N PHE C 903 -13.78 32.63 -39.36
CA PHE C 903 -13.05 33.89 -39.29
C PHE C 903 -13.84 34.94 -38.51
N ASN C 904 -15.15 34.99 -38.75
CA ASN C 904 -16.02 35.92 -38.04
C ASN C 904 -15.99 35.69 -36.53
N GLY C 905 -15.83 34.44 -36.10
CA GLY C 905 -15.77 34.12 -34.68
C GLY C 905 -14.57 34.66 -33.93
N ILE C 906 -13.53 35.11 -34.63
CA ILE C 906 -12.34 35.65 -33.97
C ILE C 906 -12.19 37.14 -34.24
N GLY C 907 -13.26 37.81 -34.67
CA GLY C 907 -13.23 39.25 -34.83
C GLY C 907 -12.68 39.79 -36.13
N VAL C 908 -12.68 39.01 -37.21
CA VAL C 908 -12.23 39.48 -38.52
C VAL C 908 -13.42 39.32 -39.47
N THR C 909 -13.86 40.44 -40.04
CA THR C 909 -15.01 40.42 -40.94
C THR C 909 -14.76 39.52 -42.16
N GLN C 910 -15.81 38.79 -42.55
CA GLN C 910 -15.76 37.82 -43.63
C GLN C 910 -15.26 38.37 -44.96
N ASN C 911 -15.30 39.69 -45.16
CA ASN C 911 -14.81 40.24 -46.41
C ASN C 911 -13.30 40.07 -46.58
N VAL C 912 -12.55 39.82 -45.50
CA VAL C 912 -11.12 39.56 -45.63
C VAL C 912 -10.84 38.26 -46.38
N LEU C 913 -11.66 37.23 -46.15
CA LEU C 913 -11.47 35.93 -46.79
C LEU C 913 -11.70 35.89 -48.32
N TYR C 914 -12.77 36.49 -48.82
CA TYR C 914 -13.08 36.32 -50.25
C TYR C 914 -12.05 36.94 -51.20
N GLU C 915 -11.55 38.13 -50.90
CA GLU C 915 -10.48 38.71 -51.73
C GLU C 915 -9.16 37.96 -51.59
N ASN C 916 -8.90 37.31 -50.45
CA ASN C 916 -7.63 36.61 -50.28
C ASN C 916 -7.80 35.10 -50.28
N GLN C 917 -8.87 34.60 -50.89
CA GLN C 917 -9.18 33.17 -50.83
C GLN C 917 -8.05 32.32 -51.38
N LYS C 918 -7.43 32.75 -52.48
CA LYS C 918 -6.34 31.99 -53.09
C LYS C 918 -5.10 31.95 -52.22
N LEU C 919 -4.75 33.06 -51.57
CA LEU C 919 -3.58 33.09 -50.71
C LEU C 919 -3.75 32.15 -49.53
N ILE C 920 -4.93 32.16 -48.90
CA ILE C 920 -5.18 31.32 -47.74
C ILE C 920 -5.11 29.85 -48.12
N ALA C 921 -5.69 29.47 -49.26
CA ALA C 921 -5.65 28.07 -49.68
C ALA C 921 -4.22 27.57 -49.90
N ASN C 922 -3.37 28.40 -50.50
CA ASN C 922 -2.00 27.97 -50.76
C ASN C 922 -1.22 27.78 -49.47
N GLN C 923 -1.45 28.65 -48.48
CA GLN C 923 -0.76 28.53 -47.19
C GLN C 923 -1.19 27.28 -46.45
N PHE C 924 -2.49 26.95 -46.50
CA PHE C 924 -2.98 25.74 -45.84
C PHE C 924 -2.36 24.48 -46.45
N ASN C 925 -2.29 24.39 -47.77
CA ASN C 925 -1.70 23.21 -48.41
C ASN C 925 -0.21 23.07 -48.08
N SER C 926 0.53 24.19 -48.03
CA SER C 926 1.95 24.12 -47.69
C SER C 926 2.16 23.71 -46.25
N ALA C 927 1.35 24.23 -45.33
CA ALA C 927 1.48 23.87 -43.92
C ALA C 927 1.23 22.40 -43.69
N ILE C 928 0.25 21.83 -44.38
CA ILE C 928 -0.05 20.40 -44.25
C ILE C 928 1.10 19.55 -44.78
N GLY C 929 1.72 19.94 -45.90
CA GLY C 929 2.83 19.16 -46.41
C GLY C 929 4.00 19.05 -45.44
N LYS C 930 4.27 20.12 -44.70
CA LYS C 930 5.40 20.11 -43.75
C LYS C 930 5.21 19.13 -42.60
N ILE C 931 3.96 18.85 -42.20
CA ILE C 931 3.72 18.04 -41.01
C ILE C 931 4.28 16.61 -41.17
N GLN C 932 4.10 16.01 -42.35
CA GLN C 932 4.59 14.65 -42.55
C GLN C 932 6.11 14.58 -42.49
N ASP C 933 6.80 15.58 -43.04
CA ASP C 933 8.26 15.57 -43.01
C ASP C 933 8.80 15.66 -41.59
N SER C 934 8.14 16.46 -40.73
CA SER C 934 8.61 16.59 -39.35
C SER C 934 8.47 15.29 -38.58
N LEU C 935 7.28 14.66 -38.65
CA LEU C 935 7.08 13.40 -37.93
C LEU C 935 7.96 12.28 -38.45
N SER C 936 8.26 12.27 -39.76
CA SER C 936 9.14 11.26 -40.33
C SER C 936 10.62 11.53 -40.09
N SER C 937 11.00 12.72 -39.64
CA SER C 937 12.41 13.07 -39.51
C SER C 937 12.85 13.43 -38.09
N THR C 938 11.95 13.89 -37.21
CA THR C 938 12.36 14.26 -35.88
C THR C 938 11.93 13.21 -34.85
N PRO C 939 12.84 12.35 -34.37
CA PRO C 939 12.46 11.35 -33.36
C PRO C 939 12.07 11.98 -32.03
N SER C 940 11.63 11.15 -31.09
CA SER C 940 11.19 11.57 -29.76
C SER C 940 9.88 12.35 -29.77
N ALA C 941 9.36 12.67 -30.96
CA ALA C 941 8.09 13.38 -31.04
C ALA C 941 6.95 12.59 -30.40
N LEU C 942 7.02 11.26 -30.45
CA LEU C 942 6.00 10.39 -29.88
C LEU C 942 6.43 9.77 -28.55
N GLY C 943 7.38 10.39 -27.85
CA GLY C 943 7.83 9.87 -26.57
C GLY C 943 6.73 9.71 -25.54
N LYS C 944 5.72 10.58 -25.57
CA LYS C 944 4.62 10.48 -24.61
C LYS C 944 3.87 9.16 -24.71
N LEU C 945 3.88 8.54 -25.89
CA LEU C 945 3.20 7.26 -26.08
C LEU C 945 4.12 6.08 -25.85
N GLN C 946 5.40 6.21 -26.16
CA GLN C 946 6.35 5.12 -25.95
C GLN C 946 6.61 4.86 -24.47
N ASP C 947 6.54 5.90 -23.63
CA ASP C 947 6.83 5.75 -22.21
C ASP C 947 5.85 4.82 -21.49
N VAL C 948 4.57 4.82 -21.88
CA VAL C 948 3.61 3.94 -21.22
C VAL C 948 3.94 2.47 -21.47
N VAL C 949 4.32 2.13 -22.70
CA VAL C 949 4.68 0.75 -23.04
C VAL C 949 5.89 0.28 -22.23
N ASN C 950 6.90 1.14 -22.10
CA ASN C 950 8.12 0.75 -21.38
C ASN C 950 7.87 0.52 -19.90
N GLN C 951 7.05 1.37 -19.27
CA GLN C 951 6.80 1.22 -17.83
C GLN C 951 6.05 -0.07 -17.52
N ASN C 952 5.11 -0.47 -18.38
CA ASN C 952 4.37 -1.70 -18.14
C ASN C 952 5.23 -2.95 -18.33
N ALA C 953 6.12 -2.93 -19.31
CA ALA C 953 7.00 -4.08 -19.55
C ALA C 953 7.98 -4.30 -18.40
N GLN C 954 8.49 -3.23 -17.81
CA GLN C 954 9.43 -3.35 -16.69
C GLN C 954 8.77 -3.96 -15.46
N ALA C 955 7.52 -3.60 -15.18
CA ALA C 955 6.82 -4.16 -14.03
C ALA C 955 6.63 -5.67 -14.14
N LEU C 956 6.30 -6.18 -15.32
CA LEU C 956 6.12 -7.62 -15.48
C LEU C 956 7.44 -8.38 -15.41
N ASN C 957 8.53 -7.81 -15.93
CA ASN C 957 9.82 -8.49 -15.87
C ASN C 957 10.29 -8.69 -14.44
N THR C 958 10.04 -7.71 -13.56
CA THR C 958 10.41 -7.86 -12.16
C THR C 958 9.56 -8.91 -11.44
N LEU C 959 8.25 -8.93 -11.70
CA LEU C 959 7.37 -9.90 -11.06
C LEU C 959 7.76 -11.34 -11.38
N VAL C 960 8.11 -11.63 -12.61
CA VAL C 960 8.55 -12.99 -12.97
C VAL C 960 9.89 -13.33 -12.33
N LYS C 961 10.83 -12.40 -12.34
CA LYS C 961 12.15 -12.63 -11.76
C LYS C 961 12.10 -12.96 -10.27
N GLN C 962 11.12 -12.42 -9.54
CA GLN C 962 10.98 -12.70 -8.12
C GLN C 962 10.79 -14.17 -7.78
N LEU C 963 10.40 -15.02 -8.74
CA LEU C 963 10.25 -16.44 -8.45
C LEU C 963 11.59 -17.15 -8.20
N SER C 964 12.72 -16.59 -8.62
CA SER C 964 14.01 -17.22 -8.36
C SER C 964 14.58 -16.91 -6.97
N SER C 965 13.96 -16.04 -6.18
CA SER C 965 14.50 -15.69 -4.88
C SER C 965 14.17 -16.75 -3.84
N ASN C 966 15.05 -16.87 -2.84
CA ASN C 966 14.91 -17.88 -1.78
C ASN C 966 14.07 -17.41 -0.59
N PHE C 967 14.16 -16.13 -0.23
CA PHE C 967 13.51 -15.58 0.96
C PHE C 967 13.88 -16.33 2.23
N GLY C 968 15.04 -16.99 2.25
CA GLY C 968 15.48 -17.73 3.41
C GLY C 968 15.26 -19.23 3.38
N ALA C 969 14.49 -19.74 2.42
CA ALA C 969 14.27 -21.18 2.33
C ALA C 969 15.50 -21.88 1.77
N ILE C 970 15.57 -23.19 1.98
CA ILE C 970 16.74 -23.95 1.52
C ILE C 970 16.85 -23.98 0.01
N SER C 971 15.74 -23.80 -0.72
CA SER C 971 15.80 -23.83 -2.17
C SER C 971 14.63 -23.05 -2.76
N SER C 972 14.89 -22.37 -3.87
CA SER C 972 13.91 -21.51 -4.52
C SER C 972 12.87 -22.30 -5.31
N VAL C 973 13.16 -23.53 -5.72
CA VAL C 973 12.24 -24.34 -6.49
C VAL C 973 11.38 -25.18 -5.54
N LEU C 974 10.07 -24.97 -5.62
CA LEU C 974 9.12 -25.58 -4.69
C LEU C 974 9.14 -27.10 -4.74
N ASN C 975 9.32 -27.68 -5.92
CA ASN C 975 9.27 -29.14 -6.06
C ASN C 975 10.44 -29.86 -5.39
N ASP C 976 11.64 -29.25 -5.33
CA ASP C 976 12.77 -29.94 -4.73
C ASP C 976 12.73 -29.95 -3.20
N ILE C 977 12.18 -28.93 -2.56
CA ILE C 977 12.03 -28.98 -1.11
C ILE C 977 10.95 -29.99 -0.71
N LEU C 978 9.82 -29.96 -1.41
CA LEU C 978 8.72 -30.88 -1.11
C LEU C 978 9.11 -32.33 -1.38
N SER C 979 9.96 -32.58 -2.38
CA SER C 979 10.37 -33.93 -2.76
C SER C 979 11.42 -34.57 -1.87
N ARG C 980 12.04 -33.83 -0.94
CA ARG C 980 13.06 -34.41 -0.08
C ARG C 980 12.73 -34.40 1.41
N LEU C 981 11.89 -33.49 1.88
CA LEU C 981 11.59 -33.39 3.31
C LEU C 981 10.21 -33.94 3.62
N ASP C 982 10.11 -34.63 4.75
CA ASP C 982 8.86 -35.23 5.17
C ASP C 982 7.86 -34.16 5.60
N PRO C 983 6.58 -34.34 5.28
CA PRO C 983 5.55 -33.33 5.59
C PRO C 983 5.67 -32.73 6.99
N PRO C 984 5.90 -33.53 8.05
CA PRO C 984 5.99 -32.96 9.41
C PRO C 984 7.05 -31.87 9.62
N GLU C 985 8.08 -31.80 8.77
CA GLU C 985 9.15 -30.81 8.84
C GLU C 985 9.08 -29.76 7.75
N ALA C 986 8.56 -30.10 6.59
CA ALA C 986 8.45 -29.18 5.45
C ALA C 986 7.58 -27.95 5.72
N GLU C 987 6.60 -27.99 6.63
CA GLU C 987 5.73 -26.83 6.77
C GLU C 987 6.49 -25.54 7.08
N VAL C 988 7.58 -25.61 7.84
CA VAL C 988 8.31 -24.37 8.09
C VAL C 988 9.00 -23.87 6.83
N GLN C 989 9.62 -24.76 6.05
CA GLN C 989 10.30 -24.36 4.83
C GLN C 989 9.31 -23.84 3.78
N ILE C 990 8.13 -24.42 3.71
CA ILE C 990 7.09 -23.97 2.78
C ILE C 990 6.52 -22.61 3.20
N ASP C 991 6.27 -22.43 4.48
CA ASP C 991 5.71 -21.18 4.98
C ASP C 991 6.56 -19.97 4.59
N ARG C 992 7.89 -20.11 4.55
CA ARG C 992 8.73 -18.98 4.15
C ARG C 992 8.48 -18.57 2.71
N LEU C 993 8.29 -19.54 1.81
CA LEU C 993 8.08 -19.21 0.40
C LEU C 993 6.71 -18.58 0.14
N ILE C 994 5.68 -19.05 0.85
CA ILE C 994 4.34 -18.50 0.66
C ILE C 994 4.29 -17.04 1.09
N THR C 995 4.86 -16.73 2.25
CA THR C 995 4.85 -15.35 2.74
C THR C 995 5.62 -14.42 1.80
N GLY C 996 6.79 -14.85 1.33
CA GLY C 996 7.58 -14.00 0.45
C GLY C 996 6.92 -13.73 -0.90
N ARG C 997 6.31 -14.75 -1.50
CA ARG C 997 5.67 -14.55 -2.80
C ARG C 997 4.38 -13.75 -2.69
N LEU C 998 3.62 -13.94 -1.62
CA LEU C 998 2.38 -13.18 -1.45
C LEU C 998 2.65 -11.69 -1.27
N GLN C 999 3.71 -11.34 -0.52
CA GLN C 999 4.05 -9.94 -0.33
C GLN C 999 4.48 -9.28 -1.64
N SER C 1000 5.20 -10.01 -2.49
CA SER C 1000 5.60 -9.48 -3.79
C SER C 1000 4.41 -9.17 -4.69
N LEU C 1001 3.44 -10.08 -4.76
CA LEU C 1001 2.25 -9.87 -5.57
C LEU C 1001 1.43 -8.68 -5.08
N GLN C 1002 1.33 -8.50 -3.78
CA GLN C 1002 0.60 -7.36 -3.23
C GLN C 1002 1.21 -6.02 -3.64
N THR C 1003 2.54 -5.95 -3.70
CA THR C 1003 3.20 -4.73 -4.18
C THR C 1003 2.88 -4.41 -5.63
N TYR C 1004 2.90 -5.41 -6.51
CA TYR C 1004 2.57 -5.21 -7.92
C TYR C 1004 1.18 -4.61 -8.11
N VAL C 1005 0.17 -5.17 -7.43
CA VAL C 1005 -1.20 -4.70 -7.58
C VAL C 1005 -1.35 -3.24 -7.15
N THR C 1006 -0.74 -2.87 -6.03
CA THR C 1006 -0.86 -1.49 -5.57
C THR C 1006 -0.26 -0.48 -6.56
N GLN C 1007 0.88 -0.79 -7.15
CA GLN C 1007 1.48 0.13 -8.13
C GLN C 1007 0.58 0.32 -9.33
N GLN C 1008 -0.11 -0.74 -9.76
CA GLN C 1008 -1.01 -0.63 -10.91
C GLN C 1008 -2.24 0.22 -10.62
N LEU C 1009 -2.76 0.20 -9.40
CA LEU C 1009 -3.94 1.01 -9.09
C LEU C 1009 -3.63 2.51 -9.17
N ILE C 1010 -2.46 2.92 -8.70
CA ILE C 1010 -2.06 4.32 -8.81
C ILE C 1010 -1.79 4.71 -10.26
N ARG C 1011 -1.07 3.86 -10.99
CA ARG C 1011 -0.73 4.13 -12.38
C ARG C 1011 -1.96 4.20 -13.27
N ALA C 1012 -2.97 3.37 -13.01
CA ALA C 1012 -4.22 3.44 -13.75
C ALA C 1012 -4.95 4.78 -13.56
N ALA C 1013 -4.86 5.36 -12.37
CA ALA C 1013 -5.52 6.65 -12.12
C ALA C 1013 -4.94 7.80 -12.94
N GLU C 1014 -3.63 7.83 -13.17
CA GLU C 1014 -3.07 8.91 -13.99
C GLU C 1014 -3.55 8.84 -15.43
N ILE C 1015 -3.59 7.64 -16.03
CA ILE C 1015 -4.08 7.50 -17.40
C ILE C 1015 -5.55 7.88 -17.52
N ARG C 1016 -6.36 7.56 -16.50
CA ARG C 1016 -7.76 7.95 -16.52
C ARG C 1016 -7.94 9.46 -16.61
N ALA C 1017 -7.13 10.21 -15.85
CA ALA C 1017 -7.20 11.67 -15.94
C ALA C 1017 -6.86 12.17 -17.34
N SER C 1018 -5.88 11.55 -17.99
CA SER C 1018 -5.53 11.94 -19.35
C SER C 1018 -6.64 11.61 -20.34
N ALA C 1019 -7.29 10.45 -20.18
CA ALA C 1019 -8.40 10.08 -21.05
C ALA C 1019 -9.57 11.05 -20.92
N ASN C 1020 -9.84 11.51 -19.69
CA ASN C 1020 -10.92 12.49 -19.50
C ASN C 1020 -10.59 13.82 -20.17
N LEU C 1021 -9.32 14.24 -20.12
CA LEU C 1021 -8.93 15.47 -20.80
C LEU C 1021 -9.07 15.33 -22.32
N ALA C 1022 -8.70 14.18 -22.88
CA ALA C 1022 -8.83 13.97 -24.31
C ALA C 1022 -10.28 14.07 -24.77
N ALA C 1023 -11.21 13.52 -23.99
CA ALA C 1023 -12.61 13.62 -24.34
C ALA C 1023 -13.11 15.06 -24.27
N THR C 1024 -12.64 15.83 -23.29
CA THR C 1024 -13.00 17.24 -23.20
C THR C 1024 -12.47 18.04 -24.39
N LYS C 1025 -11.22 17.81 -24.77
CA LYS C 1025 -10.65 18.51 -25.93
C LYS C 1025 -11.37 18.18 -27.22
N MET C 1026 -11.70 16.91 -27.41
CA MET C 1026 -12.42 16.49 -28.61
C MET C 1026 -13.76 17.21 -28.75
N SER C 1027 -14.54 17.28 -27.67
CA SER C 1027 -15.85 17.94 -27.75
C SER C 1027 -15.75 19.44 -27.98
N GLU C 1028 -14.81 20.13 -27.33
CA GLU C 1028 -14.73 21.57 -27.40
C GLU C 1028 -13.71 22.11 -28.42
N CYS C 1029 -13.17 21.27 -29.26
CA CYS C 1029 -12.18 21.73 -30.24
C CYS C 1029 -12.50 21.17 -31.62
N VAL C 1030 -12.84 19.89 -31.71
CA VAL C 1030 -13.15 19.28 -33.01
C VAL C 1030 -14.60 19.53 -33.42
N LEU C 1031 -15.54 19.33 -32.49
CA LEU C 1031 -16.96 19.54 -32.79
C LEU C 1031 -17.41 21.00 -32.78
N GLY C 1032 -16.71 21.88 -32.09
CA GLY C 1032 -17.09 23.27 -32.05
C GLY C 1032 -15.91 24.19 -32.33
N GLN C 1033 -15.93 25.35 -31.68
CA GLN C 1033 -14.83 26.31 -31.73
C GLN C 1033 -14.67 26.88 -30.33
N SER C 1034 -13.45 26.82 -29.81
CA SER C 1034 -13.15 27.20 -28.44
C SER C 1034 -12.63 28.64 -28.36
N LYS C 1035 -13.21 29.41 -27.44
CA LYS C 1035 -12.73 30.74 -27.11
C LYS C 1035 -11.77 30.73 -25.94
N ARG C 1036 -11.48 29.54 -25.41
CA ARG C 1036 -10.62 29.36 -24.25
C ARG C 1036 -9.17 29.52 -24.70
N VAL C 1037 -8.46 30.46 -24.09
CA VAL C 1037 -7.10 30.77 -24.53
C VAL C 1037 -6.18 29.58 -24.29
N ASP C 1038 -5.38 29.25 -25.30
CA ASP C 1038 -4.36 28.20 -25.28
C ASP C 1038 -4.91 26.82 -24.96
N PHE C 1039 -6.23 26.63 -24.97
CA PHE C 1039 -6.77 25.29 -24.77
C PHE C 1039 -6.62 24.43 -26.02
N CYS C 1040 -6.75 25.02 -27.21
CA CYS C 1040 -6.63 24.27 -28.45
C CYS C 1040 -5.44 24.81 -29.23
N GLY C 1041 -4.27 24.87 -28.59
CA GLY C 1041 -3.05 25.36 -29.17
C GLY C 1041 -2.88 26.87 -29.10
N LYS C 1042 -1.64 27.31 -29.37
CA LYS C 1042 -1.33 28.73 -29.40
C LYS C 1042 -1.92 29.41 -30.63
N GLY C 1043 -2.52 30.57 -30.43
CA GLY C 1043 -3.10 31.35 -31.50
C GLY C 1043 -4.61 31.35 -31.40
N TYR C 1044 -5.25 31.97 -32.38
CA TYR C 1044 -6.70 31.97 -32.41
C TYR C 1044 -7.16 30.72 -33.14
N HIS C 1045 -7.90 29.87 -32.44
CA HIS C 1045 -8.29 28.58 -32.98
C HIS C 1045 -9.29 28.71 -34.11
N LEU C 1046 -9.06 28.02 -35.22
CA LEU C 1046 -10.04 27.95 -36.29
C LEU C 1046 -10.72 26.59 -36.35
N MET C 1047 -9.99 25.52 -36.65
CA MET C 1047 -10.63 24.20 -36.75
C MET C 1047 -9.58 23.13 -36.48
N SER C 1048 -10.04 21.90 -36.19
CA SER C 1048 -9.14 20.79 -35.86
C SER C 1048 -9.49 19.46 -36.55
N PHE C 1049 -8.47 18.63 -36.68
CA PHE C 1049 -8.56 17.29 -37.30
C PHE C 1049 -8.04 16.21 -36.37
N PRO C 1050 -8.84 15.21 -36.03
CA PRO C 1050 -8.36 14.12 -35.20
C PRO C 1050 -7.67 13.05 -36.04
N GLN C 1051 -6.66 12.42 -35.45
CA GLN C 1051 -6.00 11.28 -36.07
C GLN C 1051 -5.74 10.21 -35.02
N SER C 1052 -5.93 8.95 -35.40
CA SER C 1052 -5.68 7.86 -34.48
C SER C 1052 -4.21 7.49 -34.43
N ALA C 1053 -3.80 6.89 -33.31
CA ALA C 1053 -2.46 6.38 -33.11
C ALA C 1053 -2.55 5.22 -32.14
N PRO C 1054 -1.56 4.33 -32.12
CA PRO C 1054 -1.58 3.22 -31.15
C PRO C 1054 -1.71 3.72 -29.72
N HIS C 1055 -2.80 3.31 -29.06
CA HIS C 1055 -3.06 3.69 -27.67
C HIS C 1055 -3.12 5.21 -27.47
N GLY C 1056 -3.59 5.96 -28.46
CA GLY C 1056 -3.68 7.40 -28.28
C GLY C 1056 -4.34 8.07 -29.47
N VAL C 1057 -4.42 9.39 -29.38
CA VAL C 1057 -5.02 10.23 -30.42
C VAL C 1057 -4.09 11.41 -30.70
N VAL C 1058 -4.03 11.84 -31.95
CA VAL C 1058 -3.21 12.97 -32.39
C VAL C 1058 -4.13 14.04 -32.99
N PHE C 1059 -3.98 15.28 -32.51
CA PHE C 1059 -4.77 16.42 -32.96
C PHE C 1059 -3.92 17.38 -33.79
N LEU C 1060 -4.43 17.78 -34.96
CA LEU C 1060 -3.82 18.83 -35.77
C LEU C 1060 -4.60 20.13 -35.57
N HIS C 1061 -4.00 21.10 -34.90
CA HIS C 1061 -4.66 22.37 -34.60
C HIS C 1061 -4.25 23.46 -35.59
N VAL C 1062 -5.24 24.05 -36.25
CA VAL C 1062 -5.03 25.10 -37.26
C VAL C 1062 -5.30 26.45 -36.62
N THR C 1063 -4.31 27.36 -36.62
CA THR C 1063 -4.42 28.64 -35.93
C THR C 1063 -4.01 29.81 -36.81
N TYR C 1064 -4.58 30.98 -36.51
CA TYR C 1064 -4.34 32.26 -37.17
C TYR C 1064 -3.37 33.13 -36.36
N VAL C 1065 -2.25 33.54 -36.95
CA VAL C 1065 -1.26 34.35 -36.25
C VAL C 1065 -0.96 35.66 -36.99
N PRO C 1066 -1.15 36.82 -36.37
CA PRO C 1066 -0.75 38.11 -36.96
C PRO C 1066 0.74 38.18 -37.30
N ALA C 1067 1.07 38.78 -38.44
CA ALA C 1067 2.45 38.72 -38.93
C ALA C 1067 3.24 40.02 -38.95
N GLN C 1068 2.67 41.15 -39.40
CA GLN C 1068 3.43 42.41 -39.47
C GLN C 1068 2.62 43.57 -38.93
N GLU C 1069 3.29 44.53 -38.26
CA GLU C 1069 2.60 45.64 -37.61
C GLU C 1069 3.24 47.00 -37.90
N LYS C 1070 2.40 48.04 -37.86
CA LYS C 1070 2.78 49.44 -38.09
C LYS C 1070 2.29 50.31 -36.94
N ASN C 1071 3.05 51.37 -36.61
CA ASN C 1071 2.67 52.32 -35.57
C ASN C 1071 1.77 53.43 -36.10
N PHE C 1072 0.67 53.70 -35.38
CA PHE C 1072 -0.26 54.77 -35.70
C PHE C 1072 -0.58 55.61 -34.47
N THR C 1073 -0.95 56.88 -34.69
CA THR C 1073 -1.40 57.76 -33.61
C THR C 1073 -2.89 57.55 -33.33
N THR C 1074 -3.29 57.64 -32.05
CA THR C 1074 -4.65 57.33 -31.64
C THR C 1074 -5.26 58.49 -30.86
N ALA C 1075 -6.59 58.44 -30.63
CA ALA C 1075 -7.35 59.38 -29.84
C ALA C 1075 -8.65 58.70 -29.43
N PRO C 1076 -9.14 58.90 -28.20
CA PRO C 1076 -10.42 58.26 -27.82
C PRO C 1076 -11.72 58.85 -28.36
N ALA C 1077 -11.78 60.12 -28.76
CA ALA C 1077 -13.06 60.65 -29.21
C ALA C 1077 -12.86 61.88 -30.07
N ILE C 1078 -13.90 62.22 -30.85
CA ILE C 1078 -13.87 63.38 -31.74
C ILE C 1078 -14.95 64.38 -31.34
N CYS C 1079 -14.58 65.66 -31.22
CA CYS C 1079 -15.52 66.74 -30.95
C CYS C 1079 -16.03 67.30 -32.27
N HIS C 1080 -17.36 67.32 -32.43
CA HIS C 1080 -18.01 67.93 -33.57
C HIS C 1080 -19.15 68.78 -33.05
N ASP C 1081 -19.04 70.10 -33.29
CA ASP C 1081 -20.03 71.12 -32.91
C ASP C 1081 -20.53 70.96 -31.47
N GLY C 1082 -19.68 70.39 -30.60
CA GLY C 1082 -20.01 70.20 -29.20
C GLY C 1082 -20.36 68.79 -28.82
N LYS C 1083 -20.69 67.94 -29.78
CA LYS C 1083 -21.00 66.55 -29.52
C LYS C 1083 -19.73 65.70 -29.52
N ALA C 1084 -19.68 64.71 -28.63
CA ALA C 1084 -18.57 63.78 -28.55
C ALA C 1084 -18.95 62.47 -29.21
N HIS C 1085 -18.19 62.09 -30.24
CA HIS C 1085 -18.43 60.86 -30.99
C HIS C 1085 -17.44 59.78 -30.56
N PHE C 1086 -17.96 58.59 -30.28
CA PHE C 1086 -17.17 57.42 -29.92
C PHE C 1086 -17.40 56.33 -30.95
N PRO C 1087 -16.41 55.48 -31.21
CA PRO C 1087 -16.60 54.46 -32.25
C PRO C 1087 -17.55 53.38 -31.77
N ARG C 1088 -18.40 52.92 -32.69
CA ARG C 1088 -19.25 51.78 -32.36
C ARG C 1088 -18.44 50.50 -32.37
N GLU C 1089 -17.56 50.36 -33.37
CA GLU C 1089 -16.64 49.24 -33.49
C GLU C 1089 -15.32 49.77 -34.00
N GLY C 1090 -14.22 49.22 -33.51
CA GLY C 1090 -12.91 49.63 -33.96
C GLY C 1090 -12.36 50.83 -33.22
N VAL C 1091 -11.24 51.35 -33.72
CA VAL C 1091 -10.52 52.45 -33.11
C VAL C 1091 -10.18 53.49 -34.16
N PHE C 1092 -9.94 54.72 -33.70
CA PHE C 1092 -9.50 55.81 -34.56
C PHE C 1092 -7.99 55.80 -34.75
N VAL C 1093 -7.55 55.97 -35.99
CA VAL C 1093 -6.13 56.03 -36.32
C VAL C 1093 -5.90 57.22 -37.23
N SER C 1094 -4.68 57.75 -37.18
CA SER C 1094 -4.24 58.86 -38.04
C SER C 1094 -2.85 58.51 -38.57
N ASN C 1095 -2.59 58.84 -39.84
CA ASN C 1095 -1.23 58.53 -40.30
C ASN C 1095 -0.41 59.80 -40.14
N GLY C 1096 -0.97 60.81 -39.46
CA GLY C 1096 -0.33 62.11 -39.30
C GLY C 1096 -1.10 63.26 -39.93
N THR C 1097 -1.99 62.97 -40.88
CA THR C 1097 -2.79 64.06 -41.46
C THR C 1097 -4.29 63.78 -41.48
N HIS C 1098 -4.70 62.52 -41.63
CA HIS C 1098 -6.12 62.22 -41.75
C HIS C 1098 -6.50 61.13 -40.76
N TRP C 1099 -7.71 61.22 -40.21
CA TRP C 1099 -8.23 60.27 -39.24
C TRP C 1099 -9.12 59.22 -39.88
N PHE C 1100 -8.92 57.97 -39.48
CA PHE C 1100 -9.67 56.84 -40.03
C PHE C 1100 -10.12 55.93 -38.89
N VAL C 1101 -11.07 55.05 -39.22
CA VAL C 1101 -11.56 54.01 -38.31
C VAL C 1101 -11.15 52.66 -38.87
N THR C 1102 -10.64 51.78 -38.01
CA THR C 1102 -10.26 50.45 -38.47
C THR C 1102 -10.45 49.41 -37.38
N GLN C 1103 -10.73 48.18 -37.81
CA GLN C 1103 -10.87 47.08 -36.88
C GLN C 1103 -9.53 46.82 -36.21
N ARG C 1104 -9.56 46.44 -34.93
CA ARG C 1104 -8.31 46.28 -34.18
C ARG C 1104 -7.37 45.22 -34.76
N ASN C 1105 -7.88 44.14 -35.33
CA ASN C 1105 -7.01 43.04 -35.75
C ASN C 1105 -6.64 43.03 -37.23
N PHE C 1106 -6.97 44.08 -37.99
CA PHE C 1106 -6.56 44.10 -39.38
C PHE C 1106 -6.71 45.51 -39.96
N TYR C 1107 -5.63 46.07 -40.51
CA TYR C 1107 -5.67 47.44 -41.00
C TYR C 1107 -6.58 47.54 -42.23
N GLU C 1108 -7.65 48.33 -42.11
CA GLU C 1108 -8.56 48.59 -43.23
C GLU C 1108 -9.26 49.93 -43.01
N PRO C 1109 -8.63 51.02 -43.39
CA PRO C 1109 -9.17 52.35 -43.08
C PRO C 1109 -10.44 52.69 -43.84
N GLN C 1110 -11.37 53.34 -43.13
CA GLN C 1110 -12.62 53.82 -43.69
C GLN C 1110 -12.80 55.29 -43.28
N ILE C 1111 -13.53 56.03 -44.10
CA ILE C 1111 -13.87 57.41 -43.76
C ILE C 1111 -14.82 57.45 -42.57
N ILE C 1112 -14.63 58.43 -41.69
CA ILE C 1112 -15.47 58.61 -40.50
C ILE C 1112 -16.81 59.21 -40.91
N THR C 1113 -17.90 58.51 -40.59
CA THR C 1113 -19.24 58.97 -40.92
C THR C 1113 -20.15 58.79 -39.71
N THR C 1114 -21.36 59.32 -39.81
CA THR C 1114 -22.37 59.18 -38.76
C THR C 1114 -22.92 57.76 -38.64
N ASP C 1115 -22.61 56.86 -39.57
CA ASP C 1115 -23.13 55.49 -39.54
C ASP C 1115 -22.18 54.48 -38.91
N ASN C 1116 -20.96 54.84 -38.57
CA ASN C 1116 -20.10 53.96 -37.79
C ASN C 1116 -19.83 54.43 -36.37
N THR C 1117 -20.12 55.68 -36.03
CA THR C 1117 -19.90 56.18 -34.68
C THR C 1117 -21.22 56.61 -34.05
N PHE C 1118 -21.21 56.77 -32.72
CA PHE C 1118 -22.39 57.24 -31.99
C PHE C 1118 -21.99 58.34 -31.02
N VAL C 1119 -22.96 59.18 -30.69
CA VAL C 1119 -22.75 60.36 -29.85
C VAL C 1119 -23.32 60.13 -28.45
N SER C 1120 -22.55 60.49 -27.43
CA SER C 1120 -23.00 60.40 -26.05
C SER C 1120 -22.25 61.42 -25.21
N GLY C 1121 -22.99 62.32 -24.56
CA GLY C 1121 -22.37 63.34 -23.72
C GLY C 1121 -21.76 64.41 -24.59
N ASN C 1122 -20.69 65.05 -24.10
CA ASN C 1122 -20.01 66.05 -24.91
C ASN C 1122 -18.50 65.96 -24.72
N CYS C 1123 -17.79 66.73 -25.55
CA CYS C 1123 -16.32 66.73 -25.59
C CYS C 1123 -15.63 67.33 -24.37
N ASP C 1124 -16.33 68.05 -23.50
CA ASP C 1124 -15.63 68.76 -22.43
C ASP C 1124 -15.40 67.96 -21.15
N VAL C 1125 -15.79 66.69 -21.09
CA VAL C 1125 -15.60 65.91 -19.88
C VAL C 1125 -14.45 64.92 -20.03
N VAL C 1126 -14.32 64.33 -21.21
CA VAL C 1126 -13.32 63.31 -21.47
C VAL C 1126 -11.95 63.97 -21.70
N ILE C 1127 -10.95 63.51 -20.94
CA ILE C 1127 -9.57 64.00 -21.02
C ILE C 1127 -8.76 63.37 -22.16
N GLY C 1128 -8.22 64.23 -23.04
CA GLY C 1128 -7.37 63.84 -24.16
C GLY C 1128 -8.07 63.48 -25.44
N ILE C 1129 -8.71 64.46 -26.05
CA ILE C 1129 -9.48 64.32 -27.28
C ILE C 1129 -9.07 65.34 -28.31
N VAL C 1130 -9.17 64.97 -29.58
CA VAL C 1130 -8.71 65.86 -30.63
C VAL C 1130 -9.94 66.19 -31.44
N ASN C 1131 -9.93 67.33 -32.13
CA ASN C 1131 -11.09 67.78 -32.88
C ASN C 1131 -10.90 67.61 -34.39
N ASN C 1132 -12.00 67.34 -35.08
CA ASN C 1132 -12.04 67.09 -36.51
C ASN C 1132 -13.48 67.22 -36.97
N THR C 1133 -13.75 66.91 -38.24
CA THR C 1133 -15.09 67.04 -38.78
C THR C 1133 -15.62 65.73 -39.35
N VAL C 1134 -16.93 65.54 -39.19
CA VAL C 1134 -17.65 64.31 -39.50
C VAL C 1134 -18.72 64.62 -40.54
N TYR C 1135 -18.82 63.78 -41.57
CA TYR C 1135 -19.67 64.03 -42.72
C TYR C 1135 -20.96 63.23 -42.63
N ASP C 1136 -22.07 63.90 -42.98
CA ASP C 1136 -23.41 63.32 -42.92
C ASP C 1136 -23.86 62.92 -44.32
N PRO C 1137 -23.97 61.63 -44.63
CA PRO C 1137 -24.37 61.20 -45.97
C PRO C 1137 -25.69 61.79 -46.46
N LEU C 1138 -26.54 62.29 -45.57
CA LEU C 1138 -27.82 62.86 -46.00
C LEU C 1138 -27.64 64.22 -46.64
N GLN C 1139 -26.68 65.01 -46.16
CA GLN C 1139 -26.48 66.36 -46.68
C GLN C 1139 -26.25 66.42 -48.19
N PRO C 1140 -25.23 65.73 -48.76
CA PRO C 1140 -25.06 65.81 -50.22
C PRO C 1140 -26.16 65.16 -51.05
N GLU C 1141 -26.93 64.22 -50.51
CA GLU C 1141 -27.97 63.61 -51.33
C GLU C 1141 -29.20 64.49 -51.48
N LEU C 1142 -29.52 65.29 -50.46
CA LEU C 1142 -30.68 66.17 -50.52
C LEU C 1142 -30.37 67.51 -51.17
N ASP C 1143 -29.15 67.99 -51.05
CA ASP C 1143 -28.77 69.26 -51.65
C ASP C 1143 -28.63 69.13 -53.17
N VAL D 2 -37.62 -20.43 -24.72
CA VAL D 2 -38.15 -21.28 -25.79
C VAL D 2 -39.66 -21.29 -25.73
N GLN D 3 -40.28 -22.17 -26.52
CA GLN D 3 -41.72 -22.30 -26.57
C GLN D 3 -42.12 -23.76 -26.67
N LEU D 4 -43.35 -24.05 -26.27
CA LEU D 4 -43.94 -25.37 -26.40
C LEU D 4 -45.16 -25.26 -27.30
N VAL D 5 -45.23 -26.11 -28.33
CA VAL D 5 -46.31 -26.10 -29.30
C VAL D 5 -47.06 -27.42 -29.19
N GLN D 6 -48.38 -27.33 -29.01
CA GLN D 6 -49.22 -28.51 -28.86
C GLN D 6 -50.07 -28.72 -30.10
N SER D 7 -50.60 -29.94 -30.23
CA SER D 7 -51.45 -30.28 -31.35
C SER D 7 -52.79 -29.54 -31.26
N GLY D 8 -53.54 -29.60 -32.35
CA GLY D 8 -54.80 -28.89 -32.42
C GLY D 8 -55.90 -29.56 -31.61
N ALA D 9 -57.06 -28.91 -31.59
CA ALA D 9 -58.20 -29.42 -30.86
C ALA D 9 -58.68 -30.74 -31.44
N GLU D 10 -59.16 -31.63 -30.58
CA GLU D 10 -59.60 -32.95 -30.97
C GLU D 10 -61.03 -33.18 -30.47
N VAL D 11 -61.82 -33.87 -31.30
CA VAL D 11 -63.19 -34.24 -30.97
C VAL D 11 -63.30 -35.75 -31.01
N LYS D 12 -63.65 -36.36 -29.88
CA LYS D 12 -63.72 -37.80 -29.75
C LYS D 12 -65.02 -38.23 -29.09
N LYS D 13 -65.43 -39.46 -29.38
CA LYS D 13 -66.54 -40.28 -28.91
C LYS D 13 -66.14 -41.02 -27.64
N PRO D 14 -67.02 -41.09 -26.64
CA PRO D 14 -66.70 -41.86 -25.44
C PRO D 14 -66.40 -43.31 -25.77
N GLY D 15 -65.44 -43.88 -25.04
CA GLY D 15 -64.97 -45.23 -25.29
C GLY D 15 -63.79 -45.32 -26.24
N SER D 16 -63.42 -44.21 -26.89
CA SER D 16 -62.30 -44.19 -27.81
C SER D 16 -61.01 -43.83 -27.06
N SER D 17 -59.97 -43.53 -27.83
CA SER D 17 -58.68 -43.10 -27.27
C SER D 17 -58.20 -41.87 -28.03
N VAL D 18 -57.52 -40.98 -27.30
CA VAL D 18 -57.02 -39.73 -27.86
C VAL D 18 -55.53 -39.61 -27.53
N LYS D 19 -54.76 -39.09 -28.48
CA LYS D 19 -53.32 -38.88 -28.30
C LYS D 19 -53.00 -37.42 -28.56
N VAL D 20 -52.37 -36.78 -27.58
CA VAL D 20 -52.00 -35.37 -27.66
C VAL D 20 -50.49 -35.24 -27.48
N SER D 21 -49.86 -34.49 -28.37
CA SER D 21 -48.42 -34.28 -28.34
C SER D 21 -48.10 -32.84 -27.93
N CYS D 22 -46.85 -32.63 -27.54
CA CYS D 22 -46.38 -31.31 -27.12
C CYS D 22 -44.92 -31.19 -27.56
N LYS D 23 -44.70 -30.51 -28.69
CA LYS D 23 -43.38 -30.42 -29.31
C LYS D 23 -42.64 -29.22 -28.76
N THR D 24 -41.35 -29.41 -28.45
CA THR D 24 -40.55 -28.41 -27.77
C THR D 24 -39.34 -28.04 -28.63
N SER D 25 -38.44 -27.24 -28.05
CA SER D 25 -37.22 -26.82 -28.73
C SER D 25 -36.16 -27.92 -28.66
N GLY D 26 -34.92 -27.58 -29.03
CA GLY D 26 -33.86 -28.56 -29.06
C GLY D 26 -33.21 -28.81 -27.70
N GLY D 27 -32.86 -27.74 -26.99
CA GLY D 27 -32.23 -27.87 -25.70
C GLY D 27 -33.17 -28.14 -24.54
N THR D 28 -34.47 -28.19 -24.79
CA THR D 28 -35.46 -28.41 -23.74
C THR D 28 -35.51 -29.86 -23.27
N PHE D 29 -34.81 -30.77 -23.91
CA PHE D 29 -34.62 -32.11 -23.36
C PHE D 29 -33.31 -32.17 -22.58
N ASN D 30 -32.94 -33.40 -22.20
CA ASN D 30 -31.87 -33.64 -21.24
C ASN D 30 -32.30 -33.12 -19.88
N SER D 31 -31.71 -32.01 -19.44
CA SER D 31 -31.91 -31.48 -18.09
C SER D 31 -33.19 -30.67 -17.99
N PHE D 32 -34.32 -31.31 -18.29
CA PHE D 32 -35.63 -30.68 -18.15
C PHE D 32 -36.73 -31.73 -18.10
N ALA D 33 -37.68 -31.57 -17.19
CA ALA D 33 -38.82 -32.46 -17.11
C ALA D 33 -40.06 -31.82 -17.74
N ILE D 34 -41.02 -32.64 -18.11
CA ILE D 34 -42.26 -32.20 -18.75
C ILE D 34 -43.43 -32.69 -17.93
N ASN D 35 -44.33 -31.77 -17.56
CA ASN D 35 -45.45 -32.07 -16.69
C ASN D 35 -46.77 -31.83 -17.43
N TRP D 36 -47.79 -32.62 -17.08
CA TRP D 36 -49.09 -32.54 -17.73
C TRP D 36 -50.14 -32.10 -16.72
N VAL D 37 -50.87 -31.03 -17.06
CA VAL D 37 -51.85 -30.41 -16.18
C VAL D 37 -53.12 -30.17 -16.98
N ARG D 38 -54.27 -30.50 -16.39
CA ARG D 38 -55.56 -30.22 -17.01
C ARG D 38 -56.36 -29.28 -16.12
N GLN D 39 -57.52 -28.86 -16.63
CA GLN D 39 -58.44 -28.00 -15.88
C GLN D 39 -59.86 -28.27 -16.37
N ALA D 40 -60.61 -29.05 -15.61
CA ALA D 40 -61.99 -29.32 -15.96
C ALA D 40 -62.84 -28.05 -15.80
N PRO D 41 -63.91 -27.93 -16.57
CA PRO D 41 -64.77 -26.73 -16.47
C PRO D 41 -65.40 -26.64 -15.10
N GLY D 42 -65.28 -25.47 -14.48
CA GLY D 42 -65.79 -25.28 -13.13
C GLY D 42 -65.02 -26.04 -12.07
N GLN D 43 -63.75 -26.36 -12.34
CA GLN D 43 -62.92 -27.12 -11.42
C GLN D 43 -61.51 -26.55 -11.41
N GLY D 44 -60.75 -26.91 -10.38
CA GLY D 44 -59.38 -26.49 -10.27
C GLY D 44 -58.45 -27.38 -11.07
N PRO D 45 -57.25 -26.89 -11.34
CA PRO D 45 -56.28 -27.70 -12.10
C PRO D 45 -55.81 -28.92 -11.32
N GLU D 46 -55.45 -29.96 -12.06
CA GLU D 46 -55.04 -31.22 -11.47
C GLU D 46 -53.78 -31.72 -12.18
N TRP D 47 -52.87 -32.31 -11.41
CA TRP D 47 -51.63 -32.84 -11.96
C TRP D 47 -51.81 -34.31 -12.34
N MET D 48 -51.11 -34.75 -13.38
CA MET D 48 -51.14 -36.16 -13.78
C MET D 48 -49.82 -36.88 -13.59
N GLY D 49 -48.75 -36.40 -14.20
CA GLY D 49 -47.48 -37.10 -14.15
C GLY D 49 -46.44 -36.34 -14.92
N ARG D 50 -45.26 -36.95 -14.99
CA ARG D 50 -44.12 -36.33 -15.66
C ARG D 50 -43.18 -37.41 -16.16
N VAL D 51 -42.30 -37.01 -17.07
CA VAL D 51 -41.30 -37.90 -17.64
C VAL D 51 -40.00 -37.14 -17.81
N ILE D 52 -38.89 -37.81 -17.50
CA ILE D 52 -37.58 -37.21 -17.71
C ILE D 52 -36.98 -37.88 -18.95
N PRO D 53 -36.89 -37.16 -20.07
CA PRO D 53 -36.47 -37.82 -21.32
C PRO D 53 -35.10 -38.46 -21.26
N VAL D 54 -34.15 -37.84 -20.56
CA VAL D 54 -32.79 -38.36 -20.54
C VAL D 54 -32.70 -39.64 -19.71
N LEU D 55 -33.65 -39.86 -18.81
CA LEU D 55 -33.65 -41.03 -17.94
C LEU D 55 -34.74 -42.02 -18.26
N GLU D 56 -35.75 -41.64 -19.05
CA GLU D 56 -36.85 -42.52 -19.45
C GLU D 56 -37.52 -43.16 -18.24
N ILE D 57 -37.73 -42.36 -17.21
CA ILE D 57 -38.46 -42.79 -16.01
C ILE D 57 -39.69 -41.90 -15.86
N ALA D 58 -40.81 -42.51 -15.53
CA ALA D 58 -42.09 -41.82 -15.49
C ALA D 58 -42.76 -41.99 -14.13
N ASN D 59 -43.57 -41.00 -13.78
CA ASN D 59 -44.35 -41.02 -12.55
C ASN D 59 -45.80 -40.71 -12.89
N TYR D 60 -46.73 -41.33 -12.18
CA TYR D 60 -48.14 -41.16 -12.44
C TYR D 60 -48.90 -40.84 -11.16
N ALA D 61 -49.97 -40.08 -11.30
CA ALA D 61 -50.84 -39.81 -10.17
C ALA D 61 -51.51 -41.10 -9.71
N GLN D 62 -51.75 -41.22 -8.41
CA GLN D 62 -52.32 -42.44 -7.87
C GLN D 62 -53.75 -42.66 -8.36
N LYS D 63 -54.46 -41.58 -8.69
CA LYS D 63 -55.84 -41.71 -9.12
C LYS D 63 -55.95 -42.31 -10.53
N PHE D 64 -54.91 -42.19 -11.34
CA PHE D 64 -54.89 -42.76 -12.69
C PHE D 64 -54.15 -44.10 -12.60
N GLN D 65 -54.91 -45.16 -12.35
CA GLN D 65 -54.33 -46.49 -12.11
C GLN D 65 -54.19 -47.21 -13.43
N GLY D 66 -53.01 -47.09 -14.04
CA GLY D 66 -52.72 -47.82 -15.26
C GLY D 66 -53.52 -47.36 -16.47
N ARG D 67 -54.06 -46.15 -16.42
CA ARG D 67 -54.80 -45.59 -17.56
C ARG D 67 -53.98 -44.62 -18.39
N ILE D 68 -52.92 -44.05 -17.81
CA ILE D 68 -52.11 -43.03 -18.47
C ILE D 68 -50.71 -43.59 -18.67
N THR D 69 -50.15 -43.36 -19.86
CA THR D 69 -48.76 -43.71 -20.15
C THR D 69 -48.13 -42.56 -20.92
N ILE D 70 -46.97 -42.12 -20.46
CA ILE D 70 -46.26 -40.97 -21.03
C ILE D 70 -44.96 -41.47 -21.64
N THR D 71 -44.75 -41.14 -22.91
CA THR D 71 -43.56 -41.58 -23.63
C THR D 71 -42.98 -40.38 -24.37
N ALA D 72 -41.71 -40.50 -24.77
CA ALA D 72 -41.04 -39.44 -25.51
C ALA D 72 -39.92 -40.06 -26.33
N ASP D 73 -39.58 -39.40 -27.43
CA ASP D 73 -38.52 -39.85 -28.33
C ASP D 73 -37.49 -38.73 -28.49
N LYS D 74 -36.24 -39.10 -28.74
CA LYS D 74 -35.18 -38.11 -28.84
C LYS D 74 -34.93 -37.68 -30.28
N SER D 75 -35.19 -38.57 -31.23
CA SER D 75 -34.87 -38.30 -32.63
C SER D 75 -35.67 -37.12 -33.16
N THR D 76 -36.96 -37.07 -32.84
CA THR D 76 -37.85 -36.02 -33.33
C THR D 76 -38.05 -34.91 -32.32
N SER D 77 -37.73 -35.16 -31.05
CA SER D 77 -37.94 -34.21 -29.95
C SER D 77 -39.43 -33.87 -29.79
N THR D 78 -40.23 -34.89 -29.51
CA THR D 78 -41.66 -34.74 -29.31
C THR D 78 -42.10 -35.68 -28.19
N ALA D 79 -42.96 -35.18 -27.31
CA ALA D 79 -43.51 -35.97 -26.22
C ALA D 79 -44.98 -36.29 -26.50
N TYR D 80 -45.41 -37.47 -26.06
CA TYR D 80 -46.74 -37.96 -26.38
C TYR D 80 -47.50 -38.36 -25.13
N MET D 81 -48.80 -38.08 -25.15
CA MET D 81 -49.75 -38.49 -24.13
C MET D 81 -50.95 -39.15 -24.78
N GLU D 82 -51.28 -40.35 -24.34
CA GLU D 82 -52.50 -41.04 -24.79
C GLU D 82 -53.26 -41.53 -23.57
N LEU D 83 -54.57 -41.36 -23.58
CA LEU D 83 -55.45 -41.74 -22.48
C LEU D 83 -56.47 -42.74 -23.00
N SER D 84 -56.75 -43.77 -22.21
N SER D 84 -56.75 -43.76 -22.20
CA SER D 84 -57.69 -44.81 -22.60
CA SER D 84 -57.68 -44.81 -22.58
C SER D 84 -58.98 -44.70 -21.78
C SER D 84 -58.98 -44.69 -21.78
N SER D 85 -60.02 -45.33 -22.30
CA SER D 85 -61.34 -45.36 -21.66
C SER D 85 -61.87 -43.94 -21.40
N LEU D 86 -61.98 -43.16 -22.46
CA LEU D 86 -62.53 -41.82 -22.35
C LEU D 86 -63.99 -41.86 -21.92
N THR D 87 -64.34 -40.96 -21.02
CA THR D 87 -65.69 -40.81 -20.49
C THR D 87 -66.09 -39.35 -20.55
N SER D 88 -67.32 -39.06 -20.12
CA SER D 88 -67.86 -37.71 -20.24
C SER D 88 -67.11 -36.71 -19.37
N GLU D 89 -66.66 -37.13 -18.18
CA GLU D 89 -66.03 -36.19 -17.26
C GLU D 89 -64.58 -35.88 -17.61
N ASP D 90 -64.03 -36.49 -18.66
CA ASP D 90 -62.66 -36.25 -19.05
C ASP D 90 -62.49 -35.00 -19.93
N THR D 91 -63.58 -34.30 -20.25
CA THR D 91 -63.46 -33.08 -21.04
C THR D 91 -62.80 -31.98 -20.21
N ALA D 92 -61.77 -31.36 -20.77
CA ALA D 92 -60.99 -30.34 -20.08
C ALA D 92 -59.97 -29.76 -21.06
N ILE D 93 -59.19 -28.81 -20.57
CA ILE D 93 -58.10 -28.22 -21.34
C ILE D 93 -56.78 -28.76 -20.80
N TYR D 94 -55.96 -29.32 -21.69
CA TYR D 94 -54.72 -29.99 -21.31
C TYR D 94 -53.54 -29.06 -21.60
N TYR D 95 -52.64 -28.94 -20.63
CA TYR D 95 -51.44 -28.14 -20.75
C TYR D 95 -50.19 -29.01 -20.64
N CYS D 96 -49.10 -28.54 -21.23
CA CYS D 96 -47.78 -29.10 -20.99
C CYS D 96 -46.85 -28.00 -20.51
N ALA D 97 -46.19 -28.23 -19.38
CA ALA D 97 -45.33 -27.22 -18.77
C ALA D 97 -44.03 -27.88 -18.33
N ARG D 98 -42.96 -27.09 -18.28
CA ARG D 98 -41.63 -27.63 -18.06
C ARG D 98 -41.07 -27.22 -16.70
N HIS D 99 -40.16 -28.05 -16.19
CA HIS D 99 -39.52 -27.89 -14.89
C HIS D 99 -38.02 -27.97 -15.04
N HIS D 100 -37.27 -27.31 -14.16
CA HIS D 100 -35.82 -27.43 -14.16
C HIS D 100 -35.44 -28.52 -13.18
N ILE D 101 -34.45 -29.33 -13.54
CA ILE D 101 -34.24 -30.59 -12.85
C ILE D 101 -33.34 -30.46 -11.62
N ALA D 102 -32.51 -29.43 -11.55
CA ALA D 102 -31.64 -29.23 -10.38
C ALA D 102 -32.28 -28.35 -9.32
N VAL D 103 -33.52 -28.65 -8.97
CA VAL D 103 -34.24 -27.96 -7.90
C VAL D 103 -35.10 -28.99 -7.19
N ALA D 104 -35.02 -29.02 -5.86
CA ALA D 104 -35.71 -30.07 -5.11
C ALA D 104 -37.22 -29.94 -5.24
N GLN D 105 -37.76 -28.75 -4.98
CA GLN D 105 -39.21 -28.56 -4.96
C GLN D 105 -39.70 -28.03 -6.29
N PRO D 106 -40.64 -28.69 -6.95
CA PRO D 106 -41.05 -28.29 -8.30
C PRO D 106 -41.61 -26.89 -8.35
N TYR D 107 -41.31 -26.18 -9.44
CA TYR D 107 -41.86 -24.84 -9.70
C TYR D 107 -41.91 -24.65 -11.23
N PHE D 108 -43.12 -24.66 -11.77
CA PHE D 108 -43.33 -24.54 -13.20
C PHE D 108 -42.96 -23.15 -13.68
N ASP D 109 -42.17 -23.09 -14.74
CA ASP D 109 -41.67 -21.80 -15.23
C ASP D 109 -42.42 -21.29 -16.45
N TYR D 110 -42.54 -22.10 -17.50
CA TYR D 110 -43.18 -21.67 -18.73
C TYR D 110 -44.26 -22.68 -19.11
N TRP D 111 -45.39 -22.16 -19.56
CA TRP D 111 -46.56 -22.99 -19.86
C TRP D 111 -46.90 -22.91 -21.35
N GLY D 112 -47.49 -24.00 -21.85
CA GLY D 112 -47.98 -24.01 -23.21
C GLY D 112 -49.31 -23.30 -23.34
N GLN D 113 -49.77 -23.20 -24.59
CA GLN D 113 -51.03 -22.51 -24.88
C GLN D 113 -52.26 -23.36 -24.58
N GLY D 114 -52.11 -24.67 -24.49
CA GLY D 114 -53.23 -25.52 -24.13
C GLY D 114 -53.98 -26.02 -25.35
N THR D 115 -54.65 -27.16 -25.19
CA THR D 115 -55.50 -27.73 -26.22
C THR D 115 -56.82 -28.13 -25.58
N LEU D 116 -57.89 -28.14 -26.36
CA LEU D 116 -59.22 -28.44 -25.86
C LEU D 116 -59.69 -29.77 -26.43
N VAL D 117 -60.12 -30.67 -25.55
CA VAL D 117 -60.67 -31.97 -25.93
C VAL D 117 -62.12 -32.02 -25.47
N THR D 118 -63.04 -32.24 -26.41
CA THR D 118 -64.46 -32.35 -26.11
C THR D 118 -64.93 -33.77 -26.37
N VAL D 119 -65.81 -34.26 -25.51
CA VAL D 119 -66.35 -35.61 -25.60
C VAL D 119 -67.87 -35.53 -25.61
N SER D 120 -68.50 -36.32 -26.48
CA SER D 120 -69.95 -36.34 -26.60
C SER D 120 -70.43 -37.63 -27.24
N GLN E 1 -62.16 -32.74 -4.70
CA GLN E 1 -62.05 -31.40 -4.14
C GLN E 1 -60.60 -31.01 -3.92
N SER E 2 -60.31 -29.72 -4.10
CA SER E 2 -58.96 -29.22 -3.89
C SER E 2 -58.57 -29.32 -2.42
N VAL E 3 -57.36 -29.81 -2.17
CA VAL E 3 -56.90 -29.96 -0.80
C VAL E 3 -56.70 -28.61 -0.14
N LEU E 4 -56.22 -27.63 -0.90
CA LEU E 4 -55.98 -26.29 -0.39
C LEU E 4 -57.23 -25.44 -0.60
N THR E 5 -57.66 -24.75 0.45
CA THR E 5 -58.90 -23.99 0.44
C THR E 5 -58.60 -22.50 0.28
N GLN E 6 -59.30 -21.86 -0.64
CA GLN E 6 -59.16 -20.44 -0.91
C GLN E 6 -60.53 -19.79 -1.00
N PRO E 7 -60.63 -18.51 -0.64
CA PRO E 7 -61.93 -17.82 -0.73
C PRO E 7 -62.36 -17.68 -2.18
N PRO E 8 -63.59 -18.07 -2.50
CA PRO E 8 -64.03 -18.02 -3.92
C PRO E 8 -63.97 -16.64 -4.54
N SER E 9 -64.16 -15.58 -3.75
CA SER E 9 -64.23 -14.24 -4.31
C SER E 9 -63.38 -13.29 -3.47
N ALA E 10 -62.90 -12.22 -4.12
CA ALA E 10 -62.17 -11.16 -3.46
C ALA E 10 -62.31 -9.90 -4.29
N SER E 11 -62.33 -8.75 -3.62
CA SER E 11 -62.52 -7.46 -4.27
C SER E 11 -61.57 -6.44 -3.66
N GLY E 12 -61.29 -5.40 -4.43
CA GLY E 12 -60.44 -4.32 -3.96
C GLY E 12 -60.71 -3.04 -4.72
N THR E 13 -60.35 -1.92 -4.10
CA THR E 13 -60.50 -0.61 -4.70
C THR E 13 -59.19 -0.16 -5.35
N PRO E 14 -59.26 0.60 -6.43
CA PRO E 14 -58.02 1.09 -7.07
C PRO E 14 -57.22 1.96 -6.13
N GLY E 15 -55.90 1.83 -6.19
CA GLY E 15 -54.99 2.65 -5.44
C GLY E 15 -54.59 2.13 -4.08
N GLN E 16 -55.32 1.16 -3.53
CA GLN E 16 -55.04 0.65 -2.20
C GLN E 16 -54.53 -0.79 -2.30
N ARG E 17 -54.33 -1.41 -1.14
CA ARG E 17 -53.74 -2.73 -1.03
C ARG E 17 -54.82 -3.77 -0.74
N VAL E 18 -54.54 -5.02 -1.11
CA VAL E 18 -55.45 -6.13 -0.92
C VAL E 18 -54.63 -7.37 -0.57
N THR E 19 -55.21 -8.24 0.25
CA THR E 19 -54.54 -9.43 0.73
C THR E 19 -55.33 -10.67 0.32
N ILE E 20 -54.61 -11.68 -0.18
CA ILE E 20 -55.19 -12.95 -0.58
C ILE E 20 -54.53 -14.04 0.26
N SER E 21 -55.32 -15.02 0.69
CA SER E 21 -54.84 -16.08 1.56
C SER E 21 -55.03 -17.45 0.93
N CYS E 22 -54.21 -18.41 1.39
CA CYS E 22 -54.27 -19.79 0.95
C CYS E 22 -53.99 -20.68 2.14
N SER E 23 -54.98 -21.47 2.55
CA SER E 23 -54.89 -22.29 3.75
C SER E 23 -54.90 -23.77 3.40
N GLY E 24 -54.07 -24.54 4.09
CA GLY E 24 -53.93 -25.96 3.87
C GLY E 24 -53.85 -26.71 5.18
N SER E 25 -53.04 -27.78 5.16
CA SER E 25 -52.86 -28.65 6.32
C SER E 25 -51.38 -28.77 6.62
N SER E 26 -51.05 -29.51 7.68
CA SER E 26 -49.66 -29.64 8.10
C SER E 26 -48.87 -30.55 7.17
N SER E 27 -49.56 -31.41 6.42
CA SER E 27 -48.86 -32.35 5.55
C SER E 27 -48.28 -31.70 4.30
N ASN E 28 -48.90 -30.63 3.80
CA ASN E 28 -48.42 -30.02 2.57
C ASN E 28 -47.87 -28.61 2.78
N ILE E 29 -48.67 -27.70 3.33
CA ILE E 29 -48.21 -26.33 3.52
C ILE E 29 -47.16 -26.25 4.63
N GLY E 30 -47.37 -27.02 5.71
CA GLY E 30 -46.50 -26.89 6.86
C GLY E 30 -45.11 -27.44 6.65
N SER E 31 -44.94 -28.29 5.63
CA SER E 31 -43.65 -28.92 5.38
C SER E 31 -43.01 -28.54 4.06
N ASN E 32 -43.70 -27.82 3.19
CA ASN E 32 -43.22 -27.54 1.85
C ASN E 32 -43.53 -26.10 1.47
N THR E 33 -42.91 -25.64 0.38
CA THR E 33 -43.07 -24.27 -0.08
C THR E 33 -44.39 -24.11 -0.83
N VAL E 34 -44.69 -22.86 -1.20
CA VAL E 34 -45.89 -22.53 -1.97
C VAL E 34 -45.46 -21.70 -3.18
N ASN E 35 -46.28 -21.73 -4.23
CA ASN E 35 -46.04 -20.97 -5.45
C ASN E 35 -47.34 -20.30 -5.89
N TRP E 36 -47.21 -19.11 -6.49
CA TRP E 36 -48.36 -18.33 -6.91
C TRP E 36 -48.33 -18.12 -8.42
N TYR E 37 -49.44 -18.44 -9.08
CA TYR E 37 -49.53 -18.31 -10.53
C TYR E 37 -50.65 -17.34 -10.89
N GLN E 38 -50.39 -16.52 -11.90
CA GLN E 38 -51.37 -15.58 -12.43
C GLN E 38 -51.91 -16.11 -13.75
N HIS E 39 -53.23 -16.18 -13.87
CA HIS E 39 -53.86 -16.78 -15.03
C HIS E 39 -54.87 -15.84 -15.66
N LEU E 40 -54.81 -15.70 -16.97
CA LEU E 40 -55.81 -14.97 -17.75
C LEU E 40 -56.44 -15.93 -18.75
N PRO E 41 -57.77 -16.00 -18.84
CA PRO E 41 -58.40 -16.93 -19.78
C PRO E 41 -58.01 -16.61 -21.22
N GLY E 42 -57.80 -17.65 -22.01
CA GLY E 42 -57.34 -17.50 -23.37
C GLY E 42 -55.84 -17.32 -23.53
N THR E 43 -55.08 -17.38 -22.44
CA THR E 43 -53.63 -17.18 -22.51
C THR E 43 -53.00 -18.16 -21.52
N ALA E 44 -51.67 -18.25 -21.54
CA ALA E 44 -50.96 -19.16 -20.66
C ALA E 44 -50.65 -18.48 -19.33
N PRO E 45 -50.62 -19.24 -18.23
CA PRO E 45 -50.32 -18.64 -16.93
C PRO E 45 -48.87 -18.20 -16.80
N LYS E 46 -48.54 -17.58 -15.67
CA LYS E 46 -47.19 -17.09 -15.43
C LYS E 46 -46.76 -17.36 -14.00
N LEU E 47 -45.47 -17.32 -13.73
CA LEU E 47 -44.92 -17.53 -12.39
C LEU E 47 -44.81 -16.18 -11.70
N LEU E 48 -45.55 -16.01 -10.61
CA LEU E 48 -45.43 -14.78 -9.82
C LEU E 48 -44.50 -14.93 -8.64
N MET E 49 -44.45 -16.11 -8.03
CA MET E 49 -43.84 -16.22 -6.71
C MET E 49 -43.27 -17.63 -6.58
N SER E 50 -41.98 -17.73 -6.24
CA SER E 50 -41.29 -19.00 -6.19
C SER E 50 -40.58 -19.17 -4.84
N SER E 51 -40.63 -20.40 -4.32
CA SER E 51 -39.98 -20.74 -3.06
C SER E 51 -40.41 -19.78 -1.94
N ASP E 52 -41.65 -19.29 -2.05
CA ASP E 52 -42.56 -18.65 -1.09
C ASP E 52 -41.97 -17.40 -0.45
N ASP E 53 -40.72 -17.06 -0.77
CA ASP E 53 -40.19 -15.78 -0.32
C ASP E 53 -39.29 -15.17 -1.38
N GLN E 54 -39.16 -15.83 -2.52
CA GLN E 54 -38.19 -15.46 -3.56
C GLN E 54 -38.95 -14.96 -4.79
N ARG E 55 -38.61 -13.76 -5.23
CA ARG E 55 -39.26 -13.16 -6.39
C ARG E 55 -38.55 -13.54 -7.69
N PRO E 56 -39.31 -13.79 -8.76
CA PRO E 56 -38.68 -14.10 -10.05
C PRO E 56 -37.97 -12.90 -10.65
N SER E 57 -37.44 -13.06 -11.86
CA SER E 57 -36.67 -12.00 -12.51
C SER E 57 -37.56 -10.87 -13.03
N GLY E 58 -38.69 -11.21 -13.65
CA GLY E 58 -39.44 -10.23 -14.42
C GLY E 58 -40.35 -9.32 -13.64
N VAL E 59 -41.14 -9.87 -12.72
CA VAL E 59 -42.18 -9.12 -12.03
C VAL E 59 -41.58 -7.96 -11.24
N PRO E 60 -42.21 -6.80 -11.23
CA PRO E 60 -41.62 -5.63 -10.57
C PRO E 60 -41.88 -5.63 -9.07
N ALA E 61 -41.17 -4.74 -8.39
CA ALA E 61 -41.29 -4.63 -6.94
C ALA E 61 -42.67 -4.13 -6.55
N ARG E 62 -43.50 -5.03 -6.03
CA ARG E 62 -44.88 -4.76 -5.64
C ARG E 62 -45.48 -6.02 -5.03
N PHE E 63 -45.51 -7.10 -5.81
CA PHE E 63 -45.97 -8.38 -5.29
C PHE E 63 -45.02 -8.87 -4.21
N SER E 64 -45.59 -9.24 -3.06
CA SER E 64 -44.79 -9.78 -1.95
C SER E 64 -45.54 -10.95 -1.34
N GLY E 65 -44.77 -11.92 -0.84
CA GLY E 65 -45.35 -13.12 -0.29
C GLY E 65 -44.88 -13.35 1.13
N SER E 66 -45.68 -14.12 1.87
CA SER E 66 -45.35 -14.48 3.23
C SER E 66 -46.00 -15.81 3.57
N LYS E 67 -45.34 -16.56 4.45
CA LYS E 67 -45.86 -17.84 4.91
C LYS E 67 -45.68 -17.93 6.42
N SER E 68 -46.72 -18.38 7.10
CA SER E 68 -46.69 -18.48 8.55
C SER E 68 -47.49 -19.70 9.00
N GLY E 69 -46.81 -20.63 9.65
CA GLY E 69 -47.49 -21.80 10.17
C GLY E 69 -48.05 -22.66 9.07
N THR E 70 -49.38 -22.70 8.96
CA THR E 70 -50.07 -23.49 7.95
C THR E 70 -50.79 -22.61 6.93
N SER E 71 -50.57 -21.30 7.00
CA SER E 71 -51.25 -20.34 6.13
C SER E 71 -50.23 -19.48 5.39
N ALA E 72 -50.60 -19.07 4.18
CA ALA E 72 -49.75 -18.25 3.35
C ALA E 72 -50.56 -17.10 2.78
N SER E 73 -49.88 -16.01 2.45
CA SER E 73 -50.57 -14.82 1.96
C SER E 73 -49.71 -14.12 0.91
N LEU E 74 -50.39 -13.41 0.01
CA LEU E 74 -49.75 -12.58 -1.02
C LEU E 74 -50.26 -11.16 -0.88
N ALA E 75 -49.36 -10.19 -0.96
CA ALA E 75 -49.70 -8.79 -0.80
C ALA E 75 -49.41 -8.03 -2.09
N ILE E 76 -50.40 -7.25 -2.55
CA ILE E 76 -50.27 -6.45 -3.76
C ILE E 76 -50.38 -4.99 -3.36
N SER E 77 -49.35 -4.21 -3.68
CA SER E 77 -49.37 -2.77 -3.45
C SER E 77 -49.41 -2.03 -4.79
N GLY E 78 -49.93 -0.80 -4.75
CA GLY E 78 -50.07 -0.02 -5.96
C GLY E 78 -51.00 -0.69 -6.97
N LEU E 79 -52.15 -1.15 -6.49
CA LEU E 79 -53.08 -1.90 -7.32
C LEU E 79 -53.49 -1.09 -8.55
N ARG E 80 -53.57 -1.77 -9.70
CA ARG E 80 -53.90 -1.14 -10.96
C ARG E 80 -54.78 -2.09 -11.76
N SER E 81 -55.32 -1.58 -12.88
CA SER E 81 -56.37 -2.27 -13.62
C SER E 81 -55.93 -3.62 -14.16
N GLU E 82 -54.71 -3.71 -14.71
CA GLU E 82 -54.28 -4.94 -15.37
C GLU E 82 -54.11 -6.11 -14.42
N ASP E 83 -54.14 -5.88 -13.10
CA ASP E 83 -54.01 -6.97 -12.14
C ASP E 83 -55.22 -7.90 -12.15
N GLU E 84 -56.30 -7.54 -12.83
CA GLU E 84 -57.44 -8.44 -13.01
C GLU E 84 -56.98 -9.75 -13.62
N ALA E 85 -57.10 -10.82 -12.84
CA ALA E 85 -56.71 -12.17 -13.27
C ALA E 85 -57.13 -13.14 -12.18
N ASP E 86 -56.84 -14.42 -12.41
CA ASP E 86 -57.02 -15.45 -11.40
C ASP E 86 -55.70 -15.76 -10.72
N TYR E 87 -55.75 -16.19 -9.47
CA TYR E 87 -54.57 -16.49 -8.69
C TYR E 87 -54.71 -17.89 -8.08
N TYR E 88 -53.63 -18.66 -8.16
CA TYR E 88 -53.62 -20.04 -7.68
C TYR E 88 -52.42 -20.28 -6.77
N CYS E 89 -52.62 -21.05 -5.73
CA CYS E 89 -51.55 -21.50 -4.84
C CYS E 89 -51.39 -23.01 -4.96
N ALA E 90 -50.14 -23.45 -5.02
CA ALA E 90 -49.84 -24.87 -5.22
C ALA E 90 -48.66 -25.26 -4.33
N SER E 91 -48.63 -26.54 -3.95
CA SER E 91 -47.59 -27.04 -3.07
C SER E 91 -47.54 -28.56 -3.18
N TRP E 92 -46.35 -29.10 -2.95
CA TRP E 92 -46.17 -30.55 -2.96
C TRP E 92 -46.88 -31.18 -1.77
N ASP E 93 -47.44 -32.37 -1.98
CA ASP E 93 -48.14 -33.11 -0.93
C ASP E 93 -47.41 -34.41 -0.69
N ASP E 94 -47.05 -34.65 0.58
CA ASP E 94 -46.28 -35.85 0.90
C ASP E 94 -47.16 -37.09 0.89
N ARG E 95 -48.40 -36.98 1.37
CA ARG E 95 -49.26 -38.15 1.46
C ARG E 95 -49.72 -38.63 0.10
N LEU E 96 -50.08 -37.72 -0.80
CA LEU E 96 -50.56 -38.09 -2.12
C LEU E 96 -49.44 -38.32 -3.13
N ASN E 97 -48.20 -37.97 -2.78
CA ASN E 97 -47.04 -38.14 -3.66
C ASN E 97 -47.27 -37.44 -5.01
N GLY E 98 -47.81 -36.23 -4.94
CA GLY E 98 -48.07 -35.45 -6.14
C GLY E 98 -48.41 -34.04 -5.76
N VAL E 99 -48.46 -33.19 -6.78
CA VAL E 99 -48.73 -31.77 -6.58
C VAL E 99 -50.23 -31.55 -6.46
N VAL E 100 -50.62 -30.65 -5.56
CA VAL E 100 -52.02 -30.31 -5.36
C VAL E 100 -52.20 -28.81 -5.55
N PHE E 101 -53.25 -28.45 -6.28
CA PHE E 101 -53.52 -27.06 -6.64
C PHE E 101 -54.70 -26.52 -5.85
N GLY E 102 -54.69 -25.20 -5.64
CA GLY E 102 -55.79 -24.54 -4.96
C GLY E 102 -56.99 -24.34 -5.86
N GLY E 103 -58.08 -23.86 -5.25
CA GLY E 103 -59.32 -23.66 -5.96
C GLY E 103 -59.37 -22.43 -6.84
N GLY E 104 -58.56 -21.42 -6.56
CA GLY E 104 -58.56 -20.22 -7.38
C GLY E 104 -59.57 -19.19 -6.92
N THR E 105 -59.20 -17.93 -7.05
CA THR E 105 -60.00 -16.80 -6.58
C THR E 105 -60.11 -15.78 -7.71
N LYS E 106 -61.29 -15.18 -7.85
CA LYS E 106 -61.48 -14.07 -8.77
C LYS E 106 -61.29 -12.75 -8.04
N LEU E 107 -60.31 -11.97 -8.46
CA LEU E 107 -60.06 -10.65 -7.90
C LEU E 107 -60.73 -9.62 -8.78
N THR E 108 -61.52 -8.75 -8.18
CA THR E 108 -62.30 -7.74 -8.89
C THR E 108 -61.89 -6.34 -8.42
N VAL E 109 -61.58 -5.48 -9.38
CA VAL E 109 -61.24 -4.08 -9.10
C VAL E 109 -62.45 -3.24 -9.45
N LEU E 110 -62.96 -2.50 -8.47
CA LEU E 110 -64.15 -1.68 -8.67
C LEU E 110 -63.83 -0.45 -9.51
N VAL F 2 -11.29 35.56 30.92
CA VAL F 2 -12.35 36.51 31.20
C VAL F 2 -11.74 37.86 31.53
N GLN F 3 -12.39 38.58 32.44
CA GLN F 3 -11.92 39.90 32.87
C GLN F 3 -12.03 39.98 34.38
N LEU F 4 -11.13 40.77 34.98
CA LEU F 4 -11.14 41.04 36.41
C LEU F 4 -11.44 42.52 36.61
N VAL F 5 -12.48 42.82 37.38
CA VAL F 5 -12.88 44.19 37.67
C VAL F 5 -12.66 44.44 39.15
N GLN F 6 -11.96 45.54 39.45
CA GLN F 6 -11.62 45.89 40.82
C GLN F 6 -12.22 47.23 41.20
N SER F 7 -12.10 47.58 42.49
CA SER F 7 -12.66 48.82 42.98
C SER F 7 -11.91 50.02 42.42
N GLY F 8 -12.55 51.19 42.51
CA GLY F 8 -11.97 52.40 42.00
C GLY F 8 -10.86 52.94 42.89
N ALA F 9 -10.32 54.08 42.47
CA ALA F 9 -9.24 54.71 43.21
C ALA F 9 -9.69 55.13 44.60
N GLU F 10 -8.82 54.93 45.58
CA GLU F 10 -9.11 55.24 46.98
C GLU F 10 -8.10 56.23 47.53
N VAL F 11 -8.59 57.17 48.32
CA VAL F 11 -7.77 58.17 48.99
C VAL F 11 -7.98 58.00 50.48
N LYS F 12 -6.88 57.82 51.22
CA LYS F 12 -6.98 57.59 52.66
C LYS F 12 -5.74 58.14 53.35
N LYS F 13 -5.90 58.46 54.69
CA LYS F 13 -5.01 59.05 55.68
C LYS F 13 -4.07 57.99 56.25
N PRO F 14 -2.88 58.40 56.72
CA PRO F 14 -1.94 57.42 57.28
C PRO F 14 -2.41 56.87 58.62
N GLY F 15 -1.94 55.68 58.95
CA GLY F 15 -2.25 55.02 60.19
C GLY F 15 -3.47 54.13 60.17
N SER F 16 -4.33 54.28 59.16
CA SER F 16 -5.55 53.51 59.07
C SER F 16 -5.35 52.31 58.12
N SER F 17 -6.47 51.66 57.77
CA SER F 17 -6.44 50.50 56.89
C SER F 17 -7.33 50.75 55.69
N VAL F 18 -7.04 50.04 54.60
CA VAL F 18 -7.78 50.15 53.34
C VAL F 18 -8.16 48.75 52.89
N LYS F 19 -9.26 48.64 52.15
CA LYS F 19 -9.74 47.36 51.65
C LYS F 19 -9.96 47.49 50.15
N VAL F 20 -9.42 46.53 49.40
CA VAL F 20 -9.48 46.53 47.94
C VAL F 20 -10.04 45.18 47.48
N SER F 21 -10.99 45.23 46.54
CA SER F 21 -11.58 44.03 45.99
C SER F 21 -11.17 43.85 44.54
N CYS F 22 -11.35 42.64 44.02
CA CYS F 22 -11.07 42.33 42.63
C CYS F 22 -12.06 41.26 42.20
N LYS F 23 -13.15 41.67 41.57
CA LYS F 23 -14.23 40.78 41.16
C LYS F 23 -13.83 40.08 39.86
N THR F 24 -14.13 38.79 39.78
CA THR F 24 -13.72 37.93 38.67
C THR F 24 -14.95 37.23 38.08
N SER F 25 -14.69 36.27 37.20
CA SER F 25 -15.73 35.49 36.56
C SER F 25 -16.19 34.35 37.45
N GLY F 26 -17.00 33.45 36.91
CA GLY F 26 -17.50 32.32 37.68
C GLY F 26 -16.63 31.09 37.59
N GLY F 27 -16.15 30.78 36.39
CA GLY F 27 -15.33 29.60 36.18
C GLY F 27 -13.86 29.77 36.49
N THR F 28 -13.44 30.95 36.96
CA THR F 28 -12.02 31.22 37.20
C THR F 28 -11.54 30.76 38.57
N PHE F 29 -12.35 30.06 39.34
CA PHE F 29 -11.89 29.43 40.57
C PHE F 29 -11.45 27.99 40.29
N ASN F 30 -11.27 27.24 41.37
CA ASN F 30 -10.72 25.89 41.35
C ASN F 30 -9.25 25.94 40.92
N SER F 31 -8.93 25.38 39.75
CA SER F 31 -7.56 25.29 39.28
C SER F 31 -7.10 26.63 38.72
N PHE F 32 -7.14 27.65 39.58
CA PHE F 32 -6.68 28.99 39.25
C PHE F 32 -6.41 29.80 40.51
N ALA F 33 -5.20 30.36 40.62
CA ALA F 33 -4.85 31.17 41.78
C ALA F 33 -4.87 32.65 41.43
N ILE F 34 -5.03 33.48 42.46
CA ILE F 34 -5.12 34.93 42.32
C ILE F 34 -3.90 35.55 42.99
N ASN F 35 -3.15 36.34 42.23
CA ASN F 35 -1.92 36.96 42.71
C ASN F 35 -2.08 38.47 42.78
N TRP F 36 -1.37 39.09 43.71
CA TRP F 36 -1.39 40.53 43.90
C TRP F 36 -0.01 41.10 43.63
N VAL F 37 0.06 42.13 42.80
CA VAL F 37 1.32 42.79 42.45
C VAL F 37 1.12 44.28 42.56
N ARG F 38 2.10 44.98 43.13
CA ARG F 38 2.07 46.43 43.24
C ARG F 38 3.28 47.03 42.52
N GLN F 39 3.13 48.29 42.11
CA GLN F 39 4.18 49.00 41.40
C GLN F 39 4.26 50.42 41.96
N ALA F 40 5.33 50.71 42.69
CA ALA F 40 5.55 52.06 43.20
C ALA F 40 6.00 52.98 42.07
N PRO F 41 5.78 54.28 42.20
CA PRO F 41 6.25 55.22 41.16
C PRO F 41 7.77 55.21 41.08
N GLY F 42 8.26 55.07 39.85
CA GLY F 42 9.70 54.98 39.63
C GLY F 42 10.31 53.70 40.12
N GLN F 43 9.49 52.66 40.33
CA GLN F 43 9.95 51.38 40.84
C GLN F 43 9.32 50.26 40.03
N GLY F 44 9.94 49.08 40.10
CA GLY F 44 9.42 47.92 39.41
C GLY F 44 8.37 47.19 40.22
N PRO F 45 7.69 46.24 39.60
CA PRO F 45 6.67 45.47 40.32
C PRO F 45 7.28 44.64 41.44
N GLU F 46 6.46 44.38 42.46
CA GLU F 46 6.87 43.55 43.59
C GLU F 46 5.68 42.71 44.03
N TRP F 47 5.95 41.48 44.45
CA TRP F 47 4.88 40.54 44.77
C TRP F 47 4.55 40.55 46.26
N MET F 48 3.26 40.56 46.58
CA MET F 48 2.80 40.52 47.96
C MET F 48 2.39 39.14 48.43
N GLY F 49 1.55 38.45 47.67
CA GLY F 49 1.06 37.16 48.10
C GLY F 49 0.03 36.65 47.11
N ARG F 50 -0.60 35.53 47.49
CA ARG F 50 -1.63 34.92 46.66
C ARG F 50 -2.50 34.03 47.54
N VAL F 51 -3.58 33.54 46.95
CA VAL F 51 -4.50 32.64 47.65
C VAL F 51 -5.10 31.67 46.64
N ILE F 52 -5.33 30.44 47.09
CA ILE F 52 -5.99 29.43 46.27
C ILE F 52 -7.36 29.17 46.87
N PRO F 53 -8.44 29.65 46.22
CA PRO F 53 -9.77 29.54 46.85
C PRO F 53 -10.21 28.12 47.14
N VAL F 54 -9.87 27.16 46.28
CA VAL F 54 -10.36 25.80 46.48
C VAL F 54 -9.74 25.17 47.71
N LEU F 55 -8.48 25.49 48.01
CA LEU F 55 -7.81 24.96 49.19
C LEU F 55 -7.74 25.94 50.34
N GLU F 56 -8.28 27.16 50.17
CA GLU F 56 -8.23 28.24 51.16
C GLU F 56 -6.90 28.28 51.92
N ILE F 57 -5.82 28.30 51.15
CA ILE F 57 -4.47 28.46 51.68
C ILE F 57 -3.89 29.75 51.13
N ALA F 58 -3.06 30.41 51.94
CA ALA F 58 -2.54 31.73 51.60
C ALA F 58 -1.02 31.77 51.77
N ASN F 59 -0.40 32.64 50.98
CA ASN F 59 1.04 32.89 51.06
C ASN F 59 1.25 34.39 51.17
N TYR F 60 2.28 34.79 51.93
CA TYR F 60 2.57 36.19 52.17
C TYR F 60 4.05 36.46 51.96
N ALA F 61 4.36 37.66 51.49
CA ALA F 61 5.75 38.08 51.34
C ALA F 61 6.39 38.22 52.72
N GLN F 62 7.68 37.87 52.81
CA GLN F 62 8.37 37.92 54.09
C GLN F 62 8.47 39.34 54.63
N LYS F 63 8.78 40.31 53.75
CA LYS F 63 8.99 41.67 54.21
C LYS F 63 7.69 42.36 54.61
N PHE F 64 6.55 41.71 54.37
CA PHE F 64 5.29 42.07 55.03
C PHE F 64 5.15 41.14 56.23
N GLN F 65 5.53 41.62 57.40
CA GLN F 65 5.49 40.83 58.63
C GLN F 65 4.10 40.94 59.24
N GLY F 66 3.18 40.13 58.72
CA GLY F 66 1.82 40.13 59.22
C GLY F 66 1.07 41.42 58.99
N ARG F 67 1.46 42.18 57.95
CA ARG F 67 0.80 43.44 57.63
C ARG F 67 -0.29 43.29 56.57
N ILE F 68 -0.27 42.19 55.82
CA ILE F 68 -1.20 41.98 54.72
C ILE F 68 -2.06 40.75 55.03
N THR F 69 -3.34 40.84 54.69
CA THR F 69 -4.28 39.74 54.85
C THR F 69 -5.10 39.60 53.58
N ILE F 70 -5.16 38.38 53.05
CA ILE F 70 -5.90 38.08 51.82
C ILE F 70 -6.97 37.04 52.15
N THR F 71 -8.21 37.33 51.79
CA THR F 71 -9.32 36.43 52.04
C THR F 71 -10.32 36.51 50.89
N ALA F 72 -11.17 35.50 50.79
CA ALA F 72 -12.16 35.44 49.73
C ALA F 72 -13.34 34.59 50.19
N ASP F 73 -14.48 34.78 49.54
CA ASP F 73 -15.70 34.04 49.84
C ASP F 73 -16.16 33.32 48.56
N LYS F 74 -16.53 32.05 48.70
CA LYS F 74 -16.87 31.25 47.54
C LYS F 74 -18.25 31.60 47.00
N SER F 75 -19.18 31.97 47.88
CA SER F 75 -20.56 32.18 47.47
C SER F 75 -20.69 33.32 46.46
N THR F 76 -20.01 34.44 46.73
CA THR F 76 -20.05 35.60 45.85
C THR F 76 -18.93 35.59 44.82
N SER F 77 -17.89 34.79 45.04
CA SER F 77 -16.73 34.71 44.15
C SER F 77 -16.03 36.07 44.07
N THR F 78 -15.54 36.54 45.21
CA THR F 78 -14.82 37.80 45.31
C THR F 78 -13.68 37.64 46.31
N ALA F 79 -12.55 38.27 46.01
CA ALA F 79 -11.39 38.23 46.88
C ALA F 79 -11.19 39.60 47.54
N TYR F 80 -10.74 39.58 48.79
CA TYR F 80 -10.56 40.79 49.57
C TYR F 80 -9.09 40.97 49.96
N MET F 81 -8.67 42.23 50.06
CA MET F 81 -7.32 42.59 50.46
C MET F 81 -7.40 43.57 51.62
N GLU F 82 -6.67 43.26 52.69
CA GLU F 82 -6.67 44.09 53.90
C GLU F 82 -5.24 44.47 54.25
N LEU F 83 -4.97 45.77 54.27
CA LEU F 83 -3.65 46.30 54.62
C LEU F 83 -3.84 47.32 55.73
N SER F 84 -3.12 47.12 56.84
N SER F 84 -3.12 47.12 56.84
CA SER F 84 -3.23 47.99 58.00
CA SER F 84 -3.23 47.99 58.00
C SER F 84 -1.91 48.72 58.25
C SER F 84 -1.90 48.71 58.26
N SER F 85 -1.93 49.59 59.26
CA SER F 85 -0.78 50.39 59.65
C SER F 85 -0.20 51.17 58.46
N LEU F 86 -1.11 51.81 57.72
CA LEU F 86 -0.71 52.55 56.54
C LEU F 86 0.17 53.74 56.92
N THR F 87 1.18 53.98 56.10
CA THR F 87 2.12 55.09 56.30
C THR F 87 2.27 55.88 55.01
N SER F 88 3.13 56.89 55.06
CA SER F 88 3.34 57.73 53.88
C SER F 88 3.98 56.95 52.73
N GLU F 89 4.88 56.02 53.04
CA GLU F 89 5.55 55.22 52.02
C GLU F 89 4.63 54.18 51.39
N ASP F 90 3.43 53.99 51.93
CA ASP F 90 2.52 52.96 51.47
C ASP F 90 1.83 53.31 50.15
N THR F 91 2.03 54.54 49.65
CA THR F 91 1.39 54.95 48.40
C THR F 91 1.93 54.17 47.22
N ALA F 92 1.05 53.50 46.49
CA ALA F 92 1.42 52.70 45.33
C ALA F 92 0.16 52.35 44.55
N ILE F 93 0.37 51.65 43.43
CA ILE F 93 -0.73 51.18 42.60
C ILE F 93 -0.82 49.67 42.74
N TYR F 94 -2.03 49.17 42.99
CA TYR F 94 -2.25 47.76 43.30
C TYR F 94 -2.96 47.06 42.13
N TYR F 95 -2.44 45.90 41.75
CA TYR F 95 -2.98 45.10 40.66
C TYR F 95 -3.46 43.75 41.20
N CYS F 96 -4.43 43.16 40.53
CA CYS F 96 -4.83 41.77 40.78
C CYS F 96 -4.68 40.97 39.49
N ALA F 97 -4.03 39.81 39.60
CA ALA F 97 -3.72 38.98 38.45
C ALA F 97 -3.97 37.52 38.79
N ARG F 98 -4.20 36.72 37.77
CA ARG F 98 -4.55 35.32 37.94
C ARG F 98 -3.42 34.40 37.46
N HIS F 99 -3.35 33.22 38.05
CA HIS F 99 -2.32 32.23 37.78
C HIS F 99 -2.94 30.86 37.52
N HIS F 100 -2.31 30.05 36.67
CA HIS F 100 -2.77 28.69 36.46
C HIS F 100 -2.00 27.78 37.41
N ILE F 101 -2.73 26.89 38.07
CA ILE F 101 -2.17 26.20 39.23
C ILE F 101 -1.32 24.99 38.85
N ALA F 102 -1.48 24.45 37.64
CA ALA F 102 -0.72 23.27 37.22
C ALA F 102 0.55 23.64 36.48
N VAL F 103 1.37 24.51 37.08
CA VAL F 103 2.64 24.93 36.49
C VAL F 103 3.61 25.20 37.64
N ALA F 104 4.86 24.74 37.49
CA ALA F 104 5.80 24.79 38.61
C ALA F 104 6.13 26.23 39.01
N GLN F 105 6.89 26.95 38.19
CA GLN F 105 7.17 28.36 38.49
C GLN F 105 6.05 29.23 37.96
N PRO F 106 5.54 30.17 38.75
CA PRO F 106 4.42 31.00 38.30
C PRO F 106 4.76 31.81 37.06
N TYR F 107 3.77 31.97 36.18
CA TYR F 107 3.84 32.94 35.11
C TYR F 107 2.46 33.61 35.07
N PHE F 108 2.44 34.89 35.41
CA PHE F 108 1.21 35.67 35.37
C PHE F 108 0.77 35.88 33.93
N ASP F 109 -0.46 35.48 33.61
CA ASP F 109 -0.94 35.47 32.23
C ASP F 109 -1.90 36.60 31.90
N TYR F 110 -2.78 36.98 32.82
CA TYR F 110 -3.75 38.04 32.58
C TYR F 110 -3.78 38.98 33.77
N TRP F 111 -3.81 40.28 33.48
CA TRP F 111 -3.72 41.31 34.50
C TRP F 111 -4.95 42.20 34.47
N GLY F 112 -5.27 42.79 35.62
CA GLY F 112 -6.28 43.82 35.67
C GLY F 112 -5.72 45.16 35.21
N GLN F 113 -6.61 46.13 35.08
CA GLN F 113 -6.20 47.47 34.66
C GLN F 113 -5.59 48.29 35.79
N GLY F 114 -5.65 47.81 37.02
CA GLY F 114 -5.00 48.46 38.13
C GLY F 114 -5.88 49.51 38.80
N THR F 115 -5.62 49.74 40.07
CA THR F 115 -6.30 50.78 40.84
C THR F 115 -5.24 51.61 41.56
N LEU F 116 -5.48 52.91 41.66
CA LEU F 116 -4.50 53.82 42.24
C LEU F 116 -4.92 54.22 43.64
N VAL F 117 -4.02 54.09 44.60
CA VAL F 117 -4.23 54.51 45.98
C VAL F 117 -3.19 55.58 46.30
N THR F 118 -3.67 56.75 46.69
CA THR F 118 -2.79 57.86 47.07
C THR F 118 -3.04 58.24 48.52
N VAL F 119 -2.00 58.69 49.20
CA VAL F 119 -2.05 59.03 50.62
C VAL F 119 -1.59 60.47 50.78
N SER F 120 -2.40 61.27 51.46
CA SER F 120 -2.05 62.66 51.73
C SER F 120 -2.84 63.19 52.92
N GLN G 1 15.97 47.23 45.93
CA GLN G 1 16.62 47.10 44.64
C GLN G 1 16.26 45.79 43.96
N SER G 2 16.27 45.79 42.63
CA SER G 2 15.98 44.58 41.88
C SER G 2 17.18 43.64 41.93
N VAL G 3 16.90 42.38 42.27
CA VAL G 3 17.96 41.37 42.29
C VAL G 3 18.50 41.15 40.88
N LEU G 4 17.68 41.39 39.86
CA LEU G 4 18.09 41.24 38.47
C LEU G 4 18.54 42.60 37.94
N THR G 5 19.70 42.62 37.29
CA THR G 5 20.29 43.86 36.79
C THR G 5 19.95 44.02 35.32
N GLN G 6 19.44 45.19 34.96
CA GLN G 6 19.05 45.52 33.60
C GLN G 6 19.48 46.93 33.25
N PRO G 7 19.94 47.16 32.03
CA PRO G 7 20.26 48.53 31.59
C PRO G 7 19.03 49.42 31.66
N PRO G 8 19.20 50.69 32.06
CA PRO G 8 18.02 51.56 32.20
C PRO G 8 17.41 51.99 30.89
N SER G 9 18.18 52.06 29.81
CA SER G 9 17.67 52.55 28.54
C SER G 9 18.30 51.77 27.38
N ALA G 10 17.58 51.76 26.26
CA ALA G 10 18.08 51.16 25.03
C ALA G 10 17.39 51.85 23.86
N SER G 11 18.09 51.91 22.73
CA SER G 11 17.57 52.57 21.54
C SER G 11 17.96 51.77 20.30
N GLY G 12 17.13 51.89 19.26
CA GLY G 12 17.39 51.19 18.02
C GLY G 12 16.72 51.88 16.85
N THR G 13 17.19 51.56 15.65
CA THR G 13 16.73 52.11 14.39
C THR G 13 15.63 51.24 13.79
N PRO G 14 14.70 51.81 13.03
CA PRO G 14 13.67 51.01 12.37
C PRO G 14 14.27 50.00 11.40
N GLY G 15 13.68 48.81 11.36
CA GLY G 15 14.05 47.79 10.40
C GLY G 15 15.15 46.85 10.83
N GLN G 16 15.91 47.19 11.86
CA GLN G 16 17.01 46.37 12.33
C GLN G 16 16.65 45.71 13.66
N ARG G 17 17.63 45.01 14.23
CA ARG G 17 17.44 44.22 15.44
C ARG G 17 18.11 44.90 16.64
N VAL G 18 17.53 44.69 17.81
CA VAL G 18 18.06 45.19 19.07
C VAL G 18 17.88 44.12 20.13
N THR G 19 18.89 44.00 21.01
CA THR G 19 18.89 42.99 22.05
C THR G 19 18.95 43.65 23.43
N ILE G 20 18.11 43.18 24.34
CA ILE G 20 18.05 43.69 25.70
C ILE G 20 18.46 42.57 26.63
N SER G 21 19.44 42.83 27.48
CA SER G 21 19.97 41.83 28.39
C SER G 21 19.38 41.98 29.78
N CYS G 22 19.24 40.85 30.47
CA CYS G 22 18.76 40.82 31.84
C CYS G 22 19.65 39.88 32.63
N SER G 23 20.47 40.44 33.52
CA SER G 23 21.46 39.67 34.27
C SER G 23 21.03 39.52 35.71
N GLY G 24 21.21 38.31 36.25
CA GLY G 24 20.87 37.98 37.61
C GLY G 24 22.01 37.25 38.30
N SER G 25 21.65 36.35 39.21
CA SER G 25 22.61 35.61 39.99
C SER G 25 22.33 34.11 39.81
N SER G 26 23.19 33.29 40.40
CA SER G 26 23.05 31.84 40.27
C SER G 26 21.84 31.33 41.05
N SER G 27 21.43 32.04 42.10
CA SER G 27 20.31 31.59 42.92
C SER G 27 18.97 31.68 42.22
N ASN G 28 18.80 32.65 41.32
CA ASN G 28 17.50 32.84 40.68
C ASN G 28 17.54 32.55 39.17
N ILE G 29 18.42 33.24 38.43
CA ILE G 29 18.52 32.97 37.00
C ILE G 29 19.13 31.60 36.75
N GLY G 30 20.13 31.22 37.56
CA GLY G 30 20.79 29.94 37.35
C GLY G 30 19.96 28.75 37.75
N SER G 31 18.82 28.98 38.40
CA SER G 31 17.98 27.91 38.88
C SER G 31 16.53 27.95 38.38
N ASN G 32 16.08 29.08 37.83
CA ASN G 32 14.69 29.22 37.43
C ASN G 32 14.60 29.85 36.04
N THR G 33 13.38 30.02 35.58
CA THR G 33 13.12 30.56 34.25
C THR G 33 12.87 32.06 34.31
N VAL G 34 12.82 32.69 33.13
CA VAL G 34 12.60 34.12 33.01
C VAL G 34 11.31 34.37 32.27
N ASN G 35 10.67 35.50 32.55
CA ASN G 35 9.45 35.92 31.88
C ASN G 35 9.59 37.36 31.42
N TRP G 36 8.98 37.68 30.28
CA TRP G 36 9.06 39.01 29.69
C TRP G 36 7.66 39.61 29.62
N TYR G 37 7.57 40.90 29.88
CA TYR G 37 6.30 41.60 29.90
C TYR G 37 6.40 42.93 29.14
N GLN G 38 5.30 43.32 28.51
CA GLN G 38 5.14 44.65 27.93
C GLN G 38 4.27 45.48 28.87
N HIS G 39 4.52 46.78 28.92
CA HIS G 39 3.70 47.67 29.72
C HIS G 39 3.52 49.01 29.02
N LEU G 40 2.27 49.41 28.86
CA LEU G 40 1.92 50.74 28.38
C LEU G 40 1.19 51.45 29.50
N PRO G 41 1.60 52.66 29.89
CA PRO G 41 0.93 53.34 31.01
C PRO G 41 -0.55 53.55 30.72
N GLY G 42 -1.37 53.31 31.74
CA GLY G 42 -2.81 53.39 31.61
C GLY G 42 -3.49 52.13 31.13
N THR G 43 -2.76 51.04 30.91
CA THR G 43 -3.36 49.80 30.42
C THR G 43 -2.79 48.64 31.25
N ALA G 44 -3.07 47.42 30.81
CA ALA G 44 -2.61 46.22 31.51
C ALA G 44 -1.46 45.57 30.76
N PRO G 45 -0.53 44.93 31.47
CA PRO G 45 0.62 44.30 30.81
C PRO G 45 0.26 43.06 30.00
N LYS G 46 1.20 42.58 29.19
CA LYS G 46 1.00 41.39 28.37
C LYS G 46 2.19 40.45 28.49
N LEU G 47 2.14 39.33 27.76
CA LEU G 47 3.18 38.31 27.81
C LEU G 47 3.94 38.28 26.50
N LEU G 48 5.26 38.07 26.58
CA LEU G 48 6.10 38.05 25.40
C LEU G 48 6.84 36.73 25.22
N MET G 49 7.36 36.19 26.31
CA MET G 49 8.09 34.92 26.30
C MET G 49 7.84 34.22 27.62
N SER G 50 7.64 32.91 27.56
CA SER G 50 7.44 32.10 28.76
C SER G 50 8.32 30.87 28.71
N SER G 51 8.80 30.47 29.89
CA SER G 51 9.61 29.27 30.06
C SER G 51 10.91 29.36 29.25
N ASP G 52 11.28 30.59 28.91
CA ASP G 52 12.56 30.98 28.31
C ASP G 52 12.71 30.57 26.85
N ASP G 53 11.82 29.72 26.34
CA ASP G 53 11.94 29.31 24.95
C ASP G 53 10.57 29.18 24.28
N GLN G 54 9.51 29.33 25.05
CA GLN G 54 8.16 29.01 24.59
C GLN G 54 7.42 30.31 24.29
N ARG G 55 6.91 30.41 23.08
CA ARG G 55 6.19 31.60 22.63
C ARG G 55 4.72 31.55 23.04
N PRO G 56 4.17 32.66 23.52
CA PRO G 56 2.75 32.68 23.89
C PRO G 56 1.84 32.57 22.67
N SER G 57 0.54 32.61 22.91
CA SER G 57 -0.46 32.38 21.87
C SER G 57 -0.59 33.52 20.87
N GLY G 58 -0.52 34.76 21.34
CA GLY G 58 -0.91 35.89 20.52
C GLY G 58 0.20 36.62 19.79
N VAL G 59 1.35 36.79 20.43
CA VAL G 59 2.41 37.66 19.93
C VAL G 59 2.89 37.21 18.55
N PRO G 60 3.04 38.13 17.59
CA PRO G 60 3.45 37.74 16.25
C PRO G 60 4.92 37.35 16.20
N ALA G 61 5.27 36.62 15.14
CA ALA G 61 6.65 36.20 14.93
C ALA G 61 7.57 37.41 14.81
N ARG G 62 8.40 37.61 15.83
CA ARG G 62 9.24 38.80 15.95
C ARG G 62 10.07 38.72 17.24
N PHE G 63 9.38 38.69 18.38
CA PHE G 63 10.06 38.59 19.65
C PHE G 63 10.74 37.24 19.78
N SER G 64 12.00 37.24 20.18
CA SER G 64 12.76 36.02 20.37
C SER G 64 13.67 36.19 21.58
N GLY G 65 13.85 35.09 22.33
CA GLY G 65 14.65 35.12 23.53
C GLY G 65 15.63 33.97 23.58
N SER G 66 16.63 34.11 24.45
CA SER G 66 17.61 33.07 24.67
C SER G 66 18.18 33.23 26.07
N LYS G 67 18.75 32.14 26.59
CA LYS G 67 19.32 32.13 27.93
C LYS G 67 20.69 31.49 27.91
N SER G 68 21.62 32.06 28.66
CA SER G 68 22.99 31.57 28.70
C SER G 68 23.58 31.87 30.07
N GLY G 69 23.91 30.81 30.82
CA GLY G 69 24.53 30.99 32.12
C GLY G 69 23.61 31.72 33.08
N THR G 70 24.10 32.84 33.64
CA THR G 70 23.34 33.64 34.58
C THR G 70 22.75 34.88 33.93
N SER G 71 22.73 34.94 32.60
CA SER G 71 22.20 36.09 31.88
C SER G 71 21.23 35.61 30.80
N ALA G 72 20.28 36.47 30.46
CA ALA G 72 19.30 36.18 29.42
C ALA G 72 19.17 37.40 28.50
N SER G 73 18.79 37.14 27.26
CA SER G 73 18.67 38.21 26.27
C SER G 73 17.38 38.02 25.49
N LEU G 74 16.79 39.15 25.09
CA LEU G 74 15.60 39.16 24.24
C LEU G 74 15.94 39.84 22.93
N ALA G 75 15.67 39.15 21.82
CA ALA G 75 16.02 39.63 20.48
C ALA G 75 14.75 39.95 19.70
N ILE G 76 14.71 41.15 19.14
CA ILE G 76 13.58 41.61 18.34
C ILE G 76 14.10 41.91 16.94
N SER G 77 13.55 41.23 15.95
CA SER G 77 13.94 41.43 14.55
C SER G 77 12.76 41.96 13.75
N GLY G 78 13.07 42.70 12.68
CA GLY G 78 12.05 43.34 11.89
C GLY G 78 11.30 44.39 12.69
N LEU G 79 12.05 45.24 13.39
CA LEU G 79 11.47 46.23 14.28
C LEU G 79 10.54 47.18 13.53
N ARG G 80 9.41 47.49 14.14
CA ARG G 80 8.42 48.40 13.57
C ARG G 80 8.04 49.45 14.60
N SER G 81 7.23 50.42 14.17
CA SER G 81 6.93 51.57 15.01
C SER G 81 6.10 51.20 16.23
N GLU G 82 5.25 50.18 16.12
CA GLU G 82 4.36 49.82 17.23
C GLU G 82 5.11 49.17 18.39
N ASP G 83 6.39 48.86 18.22
CA ASP G 83 7.17 48.19 19.26
C ASP G 83 7.55 49.11 20.42
N GLU G 84 7.29 50.40 20.31
CA GLU G 84 7.62 51.34 21.39
C GLU G 84 6.83 51.01 22.64
N ALA G 85 7.53 50.53 23.67
CA ALA G 85 6.91 50.17 24.94
C ALA G 85 8.00 49.87 25.96
N ASP G 86 7.59 49.40 27.13
CA ASP G 86 8.49 49.06 28.22
C ASP G 86 8.60 47.54 28.38
N TYR G 87 9.83 47.06 28.55
CA TYR G 87 10.11 45.64 28.64
C TYR G 87 10.60 45.31 30.05
N TYR G 88 10.10 44.22 30.62
CA TYR G 88 10.46 43.78 31.95
C TYR G 88 10.91 42.33 31.93
N CYS G 89 11.86 41.99 32.80
CA CYS G 89 12.28 40.61 33.00
C CYS G 89 12.07 40.22 34.46
N ALA G 90 11.56 39.00 34.66
CA ALA G 90 11.19 38.53 35.99
C ALA G 90 11.53 37.06 36.13
N SER G 91 11.74 36.62 37.38
CA SER G 91 12.11 35.25 37.66
C SER G 91 11.85 34.95 39.13
N TRP G 92 11.88 33.65 39.45
CA TRP G 92 11.73 33.21 40.83
C TRP G 92 13.08 33.15 41.52
N ASP G 93 13.10 33.51 42.81
CA ASP G 93 14.32 33.51 43.61
C ASP G 93 14.16 32.48 44.73
N ASP G 94 14.99 31.44 44.71
CA ASP G 94 14.87 30.38 45.69
C ASP G 94 15.30 30.86 47.09
N ARG G 95 16.31 31.73 47.15
CA ARG G 95 16.79 32.21 48.44
C ARG G 95 15.76 33.08 49.14
N LEU G 96 15.02 33.88 48.37
CA LEU G 96 14.04 34.80 48.96
C LEU G 96 12.65 34.19 49.10
N ASN G 97 12.39 33.06 48.44
CA ASN G 97 11.08 32.41 48.47
C ASN G 97 9.99 33.37 47.99
N GLY G 98 10.24 34.02 46.87
CA GLY G 98 9.29 34.98 46.32
C GLY G 98 9.67 35.35 44.90
N VAL G 99 8.83 36.17 44.30
CA VAL G 99 9.03 36.63 42.93
C VAL G 99 9.76 37.96 42.96
N VAL G 100 10.80 38.07 42.13
CA VAL G 100 11.62 39.28 42.06
C VAL G 100 11.57 39.81 40.63
N PHE G 101 11.35 41.12 40.52
CA PHE G 101 11.18 41.78 39.23
C PHE G 101 12.35 42.72 38.97
N GLY G 102 12.60 42.98 37.68
CA GLY G 102 13.64 43.91 37.30
C GLY G 102 13.17 45.36 37.32
N GLY G 103 14.06 46.24 36.91
CA GLY G 103 13.75 47.67 36.86
C GLY G 103 13.04 48.12 35.62
N GLY G 104 13.15 47.39 34.52
CA GLY G 104 12.48 47.78 33.29
C GLY G 104 13.32 48.72 32.44
N THR G 105 13.06 48.68 31.13
CA THR G 105 13.79 49.49 30.17
C THR G 105 12.82 50.20 29.25
N LYS G 106 13.23 51.37 28.75
CA LYS G 106 12.44 52.12 27.78
C LYS G 106 13.18 52.08 26.43
N LEU G 107 12.48 51.62 25.39
CA LEU G 107 13.06 51.54 24.06
C LEU G 107 12.55 52.71 23.23
N THR G 108 13.48 53.36 22.51
CA THR G 108 13.15 54.48 21.64
C THR G 108 13.56 54.12 20.21
N VAL G 109 12.70 54.47 19.26
CA VAL G 109 12.93 54.15 17.85
C VAL G 109 13.11 55.47 17.11
N LEU G 110 14.19 55.58 16.35
CA LEU G 110 14.48 56.78 15.58
C LEU G 110 13.76 56.76 14.23
N VAL H 2 35.10 15.30 -30.84
CA VAL H 2 36.31 15.94 -31.32
C VAL H 2 36.45 15.72 -32.82
N GLN H 3 37.65 15.96 -33.34
CA GLN H 3 37.91 15.83 -34.75
C GLN H 3 39.31 15.26 -34.96
N LEU H 4 39.49 14.58 -36.08
CA LEU H 4 40.78 14.02 -36.49
C LEU H 4 41.26 14.77 -37.72
N VAL H 5 42.45 15.34 -37.65
CA VAL H 5 43.03 16.14 -38.73
C VAL H 5 44.33 15.47 -39.16
N GLN H 6 44.48 15.26 -40.46
CA GLN H 6 45.67 14.65 -41.03
C GLN H 6 46.35 15.60 -42.01
N SER H 7 47.58 15.25 -42.38
CA SER H 7 48.35 16.08 -43.29
C SER H 7 47.78 15.98 -44.71
N GLY H 8 48.19 16.92 -45.54
CA GLY H 8 47.71 16.97 -46.91
C GLY H 8 48.39 15.96 -47.81
N ALA H 9 48.04 16.03 -49.09
CA ALA H 9 48.59 15.11 -50.08
C ALA H 9 50.08 15.35 -50.27
N GLU H 10 50.81 14.27 -50.53
CA GLU H 10 52.25 14.32 -50.75
C GLU H 10 52.62 13.48 -51.96
N VAL H 11 53.74 13.86 -52.58
CA VAL H 11 54.25 13.18 -53.77
C VAL H 11 55.70 12.80 -53.51
N LYS H 12 56.07 11.56 -53.80
CA LYS H 12 57.42 11.07 -53.58
C LYS H 12 57.82 10.12 -54.69
N LYS H 13 59.15 10.03 -54.91
CA LYS H 13 59.92 9.19 -55.80
C LYS H 13 60.28 7.88 -55.10
N PRO H 14 60.53 6.79 -55.82
CA PRO H 14 60.83 5.52 -55.14
C PRO H 14 62.19 5.56 -54.47
N GLY H 15 62.27 4.93 -53.29
CA GLY H 15 63.46 4.96 -52.47
C GLY H 15 63.51 6.09 -51.46
N SER H 16 62.53 6.99 -51.46
CA SER H 16 62.54 8.12 -50.55
C SER H 16 61.78 7.77 -49.25
N SER H 17 61.62 8.77 -48.39
CA SER H 17 60.92 8.62 -47.13
C SER H 17 59.90 9.74 -46.96
N VAL H 18 58.81 9.43 -46.24
CA VAL H 18 57.72 10.37 -46.04
C VAL H 18 57.35 10.37 -44.56
N LYS H 19 56.76 11.48 -44.10
CA LYS H 19 56.28 11.61 -42.73
C LYS H 19 54.85 12.13 -42.77
N VAL H 20 53.96 11.45 -42.07
CA VAL H 20 52.54 11.78 -42.05
C VAL H 20 52.09 11.97 -40.61
N SER H 21 51.34 13.03 -40.35
CA SER H 21 50.85 13.35 -39.02
C SER H 21 49.33 13.29 -38.98
N CYS H 22 48.81 12.97 -37.80
CA CYS H 22 47.37 12.93 -37.57
C CYS H 22 47.13 13.39 -36.14
N LYS H 23 46.72 14.64 -35.97
CA LYS H 23 46.62 15.29 -34.67
C LYS H 23 45.26 15.00 -34.06
N THR H 24 45.22 14.88 -32.73
CA THR H 24 44.02 14.54 -31.98
C THR H 24 43.68 15.64 -30.99
N SER H 25 42.67 15.38 -30.15
CA SER H 25 42.27 16.31 -29.10
C SER H 25 43.05 16.05 -27.82
N GLY H 26 42.63 16.68 -26.73
CA GLY H 26 43.32 16.54 -25.46
C GLY H 26 42.98 15.25 -24.73
N GLY H 27 41.69 14.97 -24.61
CA GLY H 27 41.24 13.74 -23.97
C GLY H 27 41.26 12.52 -24.86
N THR H 28 41.65 12.68 -26.14
CA THR H 28 41.70 11.57 -27.08
C THR H 28 42.79 10.56 -26.74
N PHE H 29 43.77 10.92 -25.93
CA PHE H 29 44.81 9.97 -25.52
C PHE H 29 44.32 9.13 -24.35
N ASN H 30 45.28 8.44 -23.71
CA ASN H 30 45.03 7.52 -22.62
C ASN H 30 44.28 6.30 -23.11
N SER H 31 43.05 6.08 -22.61
CA SER H 31 42.28 4.89 -22.94
C SER H 31 41.68 5.02 -24.34
N PHE H 32 42.57 5.07 -25.33
CA PHE H 32 42.16 5.17 -26.73
C PHE H 32 43.29 4.73 -27.65
N ALA H 33 42.98 3.84 -28.60
CA ALA H 33 43.97 3.42 -29.58
C ALA H 33 43.77 4.17 -30.89
N ILE H 34 44.87 4.36 -31.62
CA ILE H 34 44.87 5.06 -32.89
C ILE H 34 45.30 4.07 -33.98
N ASN H 35 44.44 3.89 -34.98
CA ASN H 35 44.66 2.92 -36.03
C ASN H 35 44.93 3.62 -37.36
N TRP H 36 45.76 2.98 -38.18
CA TRP H 36 46.11 3.49 -39.51
C TRP H 36 45.61 2.51 -40.56
N VAL H 37 44.90 3.03 -41.57
CA VAL H 37 44.36 2.21 -42.65
C VAL H 37 44.68 2.89 -43.96
N ARG H 38 45.13 2.10 -44.95
CA ARG H 38 45.47 2.63 -46.26
C ARG H 38 44.57 2.00 -47.33
N GLN H 39 44.26 2.80 -48.35
CA GLN H 39 43.41 2.37 -49.45
C GLN H 39 44.06 2.81 -50.76
N ALA H 40 44.54 1.85 -51.53
CA ALA H 40 45.15 2.16 -52.82
C ALA H 40 44.07 2.40 -53.88
N PRO H 41 44.37 3.22 -54.89
CA PRO H 41 43.38 3.49 -55.93
C PRO H 41 43.03 2.23 -56.71
N GLY H 42 41.73 1.92 -56.76
CA GLY H 42 41.26 0.77 -57.50
C GLY H 42 40.95 -0.45 -56.66
N GLN H 43 41.28 -0.43 -55.38
CA GLN H 43 40.99 -1.53 -54.49
C GLN H 43 40.78 -1.02 -53.06
N GLY H 44 40.42 -1.94 -52.18
CA GLY H 44 39.89 -1.60 -50.88
C GLY H 44 40.92 -1.22 -49.84
N PRO H 45 40.44 -0.90 -48.64
CA PRO H 45 41.35 -0.46 -47.57
C PRO H 45 42.17 -1.61 -46.99
N GLU H 46 43.31 -1.24 -46.40
CA GLU H 46 44.20 -2.20 -45.75
C GLU H 46 44.75 -1.59 -44.46
N TRP H 47 44.73 -2.39 -43.39
CA TRP H 47 45.26 -1.94 -42.11
C TRP H 47 46.76 -2.20 -42.03
N MET H 48 47.49 -1.28 -41.41
CA MET H 48 48.94 -1.39 -41.30
C MET H 48 49.47 -1.43 -39.87
N GLY H 49 48.80 -0.79 -38.93
CA GLY H 49 49.29 -0.83 -37.55
C GLY H 49 48.47 0.06 -36.65
N ARG H 50 48.88 0.07 -35.37
CA ARG H 50 48.25 0.89 -34.36
C ARG H 50 49.23 1.10 -33.21
N VAL H 51 48.92 2.07 -32.35
CA VAL H 51 49.75 2.38 -31.20
C VAL H 51 48.87 2.93 -30.09
N ILE H 52 49.20 2.55 -28.85
CA ILE H 52 48.50 3.06 -27.67
C ILE H 52 49.42 4.04 -26.97
N PRO H 53 49.11 5.34 -27.00
CA PRO H 53 50.05 6.34 -26.43
C PRO H 53 50.40 6.12 -24.97
N VAL H 54 49.42 5.73 -24.14
CA VAL H 54 49.70 5.59 -22.71
C VAL H 54 50.58 4.38 -22.45
N LEU H 55 50.51 3.37 -23.30
CA LEU H 55 51.31 2.15 -23.15
C LEU H 55 52.50 2.09 -24.09
N GLU H 56 52.60 3.01 -25.04
CA GLU H 56 53.63 3.03 -26.08
C GLU H 56 53.94 1.63 -26.61
N ILE H 57 52.87 0.86 -26.86
CA ILE H 57 52.97 -0.46 -27.44
C ILE H 57 52.50 -0.39 -28.88
N ALA H 58 53.30 -0.92 -29.79
CA ALA H 58 53.02 -0.84 -31.22
C ALA H 58 52.80 -2.24 -31.79
N ASN H 59 51.91 -2.31 -32.78
CA ASN H 59 51.62 -3.53 -33.52
C ASN H 59 51.80 -3.27 -34.99
N TYR H 60 52.30 -4.26 -35.73
CA TYR H 60 52.59 -4.11 -37.14
C TYR H 60 52.00 -5.28 -37.91
N ALA H 61 51.53 -5.00 -39.13
CA ALA H 61 51.09 -6.06 -40.02
C ALA H 61 52.28 -6.88 -40.47
N GLN H 62 52.08 -8.20 -40.59
CA GLN H 62 53.18 -9.09 -40.94
C GLN H 62 53.72 -8.80 -42.33
N LYS H 63 52.84 -8.49 -43.29
CA LYS H 63 53.27 -8.29 -44.66
C LYS H 63 54.21 -7.09 -44.79
N PHE H 64 54.15 -6.15 -43.85
CA PHE H 64 55.14 -5.08 -43.73
C PHE H 64 56.19 -5.53 -42.72
N GLN H 65 57.31 -6.05 -43.22
CA GLN H 65 58.39 -6.54 -42.37
C GLN H 65 59.30 -5.36 -42.01
N GLY H 66 58.98 -4.68 -40.92
CA GLY H 66 59.82 -3.60 -40.44
C GLY H 66 59.93 -2.43 -41.38
N ARG H 67 58.87 -2.09 -42.09
CA ARG H 67 58.88 -0.96 -43.02
C ARG H 67 58.10 0.24 -42.53
N ILE H 68 57.20 0.04 -41.56
CA ILE H 68 56.35 1.11 -41.03
C ILE H 68 56.72 1.33 -39.57
N THR H 69 56.83 2.60 -39.19
CA THR H 69 57.07 2.97 -37.80
C THR H 69 56.09 4.07 -37.43
N ILE H 70 55.37 3.89 -36.32
CA ILE H 70 54.39 4.85 -35.83
C ILE H 70 54.85 5.37 -34.49
N THR H 71 54.94 6.69 -34.36
CA THR H 71 55.38 7.33 -33.13
C THR H 71 54.45 8.52 -32.84
N ALA H 72 54.19 8.75 -31.56
CA ALA H 72 53.33 9.85 -31.15
C ALA H 72 54.00 10.59 -30.01
N ASP H 73 53.71 11.88 -29.91
CA ASP H 73 54.29 12.76 -28.89
C ASP H 73 53.18 13.23 -27.97
N LYS H 74 53.37 13.03 -26.66
CA LYS H 74 52.34 13.41 -25.70
C LYS H 74 52.20 14.92 -25.57
N SER H 75 53.31 15.64 -25.72
CA SER H 75 53.31 17.08 -25.44
C SER H 75 52.34 17.82 -26.37
N THR H 76 52.46 17.61 -27.67
CA THR H 76 51.64 18.29 -28.65
C THR H 76 50.45 17.46 -29.12
N SER H 77 50.29 16.24 -28.61
CA SER H 77 49.19 15.35 -28.96
C SER H 77 49.13 15.14 -30.48
N THR H 78 50.25 14.73 -31.04
CA THR H 78 50.37 14.48 -32.47
C THR H 78 51.07 13.14 -32.68
N ALA H 79 50.57 12.35 -33.62
CA ALA H 79 51.17 11.08 -33.99
C ALA H 79 51.87 11.22 -35.33
N TYR H 80 52.91 10.40 -35.53
CA TYR H 80 53.69 10.43 -36.76
C TYR H 80 53.88 9.01 -37.30
N MET H 81 53.93 8.91 -38.63
CA MET H 81 54.18 7.66 -39.32
C MET H 81 55.17 7.91 -40.43
N GLU H 82 56.18 7.04 -40.55
CA GLU H 82 57.25 7.18 -41.53
C GLU H 82 57.30 5.95 -42.41
N LEU H 83 57.50 6.15 -43.70
CA LEU H 83 57.57 5.08 -44.68
C LEU H 83 58.93 5.12 -45.39
N SER H 84 59.58 3.97 -45.50
N SER H 84 59.58 3.97 -45.50
CA SER H 84 60.86 3.86 -46.18
CA SER H 84 60.86 3.86 -46.18
C SER H 84 60.77 2.89 -47.35
C SER H 84 60.77 2.89 -47.35
N SER H 85 61.72 3.03 -48.27
CA SER H 85 61.79 2.21 -49.49
C SER H 85 60.47 2.22 -50.26
N LEU H 86 60.00 3.43 -50.57
CA LEU H 86 58.77 3.59 -51.32
C LEU H 86 58.95 3.04 -52.73
N THR H 87 57.86 2.50 -53.29
CA THR H 87 57.86 1.92 -54.62
C THR H 87 56.67 2.44 -55.41
N SER H 88 56.58 2.01 -56.67
CA SER H 88 55.50 2.47 -57.54
C SER H 88 54.15 1.93 -57.08
N GLU H 89 54.13 0.83 -56.33
CA GLU H 89 52.89 0.24 -55.87
C GLU H 89 52.30 0.96 -54.65
N ASP H 90 53.04 1.90 -54.06
CA ASP H 90 52.69 2.46 -52.76
C ASP H 90 51.72 3.63 -52.83
N THR H 91 51.30 4.05 -54.02
CA THR H 91 50.30 5.12 -54.12
C THR H 91 48.98 4.63 -53.54
N ALA H 92 48.36 5.45 -52.70
CA ALA H 92 47.19 5.03 -51.94
C ALA H 92 46.56 6.21 -51.22
N ILE H 93 45.39 5.97 -50.66
CA ILE H 93 44.74 6.88 -49.71
C ILE H 93 45.06 6.41 -48.31
N TYR H 94 45.51 7.31 -47.45
CA TYR H 94 45.94 6.98 -46.10
C TYR H 94 44.93 7.55 -45.10
N TYR H 95 44.45 6.69 -44.20
CA TYR H 95 43.46 7.06 -43.20
C TYR H 95 44.07 6.92 -41.81
N CYS H 96 43.67 7.80 -40.90
CA CYS H 96 43.95 7.62 -39.48
C CYS H 96 42.63 7.59 -38.71
N ALA H 97 42.47 6.54 -37.90
CA ALA H 97 41.21 6.30 -37.21
C ALA H 97 41.49 5.96 -35.76
N ARG H 98 40.51 6.23 -34.90
CA ARG H 98 40.63 6.01 -33.47
C ARG H 98 39.82 4.79 -33.05
N HIS H 99 40.25 4.18 -31.95
CA HIS H 99 39.63 2.98 -31.41
C HIS H 99 39.33 3.19 -29.93
N HIS H 100 38.58 2.28 -29.31
CA HIS H 100 38.34 2.31 -27.88
C HIS H 100 39.01 1.09 -27.27
N ILE H 101 39.54 1.25 -26.06
CA ILE H 101 40.37 0.21 -25.47
C ILE H 101 39.55 -0.92 -24.83
N ALA H 102 38.48 -0.60 -24.11
CA ALA H 102 37.74 -1.60 -23.35
C ALA H 102 36.76 -2.38 -24.23
N VAL H 103 37.24 -2.91 -25.35
CA VAL H 103 36.47 -3.82 -26.19
C VAL H 103 37.40 -4.91 -26.71
N ALA H 104 36.92 -6.15 -26.75
CA ALA H 104 37.80 -7.27 -27.11
C ALA H 104 38.23 -7.19 -28.57
N GLN H 105 37.32 -7.48 -29.49
CA GLN H 105 37.63 -7.37 -30.92
C GLN H 105 37.47 -5.91 -31.35
N PRO H 106 38.39 -5.37 -32.14
CA PRO H 106 38.30 -3.95 -32.52
C PRO H 106 37.05 -3.66 -33.32
N TYR H 107 36.55 -2.43 -33.15
CA TYR H 107 35.51 -1.84 -33.98
C TYR H 107 35.84 -0.34 -34.10
N PHE H 108 36.32 0.06 -35.28
CA PHE H 108 36.68 1.44 -35.53
C PHE H 108 35.45 2.33 -35.51
N ASP H 109 35.59 3.52 -34.92
CA ASP H 109 34.45 4.39 -34.66
C ASP H 109 34.49 5.72 -35.43
N TYR H 110 35.63 6.41 -35.42
CA TYR H 110 35.74 7.70 -36.09
C TYR H 110 36.90 7.65 -37.08
N TRP H 111 36.63 8.08 -38.31
CA TRP H 111 37.61 8.04 -39.39
C TRP H 111 37.87 9.44 -39.90
N GLY H 112 39.05 9.63 -40.49
CA GLY H 112 39.38 10.90 -41.11
C GLY H 112 38.95 10.96 -42.57
N GLN H 113 39.18 12.12 -43.17
CA GLN H 113 38.82 12.34 -44.57
C GLN H 113 39.77 11.67 -45.55
N GLY H 114 41.05 11.55 -45.23
CA GLY H 114 41.98 10.86 -46.08
C GLY H 114 42.96 11.78 -46.78
N THR H 115 44.10 11.22 -47.17
CA THR H 115 45.14 11.96 -47.88
C THR H 115 45.62 11.10 -49.05
N LEU H 116 46.03 11.75 -50.13
CA LEU H 116 46.51 11.05 -51.33
C LEU H 116 48.03 11.08 -51.39
N VAL H 117 48.62 9.95 -51.82
CA VAL H 117 50.02 9.87 -52.16
C VAL H 117 50.13 9.33 -53.57
N THR H 118 50.93 9.99 -54.40
CA THR H 118 51.14 9.59 -55.79
C THR H 118 52.63 9.43 -56.04
N VAL H 119 52.98 8.39 -56.78
CA VAL H 119 54.37 8.09 -57.13
C VAL H 119 54.53 8.22 -58.64
N SER H 120 55.56 8.93 -59.06
CA SER H 120 55.81 9.13 -60.48
C SER H 120 57.29 9.48 -60.72
N GLN I 1 43.05 -11.01 -52.37
CA GLN I 1 41.66 -11.37 -52.19
C GLN I 1 41.26 -11.33 -50.72
N SER I 2 40.07 -10.80 -50.46
CA SER I 2 39.55 -10.78 -49.10
C SER I 2 39.18 -12.18 -48.63
N VAL I 3 39.53 -12.50 -47.39
CA VAL I 3 39.13 -13.77 -46.81
C VAL I 3 37.62 -13.89 -46.71
N LEU I 4 36.94 -12.79 -46.42
CA LEU I 4 35.48 -12.75 -46.38
C LEU I 4 34.96 -12.53 -47.80
N THR I 5 34.10 -13.44 -48.26
CA THR I 5 33.59 -13.41 -49.62
C THR I 5 32.27 -12.64 -49.66
N GLN I 6 32.18 -11.69 -50.58
CA GLN I 6 31.00 -10.87 -50.76
C GLN I 6 30.70 -10.73 -52.24
N PRO I 7 29.43 -10.77 -52.64
CA PRO I 7 29.08 -10.56 -54.05
C PRO I 7 29.50 -9.17 -54.51
N PRO I 8 29.97 -9.04 -55.75
CA PRO I 8 30.50 -7.74 -56.20
C PRO I 8 29.44 -6.69 -56.46
N SER I 9 28.21 -7.10 -56.79
CA SER I 9 27.17 -6.14 -57.15
C SER I 9 25.83 -6.59 -56.58
N ALA I 10 24.94 -5.62 -56.36
CA ALA I 10 23.60 -5.87 -55.91
C ALA I 10 22.71 -4.71 -56.34
N SER I 11 21.41 -4.98 -56.44
CA SER I 11 20.45 -3.96 -56.85
C SER I 11 19.11 -4.23 -56.16
N GLY I 12 18.31 -3.17 -56.05
CA GLY I 12 17.00 -3.29 -55.44
C GLY I 12 16.07 -2.19 -55.89
N THR I 13 14.78 -2.48 -55.78
CA THR I 13 13.63 -1.63 -56.09
C THR I 13 13.12 -0.92 -54.85
N PRO I 14 12.71 0.34 -54.97
CA PRO I 14 12.42 1.14 -53.78
C PRO I 14 11.22 0.63 -52.99
N GLY I 15 11.39 0.55 -51.67
CA GLY I 15 10.31 0.19 -50.76
C GLY I 15 10.33 -1.23 -50.25
N GLN I 16 11.07 -2.13 -50.90
CA GLN I 16 11.09 -3.55 -50.56
C GLN I 16 12.38 -3.91 -49.82
N ARG I 17 12.58 -5.21 -49.63
CA ARG I 17 13.69 -5.77 -48.86
C ARG I 17 14.85 -6.14 -49.78
N VAL I 18 16.06 -5.79 -49.34
CA VAL I 18 17.28 -6.20 -50.02
C VAL I 18 18.26 -6.73 -48.97
N THR I 19 18.99 -7.78 -49.34
CA THR I 19 19.94 -8.42 -48.44
C THR I 19 21.28 -8.58 -49.15
N ILE I 20 22.36 -8.36 -48.40
CA ILE I 20 23.72 -8.54 -48.89
C ILE I 20 24.42 -9.51 -47.94
N SER I 21 25.02 -10.55 -48.50
CA SER I 21 25.69 -11.57 -47.70
C SER I 21 27.20 -11.39 -47.74
N CYS I 22 27.86 -11.82 -46.65
CA CYS I 22 29.31 -11.79 -46.54
C CYS I 22 29.75 -13.04 -45.81
N SER I 23 30.28 -14.01 -46.56
CA SER I 23 30.65 -15.32 -46.02
C SER I 23 32.16 -15.48 -45.98
N GLY I 24 32.66 -16.09 -44.92
CA GLY I 24 34.07 -16.33 -44.72
C GLY I 24 34.33 -17.78 -44.36
N SER I 25 35.21 -17.96 -43.37
CA SER I 25 35.59 -19.29 -42.91
C SER I 25 35.29 -19.39 -41.41
N SER I 26 35.55 -20.57 -40.84
CA SER I 26 35.34 -20.75 -39.41
C SER I 26 36.33 -19.94 -38.59
N SER I 27 37.49 -19.61 -39.16
CA SER I 27 38.51 -18.85 -38.45
C SER I 27 38.11 -17.39 -38.24
N ASN I 28 37.30 -16.83 -39.13
CA ASN I 28 36.97 -15.41 -39.02
C ASN I 28 35.49 -15.20 -38.72
N ILE I 29 34.61 -15.70 -39.59
CA ILE I 29 33.18 -15.49 -39.39
C ILE I 29 32.66 -16.39 -38.28
N GLY I 30 33.16 -17.63 -38.21
CA GLY I 30 32.67 -18.56 -37.22
C GLY I 30 33.16 -18.28 -35.82
N SER I 31 34.14 -17.39 -35.68
CA SER I 31 34.74 -17.09 -34.39
C SER I 31 34.67 -15.63 -33.98
N ASN I 32 34.49 -14.70 -34.92
CA ASN I 32 34.52 -13.28 -34.62
C ASN I 32 33.25 -12.62 -35.15
N THR I 33 33.03 -11.39 -34.71
CA THR I 33 31.90 -10.60 -35.21
C THR I 33 32.24 -9.95 -36.54
N VAL I 34 31.26 -9.24 -37.09
CA VAL I 34 31.41 -8.53 -38.36
C VAL I 34 30.98 -7.08 -38.16
N ASN I 35 31.51 -6.20 -39.00
CA ASN I 35 31.18 -4.79 -38.96
C ASN I 35 30.86 -4.29 -40.37
N TRP I 36 30.02 -3.26 -40.44
CA TRP I 36 29.61 -2.68 -41.72
C TRP I 36 29.94 -1.20 -41.73
N TYR I 37 30.36 -0.70 -42.89
CA TYR I 37 30.74 0.69 -43.05
C TYR I 37 30.15 1.25 -44.34
N GLN I 38 29.73 2.50 -44.29
CA GLN I 38 29.24 3.24 -45.45
C GLN I 38 30.17 4.39 -45.76
N HIS I 39 30.63 4.46 -47.00
CA HIS I 39 31.57 5.50 -47.41
C HIS I 39 31.08 6.18 -48.68
N LEU I 40 31.17 7.49 -48.69
CA LEU I 40 30.92 8.29 -49.88
C LEU I 40 32.20 9.05 -50.22
N PRO I 41 32.70 8.96 -51.45
CA PRO I 41 33.97 9.62 -51.77
C PRO I 41 33.92 11.12 -51.49
N GLY I 42 35.01 11.63 -50.92
CA GLY I 42 35.08 13.02 -50.52
C GLY I 42 34.86 13.30 -49.04
N THR I 43 34.64 12.26 -48.23
CA THR I 43 34.43 12.46 -46.80
C THR I 43 34.88 11.21 -46.06
N ALA I 44 34.52 11.11 -44.77
CA ALA I 44 34.92 9.99 -43.94
C ALA I 44 33.80 8.96 -43.84
N PRO I 45 34.13 7.68 -43.69
CA PRO I 45 33.10 6.65 -43.55
C PRO I 45 32.39 6.70 -42.21
N LYS I 46 31.39 5.85 -42.03
CA LYS I 46 30.61 5.82 -40.79
C LYS I 46 30.28 4.39 -40.39
N LEU I 47 29.66 4.21 -39.23
CA LEU I 47 29.34 2.90 -38.69
C LEU I 47 27.86 2.63 -38.89
N LEU I 48 27.53 1.40 -39.29
CA LEU I 48 26.14 1.00 -39.47
C LEU I 48 25.76 -0.18 -38.60
N MET I 49 26.73 -1.02 -38.23
CA MET I 49 26.44 -2.22 -37.46
C MET I 49 27.68 -2.59 -36.67
N SER I 50 27.49 -2.93 -35.40
CA SER I 50 28.57 -3.33 -34.53
C SER I 50 28.19 -4.56 -33.72
N SER I 51 29.17 -5.46 -33.55
CA SER I 51 28.98 -6.72 -32.82
C SER I 51 27.90 -7.57 -33.47
N ASP I 52 27.64 -7.28 -34.74
CA ASP I 52 26.86 -8.03 -35.75
C ASP I 52 25.37 -8.13 -35.42
N ASP I 53 24.96 -7.66 -34.24
CA ASP I 53 23.53 -7.61 -33.94
C ASP I 53 23.15 -6.38 -33.13
N GLN I 54 24.10 -5.48 -32.89
CA GLN I 54 23.89 -4.32 -32.05
C GLN I 54 23.98 -3.05 -32.90
N ARG I 55 23.02 -2.14 -32.71
CA ARG I 55 22.91 -0.96 -33.55
C ARG I 55 23.65 0.22 -32.95
N PRO I 56 24.32 1.02 -33.78
CA PRO I 56 25.07 2.18 -33.28
C PRO I 56 24.17 3.30 -32.81
N SER I 57 24.78 4.42 -32.41
CA SER I 57 24.09 5.56 -31.82
C SER I 57 23.23 6.33 -32.81
N GLY I 58 23.76 6.67 -33.97
CA GLY I 58 23.15 7.66 -34.82
C GLY I 58 22.29 7.14 -35.96
N VAL I 59 22.56 5.93 -36.42
CA VAL I 59 21.89 5.38 -37.60
C VAL I 59 20.39 5.28 -37.35
N PRO I 60 19.56 5.75 -38.28
CA PRO I 60 18.11 5.63 -38.11
C PRO I 60 17.64 4.20 -38.27
N ALA I 61 16.47 3.91 -37.71
CA ALA I 61 15.87 2.59 -37.85
C ALA I 61 15.66 2.26 -39.31
N ARG I 62 16.44 1.30 -39.84
CA ARG I 62 16.43 0.97 -41.25
C ARG I 62 17.42 -0.16 -41.52
N PHE I 63 18.70 0.09 -41.32
CA PHE I 63 19.71 -0.93 -41.54
C PHE I 63 19.65 -1.97 -40.44
N SER I 64 19.56 -3.24 -40.84
CA SER I 64 19.51 -4.35 -39.89
C SER I 64 20.42 -5.46 -40.40
N GLY I 65 21.05 -6.15 -39.46
CA GLY I 65 21.98 -7.21 -39.79
C GLY I 65 21.60 -8.51 -39.08
N SER I 66 22.07 -9.61 -39.65
CA SER I 66 21.81 -10.92 -39.08
C SER I 66 22.98 -11.84 -39.37
N LYS I 67 23.11 -12.89 -38.57
CA LYS I 67 24.18 -13.87 -38.71
C LYS I 67 23.61 -15.27 -38.52
N SER I 68 24.07 -16.20 -39.35
CA SER I 68 23.61 -17.58 -39.29
C SER I 68 24.74 -18.50 -39.75
N GLY I 69 25.24 -19.32 -38.84
CA GLY I 69 26.32 -20.22 -39.19
C GLY I 69 27.57 -19.45 -39.55
N THR I 70 28.08 -19.69 -40.76
CA THR I 70 29.26 -19.01 -41.26
C THR I 70 28.93 -17.91 -42.25
N SER I 71 27.68 -17.45 -42.27
CA SER I 71 27.23 -16.41 -43.18
C SER I 71 26.48 -15.33 -42.41
N ALA I 72 26.59 -14.10 -42.89
CA ALA I 72 25.92 -12.96 -42.29
C ALA I 72 25.23 -12.15 -43.39
N SER I 73 24.16 -11.46 -43.01
CA SER I 73 23.38 -10.69 -43.97
C SER I 73 23.03 -9.34 -43.39
N LEU I 74 22.83 -8.36 -44.27
CA LEU I 74 22.41 -7.02 -43.90
C LEU I 74 21.11 -6.69 -44.60
N ALA I 75 20.11 -6.25 -43.84
CA ALA I 75 18.78 -5.95 -44.37
C ALA I 75 18.51 -4.46 -44.31
N ILE I 76 18.05 -3.90 -45.43
CA ILE I 76 17.70 -2.50 -45.54
C ILE I 76 16.24 -2.41 -45.97
N SER I 77 15.44 -1.68 -45.19
CA SER I 77 14.03 -1.49 -45.48
C SER I 77 13.75 -0.09 -45.99
N GLY I 78 12.72 0.02 -46.83
CA GLY I 78 12.33 1.29 -47.40
C GLY I 78 13.46 2.03 -48.07
N LEU I 79 13.95 1.51 -49.19
CA LEU I 79 15.11 2.08 -49.86
C LEU I 79 14.80 3.48 -50.39
N ARG I 80 15.66 4.42 -50.05
CA ARG I 80 15.58 5.79 -50.54
C ARG I 80 16.81 6.10 -51.39
N SER I 81 16.83 7.32 -51.93
CA SER I 81 17.92 7.72 -52.82
C SER I 81 19.22 7.97 -52.07
N GLU I 82 19.14 8.18 -50.75
CA GLU I 82 20.32 8.57 -49.99
C GLU I 82 21.17 7.38 -49.54
N ASP I 83 20.75 6.14 -49.81
CA ASP I 83 21.53 4.98 -49.40
C ASP I 83 22.63 4.61 -50.40
N GLU I 84 22.78 5.36 -51.48
CA GLU I 84 23.78 5.06 -52.49
C GLU I 84 25.19 5.21 -51.92
N ALA I 85 25.82 4.07 -51.64
CA ALA I 85 27.19 4.03 -51.12
C ALA I 85 27.66 2.59 -51.15
N ASP I 86 28.91 2.37 -50.73
CA ASP I 86 29.51 1.05 -50.71
C ASP I 86 29.43 0.46 -49.31
N TYR I 87 29.47 -0.87 -49.23
CA TYR I 87 29.35 -1.60 -47.98
C TYR I 87 30.53 -2.55 -47.84
N TYR I 88 31.16 -2.53 -46.66
CA TYR I 88 32.31 -3.38 -46.38
C TYR I 88 32.03 -4.23 -45.15
N CYS I 89 32.45 -5.49 -45.19
CA CYS I 89 32.40 -6.37 -44.04
C CYS I 89 33.82 -6.73 -43.61
N ALA I 90 34.07 -6.60 -42.31
CA ALA I 90 35.42 -6.79 -41.77
C ALA I 90 35.34 -7.58 -40.47
N SER I 91 36.44 -8.24 -40.14
CA SER I 91 36.53 -9.05 -38.93
C SER I 91 37.99 -9.31 -38.61
N TRP I 92 38.23 -9.79 -37.39
CA TRP I 92 39.58 -10.10 -36.95
C TRP I 92 40.00 -11.49 -37.41
N ASP I 93 41.27 -11.63 -37.82
CA ASP I 93 41.83 -12.89 -38.29
C ASP I 93 42.87 -13.37 -37.29
N ASP I 94 42.65 -14.55 -36.73
CA ASP I 94 43.61 -15.11 -35.79
C ASP I 94 44.84 -15.63 -36.51
N ARG I 95 44.67 -16.18 -37.72
CA ARG I 95 45.80 -16.70 -38.47
C ARG I 95 46.78 -15.59 -38.86
N LEU I 96 46.28 -14.45 -39.33
CA LEU I 96 47.14 -13.36 -39.78
C LEU I 96 47.49 -12.38 -38.67
N ASN I 97 46.89 -12.53 -37.48
CA ASN I 97 47.11 -11.61 -36.36
C ASN I 97 46.81 -10.17 -36.77
N GLY I 98 45.69 -9.98 -37.46
CA GLY I 98 45.31 -8.67 -37.94
C GLY I 98 43.87 -8.67 -38.42
N VAL I 99 43.42 -7.48 -38.82
CA VAL I 99 42.07 -7.29 -39.31
C VAL I 99 42.09 -7.26 -40.84
N VAL I 100 41.10 -7.94 -41.44
CA VAL I 100 40.97 -8.00 -42.89
C VAL I 100 39.69 -7.28 -43.29
N PHE I 101 39.67 -6.79 -44.53
CA PHE I 101 38.55 -6.03 -45.06
C PHE I 101 37.96 -6.72 -46.27
N GLY I 102 36.67 -6.45 -46.51
CA GLY I 102 36.01 -6.98 -47.68
C GLY I 102 36.28 -6.16 -48.93
N GLY I 103 35.78 -6.68 -50.05
CA GLY I 103 35.98 -6.02 -51.34
C GLY I 103 35.00 -4.90 -51.64
N GLY I 104 33.84 -4.91 -51.00
CA GLY I 104 32.85 -3.87 -51.25
C GLY I 104 31.75 -4.31 -52.19
N THR I 105 30.58 -3.73 -52.01
CA THR I 105 29.40 -4.02 -52.83
C THR I 105 28.73 -2.71 -53.19
N LYS I 106 28.35 -2.57 -54.46
CA LYS I 106 27.67 -1.37 -54.93
C LYS I 106 26.18 -1.66 -55.10
N LEU I 107 25.34 -0.84 -54.49
CA LEU I 107 23.89 -1.00 -54.57
C LEU I 107 23.33 0.04 -55.52
N THR I 108 22.37 -0.37 -56.34
CA THR I 108 21.71 0.51 -57.30
C THR I 108 20.21 0.44 -57.07
N VAL I 109 19.55 1.60 -57.10
CA VAL I 109 18.11 1.70 -56.86
C VAL I 109 17.46 2.15 -58.16
N LEU I 110 16.30 1.57 -58.47
CA LEU I 110 15.56 1.95 -59.66
C LEU I 110 14.69 3.17 -59.41
C1 NAG J . -29.91 -29.82 36.14
C2 NAG J . -31.33 -29.95 35.59
C3 NAG J . -32.35 -29.33 36.55
C4 NAG J . -32.17 -29.92 37.96
C5 NAG J . -30.73 -29.79 38.40
C6 NAG J . -30.46 -30.43 39.74
C7 NAG J . -31.72 -30.05 33.16
C8 NAG J . -31.80 -29.28 31.88
N2 NAG J . -31.45 -29.35 34.27
O3 NAG J . -33.65 -29.55 36.04
O4 NAG J . -32.95 -29.18 38.90
O5 NAG J . -29.85 -30.41 37.46
O6 NAG J . -30.65 -31.84 39.68
O7 NAG J . -31.90 -31.27 33.20
C1 NAG J . -34.36 -29.45 38.90
C2 NAG J . -34.92 -29.15 40.29
C3 NAG J . -36.44 -29.33 40.32
C4 NAG J . -37.10 -28.55 39.19
C5 NAG J . -36.46 -28.90 37.86
C6 NAG J . -36.99 -28.09 36.70
C7 NAG J . -34.29 -31.28 41.36
C8 NAG J . -33.58 -31.91 42.52
N2 NAG J . -34.29 -29.95 41.33
O3 NAG J . -36.95 -28.91 41.58
O4 NAG J . -38.49 -28.84 39.14
O5 NAG J . -35.05 -28.67 37.91
O6 NAG J . -38.35 -28.41 36.41
O7 NAG J . -34.85 -31.96 40.50
C1 NAG K . -21.94 55.96 -6.87
C2 NAG K . -22.55 57.33 -6.74
C3 NAG K . -21.43 58.31 -6.34
C4 NAG K . -20.56 57.77 -5.21
C5 NAG K . -20.26 56.27 -5.33
C6 NAG K . -19.74 55.66 -4.06
C7 NAG K . -24.36 58.39 -8.01
C8 NAG K . -24.86 58.73 -9.38
N2 NAG K . -23.18 57.75 -7.97
O3 NAG K . -22.01 59.55 -5.93
O4 NAG K . -19.29 58.42 -5.26
O5 NAG K . -21.44 55.56 -5.67
O6 NAG K . -19.36 54.31 -4.27
O7 NAG K . -24.97 58.68 -7.00
C1 NAG K . -19.03 59.10 -4.02
C2 NAG K . -17.52 59.16 -3.73
C3 NAG K . -17.27 60.00 -2.47
C4 NAG K . -17.95 61.35 -2.57
C5 NAG K . -19.42 61.19 -2.94
C6 NAG K . -20.11 62.50 -3.22
C7 NAG K . -15.68 57.54 -3.89
C8 NAG K . -15.26 56.13 -3.69
N2 NAG K . -16.96 57.83 -3.59
O3 NAG K . -15.87 60.18 -2.31
O4 NAG K . -17.87 62.03 -1.32
O5 NAG K . -19.55 60.41 -4.14
O6 NAG K . -20.11 62.80 -4.61
O7 NAG K . -14.91 58.40 -4.31
C1 NAG L . -41.12 -20.30 13.60
C2 NAG L . -42.32 -20.34 12.67
C3 NAG L . -43.30 -19.24 13.05
C4 NAG L . -43.67 -19.33 14.53
C5 NAG L . -42.40 -19.40 15.38
C6 NAG L . -42.69 -19.68 16.84
C7 NAG L . -42.40 -20.90 10.26
C8 NAG L . -43.44 -21.91 10.64
N2 NAG L . -41.90 -20.18 11.28
O3 NAG L . -44.48 -19.34 12.25
O4 NAG L . -44.45 -18.21 14.91
O5 NAG L . -41.57 -20.48 14.93
O6 NAG L . -43.85 -20.48 16.98
O7 NAG L . -42.03 -20.74 9.11
C1 NAG L . -45.73 -18.66 15.44
C2 NAG L . -46.43 -17.50 16.15
C3 NAG L . -47.76 -17.98 16.72
C4 NAG L . -48.61 -18.66 15.65
C5 NAG L . -47.79 -19.75 14.92
C6 NAG L . -48.51 -20.35 13.75
C7 NAG L . -45.40 -15.63 17.36
C8 NAG L . -46.08 -14.73 16.38
N2 NAG L . -45.60 -16.94 17.20
O3 NAG L . -48.47 -16.87 17.26
O4 NAG L . -49.70 -19.30 16.29
O5 NAG L . -46.58 -19.19 14.41
O6 NAG L . -49.10 -19.35 12.93
O7 NAG L . -44.68 -15.19 18.26
C1 BMA L . -50.99 -19.02 15.71
C2 BMA L . -51.95 -20.11 16.23
C3 BMA L . -53.39 -19.81 15.80
C4 BMA L . -53.78 -18.36 16.09
C5 BMA L . -52.75 -17.41 15.47
C6 BMA L . -53.05 -15.94 15.74
O2 BMA L . -51.95 -20.15 17.65
O3 BMA L . -54.31 -20.70 16.43
O4 BMA L . -55.06 -18.09 15.55
O5 BMA L . -51.46 -17.71 16.04
O6 BMA L . -53.08 -15.74 17.15
C1 FUC L . -43.57 -21.74 17.65
C2 FUC L . -44.93 -22.45 17.83
C3 FUC L . -45.48 -22.91 16.48
C4 FUC L . -44.47 -23.83 15.80
C5 FUC L . -43.13 -23.10 15.64
C6 FUC L . -42.02 -23.99 15.12
O2 FUC L . -45.88 -21.64 18.51
O3 FUC L . -46.69 -23.65 16.66
O4 FUC L . -44.28 -25.01 16.57
O5 FUC L . -42.66 -22.53 16.90
C1 NAG M . 28.65 -56.45 7.97
C2 NAG M . 27.82 -56.54 6.68
C3 NAG M . 26.37 -56.94 6.96
C4 NAG M . 26.29 -58.15 7.89
C5 NAG M . 27.17 -57.92 9.12
C6 NAG M . 27.23 -59.12 10.05
C7 NAG M . 27.51 -54.08 6.11
C8 NAG M . 26.90 -53.82 7.47
N2 NAG M . 27.92 -55.35 5.84
O3 NAG M . 25.70 -57.22 5.73
O4 NAG M . 24.94 -58.33 8.28
O5 NAG M . 28.51 -57.65 8.71
O6 NAG M . 27.91 -60.21 9.42
O7 NAG M . 27.67 -53.18 5.30
C1 NAG M . 24.52 -59.71 8.07
C2 NAG M . 23.38 -60.00 9.03
C3 NAG M . 22.88 -61.43 8.83
C4 NAG M . 22.53 -61.68 7.37
C5 NAG M . 23.72 -61.30 6.47
C6 NAG M . 23.40 -61.42 5.01
C7 NAG M . 23.77 -58.58 11.00
C8 NAG M . 24.21 -58.54 12.43
N2 NAG M . 23.79 -59.78 10.41
O3 NAG M . 21.74 -61.64 9.65
O4 NAG M . 22.22 -63.05 7.17
O5 NAG M . 24.10 -59.94 6.72
O6 NAG M . 22.42 -60.47 4.60
O7 NAG M . 23.41 -57.57 10.41
C1 NAG N . -37.87 -10.55 -17.70
C2 NAG N . -36.89 -9.35 -17.63
C3 NAG N . -37.54 -8.08 -18.17
C4 NAG N . -38.38 -8.39 -19.40
C5 NAG N . -39.59 -9.21 -18.97
C6 NAG N . -40.14 -10.09 -20.06
C7 NAG N . -35.39 -8.30 -15.99
C8 NAG N . -35.02 -8.20 -14.54
N2 NAG N . -36.39 -9.14 -16.28
O3 NAG N . -36.52 -7.15 -18.47
O4 NAG N . -38.83 -7.22 -20.06
O5 NAG N . -39.27 -10.06 -17.84
O6 NAG N . -39.33 -10.09 -21.23
O7 NAG N . -34.80 -7.65 -16.85
C1 NAG N . -37.93 -6.59 -21.02
C2 NAG N . -38.65 -5.44 -21.73
C3 NAG N . -37.69 -4.69 -22.65
C4 NAG N . -36.45 -4.24 -21.87
C5 NAG N . -35.80 -5.45 -21.22
C6 NAG N . -34.62 -5.08 -20.36
C7 NAG N . -41.03 -5.97 -22.00
C8 NAG N . -42.08 -6.51 -22.93
N2 NAG N . -39.80 -5.93 -22.49
O3 NAG N . -38.34 -3.55 -23.21
O4 NAG N . -35.52 -3.60 -22.75
O5 NAG N . -36.74 -6.10 -20.37
O6 NAG N . -34.99 -4.20 -19.31
O7 NAG N . -41.30 -5.61 -20.85
C1 NAG O . -43.21 22.68 -35.03
C2 NAG O . -44.47 23.02 -35.81
C3 NAG O . -45.68 23.05 -34.88
C4 NAG O . -45.79 21.76 -34.09
C5 NAG O . -44.46 21.45 -33.40
C6 NAG O . -44.44 20.11 -32.69
C7 NAG O . -44.92 24.56 -37.66
C8 NAG O . -44.66 25.92 -38.23
N2 NAG O . -44.33 24.29 -36.49
O3 NAG O . -46.86 23.26 -35.64
O4 NAG O . -46.81 21.90 -33.10
O5 NAG O . -43.39 21.42 -34.36
O6 NAG O . -43.96 19.09 -33.56
O7 NAG O . -45.64 23.74 -38.22
C1 NAG O . -47.88 20.97 -33.36
C2 NAG O . -48.59 20.68 -32.04
C3 NAG O . -49.75 19.71 -32.26
C4 NAG O . -50.68 20.25 -33.34
C5 NAG O . -49.90 20.59 -34.60
C6 NAG O . -50.75 21.25 -35.66
C7 NAG O . -47.62 20.55 -29.79
C8 NAG O . -46.60 19.89 -28.91
N2 NAG O . -47.65 20.14 -31.06
O3 NAG O . -50.45 19.53 -31.05
O4 NAG O . -51.68 19.29 -33.64
O5 NAG O . -48.83 21.49 -34.30
O6 NAG O . -51.34 22.45 -35.18
O7 NAG O . -48.36 21.44 -29.37
C1 NAG P . 1.06 39.34 -46.71
C2 NAG P . 1.83 40.04 -47.82
C3 NAG P . 1.87 39.17 -49.08
C4 NAG P . 2.41 37.79 -48.75
C5 NAG P . 1.60 37.16 -47.63
C6 NAG P . 2.16 35.84 -47.18
C7 NAG P . 0.08 41.60 -48.62
C8 NAG P . -0.26 43.04 -48.85
N2 NAG P . 1.30 41.36 -48.12
O3 NAG P . 2.67 39.81 -50.06
O4 NAG P . 2.31 36.94 -49.89
O5 NAG P . 1.62 38.03 -46.49
O6 NAG P . 3.56 35.76 -47.38
O7 NAG P . -0.73 40.70 -48.85
C1 NAG P . 3.63 36.71 -50.42
C2 NAG P . 3.59 35.45 -51.31
C3 NAG P . 4.96 35.22 -51.94
C4 NAG P . 5.42 36.47 -52.68
C5 NAG P . 5.38 37.67 -51.74
C6 NAG P . 5.73 38.98 -52.41
C7 NAG P . 2.56 33.23 -51.08
C8 NAG P . 2.20 32.12 -50.14
N2 NAG P . 3.18 34.29 -50.54
O3 NAG P . 4.89 34.11 -52.85
O4 NAG P . 6.74 36.30 -53.17
O5 NAG P . 4.06 37.82 -51.19
O6 NAG P . 5.05 39.10 -53.66
O7 NAG P . 2.30 33.18 -52.28
C1 NAG Q . -6.33 16.71 52.28
C2 NAG Q . -7.05 16.73 53.63
C3 NAG Q . -8.35 17.50 53.54
C4 NAG Q . -8.09 18.90 52.98
C5 NAG Q . -7.32 18.80 51.65
C6 NAG Q . -6.92 20.14 51.08
C7 NAG Q . -7.24 15.08 55.44
C8 NAG Q . -7.53 13.65 55.80
N2 NAG Q . -7.30 15.38 54.13
O3 NAG Q . -8.92 17.61 54.84
O4 NAG Q . -9.32 19.57 52.76
O5 NAG Q . -6.11 18.05 51.83
O6 NAG Q . -6.22 20.00 49.86
O7 NAG Q . -6.97 15.93 56.28
C1 NAG R . 31.05 3.61 61.51
C2 NAG R . 31.79 4.35 62.65
C3 NAG R . 32.54 3.36 63.55
C4 NAG R . 31.63 2.24 64.00
C5 NAG R . 30.97 1.58 62.79
C6 NAG R . 30.01 0.48 63.16
C7 NAG R . 33.71 5.42 61.39
C8 NAG R . 34.15 4.07 60.85
N2 NAG R . 32.63 5.46 62.20
O3 NAG R . 33.05 4.06 64.69
O4 NAG R . 32.38 1.26 64.72
O5 NAG R . 30.23 2.56 62.05
O6 NAG R . 28.97 0.96 64.00
O7 NAG R . 34.32 6.45 61.09
C1 NAG S . 4.83 -9.87 50.29
C2 NAG S . 4.41 -10.90 49.24
C3 NAG S . 2.88 -11.00 49.15
C4 NAG S . 2.30 -11.25 50.52
C5 NAG S . 2.80 -10.21 51.53
C6 NAG S . 2.33 -10.47 52.94
C7 NAG S . 4.89 -9.66 47.07
C8 NAG S . 3.97 -8.53 47.48
N2 NAG S . 5.03 -10.70 47.93
O3 NAG S . 2.54 -12.07 48.28
O4 NAG S . 0.88 -11.21 50.46
O5 NAG S . 4.24 -10.20 51.56
O6 NAG S . 2.08 -9.27 53.66
O7 NAG S . 5.50 -9.62 46.00
C1 NAG T . 24.14 25.11 31.43
C2 NAG T . 24.76 25.83 32.63
C3 NAG T . 25.42 27.15 32.18
C4 NAG T . 26.38 26.92 31.02
C5 NAG T . 25.66 26.21 29.88
C6 NAG T . 26.58 25.83 28.75
C7 NAG T . 23.42 25.24 34.60
C8 NAG T . 22.36 25.70 35.56
N2 NAG T . 23.77 26.11 33.65
O3 NAG T . 26.10 27.74 33.27
O4 NAG T . 26.90 28.15 30.54
O5 NAG T . 25.11 24.98 30.39
O6 NAG T . 26.92 26.94 27.92
O7 NAG T . 23.93 24.12 34.69
C1 NAG U . -16.73 -48.40 51.11
C2 NAG U . -17.21 -47.03 50.60
C3 NAG U . -17.06 -45.96 51.69
C4 NAG U . -17.73 -46.42 52.98
C5 NAG U . -17.21 -47.80 53.38
C6 NAG U . -17.90 -48.36 54.60
C7 NAG U . -15.27 -46.40 49.07
C8 NAG U . -14.28 -46.56 50.20
N2 NAG U . -16.58 -46.63 49.34
O3 NAG U . -17.67 -44.75 51.23
O4 NAG U . -17.45 -45.49 54.02
O5 NAG U . -17.43 -48.74 52.32
O6 NAG U . -16.97 -48.73 55.61
O7 NAG U . -14.91 -46.06 47.95
C1 NAG V . -8.07 35.24 21.12
C2 NAG V . -8.11 36.75 20.74
C3 NAG V . -8.96 36.96 19.49
C4 NAG V . -8.44 36.09 18.36
C5 NAG V . -8.42 34.63 18.79
C6 NAG V . -7.84 33.72 17.74
C7 NAG V . -8.19 38.81 22.07
C8 NAG V . -8.83 39.50 23.24
N2 NAG V . -8.62 37.56 21.82
O3 NAG V . -8.93 38.33 19.11
O4 NAG V . -9.26 36.25 17.21
O5 NAG V . -7.62 34.47 19.97
O6 NAG V . -7.52 34.44 16.55
O7 NAG V . -7.33 39.35 21.39
C1 NAG W . -49.65 40.76 -15.05
C2 NAG W . -50.42 40.16 -16.24
C3 NAG W . -51.60 41.04 -16.61
C4 NAG W . -52.47 41.32 -15.39
C5 NAG W . -51.62 41.88 -14.26
C6 NAG W . -52.39 42.09 -12.97
C7 NAG W . -48.90 40.91 -18.05
C8 NAG W . -48.05 40.46 -19.20
N2 NAG W . -49.54 39.94 -17.38
O3 NAG W . -52.36 40.40 -17.62
O4 NAG W . -53.50 42.24 -15.72
O5 NAG W . -50.55 40.97 -13.96
O6 NAG W . -53.64 42.71 -13.19
O7 NAG W . -49.01 42.10 -17.75
C1 NAG X . 1.61 55.37 -5.20
C2 NAG X . 2.16 56.75 -5.55
C3 NAG X . 3.38 57.06 -4.69
C4 NAG X . 3.04 56.91 -3.21
C5 NAG X . 2.44 55.54 -2.95
C6 NAG X . 1.96 55.37 -1.53
C7 NAG X . 2.49 57.96 -7.66
C8 NAG X . 2.88 57.84 -9.11
N2 NAG X . 2.50 56.83 -6.96
O3 NAG X . 3.83 58.38 -4.97
O4 NAG X . 4.23 57.05 -2.44
O5 NAG X . 1.31 55.32 -3.79
O6 NAG X . 2.91 55.86 -0.60
O7 NAG X . 2.19 59.04 -7.15
C1 NAG Y . -39.68 60.79 -15.59
C2 NAG Y . -39.65 61.94 -14.59
C3 NAG Y . -40.01 63.25 -15.27
C4 NAG Y . -39.11 63.47 -16.47
C5 NAG Y . -39.13 62.26 -17.41
C6 NAG Y . -38.16 62.37 -18.54
C7 NAG Y . -41.86 61.59 -13.52
C8 NAG Y . -42.57 61.34 -12.22
N2 NAG Y . -40.53 61.69 -13.44
O3 NAG Y . -39.86 64.32 -14.35
O4 NAG Y . -39.54 64.61 -17.20
O5 NAG Y . -38.78 61.06 -16.67
O6 NAG Y . -37.01 63.12 -18.18
O7 NAG Y . -42.47 61.70 -14.58
C1 NAG Z . -53.61 50.93 -27.94
C2 NAG Z . -54.70 50.96 -26.86
C3 NAG Z . -55.84 50.02 -27.23
C4 NAG Z . -56.37 50.35 -28.62
C5 NAG Z . -55.22 50.33 -29.63
C6 NAG Z . -55.64 50.76 -31.02
C7 NAG Z . -53.63 51.50 -24.72
C8 NAG Z . -53.11 50.95 -23.42
N2 NAG Z . -54.15 50.60 -25.57
O3 NAG Z . -56.89 50.16 -26.28
O4 NAG Z . -57.35 49.40 -29.02
O5 NAG Z . -54.19 51.23 -29.22
O6 NAG Z . -57.02 50.52 -31.24
O7 NAG Z . -53.59 52.69 -24.99
C1 NAG AA . -26.57 -47.00 -13.17
C2 NAG AA . -27.32 -46.09 -14.13
C3 NAG AA . -26.36 -45.46 -15.14
C4 NAG AA . -25.53 -46.53 -15.83
C5 NAG AA . -24.86 -47.43 -14.81
C6 NAG AA . -23.34 -47.43 -14.91
C7 NAG AA . -29.67 -46.52 -14.71
C8 NAG AA . -30.61 -47.39 -15.49
N2 NAG AA . -28.37 -46.82 -14.81
O3 NAG AA . -25.52 -44.54 -14.46
O4 NAG AA . -26.37 -47.32 -16.66
O5 NAG AA . -25.16 -46.99 -13.48
O6 NAG AA . -22.74 -47.04 -13.68
O7 NAG AA . -30.07 -45.58 -14.02
C1 NAG BA . -31.51 -55.69 25.03
C2 NAG BA . -32.43 -56.45 25.97
C3 NAG BA . -32.00 -56.24 27.43
C4 NAG BA . -30.53 -56.58 27.60
C5 NAG BA . -29.69 -55.79 26.60
C6 NAG BA . -28.22 -56.15 26.64
C7 NAG BA . -34.76 -56.91 25.36
C8 NAG BA . -36.13 -56.34 25.22
N2 NAG BA . -33.81 -56.07 25.78
O3 NAG BA . -32.79 -57.06 28.27
O4 NAG BA . -30.10 -56.27 28.93
O5 NAG BA . -30.15 -56.06 25.27
O6 NAG BA . -28.04 -57.48 27.11
O7 NAG BA . -34.51 -58.08 25.10
C1 NAG CA . -7.41 -56.19 25.52
C2 NAG CA . -7.38 -54.70 25.17
C3 NAG CA . -6.37 -54.45 24.06
C4 NAG CA . -5.00 -55.01 24.45
C5 NAG CA . -5.12 -56.47 24.86
C6 NAG CA . -3.83 -57.04 25.40
C7 NAG CA . -9.43 -54.76 23.79
C8 NAG CA . -10.78 -54.15 23.57
N2 NAG CA . -8.70 -54.23 24.79
O3 NAG CA . -6.27 -53.05 23.82
O4 NAG CA . -4.10 -54.90 23.36
O5 NAG CA . -6.11 -56.62 25.90
O6 NAG CA . -3.40 -58.16 24.64
O7 NAG CA . -9.01 -55.68 23.10
C1 NAG DA . 23.22 -48.30 -21.85
C2 NAG DA . 24.42 -47.32 -22.04
C3 NAG DA . 24.54 -46.91 -23.51
C4 NAG DA . 24.63 -48.13 -24.40
C5 NAG DA . 23.40 -49.00 -24.18
C6 NAG DA . 23.44 -50.29 -24.98
C7 NAG DA . 25.26 -45.61 -20.48
C8 NAG DA . 26.57 -46.33 -20.52
N2 NAG DA . 24.27 -46.14 -21.21
O3 NAG DA . 25.69 -46.09 -23.69
O4 NAG DA . 24.69 -47.73 -25.77
O5 NAG DA . 23.33 -49.39 -22.80
O6 NAG DA . 22.82 -50.13 -26.25
O7 NAG DA . 25.09 -44.61 -19.79
C1 NAG EA . -19.88 25.00 -58.42
C2 NAG EA . -18.99 26.11 -59.00
C3 NAG EA . -19.22 26.25 -60.50
C4 NAG EA . -19.06 24.92 -61.21
C5 NAG EA . -19.96 23.87 -60.57
C6 NAG EA . -19.76 22.50 -61.14
C7 NAG EA . -18.32 28.31 -58.18
C8 NAG EA . -18.76 29.55 -57.45
N2 NAG EA . -19.25 27.37 -58.32
O3 NAG EA . -18.31 27.20 -61.03
O4 NAG EA . -19.38 25.04 -62.58
O5 NAG EA . -19.67 23.79 -59.16
O6 NAG EA . -18.40 22.11 -61.09
O7 NAG EA . -17.18 28.18 -58.59
C1 NAG FA . -49.03 21.89 -12.66
C2 NAG FA . -50.47 22.47 -12.69
C3 NAG FA . -51.37 21.72 -11.71
C4 NAG FA . -51.32 20.24 -12.00
C5 NAG FA . -49.89 19.74 -11.90
C6 NAG FA . -49.75 18.27 -12.20
C7 NAG FA . -51.50 24.71 -12.65
C8 NAG FA . -51.32 26.14 -12.25
N2 NAG FA . -50.48 23.89 -12.37
O3 NAG FA . -52.70 22.20 -11.81
O4 NAG FA . -52.15 19.54 -11.08
O5 NAG FA . -49.07 20.45 -12.85
O6 NAG FA . -48.63 18.01 -13.05
O7 NAG FA . -52.50 24.32 -13.23
C1 NAG GA . -40.63 32.59 -53.69
C2 NAG GA . -42.01 31.94 -53.77
C3 NAG GA . -42.99 32.87 -54.48
C4 NAG GA . -43.00 34.24 -53.82
C5 NAG GA . -41.58 34.79 -53.72
C6 NAG GA . -41.51 36.09 -52.95
C7 NAG GA . -41.58 30.43 -55.67
C8 NAG GA . -41.60 29.00 -56.13
N2 NAG GA . -41.97 30.64 -54.41
O3 NAG GA . -44.30 32.31 -54.44
O4 NAG GA . -43.80 35.14 -54.57
O5 NAG GA . -40.73 33.86 -53.03
O6 NAG GA . -42.35 37.08 -53.51
O7 NAG GA . -41.24 31.34 -56.42
C1 NAG HA . -23.82 40.38 -63.37
C2 NAG HA . -23.96 39.43 -64.59
C3 NAG HA . -22.77 39.60 -65.54
C4 NAG HA . -22.65 41.06 -65.96
C5 NAG HA . -22.49 41.93 -64.72
C6 NAG HA . -22.46 43.40 -65.05
C7 NAG HA . -23.18 37.34 -63.52
C8 NAG HA . -23.55 35.91 -63.21
N2 NAG HA . -24.11 38.04 -64.19
O3 NAG HA . -22.98 38.78 -66.69
O4 NAG HA . -21.52 41.22 -66.81
O5 NAG HA . -23.61 41.74 -63.83
O6 NAG HA . -23.52 43.75 -65.94
O7 NAG HA . -22.11 37.82 -63.18
C1 NAG IA . 55.63 -3.86 -15.30
C2 NAG IA . 55.53 -2.37 -14.92
C3 NAG IA . 56.67 -1.58 -15.55
C4 NAG IA . 58.01 -2.21 -15.19
C5 NAG IA . 57.99 -3.69 -15.55
C6 NAG IA . 59.27 -4.41 -15.13
C7 NAG IA . 53.26 -1.54 -14.44
C8 NAG IA . 52.00 -0.97 -15.03
N2 NAG IA . 54.24 -1.81 -15.32
O3 NAG IA . 56.62 -0.24 -15.11
O4 NAG IA . 59.04 -1.58 -15.92
O5 NAG IA . 56.89 -4.37 -14.91
O6 NAG IA . 60.41 -3.77 -15.68
O7 NAG IA . 53.38 -1.76 -13.24
C1 NAG JA . 47.26 -21.52 5.51
C2 NAG JA . 46.35 -20.78 6.48
C3 NAG JA . 46.93 -19.40 6.78
C4 NAG JA . 48.36 -19.51 7.27
C5 NAG JA . 49.20 -20.32 6.29
C6 NAG JA . 50.59 -20.61 6.79
C7 NAG JA . 43.92 -20.41 6.68
C8 NAG JA . 42.63 -20.32 5.95
N2 NAG JA . 45.01 -20.66 5.94
O3 NAG JA . 46.13 -18.75 7.77
O4 NAG JA . 48.93 -18.22 7.41
O5 NAG JA . 48.58 -21.61 6.06
O6 NAG JA . 51.47 -19.52 6.51
O7 NAG JA . 44.00 -20.24 7.90
C1 NAG KA . 45.05 5.52 35.59
C2 NAG KA . 45.86 6.62 34.89
C3 NAG KA . 45.50 7.98 35.46
C4 NAG KA . 43.99 8.21 35.42
C5 NAG KA . 43.27 7.07 36.12
C6 NAG KA . 41.77 7.17 36.02
C7 NAG KA . 48.03 5.76 34.10
C8 NAG KA . 49.49 5.61 34.40
N2 NAG KA . 47.30 6.39 35.03
O3 NAG KA . 46.15 8.99 34.69
O4 NAG KA . 43.66 9.45 36.04
O5 NAG KA . 43.65 5.82 35.49
O6 NAG KA . 41.14 6.22 36.88
O7 NAG KA . 47.52 5.33 33.07
C1 NAG LA . 41.51 -23.22 43.01
C2 NAG LA . 42.78 -23.87 43.55
C3 NAG LA . 43.78 -24.08 42.42
C4 NAG LA . 43.15 -24.86 41.28
C5 NAG LA . 41.84 -24.21 40.84
C6 NAG LA . 41.09 -25.02 39.81
C7 NAG LA . 43.01 -23.15 45.89
C8 NAG LA . 43.71 -22.23 46.84
N2 NAG LA . 43.36 -23.05 44.61
O3 NAG LA . 44.92 -24.77 42.91
O4 NAG LA . 44.04 -24.92 40.17
O5 NAG LA . 40.97 -24.05 41.96
O6 NAG LA . 41.96 -25.91 39.12
O7 NAG LA . 42.16 -23.94 46.27
C1 NAG MA . 24.21 12.79 -32.01
C2 NAG MA . 24.16 13.72 -33.22
C3 NAG MA . 23.09 14.80 -33.03
C4 NAG MA . 21.75 14.16 -32.71
C5 NAG MA . 21.89 13.21 -31.52
C6 NAG MA . 20.61 12.46 -31.24
C7 NAG MA . 25.85 14.80 -34.65
C8 NAG MA . 27.22 15.40 -34.71
N2 NAG MA . 25.46 14.34 -33.46
O3 NAG MA . 22.99 15.62 -34.19
O4 NAG MA . 20.78 15.15 -32.42
O5 NAG MA . 22.90 12.23 -31.80
O6 NAG MA . 19.61 12.77 -32.20
O7 NAG MA . 25.12 14.74 -35.64
C1 NAG NA . -0.73 61.44 -21.50
C2 NAG NA . -0.23 62.82 -21.88
C3 NAG NA . -1.17 63.88 -21.34
C4 NAG NA . -2.58 63.62 -21.84
C5 NAG NA . -3.00 62.18 -21.51
C6 NAG NA . -4.33 61.81 -22.13
C7 NAG NA . 2.13 63.38 -22.19
C8 NAG NA . 3.46 63.55 -21.52
N2 NAG NA . 1.11 63.03 -21.39
O3 NAG NA . -0.73 65.15 -21.80
O4 NAG NA . -3.50 64.55 -21.29
O5 NAG NA . -2.03 61.25 -22.00
O6 NAG NA . -4.23 60.57 -22.82
O7 NAG NA . 1.97 63.54 -23.40
C1 NAG OA . -3.79 17.61 -53.58
C2 NAG OA . -4.15 17.53 -55.05
C3 NAG OA . -3.64 16.23 -55.65
C4 NAG OA . -2.15 16.07 -55.38
C5 NAG OA . -1.86 16.22 -53.89
C6 NAG OA . -0.38 16.23 -53.58
C7 NAG OA . -6.16 18.64 -55.93
C8 NAG OA . -7.66 18.59 -56.04
N2 NAG OA . -5.59 17.64 -55.25
O3 NAG OA . -3.89 16.21 -57.05
O4 NAG OA . -1.71 14.78 -55.81
O5 NAG OA . -2.38 17.46 -53.43
O6 NAG OA . 0.34 15.41 -54.48
O7 NAG OA . -5.50 19.54 -56.42
C1 NAG PA . -2.51 59.50 -44.98
C2 NAG PA . -1.40 59.43 -46.04
C3 NAG PA . -1.68 60.40 -47.19
C4 NAG PA . -3.07 60.13 -47.76
C5 NAG PA . -4.11 60.20 -46.64
C6 NAG PA . -5.51 59.86 -47.10
C7 NAG PA . 0.34 60.83 -44.96
C8 NAG PA . 1.74 60.84 -44.43
N2 NAG PA . -0.07 59.67 -45.47
O3 NAG PA . -0.70 60.24 -48.20
O4 NAG PA . -3.37 61.11 -48.75
O5 NAG PA . -3.78 59.26 -45.60
O6 NAG PA . -5.74 60.33 -48.43
O7 NAG PA . -0.38 61.82 -44.92
C1 NAG QA . -12.14 72.05 -31.95
C2 NAG QA . -10.74 72.69 -31.82
C3 NAG QA . -10.66 73.51 -30.52
C4 NAG QA . -11.82 74.49 -30.42
C5 NAG QA . -13.14 73.76 -30.59
C6 NAG QA . -14.33 74.69 -30.62
C7 NAG QA . -8.38 71.95 -31.83
C8 NAG QA . -7.46 70.76 -31.85
N2 NAG QA . -9.70 71.67 -31.84
O3 NAG QA . -9.43 74.22 -30.45
O4 NAG QA . -11.81 75.12 -29.15
O5 NAG QA . -13.14 73.07 -31.85
O6 NAG QA . -14.90 74.79 -31.92
O7 NAG QA . -7.95 73.10 -31.80
#